data_6Z80
#
_entry.id   6Z80
#
_cell.length_a   1.00
_cell.length_b   1.00
_cell.length_c   1.00
_cell.angle_alpha   90.00
_cell.angle_beta   90.00
_cell.angle_gamma   90.00
#
_symmetry.space_group_name_H-M   'P 1'
#
loop_
_entity.id
_entity.type
_entity.pdbx_description
1 polymer 'GTP cyclohydrolase 1'
2 polymer 'GTP cyclohydrolase 1 feedback regulatory protein'
3 non-polymer 'ZINC ION'
4 non-polymer PHENYLALANINE
5 non-polymer "8-OXO-GUANOSINE-5'-TRIPHOSPHATE"
#
loop_
_entity_poly.entity_id
_entity_poly.type
_entity_poly.pdbx_seq_one_letter_code
_entity_poly.pdbx_strand_id
1 'polypeptide(L)'
;MHHHHHHGSDDDDKRPEAKSAQPADGWKGERPRSEEDNELNLPNLAAAYSSILSSLGENPQRQGLLKTPWRAASAMQFFT
KGYQETISDVLNDAIFDEDHDEMVIVKDIDMFSMCEHHLVPFVGKVHIGYLPNKQVLGLSKLARIVEIYSRRLQVQERLT
KQIAVAITEALRPAGVGVVVEATHMCMVMRGVQKMNSKTVTSTMLGVFREDPKTREEFLTLIRS
;
A,B,C,E,G,H,I,J,F,D
2 'polypeptide(L)'
;GSHMPYLLISTQIRMEVGPTMVGDEQSDPELMQHLGASKRRALGNNFYEYYVDDPPRIVLDKLERRGFRVLSMTGVGQTL
VWCLHKE
;
L,K,N,M,O,P,Q,R,S,T
#
# COMPACT_ATOMS: atom_id res chain seq x y z
N LEU A 42 27.21 -32.00 23.15
CA LEU A 42 26.91 -32.19 21.73
C LEU A 42 26.89 -33.65 21.20
N PRO A 43 27.81 -34.56 21.60
CA PRO A 43 27.65 -35.94 21.13
C PRO A 43 26.44 -36.65 21.73
N ASN A 44 25.90 -36.19 22.86
CA ASN A 44 24.65 -36.78 23.35
C ASN A 44 23.47 -36.28 22.55
N LEU A 45 23.49 -35.02 22.12
CA LEU A 45 22.46 -34.54 21.20
C LEU A 45 22.62 -35.14 19.82
N ALA A 46 23.86 -35.35 19.37
CA ALA A 46 24.09 -35.90 18.04
C ALA A 46 23.58 -37.34 17.94
N ALA A 47 23.62 -38.07 19.05
CA ALA A 47 22.98 -39.39 19.08
C ALA A 47 21.47 -39.26 19.28
N ALA A 48 21.03 -38.12 19.80
CA ALA A 48 19.61 -37.98 20.14
C ALA A 48 18.77 -37.64 18.93
N TYR A 49 19.34 -36.95 17.94
CA TYR A 49 18.63 -36.81 16.68
C TYR A 49 18.84 -38.01 15.76
N SER A 50 19.81 -38.86 16.07
CA SER A 50 20.03 -40.05 15.25
C SER A 50 18.92 -41.08 15.48
N SER A 51 18.34 -41.11 16.67
CA SER A 51 17.24 -42.01 16.95
C SER A 51 15.91 -41.46 16.44
N ILE A 52 15.85 -40.15 16.18
CA ILE A 52 14.66 -39.58 15.56
C ILE A 52 14.61 -39.93 14.08
N LEU A 53 15.75 -39.83 13.38
CA LEU A 53 15.78 -40.09 11.94
C LEU A 53 15.50 -41.56 11.64
N SER A 54 15.93 -42.46 12.50
CA SER A 54 15.61 -43.87 12.32
C SER A 54 14.15 -44.16 12.64
N SER A 55 13.53 -43.32 13.47
CA SER A 55 12.17 -43.60 13.93
C SER A 55 11.11 -43.14 12.95
N LEU A 56 11.42 -42.20 12.06
CA LEU A 56 10.45 -41.68 11.12
C LEU A 56 10.37 -42.48 9.82
N GLY A 57 11.18 -43.53 9.67
CA GLY A 57 11.22 -44.28 8.43
C GLY A 57 12.21 -43.77 7.41
N GLU A 58 13.14 -42.91 7.82
CA GLU A 58 14.16 -42.41 6.93
C GLU A 58 15.28 -43.42 6.74
N ASN A 59 16.26 -43.01 5.95
CA ASN A 59 17.51 -43.72 5.88
C ASN A 59 18.62 -42.75 6.25
N PRO A 60 19.31 -42.92 7.37
CA PRO A 60 20.38 -41.97 7.72
C PRO A 60 21.65 -42.15 6.91
N GLN A 61 21.68 -43.08 5.96
CA GLN A 61 22.89 -43.39 5.21
C GLN A 61 23.01 -42.59 3.92
N ARG A 62 21.94 -41.95 3.46
CA ARG A 62 22.03 -41.21 2.21
C ARG A 62 22.73 -39.87 2.43
N GLN A 63 23.04 -39.20 1.31
CA GLN A 63 23.96 -38.06 1.34
C GLN A 63 23.36 -36.86 2.07
N GLY A 64 22.04 -36.70 2.00
CA GLY A 64 21.40 -35.61 2.70
C GLY A 64 21.42 -35.75 4.21
N LEU A 65 21.35 -36.98 4.73
CA LEU A 65 21.23 -37.22 6.16
C LEU A 65 22.48 -37.80 6.79
N LEU A 66 23.67 -37.43 6.31
CA LEU A 66 24.90 -37.88 6.97
C LEU A 66 25.32 -36.92 8.07
N LYS A 67 25.46 -35.64 7.75
CA LYS A 67 25.81 -34.65 8.75
C LYS A 67 24.59 -34.04 9.44
N THR A 68 23.41 -34.58 9.19
CA THR A 68 22.19 -34.06 9.82
C THR A 68 22.14 -34.28 11.33
N PRO A 69 22.59 -35.40 11.92
CA PRO A 69 22.74 -35.41 13.39
C PRO A 69 23.70 -34.36 13.96
N TRP A 70 24.78 -34.01 13.26
CA TRP A 70 25.77 -33.12 13.85
C TRP A 70 25.53 -31.65 13.50
N ARG A 71 24.72 -31.37 12.47
CA ARG A 71 24.38 -29.98 12.15
C ARG A 71 23.12 -29.54 12.86
N ALA A 72 22.17 -30.44 13.07
CA ALA A 72 20.94 -30.07 13.74
C ALA A 72 21.13 -29.96 15.24
N ALA A 73 22.05 -30.74 15.79
CA ALA A 73 22.29 -30.69 17.23
C ALA A 73 23.04 -29.42 17.63
N SER A 74 23.87 -28.90 16.73
CA SER A 74 24.54 -27.63 17.03
C SER A 74 23.61 -26.45 16.83
N ALA A 75 22.51 -26.66 16.10
CA ALA A 75 21.50 -25.60 15.95
C ALA A 75 20.50 -25.62 17.10
N MET A 76 20.49 -26.70 17.89
CA MET A 76 19.62 -26.74 19.05
C MET A 76 20.33 -26.15 20.26
N GLN A 77 21.65 -26.01 20.19
CA GLN A 77 22.39 -25.30 21.22
C GLN A 77 22.53 -23.83 20.91
N PHE A 78 22.27 -23.44 19.67
CA PHE A 78 22.17 -22.02 19.36
C PHE A 78 20.82 -21.48 19.81
N PHE A 79 19.77 -22.29 19.71
CA PHE A 79 18.43 -21.83 20.02
C PHE A 79 18.16 -21.78 21.50
N THR A 80 18.98 -22.49 22.29
CA THR A 80 18.90 -22.45 23.74
C THR A 80 20.23 -22.04 24.37
N LYS A 81 20.91 -21.04 23.81
CA LYS A 81 22.15 -20.56 24.38
C LYS A 81 21.94 -19.41 25.35
N GLY A 82 20.70 -19.06 25.65
CA GLY A 82 20.45 -17.95 26.54
C GLY A 82 20.69 -18.27 28.01
N TYR A 83 20.79 -19.56 28.34
CA TYR A 83 20.88 -19.94 29.74
C TYR A 83 22.25 -19.60 30.33
N GLN A 84 23.29 -19.55 29.50
CA GLN A 84 24.62 -19.29 30.02
C GLN A 84 24.91 -17.79 30.07
N GLU A 85 23.95 -16.96 29.69
CA GLU A 85 24.17 -15.51 29.73
C GLU A 85 23.53 -14.89 30.97
N THR A 86 24.09 -13.76 31.40
CA THR A 86 23.72 -13.09 32.64
C THR A 86 23.61 -11.60 32.37
N ILE A 87 22.72 -10.92 33.10
CA ILE A 87 22.43 -9.51 32.85
C ILE A 87 23.66 -8.64 33.12
N SER A 88 24.42 -8.98 34.17
CA SER A 88 25.55 -8.13 34.56
C SER A 88 26.69 -8.22 33.55
N ASP A 89 26.88 -9.40 32.95
CA ASP A 89 27.95 -9.60 31.99
C ASP A 89 27.63 -8.95 30.65
N VAL A 90 26.35 -8.66 30.40
CA VAL A 90 25.89 -8.21 29.08
C VAL A 90 25.82 -6.69 29.02
N LEU A 91 25.37 -6.05 30.11
CA LEU A 91 25.20 -4.60 30.12
C LEU A 91 26.51 -3.84 29.98
N ASN A 92 27.61 -4.39 30.49
CA ASN A 92 28.99 -3.97 30.17
C ASN A 92 29.24 -2.51 30.57
N ASP A 93 28.66 -2.11 31.71
CA ASP A 93 28.83 -0.79 32.32
C ASP A 93 28.34 0.33 31.41
N ALA A 94 27.37 0.02 30.55
CA ALA A 94 26.79 1.00 29.64
C ALA A 94 25.45 1.50 30.16
N ILE A 95 25.50 2.22 31.28
CA ILE A 95 24.34 2.92 31.83
C ILE A 95 24.78 4.36 32.05
N PHE A 96 24.19 5.28 31.30
CA PHE A 96 24.72 6.63 31.15
C PHE A 96 23.88 7.63 31.94
N ASP A 97 24.56 8.56 32.60
CA ASP A 97 23.94 9.50 33.50
C ASP A 97 23.64 10.80 32.78
N GLU A 98 22.37 11.20 32.77
CA GLU A 98 21.88 12.32 31.98
C GLU A 98 20.49 12.70 32.47
N ASP A 99 20.18 14.00 32.39
CA ASP A 99 18.96 14.56 32.96
C ASP A 99 17.73 14.40 32.07
N HIS A 100 17.72 13.42 31.18
CA HIS A 100 16.64 13.27 30.20
C HIS A 100 15.59 12.33 30.79
N ASP A 101 14.48 12.91 31.26
CA ASP A 101 13.40 12.15 31.89
C ASP A 101 12.20 11.94 30.96
N GLU A 102 12.43 11.87 29.66
CA GLU A 102 11.35 11.77 28.69
C GLU A 102 11.39 10.38 28.04
N MET A 103 10.34 10.05 27.30
CA MET A 103 10.08 8.66 26.90
C MET A 103 11.04 8.20 25.81
N VAL A 104 11.48 6.95 25.92
CA VAL A 104 12.40 6.30 24.98
C VAL A 104 11.77 4.99 24.54
N ILE A 105 11.48 4.85 23.26
CA ILE A 105 10.83 3.66 22.71
C ILE A 105 11.75 3.01 21.69
N VAL A 106 12.00 1.70 21.83
CA VAL A 106 12.82 0.95 20.89
C VAL A 106 11.90 -0.09 20.24
N LYS A 107 11.54 0.12 18.99
CA LYS A 107 10.55 -0.69 18.31
C LYS A 107 11.18 -1.58 17.25
N ASP A 108 10.39 -2.55 16.78
CA ASP A 108 10.74 -3.54 15.78
C ASP A 108 11.96 -4.38 16.15
N ILE A 109 12.13 -4.76 17.41
CA ILE A 109 13.20 -5.69 17.73
C ILE A 109 12.74 -7.09 17.35
N ASP A 110 13.54 -7.80 16.57
CA ASP A 110 13.18 -9.12 16.09
C ASP A 110 13.63 -10.19 17.09
N MET A 111 12.70 -11.01 17.55
CA MET A 111 13.02 -12.16 18.38
C MET A 111 12.73 -13.42 17.58
N PHE A 112 13.28 -14.54 18.04
CA PHE A 112 13.12 -15.85 17.41
C PHE A 112 13.23 -16.88 18.51
N SER A 113 12.10 -17.40 18.97
CA SER A 113 12.11 -18.26 20.15
C SER A 113 11.66 -19.67 19.79
N MET A 114 11.88 -20.58 20.74
CA MET A 114 11.46 -21.97 20.64
C MET A 114 10.39 -22.23 21.68
N CYS A 115 9.22 -22.69 21.22
CA CYS A 115 8.16 -23.06 22.15
C CYS A 115 8.57 -24.27 22.96
N GLU A 116 7.98 -24.42 24.15
CA GLU A 116 8.38 -25.50 25.03
C GLU A 116 7.30 -26.54 25.25
N HIS A 117 6.17 -26.44 24.56
CA HIS A 117 5.22 -27.53 24.54
C HIS A 117 5.45 -28.45 23.36
N HIS A 118 5.66 -27.91 22.17
CA HIS A 118 5.84 -28.70 20.97
C HIS A 118 7.24 -28.66 20.40
N LEU A 119 8.17 -27.86 20.97
CA LEU A 119 9.56 -27.71 20.51
C LEU A 119 9.64 -27.23 19.06
N VAL A 120 8.70 -26.36 18.69
CA VAL A 120 8.56 -25.85 17.34
C VAL A 120 8.64 -24.33 17.43
N PRO A 121 9.37 -23.64 16.56
CA PRO A 121 9.63 -22.21 16.78
C PRO A 121 8.40 -21.31 16.72
N PHE A 122 8.52 -20.14 17.33
CA PHE A 122 7.65 -19.01 17.06
C PHE A 122 8.51 -17.76 16.97
N VAL A 123 8.20 -16.90 16.01
CA VAL A 123 9.00 -15.73 15.68
C VAL A 123 8.12 -14.50 15.84
N GLY A 124 8.74 -13.33 15.97
CA GLY A 124 7.93 -12.12 16.09
C GLY A 124 8.74 -10.87 16.29
N LYS A 125 8.07 -9.83 16.77
CA LYS A 125 8.66 -8.52 17.02
C LYS A 125 8.42 -8.10 18.45
N VAL A 126 9.37 -7.38 19.04
CA VAL A 126 9.30 -6.94 20.43
C VAL A 126 9.37 -5.42 20.44
N HIS A 127 8.45 -4.78 21.16
CA HIS A 127 8.41 -3.33 21.32
C HIS A 127 8.60 -2.98 22.78
N ILE A 128 9.63 -2.22 23.09
CA ILE A 128 10.01 -1.90 24.45
C ILE A 128 10.07 -0.40 24.59
N GLY A 129 9.47 0.14 25.65
CA GLY A 129 9.60 1.55 25.95
C GLY A 129 9.81 1.80 27.42
N TYR A 130 10.58 2.82 27.79
CA TYR A 130 10.80 3.07 29.20
C TYR A 130 10.94 4.56 29.46
N LEU A 131 10.74 4.95 30.70
CA LEU A 131 10.97 6.31 31.18
C LEU A 131 12.20 6.34 32.06
N PRO A 132 13.33 6.84 31.57
CA PRO A 132 14.54 6.81 32.38
C PRO A 132 14.48 7.82 33.51
N ASN A 133 15.03 7.41 34.65
CA ASN A 133 15.05 8.21 35.87
C ASN A 133 16.52 8.54 36.12
N LYS A 134 16.99 9.57 35.41
CA LYS A 134 18.36 10.11 35.43
C LYS A 134 19.44 9.10 35.02
N GLN A 135 19.08 7.97 34.44
CA GLN A 135 20.04 6.99 33.94
C GLN A 135 19.48 6.38 32.66
N VAL A 136 20.16 6.63 31.54
CA VAL A 136 19.77 6.12 30.23
C VAL A 136 20.58 4.85 29.95
N LEU A 137 19.92 3.81 29.47
CA LEU A 137 20.57 2.60 29.01
C LEU A 137 20.85 2.69 27.51
N GLY A 138 21.91 2.02 27.07
CA GLY A 138 22.26 2.07 25.67
C GLY A 138 21.29 1.26 24.82
N LEU A 139 21.15 1.67 23.56
CA LEU A 139 20.08 1.14 22.74
C LEU A 139 20.38 -0.26 22.26
N SER A 140 21.65 -0.66 22.30
CA SER A 140 22.00 -2.02 21.92
C SER A 140 21.75 -3.00 23.06
N LYS A 141 21.91 -2.56 24.29
CA LYS A 141 21.74 -3.46 25.41
C LYS A 141 20.28 -3.74 25.69
N LEU A 142 19.38 -2.87 25.23
CA LEU A 142 17.97 -3.17 25.30
C LEU A 142 17.58 -4.30 24.35
N ALA A 143 18.26 -4.40 23.21
CA ALA A 143 18.03 -5.44 22.23
C ALA A 143 18.85 -6.69 22.49
N ARG A 144 19.82 -6.62 23.40
CA ARG A 144 20.68 -7.72 23.77
C ARG A 144 20.20 -8.41 25.03
N ILE A 145 19.33 -7.76 25.80
CA ILE A 145 18.55 -8.33 26.88
C ILE A 145 17.55 -9.34 26.32
N VAL A 146 16.91 -8.98 25.20
CA VAL A 146 15.91 -9.81 24.55
C VAL A 146 16.52 -11.11 24.06
N GLU A 147 17.75 -11.04 23.54
CA GLU A 147 18.47 -12.21 23.07
C GLU A 147 18.74 -13.20 24.21
N ILE A 148 18.77 -12.71 25.45
CA ILE A 148 19.00 -13.61 26.58
C ILE A 148 17.77 -14.43 26.87
N TYR A 149 16.60 -13.79 26.86
CA TYR A 149 15.37 -14.43 27.30
C TYR A 149 14.57 -15.07 26.17
N SER A 150 14.80 -14.66 24.92
CA SER A 150 14.06 -15.30 23.84
C SER A 150 14.76 -16.57 23.37
N ARG A 151 16.09 -16.64 23.52
CA ARG A 151 16.86 -17.83 23.16
C ARG A 151 16.82 -18.88 24.27
N ARG A 152 15.60 -19.26 24.64
CA ARG A 152 15.35 -20.27 25.65
C ARG A 152 14.11 -21.03 25.20
N LEU A 153 13.78 -22.09 25.92
CA LEU A 153 12.46 -22.68 25.76
C LEU A 153 11.46 -21.81 26.51
N GLN A 154 10.54 -21.18 25.78
CA GLN A 154 9.68 -20.18 26.41
C GLN A 154 8.20 -20.42 26.15
N VAL A 155 7.40 -19.65 26.89
CA VAL A 155 5.98 -19.46 26.69
C VAL A 155 5.77 -17.96 26.64
N GLN A 156 4.96 -17.47 25.68
CA GLN A 156 4.97 -16.05 25.33
C GLN A 156 4.51 -15.15 26.48
N GLU A 157 3.58 -15.64 27.31
CA GLU A 157 3.21 -14.91 28.51
C GLU A 157 4.36 -14.80 29.49
N ARG A 158 5.18 -15.84 29.60
CA ARG A 158 6.34 -15.75 30.49
C ARG A 158 7.45 -14.92 29.85
N LEU A 159 7.56 -15.00 28.53
CA LEU A 159 8.60 -14.26 27.81
C LEU A 159 8.38 -12.76 27.89
N THR A 160 7.12 -12.32 27.91
CA THR A 160 6.82 -10.90 27.99
C THR A 160 7.21 -10.32 29.34
N LYS A 161 6.94 -11.06 30.41
CA LYS A 161 7.13 -10.55 31.76
C LYS A 161 8.61 -10.49 32.13
N GLN A 162 9.43 -11.39 31.59
CA GLN A 162 10.82 -11.48 32.02
C GLN A 162 11.68 -10.37 31.46
N ILE A 163 11.33 -9.86 30.27
CA ILE A 163 12.07 -8.72 29.73
C ILE A 163 11.81 -7.48 30.56
N ALA A 164 10.54 -7.27 30.94
CA ALA A 164 10.17 -6.05 31.65
C ALA A 164 10.71 -6.04 33.07
N VAL A 165 10.87 -7.22 33.69
CA VAL A 165 11.46 -7.29 35.02
C VAL A 165 12.97 -7.16 34.94
N ALA A 166 13.58 -7.61 33.83
CA ALA A 166 15.03 -7.47 33.66
C ALA A 166 15.43 -6.03 33.39
N ILE A 167 14.54 -5.24 32.80
CA ILE A 167 14.84 -3.83 32.58
C ILE A 167 14.61 -3.03 33.86
N THR A 168 13.63 -3.45 34.66
CA THR A 168 13.37 -2.79 35.93
C THR A 168 14.53 -2.96 36.91
N GLU A 169 15.09 -4.16 36.98
CA GLU A 169 16.16 -4.41 37.94
C GLU A 169 17.49 -3.83 37.49
N ALA A 170 17.60 -3.46 36.21
CA ALA A 170 18.86 -2.94 35.70
C ALA A 170 18.98 -1.44 35.89
N LEU A 171 17.91 -0.69 35.61
CA LEU A 171 17.94 0.76 35.59
C LEU A 171 17.29 1.42 36.79
N ARG A 172 16.36 0.72 37.45
CA ARG A 172 15.30 1.32 38.25
C ARG A 172 14.63 2.52 37.57
N PRO A 173 13.87 2.30 36.48
CA PRO A 173 13.25 3.43 35.81
C PRO A 173 11.88 3.75 36.40
N ALA A 174 11.21 4.76 35.88
CA ALA A 174 9.90 5.12 36.39
C ALA A 174 8.82 4.21 35.83
N GLY A 175 9.06 3.59 34.70
CA GLY A 175 8.07 2.73 34.10
C GLY A 175 8.64 2.02 32.89
N VAL A 176 8.14 0.80 32.67
CA VAL A 176 8.56 -0.07 31.57
C VAL A 176 7.30 -0.53 30.85
N GLY A 177 7.36 -0.61 29.53
CA GLY A 177 6.32 -1.25 28.75
C GLY A 177 6.90 -2.24 27.77
N VAL A 178 6.26 -3.38 27.56
CA VAL A 178 6.72 -4.41 26.64
C VAL A 178 5.51 -4.94 25.86
N VAL A 179 5.59 -4.91 24.54
CA VAL A 179 4.60 -5.52 23.66
C VAL A 179 5.31 -6.51 22.76
N VAL A 180 4.83 -7.75 22.71
CA VAL A 180 5.44 -8.82 21.91
C VAL A 180 4.38 -9.39 20.98
N GLU A 181 4.60 -9.28 19.66
CA GLU A 181 3.76 -9.93 18.67
C GLU A 181 4.48 -11.20 18.24
N ALA A 182 3.73 -12.26 17.91
CA ALA A 182 4.35 -13.52 17.54
C ALA A 182 3.38 -14.41 16.79
N THR A 183 3.93 -15.22 15.89
CA THR A 183 3.20 -16.24 15.14
C THR A 183 3.70 -17.61 15.54
N HIS A 184 2.80 -18.45 16.03
CA HIS A 184 3.17 -19.76 16.55
C HIS A 184 3.03 -20.81 15.46
N MET A 185 4.15 -21.44 15.11
CA MET A 185 4.13 -22.47 14.06
C MET A 185 3.42 -23.73 14.51
N CYS A 186 3.22 -23.91 15.82
CA CYS A 186 2.36 -24.95 16.37
C CYS A 186 0.89 -24.57 16.34
N MET A 187 0.53 -23.48 15.66
CA MET A 187 -0.85 -23.17 15.31
C MET A 187 -1.05 -23.01 13.81
N VAL A 188 0.03 -22.77 13.06
CA VAL A 188 -0.04 -22.54 11.63
C VAL A 188 0.19 -23.84 10.88
N MET A 189 1.30 -24.50 11.16
CA MET A 189 1.61 -25.76 10.50
C MET A 189 0.68 -26.86 10.97
N ARG A 190 0.72 -27.16 12.26
CA ARG A 190 0.06 -28.34 12.79
C ARG A 190 -1.09 -27.96 13.72
N GLY A 191 -2.08 -28.83 13.79
CA GLY A 191 -3.17 -28.65 14.72
C GLY A 191 -4.40 -27.97 14.16
N VAL A 192 -4.51 -26.67 14.39
CA VAL A 192 -5.72 -25.94 13.99
C VAL A 192 -5.56 -25.38 12.59
N GLN A 193 -4.32 -25.02 12.22
CA GLN A 193 -3.94 -24.49 10.91
C GLN A 193 -4.66 -23.18 10.61
N LYS A 194 -4.40 -22.20 11.47
CA LYS A 194 -4.76 -20.81 11.24
C LYS A 194 -3.48 -20.08 10.86
N MET A 195 -3.29 -19.86 9.56
CA MET A 195 -2.00 -19.40 9.07
C MET A 195 -1.82 -17.91 9.32
N ASN A 196 -2.91 -17.20 9.61
CA ASN A 196 -2.90 -15.76 9.77
C ASN A 196 -2.92 -15.31 11.22
N SER A 197 -3.12 -16.22 12.18
CA SER A 197 -3.26 -15.82 13.57
C SER A 197 -1.93 -15.37 14.17
N LYS A 198 -2.00 -14.46 15.15
CA LYS A 198 -0.82 -13.77 15.64
C LYS A 198 -1.12 -13.23 17.04
N THR A 199 -0.60 -13.92 18.06
CA THR A 199 -0.93 -13.53 19.43
C THR A 199 -0.09 -12.35 19.89
N VAL A 200 -0.75 -11.38 20.53
CA VAL A 200 -0.08 -10.22 21.10
C VAL A 200 -0.20 -10.28 22.62
N THR A 201 0.91 -10.08 23.33
CA THR A 201 0.91 -9.95 24.78
C THR A 201 1.56 -8.62 25.17
N SER A 202 1.27 -8.15 26.37
CA SER A 202 1.61 -6.76 26.71
C SER A 202 1.72 -6.56 28.21
N THR A 203 2.91 -6.17 28.67
CA THR A 203 3.21 -5.95 30.09
C THR A 203 3.55 -4.48 30.32
N MET A 204 2.92 -3.87 31.31
CA MET A 204 3.18 -2.49 31.69
C MET A 204 3.51 -2.46 33.17
N LEU A 205 4.60 -1.78 33.54
CA LEU A 205 5.05 -1.69 34.91
C LEU A 205 5.30 -0.24 35.27
N GLY A 206 5.19 0.08 36.56
CA GLY A 206 5.52 1.42 36.99
C GLY A 206 4.42 2.40 36.63
N VAL A 207 4.81 3.54 36.05
CA VAL A 207 3.82 4.55 35.69
C VAL A 207 3.27 4.34 34.30
N PHE A 208 3.61 3.23 33.63
CA PHE A 208 2.79 2.88 32.47
C PHE A 208 1.50 2.22 32.92
N ARG A 209 1.47 1.65 34.12
CA ARG A 209 0.31 0.98 34.66
C ARG A 209 -0.57 1.96 35.44
N GLU A 210 0.04 2.92 36.13
CA GLU A 210 -0.72 3.81 36.99
C GLU A 210 -1.30 4.98 36.21
N ASP A 211 -0.56 5.50 35.24
CA ASP A 211 -0.96 6.68 34.48
C ASP A 211 -1.52 6.24 33.13
N PRO A 212 -2.77 6.61 32.79
CA PRO A 212 -3.29 6.23 31.47
C PRO A 212 -2.84 7.13 30.35
N LYS A 213 -2.35 8.33 30.65
CA LYS A 213 -1.86 9.20 29.58
C LYS A 213 -0.42 8.89 29.21
N THR A 214 0.21 7.96 29.95
CA THR A 214 1.57 7.55 29.65
C THR A 214 1.56 6.28 28.81
N ARG A 215 0.46 5.54 28.87
CA ARG A 215 0.36 4.33 28.07
C ARG A 215 -0.23 4.62 26.70
N GLU A 216 -0.95 5.74 26.58
CA GLU A 216 -1.56 6.07 25.29
C GLU A 216 -0.55 6.73 24.36
N GLU A 217 0.61 7.12 24.88
CA GLU A 217 1.66 7.69 24.04
C GLU A 217 2.57 6.61 23.50
N PHE A 218 2.90 5.63 24.34
CA PHE A 218 3.66 4.45 23.94
C PHE A 218 2.97 3.68 22.82
N LEU A 219 1.64 3.55 22.89
CA LEU A 219 0.91 2.77 21.90
C LEU A 219 0.74 3.52 20.58
N THR A 220 1.13 4.79 20.53
CA THR A 220 0.91 5.60 19.33
C THR A 220 2.20 5.74 18.52
N LEU A 221 3.33 5.97 19.19
CA LEU A 221 4.60 6.15 18.49
C LEU A 221 5.13 4.86 17.89
N ILE A 222 4.79 3.69 18.45
CA ILE A 222 5.21 2.42 17.88
C ILE A 222 4.50 2.11 16.57
N ARG A 223 3.42 2.80 16.26
CA ARG A 223 2.69 2.61 15.04
C ARG A 223 3.35 3.33 13.89
N MET B 4 -25.82 -0.41 59.78
CA MET B 4 -25.06 0.11 58.64
C MET B 4 -25.44 1.55 58.32
N PRO B 5 -24.62 2.49 58.76
CA PRO B 5 -24.96 3.90 58.54
C PRO B 5 -24.67 4.40 57.13
N TYR B 6 -23.62 3.93 56.46
CA TYR B 6 -23.26 4.45 55.15
C TYR B 6 -23.98 3.68 54.05
N LEU B 7 -24.15 4.34 52.91
CA LEU B 7 -24.91 3.84 51.79
C LEU B 7 -24.43 4.56 50.54
N LEU B 8 -24.34 3.84 49.42
CA LEU B 8 -23.76 4.37 48.19
C LEU B 8 -24.69 4.07 47.03
N ILE B 9 -25.14 5.10 46.32
CA ILE B 9 -25.93 4.92 45.11
C ILE B 9 -25.21 5.57 43.94
N SER B 10 -25.45 5.05 42.74
CA SER B 10 -24.80 5.56 41.54
C SER B 10 -25.75 5.44 40.37
N THR B 11 -25.47 6.21 39.31
CA THR B 11 -26.20 6.08 38.06
C THR B 11 -25.28 6.48 36.92
N GLN B 12 -25.53 5.90 35.76
CA GLN B 12 -24.76 6.10 34.54
C GLN B 12 -25.35 7.22 33.71
N ILE B 13 -25.15 7.10 32.39
CA ILE B 13 -25.03 8.11 31.34
C ILE B 13 -25.85 9.38 31.52
N ARG B 14 -27.09 9.27 31.99
CA ARG B 14 -27.85 10.47 32.33
C ARG B 14 -28.49 10.32 33.70
N MET B 15 -28.69 11.45 34.36
CA MET B 15 -29.29 11.48 35.69
C MET B 15 -30.80 11.63 35.67
N GLU B 16 -31.42 11.79 34.50
CA GLU B 16 -32.87 11.89 34.42
C GLU B 16 -33.54 10.55 34.15
N VAL B 17 -32.82 9.43 34.25
CA VAL B 17 -33.36 8.12 33.91
C VAL B 17 -32.56 7.08 34.69
N GLY B 18 -33.20 5.95 34.98
CA GLY B 18 -32.53 4.87 35.68
C GLY B 18 -31.72 4.00 34.73
N PRO B 19 -31.34 2.81 35.23
CA PRO B 19 -31.52 2.28 36.57
C PRO B 19 -30.45 2.76 37.54
N THR B 20 -30.72 2.64 38.84
CA THR B 20 -29.85 3.17 39.88
C THR B 20 -29.32 2.01 40.69
N MET B 21 -28.00 1.98 40.90
CA MET B 21 -27.42 0.99 41.81
C MET B 21 -27.66 1.44 43.24
N VAL B 22 -28.00 0.49 44.12
CA VAL B 22 -28.32 0.82 45.51
C VAL B 22 -27.60 -0.05 46.51
N GLY B 23 -26.84 -1.06 46.10
CA GLY B 23 -26.16 -1.84 47.12
C GLY B 23 -25.46 -3.04 46.56
N ASP B 24 -24.72 -3.69 47.45
CA ASP B 24 -23.87 -4.82 47.15
C ASP B 24 -24.35 -6.04 47.91
N GLU B 25 -23.52 -7.07 47.92
CA GLU B 25 -23.80 -8.37 48.52
C GLU B 25 -24.22 -8.34 49.99
N GLN B 26 -23.60 -7.47 50.78
CA GLN B 26 -23.83 -7.45 52.22
C GLN B 26 -24.72 -6.30 52.66
N SER B 27 -25.67 -5.87 51.82
CA SER B 27 -26.54 -4.77 52.19
C SER B 27 -27.73 -5.26 53.01
N ASP B 28 -28.53 -4.30 53.45
CA ASP B 28 -29.68 -4.57 54.32
C ASP B 28 -30.82 -5.16 53.50
N PRO B 29 -31.30 -6.37 53.82
CA PRO B 29 -32.37 -6.95 53.01
C PRO B 29 -33.73 -6.29 53.19
N GLU B 30 -33.98 -5.66 54.34
CA GLU B 30 -35.26 -4.97 54.51
C GLU B 30 -35.25 -3.63 53.79
N LEU B 31 -34.09 -2.98 53.73
CA LEU B 31 -34.01 -1.66 53.11
C LEU B 31 -34.11 -1.75 51.59
N MET B 32 -33.51 -2.80 51.01
CA MET B 32 -33.65 -3.00 49.57
C MET B 32 -35.07 -3.44 49.21
N GLN B 33 -35.76 -4.06 50.17
CA GLN B 33 -37.15 -4.46 49.93
C GLN B 33 -38.08 -3.25 49.97
N HIS B 34 -37.78 -2.26 50.81
CA HIS B 34 -38.57 -1.04 50.82
C HIS B 34 -38.33 -0.20 49.57
N LEU B 35 -37.09 -0.20 49.07
CA LEU B 35 -36.80 0.52 47.84
C LEU B 35 -37.32 -0.19 46.60
N GLY B 36 -37.68 -1.47 46.71
CA GLY B 36 -38.14 -2.22 45.56
C GLY B 36 -37.03 -2.72 44.68
N ALA B 37 -35.91 -3.13 45.27
CA ALA B 37 -34.74 -3.47 44.48
C ALA B 37 -34.80 -4.90 43.97
N SER B 38 -34.18 -5.13 42.82
CA SER B 38 -33.98 -6.46 42.27
C SER B 38 -32.49 -6.76 42.24
N LYS B 39 -32.15 -8.04 42.18
CA LYS B 39 -30.77 -8.46 42.30
C LYS B 39 -30.33 -9.18 41.02
N ARG B 40 -29.10 -8.91 40.59
CA ARG B 40 -28.59 -9.50 39.36
C ARG B 40 -27.07 -9.58 39.42
N ARG B 41 -26.53 -10.39 38.50
CA ARG B 41 -25.10 -10.45 38.24
C ARG B 41 -24.89 -10.38 36.74
N ALA B 42 -24.22 -9.32 36.29
CA ALA B 42 -23.87 -9.23 34.88
C ALA B 42 -22.77 -10.23 34.56
N LEU B 43 -22.74 -10.71 33.32
CA LEU B 43 -21.82 -11.75 32.89
C LEU B 43 -20.38 -11.25 32.92
N GLY B 44 -19.49 -12.06 33.44
CA GLY B 44 -18.11 -11.68 33.62
C GLY B 44 -17.78 -11.09 34.96
N ASN B 45 -18.78 -10.58 35.69
CA ASN B 45 -18.54 -10.03 37.02
C ASN B 45 -18.59 -11.14 38.06
N ASN B 46 -17.80 -10.94 39.12
CA ASN B 46 -17.69 -11.87 40.23
C ASN B 46 -18.49 -11.45 41.44
N PHE B 47 -19.44 -10.53 41.27
CA PHE B 47 -20.16 -9.98 42.42
C PHE B 47 -21.61 -9.74 42.06
N TYR B 48 -22.44 -9.69 43.09
CA TYR B 48 -23.86 -9.39 42.95
C TYR B 48 -24.09 -7.91 43.23
N GLU B 49 -25.23 -7.41 42.77
CA GLU B 49 -25.58 -6.01 42.93
C GLU B 49 -27.09 -5.84 42.91
N TYR B 50 -27.57 -4.84 43.63
CA TYR B 50 -28.99 -4.50 43.67
C TYR B 50 -29.23 -3.29 42.79
N TYR B 51 -30.40 -3.21 42.19
CA TYR B 51 -30.75 -2.08 41.34
C TYR B 51 -32.22 -1.77 41.47
N VAL B 52 -32.54 -0.49 41.32
CA VAL B 52 -33.90 -0.02 41.20
C VAL B 52 -34.01 0.67 39.85
N ASP B 53 -35.21 0.62 39.26
CA ASP B 53 -35.39 1.20 37.94
C ASP B 53 -35.83 2.65 38.01
N ASP B 54 -35.88 3.24 39.19
CA ASP B 54 -36.33 4.60 39.34
C ASP B 54 -35.20 5.57 38.99
N PRO B 55 -35.53 6.79 38.56
CA PRO B 55 -34.51 7.83 38.43
C PRO B 55 -33.90 8.19 39.77
N PRO B 56 -32.65 8.67 39.80
CA PRO B 56 -31.97 8.83 41.09
C PRO B 56 -32.47 9.96 41.96
N ARG B 57 -33.33 10.84 41.45
CA ARG B 57 -33.90 11.86 42.32
C ARG B 57 -35.01 11.25 43.17
N ILE B 58 -35.72 10.25 42.63
CA ILE B 58 -36.81 9.62 43.36
C ILE B 58 -36.26 8.73 44.47
N VAL B 59 -35.09 8.13 44.24
CA VAL B 59 -34.47 7.28 45.26
C VAL B 59 -33.96 8.12 46.42
N LEU B 60 -33.49 9.34 46.14
CA LEU B 60 -33.02 10.22 47.21
C LEU B 60 -34.18 10.76 48.04
N ASP B 61 -35.39 10.79 47.48
CA ASP B 61 -36.54 11.20 48.27
C ASP B 61 -37.09 10.05 49.10
N LYS B 62 -36.85 8.82 48.67
CA LYS B 62 -37.19 7.66 49.50
C LYS B 62 -36.24 7.55 50.68
N LEU B 63 -34.94 7.73 50.43
CA LEU B 63 -33.93 7.47 51.45
C LEU B 63 -33.87 8.56 52.50
N GLU B 64 -34.48 9.71 52.25
CA GLU B 64 -34.55 10.73 53.30
C GLU B 64 -35.63 10.39 54.32
N ARG B 65 -36.73 9.78 53.88
CA ARG B 65 -37.78 9.39 54.80
C ARG B 65 -37.36 8.27 55.73
N ARG B 66 -36.33 7.50 55.37
CA ARG B 66 -35.78 6.46 56.23
C ARG B 66 -34.73 7.01 57.18
N GLY B 67 -34.09 8.12 56.85
CA GLY B 67 -33.21 8.79 57.79
C GLY B 67 -31.82 9.07 57.28
N PHE B 68 -31.59 8.99 55.97
CA PHE B 68 -30.26 9.20 55.41
C PHE B 68 -30.11 10.64 54.92
N ARG B 69 -28.90 11.17 55.05
CA ARG B 69 -28.59 12.51 54.56
C ARG B 69 -27.41 12.42 53.61
N VAL B 70 -27.48 13.18 52.51
CA VAL B 70 -26.43 13.17 51.50
C VAL B 70 -25.20 13.88 52.04
N LEU B 71 -24.13 13.12 52.28
CA LEU B 71 -22.84 13.73 52.59
C LEU B 71 -22.28 14.48 51.40
N SER B 72 -22.00 13.75 50.32
CA SER B 72 -21.26 14.30 49.21
C SER B 72 -21.72 13.62 47.93
N MET B 73 -21.33 14.20 46.80
CA MET B 73 -21.60 13.64 45.47
C MET B 73 -20.30 13.69 44.70
N THR B 74 -20.04 12.68 43.86
CA THR B 74 -18.88 12.70 42.96
C THR B 74 -19.26 12.22 41.58
N GLY B 75 -18.48 12.65 40.60
CA GLY B 75 -18.54 12.06 39.28
C GLY B 75 -17.23 11.41 38.94
N VAL B 76 -17.23 10.09 38.76
CA VAL B 76 -16.04 9.36 38.37
C VAL B 76 -16.37 8.56 37.11
N GLY B 77 -15.60 8.77 36.06
CA GLY B 77 -15.90 8.13 34.79
C GLY B 77 -17.13 8.73 34.16
N GLN B 78 -18.03 7.86 33.71
CA GLN B 78 -19.36 8.23 33.24
C GLN B 78 -20.43 7.93 34.27
N THR B 79 -20.05 7.81 35.53
CA THR B 79 -20.92 7.46 36.64
C THR B 79 -20.97 8.63 37.61
N LEU B 80 -22.14 8.85 38.20
CA LEU B 80 -22.32 9.89 39.22
C LEU B 80 -22.67 9.18 40.52
N VAL B 81 -21.87 9.38 41.56
CA VAL B 81 -22.00 8.65 42.82
C VAL B 81 -22.43 9.60 43.93
N TRP B 82 -23.47 9.19 44.69
CA TRP B 82 -23.92 9.89 45.89
C TRP B 82 -23.53 9.06 47.11
N CYS B 83 -23.07 9.71 48.17
CA CYS B 83 -22.72 9.02 49.41
C CYS B 83 -23.65 9.52 50.52
N LEU B 84 -24.43 8.60 51.09
CA LEU B 84 -25.46 8.95 52.05
C LEU B 84 -25.09 8.41 53.43
N HIS B 85 -25.28 9.24 54.45
CA HIS B 85 -25.01 8.86 55.83
C HIS B 85 -26.26 9.06 56.66
N LYS B 86 -26.52 8.12 57.56
CA LYS B 86 -27.73 8.17 58.37
C LYS B 86 -27.56 9.08 59.57
N LEU C 42 -26.16 -39.76 6.56
CA LEU C 42 -25.67 -39.43 5.22
C LEU C 42 -26.53 -39.92 4.02
N PRO C 43 -27.07 -41.15 4.00
CA PRO C 43 -27.96 -41.49 2.88
C PRO C 43 -29.27 -40.72 2.85
N ASN C 44 -29.71 -40.16 3.98
CA ASN C 44 -30.88 -39.29 3.94
C ASN C 44 -30.54 -37.93 3.37
N LEU C 45 -29.34 -37.42 3.65
CA LEU C 45 -28.90 -36.20 3.00
C LEU C 45 -28.57 -36.44 1.53
N ALA C 46 -28.02 -37.62 1.20
CA ALA C 46 -27.66 -37.91 -0.18
C ALA C 46 -28.90 -37.99 -1.07
N ALA C 47 -30.03 -38.42 -0.51
CA ALA C 47 -31.29 -38.35 -1.23
C ALA C 47 -31.87 -36.95 -1.19
N ALA C 48 -31.44 -36.13 -0.22
CA ALA C 48 -32.05 -34.83 -0.04
C ALA C 48 -31.48 -33.80 -0.99
N TYR C 49 -30.22 -33.96 -1.40
CA TYR C 49 -29.73 -33.12 -2.49
C TYR C 49 -30.09 -33.70 -3.85
N SER C 50 -30.53 -34.94 -3.91
CA SER C 50 -30.92 -35.52 -5.20
C SER C 50 -32.25 -34.93 -5.67
N SER C 51 -33.11 -34.52 -4.74
CA SER C 51 -34.38 -33.89 -5.12
C SER C 51 -34.19 -32.41 -5.43
N ILE C 52 -33.07 -31.83 -4.99
CA ILE C 52 -32.77 -30.45 -5.37
C ILE C 52 -32.29 -30.39 -6.81
N LEU C 53 -31.42 -31.33 -7.21
CA LEU C 53 -30.85 -31.31 -8.55
C LEU C 53 -31.91 -31.59 -9.61
N SER C 54 -32.89 -32.43 -9.28
CA SER C 54 -34.00 -32.67 -10.20
C SER C 54 -34.95 -31.48 -10.26
N SER C 55 -34.98 -30.66 -9.20
CA SER C 55 -35.94 -29.57 -9.13
C SER C 55 -35.48 -28.32 -9.87
N LEU C 56 -34.19 -28.16 -10.10
CA LEU C 56 -33.66 -26.97 -10.75
C LEU C 56 -33.63 -27.08 -12.27
N GLY C 57 -34.04 -28.22 -12.84
CA GLY C 57 -33.96 -28.43 -14.27
C GLY C 57 -32.66 -29.03 -14.73
N GLU C 58 -31.87 -29.59 -13.84
CA GLU C 58 -30.61 -30.23 -14.21
C GLU C 58 -30.87 -31.62 -14.73
N ASN C 59 -29.79 -32.29 -15.08
CA ASN C 59 -29.81 -33.72 -15.35
C ASN C 59 -28.83 -34.38 -14.40
N PRO C 60 -29.29 -35.20 -13.44
CA PRO C 60 -28.34 -35.84 -12.52
C PRO C 60 -27.57 -37.00 -13.14
N GLN C 61 -27.77 -37.30 -14.41
CA GLN C 61 -27.16 -38.44 -15.07
C GLN C 61 -25.83 -38.12 -15.73
N ARG C 62 -25.50 -36.84 -15.94
CA ARG C 62 -24.25 -36.51 -16.60
C ARG C 62 -23.08 -36.66 -15.63
N GLN C 63 -21.87 -36.56 -16.19
CA GLN C 63 -20.66 -36.97 -15.46
C GLN C 63 -20.35 -36.03 -14.31
N GLY C 64 -20.69 -34.74 -14.44
CA GLY C 64 -20.47 -33.81 -13.36
C GLY C 64 -21.36 -34.03 -12.16
N LEU C 65 -22.59 -34.49 -12.36
CA LEU C 65 -23.57 -34.61 -11.30
C LEU C 65 -23.87 -36.04 -10.88
N LEU C 66 -22.88 -36.96 -10.96
CA LEU C 66 -23.10 -38.32 -10.48
C LEU C 66 -22.78 -38.44 -8.99
N LYS C 67 -21.59 -38.04 -8.59
CA LYS C 67 -21.21 -38.08 -7.19
C LYS C 67 -21.56 -36.80 -6.45
N THR C 68 -22.31 -35.90 -7.09
CA THR C 68 -22.70 -34.64 -6.44
C THR C 68 -23.67 -34.82 -5.27
N PRO C 69 -24.67 -35.74 -5.30
CA PRO C 69 -25.38 -36.02 -4.04
C PRO C 69 -24.52 -36.55 -2.89
N TRP C 70 -23.47 -37.33 -3.17
CA TRP C 70 -22.71 -37.94 -2.09
C TRP C 70 -21.50 -37.12 -1.67
N ARG C 71 -21.06 -36.17 -2.48
CA ARG C 71 -19.97 -35.29 -2.08
C ARG C 71 -20.48 -34.03 -1.41
N ALA C 72 -21.64 -33.54 -1.82
CA ALA C 72 -22.17 -32.32 -1.22
C ALA C 72 -22.79 -32.61 0.14
N ALA C 73 -23.32 -33.81 0.32
CA ALA C 73 -23.94 -34.16 1.59
C ALA C 73 -22.90 -34.39 2.68
N SER C 74 -21.71 -34.86 2.30
CA SER C 74 -20.64 -35.01 3.28
C SER C 74 -20.00 -33.68 3.61
N ALA C 75 -20.19 -32.68 2.75
CA ALA C 75 -19.69 -31.33 3.03
C ALA C 75 -20.69 -30.54 3.87
N MET C 76 -21.92 -31.03 3.98
CA MET C 76 -22.90 -30.36 4.83
C MET C 76 -22.80 -30.90 6.26
N GLN C 77 -22.16 -32.05 6.43
CA GLN C 77 -21.88 -32.55 7.77
C GLN C 77 -20.53 -32.09 8.27
N PHE C 78 -19.69 -31.56 7.39
CA PHE C 78 -18.48 -30.88 7.86
C PHE C 78 -18.81 -29.49 8.34
N PHE C 79 -19.78 -28.83 7.71
CA PHE C 79 -20.09 -27.45 8.03
C PHE C 79 -20.93 -27.34 9.29
N THR C 80 -21.57 -28.44 9.69
CA THR C 80 -22.34 -28.49 10.92
C THR C 80 -21.84 -29.61 11.84
N LYS C 81 -20.53 -29.79 11.96
CA LYS C 81 -19.99 -30.81 12.86
C LYS C 81 -19.70 -30.27 14.24
N GLY C 82 -20.06 -29.02 14.52
CA GLY C 82 -19.76 -28.46 15.82
C GLY C 82 -20.68 -28.95 16.92
N TYR C 83 -21.80 -29.57 16.55
CA TYR C 83 -22.78 -29.95 17.56
C TYR C 83 -22.32 -31.11 18.41
N GLN C 84 -21.45 -31.96 17.86
CA GLN C 84 -21.01 -33.13 18.60
C GLN C 84 -19.79 -32.83 19.45
N GLU C 85 -19.30 -31.58 19.44
CA GLU C 85 -18.15 -31.22 20.24
C GLU C 85 -18.56 -30.52 21.54
N THR C 86 -17.71 -30.65 22.55
CA THR C 86 -17.99 -30.17 23.90
C THR C 86 -16.74 -29.47 24.43
N ILE C 87 -16.94 -28.45 25.29
CA ILE C 87 -15.85 -27.62 25.77
C ILE C 87 -14.86 -28.43 26.60
N SER C 88 -15.37 -29.35 27.41
CA SER C 88 -14.51 -30.10 28.32
C SER C 88 -13.62 -31.09 27.56
N ASP C 89 -14.13 -31.66 26.47
CA ASP C 89 -13.36 -32.62 25.69
C ASP C 89 -12.30 -31.93 24.85
N VAL C 90 -12.43 -30.63 24.63
CA VAL C 90 -11.59 -29.91 23.69
C VAL C 90 -10.41 -29.25 24.40
N LEU C 91 -10.66 -28.70 25.60
CA LEU C 91 -9.62 -27.98 26.33
C LEU C 91 -8.47 -28.87 26.77
N ASN C 92 -8.75 -30.14 27.06
CA ASN C 92 -7.73 -31.20 27.18
C ASN C 92 -6.73 -30.91 28.30
N ASP C 93 -7.24 -30.33 29.39
CA ASP C 93 -6.48 -30.04 30.62
C ASP C 93 -5.32 -29.06 30.36
N ALA C 94 -5.49 -28.22 29.35
CA ALA C 94 -4.49 -27.21 29.01
C ALA C 94 -4.90 -25.83 29.54
N ILE C 95 -4.90 -25.72 30.86
CA ILE C 95 -5.09 -24.43 31.54
C ILE C 95 -3.95 -24.30 32.53
N PHE C 96 -3.07 -23.33 32.30
CA PHE C 96 -1.77 -23.27 32.93
C PHE C 96 -1.73 -22.19 34.01
N ASP C 97 -1.11 -22.53 35.13
CA ASP C 97 -1.10 -21.68 36.31
C ASP C 97 0.17 -20.83 36.31
N GLU C 98 -0.01 -19.51 36.36
CA GLU C 98 1.08 -18.55 36.20
C GLU C 98 0.58 -17.18 36.64
N ASP C 99 1.49 -16.38 37.21
CA ASP C 99 1.16 -15.10 37.83
C ASP C 99 1.03 -13.95 36.84
N HIS C 100 0.75 -14.22 35.57
CA HIS C 100 0.73 -13.20 34.53
C HIS C 100 -0.69 -12.66 34.41
N ASP C 101 -0.93 -11.47 34.96
CA ASP C 101 -2.24 -10.84 34.96
C ASP C 101 -2.37 -9.72 33.92
N GLU C 102 -1.66 -9.83 32.82
CA GLU C 102 -1.64 -8.79 31.81
C GLU C 102 -2.34 -9.29 30.56
N MET C 103 -2.61 -8.38 29.61
CA MET C 103 -3.56 -8.66 28.53
C MET C 103 -2.99 -9.60 27.49
N VAL C 104 -3.83 -10.50 26.99
CA VAL C 104 -3.48 -11.49 25.97
C VAL C 104 -4.51 -11.39 24.84
N ILE C 105 -4.05 -11.05 23.64
CA ILE C 105 -4.92 -10.87 22.49
C ILE C 105 -4.53 -11.86 21.41
N VAL C 106 -5.51 -12.60 20.88
CA VAL C 106 -5.29 -13.56 19.79
C VAL C 106 -6.09 -13.06 18.59
N LYS C 107 -5.41 -12.52 17.60
CA LYS C 107 -6.05 -11.86 16.49
C LYS C 107 -5.94 -12.68 15.21
N ASP C 108 -6.74 -12.28 14.22
CA ASP C 108 -6.84 -12.90 12.88
C ASP C 108 -7.22 -14.37 12.92
N ILE C 109 -8.10 -14.80 13.82
CA ILE C 109 -8.56 -16.18 13.74
C ILE C 109 -9.61 -16.26 12.64
N ASP C 110 -9.43 -17.18 11.73
CA ASP C 110 -10.34 -17.33 10.60
C ASP C 110 -11.50 -18.25 10.95
N MET C 111 -12.73 -17.76 10.79
CA MET C 111 -13.92 -18.58 10.94
C MET C 111 -14.57 -18.73 9.58
N PHE C 112 -15.46 -19.71 9.46
CA PHE C 112 -16.19 -20.01 8.24
C PHE C 112 -17.52 -20.62 8.65
N SER C 113 -18.58 -19.83 8.63
CA SER C 113 -19.84 -20.29 9.18
C SER C 113 -20.90 -20.40 8.10
N MET C 114 -22.02 -21.04 8.46
CA MET C 114 -23.18 -21.19 7.62
C MET C 114 -24.33 -20.40 8.22
N CYS C 115 -24.88 -19.48 7.45
CA CYS C 115 -26.05 -18.74 7.91
C CYS C 115 -27.24 -19.67 8.03
N GLU C 116 -28.21 -19.30 8.89
CA GLU C 116 -29.33 -20.18 9.12
C GLU C 116 -30.66 -19.60 8.63
N HIS C 117 -30.65 -18.46 7.96
CA HIS C 117 -31.83 -18.02 7.26
C HIS C 117 -31.84 -18.47 5.82
N HIS C 118 -30.72 -18.33 5.11
CA HIS C 118 -30.63 -18.69 3.71
C HIS C 118 -29.77 -19.90 3.43
N LEU C 119 -29.11 -20.49 4.43
CA LEU C 119 -28.22 -21.67 4.30
C LEU C 119 -27.08 -21.40 3.33
N VAL C 120 -26.57 -20.16 3.34
CA VAL C 120 -25.52 -19.70 2.44
C VAL C 120 -24.39 -19.20 3.33
N PRO C 121 -23.13 -19.51 3.03
CA PRO C 121 -22.04 -19.21 3.98
C PRO C 121 -21.80 -17.73 4.24
N PHE C 122 -21.17 -17.46 5.38
CA PHE C 122 -20.50 -16.19 5.62
C PHE C 122 -19.18 -16.49 6.30
N VAL C 123 -18.13 -15.77 5.89
CA VAL C 123 -16.77 -16.02 6.31
C VAL C 123 -16.24 -14.75 6.97
N GLY C 124 -15.18 -14.87 7.76
CA GLY C 124 -14.63 -13.67 8.38
C GLY C 124 -13.46 -13.96 9.29
N LYS C 125 -13.19 -12.98 10.16
CA LYS C 125 -12.09 -13.05 11.11
C LYS C 125 -12.60 -12.79 12.51
N VAL C 126 -12.00 -13.45 13.51
CA VAL C 126 -12.41 -13.35 14.90
C VAL C 126 -11.23 -12.82 15.71
N HIS C 127 -11.46 -11.81 16.53
CA HIS C 127 -10.46 -11.22 17.40
C HIS C 127 -10.88 -11.41 18.84
N ILE C 128 -10.06 -12.08 19.63
CA ILE C 128 -10.39 -12.44 21.00
C ILE C 128 -9.29 -11.93 21.90
N GLY C 129 -9.67 -11.28 23.00
CA GLY C 129 -8.68 -10.88 23.99
C GLY C 129 -9.18 -11.12 25.40
N TYR C 130 -8.29 -11.46 26.33
CA TYR C 130 -8.76 -11.71 27.68
C TYR C 130 -7.70 -11.29 28.69
N LEU C 131 -8.14 -11.07 29.93
CA LEU C 131 -7.25 -10.80 31.05
C LEU C 131 -7.22 -12.01 31.97
N PRO C 132 -6.15 -12.80 31.96
CA PRO C 132 -6.14 -14.00 32.78
C PRO C 132 -5.98 -13.67 34.25
N ASN C 133 -6.68 -14.44 35.07
CA ASN C 133 -6.69 -14.28 36.52
C ASN C 133 -6.01 -15.52 37.09
N LYS C 134 -4.67 -15.48 37.08
CA LYS C 134 -3.75 -16.52 37.55
C LYS C 134 -3.90 -17.86 36.82
N GLN C 135 -4.60 -17.91 35.69
CA GLN C 135 -4.72 -19.12 34.89
C GLN C 135 -4.73 -18.72 33.42
N VAL C 136 -3.71 -19.14 32.69
CA VAL C 136 -3.56 -18.85 31.26
C VAL C 136 -4.07 -20.05 30.48
N LEU C 137 -4.87 -19.80 29.44
CA LEU C 137 -5.31 -20.83 28.52
C LEU C 137 -4.35 -20.90 27.33
N GLY C 138 -4.22 -22.08 26.75
CA GLY C 138 -3.32 -22.25 25.61
C GLY C 138 -3.87 -21.58 24.37
N LEU C 139 -2.96 -21.17 23.49
CA LEU C 139 -3.34 -20.31 22.38
C LEU C 139 -4.05 -21.10 21.29
N SER C 140 -3.89 -22.42 21.29
CA SER C 140 -4.59 -23.23 20.30
C SER C 140 -6.03 -23.49 20.73
N LYS C 141 -6.28 -23.58 22.04
CA LYS C 141 -7.61 -23.90 22.49
C LYS C 141 -8.53 -22.70 22.40
N LEU C 142 -7.97 -21.49 22.34
CA LEU C 142 -8.78 -20.31 22.06
C LEU C 142 -9.29 -20.30 20.63
N ALA C 143 -8.51 -20.85 19.70
CA ALA C 143 -8.88 -20.94 18.31
C ALA C 143 -9.66 -22.22 17.98
N ARG C 144 -9.70 -23.16 18.92
CA ARG C 144 -10.41 -24.41 18.76
C ARG C 144 -11.79 -24.36 19.42
N ILE C 145 -12.01 -23.38 20.29
CA ILE C 145 -13.32 -23.00 20.82
C ILE C 145 -14.17 -22.43 19.70
N VAL C 146 -13.55 -21.59 18.85
CA VAL C 146 -14.24 -20.93 17.75
C VAL C 146 -14.74 -21.94 16.74
N GLU C 147 -13.95 -22.99 16.50
CA GLU C 147 -14.33 -24.06 15.58
C GLU C 147 -15.56 -24.80 16.08
N ILE C 148 -15.84 -24.77 17.38
CA ILE C 148 -17.02 -25.45 17.90
C ILE C 148 -18.27 -24.66 17.57
N TYR C 149 -18.22 -23.33 17.74
CA TYR C 149 -19.41 -22.51 17.62
C TYR C 149 -19.60 -21.91 16.25
N SER C 150 -18.56 -21.84 15.42
CA SER C 150 -18.76 -21.30 14.08
C SER C 150 -19.23 -22.39 13.12
N ARG C 151 -18.85 -23.65 13.38
CA ARG C 151 -19.27 -24.78 12.56
C ARG C 151 -20.68 -25.26 12.94
N ARG C 152 -21.62 -24.33 12.92
CA ARG C 152 -23.02 -24.59 13.21
C ARG C 152 -23.82 -23.70 12.29
N LEU C 153 -25.14 -23.88 12.31
CA LEU C 153 -26.01 -22.88 11.71
C LEU C 153 -26.12 -21.72 12.66
N GLN C 154 -25.61 -20.55 12.26
CA GLN C 154 -25.50 -19.43 13.20
C GLN C 154 -26.11 -18.16 12.66
N VAL C 155 -26.21 -17.20 13.58
CA VAL C 155 -26.51 -15.79 13.33
C VAL C 155 -25.41 -15.02 14.05
N GLN C 156 -24.84 -13.98 13.38
CA GLN C 156 -23.57 -13.41 13.82
C GLN C 156 -23.66 -12.75 15.20
N GLU C 157 -24.81 -12.17 15.52
CA GLU C 157 -25.03 -11.66 16.88
C GLU C 157 -25.02 -12.78 17.91
N ARG C 158 -25.55 -13.94 17.58
CA ARG C 158 -25.50 -15.05 18.51
C ARG C 158 -24.12 -15.69 18.54
N LEU C 159 -23.44 -15.69 17.40
CA LEU C 159 -22.12 -16.29 17.30
C LEU C 159 -21.09 -15.51 18.12
N THR C 160 -21.25 -14.19 18.20
CA THR C 160 -20.32 -13.36 18.96
C THR C 160 -20.43 -13.64 20.45
N LYS C 161 -21.65 -13.78 20.94
CA LYS C 161 -21.90 -13.90 22.36
C LYS C 161 -21.49 -15.26 22.91
N GLN C 162 -21.57 -16.30 22.07
CA GLN C 162 -21.34 -17.66 22.57
C GLN C 162 -19.87 -17.96 22.79
N ILE C 163 -18.99 -17.34 22.00
CA ILE C 163 -17.57 -17.51 22.21
C ILE C 163 -17.14 -16.86 23.53
N ALA C 164 -17.66 -15.66 23.80
CA ALA C 164 -17.24 -14.93 24.99
C ALA C 164 -17.78 -15.55 26.26
N VAL C 165 -18.94 -16.21 26.19
CA VAL C 165 -19.46 -16.91 27.36
C VAL C 165 -18.74 -18.24 27.55
N ALA C 166 -18.28 -18.87 26.46
CA ALA C 166 -17.54 -20.12 26.57
C ALA C 166 -16.15 -19.90 27.13
N ILE C 167 -15.56 -18.72 26.93
CA ILE C 167 -14.26 -18.43 27.51
C ILE C 167 -14.40 -18.03 28.96
N THR C 168 -15.51 -17.38 29.32
CA THR C 168 -15.77 -17.00 30.70
C THR C 168 -15.97 -18.23 31.59
N GLU C 169 -16.71 -19.23 31.09
CA GLU C 169 -16.99 -20.40 31.91
C GLU C 169 -15.80 -21.34 31.99
N ALA C 170 -14.82 -21.17 31.11
CA ALA C 170 -13.67 -22.08 31.11
C ALA C 170 -12.58 -21.62 32.07
N LEU C 171 -12.28 -20.33 32.08
CA LEU C 171 -11.14 -19.78 32.81
C LEU C 171 -11.51 -19.05 34.08
N ARG C 172 -12.74 -18.54 34.16
CA ARG C 172 -13.11 -17.42 35.02
C ARG C 172 -12.09 -16.26 34.98
N PRO C 173 -11.99 -15.55 33.85
CA PRO C 173 -11.00 -14.47 33.78
C PRO C 173 -11.59 -13.15 34.27
N ALA C 174 -10.79 -12.09 34.27
CA ALA C 174 -11.29 -10.81 34.73
C ALA C 174 -12.11 -10.11 33.64
N GLY C 175 -11.90 -10.47 32.39
CA GLY C 175 -12.61 -9.83 31.31
C GLY C 175 -12.32 -10.51 30.00
N VAL C 176 -13.31 -10.49 29.11
CA VAL C 176 -13.25 -11.12 27.79
C VAL C 176 -13.71 -10.07 26.78
N GLY C 177 -13.05 -10.02 25.63
CA GLY C 177 -13.53 -9.24 24.51
C GLY C 177 -13.56 -10.06 23.24
N VAL C 178 -14.56 -9.89 22.40
CA VAL C 178 -14.70 -10.62 21.14
C VAL C 178 -15.15 -9.64 20.06
N VAL C 179 -14.41 -9.58 18.95
CA VAL C 179 -14.79 -8.81 17.77
C VAL C 179 -14.81 -9.76 16.59
N VAL C 180 -15.92 -9.80 15.85
CA VAL C 180 -16.09 -10.69 14.71
C VAL C 180 -16.44 -9.84 13.49
N GLU C 181 -15.59 -9.88 12.46
CA GLU C 181 -15.89 -9.26 11.16
C GLU C 181 -16.36 -10.37 10.23
N ALA C 182 -17.28 -10.07 9.33
CA ALA C 182 -17.81 -11.09 8.43
C ALA C 182 -18.47 -10.46 7.22
N THR C 183 -18.40 -11.19 6.11
CA THR C 183 -19.08 -10.84 4.86
C THR C 183 -20.15 -11.88 4.55
N HIS C 184 -21.39 -11.44 4.42
CA HIS C 184 -22.52 -12.33 4.23
C HIS C 184 -22.80 -12.49 2.75
N MET C 185 -22.68 -13.73 2.26
CA MET C 185 -22.92 -14.01 0.85
C MET C 185 -24.39 -13.89 0.49
N CYS C 186 -25.28 -13.92 1.48
CA CYS C 186 -26.69 -13.59 1.30
C CYS C 186 -26.94 -12.08 1.29
N MET C 187 -25.89 -11.27 1.23
CA MET C 187 -26.00 -9.85 0.93
C MET C 187 -25.18 -9.45 -0.29
N VAL C 188 -24.19 -10.27 -0.67
CA VAL C 188 -23.29 -9.98 -1.77
C VAL C 188 -23.81 -10.61 -3.05
N MET C 189 -24.04 -11.93 -3.01
CA MET C 189 -24.54 -12.63 -4.19
C MET C 189 -25.97 -12.26 -4.47
N ARG C 190 -26.87 -12.53 -3.52
CA ARG C 190 -28.29 -12.44 -3.77
C ARG C 190 -28.93 -11.33 -2.93
N GLY C 191 -29.99 -10.76 -3.44
CA GLY C 191 -30.77 -9.79 -2.71
C GLY C 191 -30.42 -8.35 -2.99
N VAL C 192 -29.59 -7.76 -2.13
CA VAL C 192 -29.29 -6.32 -2.25
C VAL C 192 -28.06 -6.12 -3.13
N GLN C 193 -27.13 -7.09 -3.10
CA GLN C 193 -25.90 -7.10 -3.88
C GLN C 193 -25.01 -5.89 -3.55
N LYS C 194 -24.61 -5.84 -2.29
CA LYS C 194 -23.56 -4.94 -1.81
C LYS C 194 -22.33 -5.79 -1.60
N MET C 195 -21.40 -5.76 -2.56
CA MET C 195 -20.30 -6.70 -2.58
C MET C 195 -19.23 -6.31 -1.58
N ASN C 196 -19.26 -5.07 -1.10
CA ASN C 196 -18.23 -4.54 -0.22
C ASN C 196 -18.65 -4.50 1.24
N SER C 197 -19.92 -4.76 1.56
CA SER C 197 -20.41 -4.61 2.93
C SER C 197 -19.86 -5.71 3.83
N LYS C 198 -19.70 -5.39 5.12
CA LYS C 198 -18.98 -6.26 6.04
C LYS C 198 -19.42 -5.91 7.47
N THR C 199 -20.26 -6.75 8.05
CA THR C 199 -20.82 -6.44 9.36
C THR C 199 -19.84 -6.79 10.47
N VAL C 200 -19.67 -5.89 11.43
CA VAL C 200 -18.83 -6.10 12.60
C VAL C 200 -19.72 -6.16 13.84
N THR C 201 -19.52 -7.18 14.68
CA THR C 201 -20.16 -7.26 15.98
C THR C 201 -19.11 -7.39 17.07
N SER C 202 -19.48 -7.06 18.30
CA SER C 202 -18.48 -6.86 19.34
C SER C 202 -19.06 -7.04 20.74
N THR C 203 -18.55 -8.02 21.47
CA THR C 203 -19.01 -8.35 22.83
C THR C 203 -17.88 -8.11 23.83
N MET C 204 -18.17 -7.39 24.89
CA MET C 204 -17.21 -7.13 25.96
C MET C 204 -17.84 -7.58 27.28
N LEU C 205 -17.09 -8.35 28.08
CA LEU C 205 -17.57 -8.86 29.34
C LEU C 205 -16.54 -8.56 30.43
N GLY C 206 -17.02 -8.47 31.67
CA GLY C 206 -16.08 -8.29 32.77
C GLY C 206 -15.58 -6.87 32.83
N VAL C 207 -14.25 -6.72 32.98
CA VAL C 207 -13.67 -5.39 33.06
C VAL C 207 -13.32 -4.82 31.71
N PHE C 208 -13.68 -5.50 30.61
CA PHE C 208 -13.66 -4.77 29.35
C PHE C 208 -14.89 -3.89 29.21
N ARG C 209 -15.95 -4.20 29.94
CA ARG C 209 -17.19 -3.44 29.92
C ARG C 209 -17.19 -2.34 30.96
N GLU C 210 -16.58 -2.60 32.12
CA GLU C 210 -16.63 -1.64 33.21
C GLU C 210 -15.56 -0.58 33.08
N ASP C 211 -14.37 -0.96 32.62
CA ASP C 211 -13.23 -0.06 32.53
C ASP C 211 -13.08 0.43 31.09
N PRO C 212 -13.09 1.73 30.84
CA PRO C 212 -12.89 2.19 29.46
C PRO C 212 -11.44 2.24 29.03
N LYS C 213 -10.49 2.24 29.96
CA LYS C 213 -9.08 2.23 29.57
C LYS C 213 -8.59 0.82 29.27
N THR C 214 -9.44 -0.19 29.51
CA THR C 214 -9.08 -1.56 29.21
C THR C 214 -9.62 -1.96 27.84
N ARG C 215 -10.64 -1.25 27.37
CA ARG C 215 -11.20 -1.55 26.06
C ARG C 215 -10.48 -0.75 24.98
N GLU C 216 -9.83 0.36 25.35
CA GLU C 216 -9.12 1.17 24.36
C GLU C 216 -7.76 0.59 24.03
N GLU C 217 -7.29 -0.37 24.82
CA GLU C 217 -6.02 -1.03 24.53
C GLU C 217 -6.22 -2.23 23.63
N PHE C 218 -7.29 -2.99 23.88
CA PHE C 218 -7.68 -4.11 23.04
C PHE C 218 -7.95 -3.66 21.60
N LEU C 219 -8.59 -2.51 21.43
CA LEU C 219 -8.95 -2.03 20.09
C LEU C 219 -7.75 -1.46 19.34
N THR C 220 -6.61 -1.32 20.00
CA THR C 220 -5.45 -0.69 19.37
C THR C 220 -4.43 -1.73 18.92
N LEU C 221 -4.18 -2.75 19.75
CA LEU C 221 -3.19 -3.77 19.40
C LEU C 221 -3.66 -4.69 18.29
N ILE C 222 -4.97 -4.89 18.13
CA ILE C 222 -5.49 -5.71 17.04
C ILE C 222 -5.32 -5.06 15.68
N ARG C 223 -5.03 -3.77 15.65
CA ARG C 223 -4.83 -3.05 14.41
C ARG C 223 -3.41 -3.26 13.90
N LEU D 42 -43.80 7.87 -18.08
CA LEU D 42 -42.66 7.69 -18.98
C LEU D 42 -42.74 8.40 -20.36
N PRO D 43 -43.88 8.43 -21.08
CA PRO D 43 -43.90 9.22 -22.31
C PRO D 43 -43.79 10.72 -22.10
N ASN D 44 -44.12 11.23 -20.91
CA ASN D 44 -43.89 12.64 -20.64
C ASN D 44 -42.42 12.91 -20.38
N LEU D 45 -41.72 11.99 -19.72
CA LEU D 45 -40.27 12.11 -19.60
C LEU D 45 -39.56 11.87 -20.93
N ALA D 46 -40.09 10.94 -21.75
CA ALA D 46 -39.46 10.65 -23.03
C ALA D 46 -39.53 11.85 -23.98
N ALA D 47 -40.58 12.65 -23.86
CA ALA D 47 -40.63 13.91 -24.60
C ALA D 47 -39.80 14.98 -23.91
N ALA D 48 -39.52 14.80 -22.62
CA ALA D 48 -38.85 15.85 -21.86
C ALA D 48 -37.35 15.83 -22.07
N TYR D 49 -36.78 14.65 -22.34
CA TYR D 49 -35.38 14.63 -22.77
C TYR D 49 -35.25 14.88 -24.27
N SER D 50 -36.35 14.81 -25.02
CA SER D 50 -36.28 15.09 -26.46
C SER D 50 -36.08 16.57 -26.72
N SER D 51 -36.58 17.43 -25.83
CA SER D 51 -36.38 18.87 -25.97
C SER D 51 -35.02 19.30 -25.46
N ILE D 52 -34.38 18.46 -24.64
CA ILE D 52 -33.01 18.75 -24.21
C ILE D 52 -32.03 18.49 -25.35
N LEU D 53 -32.21 17.37 -26.06
CA LEU D 53 -31.29 16.99 -27.13
C LEU D 53 -31.36 17.97 -28.30
N SER D 54 -32.54 18.51 -28.58
CA SER D 54 -32.67 19.52 -29.62
C SER D 54 -32.08 20.86 -29.16
N SER D 55 -32.02 21.09 -27.85
CA SER D 55 -31.59 22.39 -27.35
C SER D 55 -30.08 22.53 -27.26
N LEU D 56 -29.35 21.42 -27.22
CA LEU D 56 -27.90 21.48 -27.10
C LEU D 56 -27.19 21.56 -28.45
N GLY D 57 -27.91 21.56 -29.56
CA GLY D 57 -27.30 21.55 -30.87
C GLY D 57 -27.02 20.17 -31.43
N GLU D 58 -27.61 19.13 -30.84
CA GLU D 58 -27.44 17.77 -31.34
C GLU D 58 -28.32 17.52 -32.54
N ASN D 59 -28.24 16.30 -33.04
CA ASN D 59 -29.20 15.81 -34.00
C ASN D 59 -29.83 14.55 -33.42
N PRO D 60 -31.12 14.55 -33.09
CA PRO D 60 -31.73 13.34 -32.53
C PRO D 60 -31.99 12.25 -33.54
N GLN D 61 -31.63 12.46 -34.81
CA GLN D 61 -31.95 11.51 -35.87
C GLN D 61 -30.85 10.50 -36.11
N ARG D 62 -29.65 10.71 -35.58
CA ARG D 62 -28.57 9.76 -35.82
C ARG D 62 -28.72 8.53 -34.93
N GLN D 63 -27.91 7.51 -35.22
CA GLN D 63 -28.14 6.18 -34.66
C GLN D 63 -27.90 6.14 -33.15
N GLY D 64 -26.98 6.97 -32.66
CA GLY D 64 -26.73 7.01 -31.22
C GLY D 64 -27.87 7.61 -30.42
N LEU D 65 -28.58 8.58 -30.98
CA LEU D 65 -29.60 9.33 -30.26
C LEU D 65 -31.03 8.99 -30.69
N LEU D 66 -31.30 7.75 -31.09
CA LEU D 66 -32.68 7.37 -31.42
C LEU D 66 -33.42 6.88 -30.18
N LYS D 67 -32.87 5.90 -29.49
CA LYS D 67 -33.48 5.40 -28.27
C LYS D 67 -33.02 6.14 -27.03
N THR D 68 -32.28 7.24 -27.20
CA THR D 68 -31.80 8.02 -26.05
C THR D 68 -32.92 8.72 -25.28
N PRO D 69 -33.99 9.28 -25.89
CA PRO D 69 -35.13 9.69 -25.05
C PRO D 69 -35.80 8.57 -24.25
N TRP D 70 -35.87 7.34 -24.76
CA TRP D 70 -36.60 6.30 -24.06
C TRP D 70 -35.73 5.47 -23.13
N ARG D 71 -34.40 5.52 -23.29
CA ARG D 71 -33.53 4.81 -22.36
C ARG D 71 -33.11 5.70 -21.19
N ALA D 72 -32.96 6.99 -21.44
CA ALA D 72 -32.55 7.89 -20.36
C ALA D 72 -33.71 8.20 -19.44
N ALA D 73 -34.93 8.21 -19.96
CA ALA D 73 -36.09 8.52 -19.14
C ALA D 73 -36.42 7.36 -18.21
N SER D 74 -36.14 6.12 -18.62
CA SER D 74 -36.36 4.99 -17.74
C SER D 74 -35.25 4.88 -16.69
N ALA D 75 -34.12 5.54 -16.93
CA ALA D 75 -33.05 5.57 -15.94
C ALA D 75 -33.26 6.69 -14.95
N MET D 76 -34.15 7.63 -15.25
CA MET D 76 -34.47 8.69 -14.30
C MET D 76 -35.57 8.26 -13.37
N GLN D 77 -36.30 7.20 -13.73
CA GLN D 77 -37.28 6.61 -12.82
C GLN D 77 -36.66 5.49 -11.98
N PHE D 78 -35.48 5.03 -12.37
CA PHE D 78 -34.75 4.14 -11.48
C PHE D 78 -34.05 4.93 -10.38
N PHE D 79 -33.60 6.13 -10.70
CA PHE D 79 -32.83 6.93 -9.76
C PHE D 79 -33.72 7.61 -8.74
N THR D 80 -35.01 7.73 -9.03
CA THR D 80 -35.98 8.28 -8.11
C THR D 80 -37.13 7.30 -7.85
N LYS D 81 -36.82 6.00 -7.67
CA LYS D 81 -37.86 5.03 -7.37
C LYS D 81 -38.05 4.83 -5.88
N GLY D 82 -37.38 5.62 -5.04
CA GLY D 82 -37.51 5.43 -3.61
C GLY D 82 -38.80 5.97 -3.04
N TYR D 83 -39.52 6.78 -3.81
CA TYR D 83 -40.71 7.44 -3.28
C TYR D 83 -41.87 6.47 -3.10
N GLN D 84 -41.90 5.41 -3.90
CA GLN D 84 -43.01 4.47 -3.81
C GLN D 84 -42.75 3.38 -2.78
N GLU D 85 -41.61 3.43 -2.10
CA GLU D 85 -41.31 2.42 -1.10
C GLU D 85 -41.59 2.94 0.31
N THR D 86 -41.90 2.01 1.22
CA THR D 86 -42.34 2.32 2.58
C THR D 86 -41.60 1.39 3.54
N ILE D 87 -41.35 1.88 4.76
CA ILE D 87 -40.53 1.15 5.74
C ILE D 87 -41.21 -0.15 6.14
N SER D 88 -42.54 -0.13 6.30
CA SER D 88 -43.24 -1.31 6.78
C SER D 88 -43.26 -2.43 5.75
N ASP D 89 -43.34 -2.06 4.46
CA ASP D 89 -43.37 -3.06 3.39
C ASP D 89 -42.00 -3.69 3.16
N VAL D 90 -40.94 -3.04 3.63
CA VAL D 90 -39.57 -3.44 3.31
C VAL D 90 -38.99 -4.33 4.40
N LEU D 91 -39.29 -4.01 5.66
CA LEU D 91 -38.72 -4.76 6.79
C LEU D 91 -39.19 -6.20 6.85
N ASN D 92 -40.42 -6.48 6.40
CA ASN D 92 -40.92 -7.82 6.08
C ASN D 92 -40.88 -8.74 7.30
N ASP D 93 -41.21 -8.17 8.47
CA ASP D 93 -41.34 -8.87 9.75
C ASP D 93 -40.00 -9.52 10.18
N ALA D 94 -38.89 -8.95 9.73
CA ALA D 94 -37.57 -9.43 10.08
C ALA D 94 -36.94 -8.59 11.19
N ILE D 95 -37.55 -8.67 12.38
CA ILE D 95 -36.99 -8.07 13.59
C ILE D 95 -36.96 -9.16 14.64
N PHE D 96 -35.76 -9.57 15.04
CA PHE D 96 -35.55 -10.80 15.77
C PHE D 96 -35.27 -10.54 17.24
N ASP D 97 -35.87 -11.35 18.10
CA ASP D 97 -35.83 -11.14 19.54
C ASP D 97 -34.71 -11.98 20.14
N GLU D 98 -33.78 -11.31 20.83
CA GLU D 98 -32.55 -11.92 21.33
C GLU D 98 -31.91 -10.98 22.34
N ASP D 99 -31.26 -11.55 23.35
CA ASP D 99 -30.73 -10.82 24.49
C ASP D 99 -29.37 -10.16 24.23
N HIS D 100 -29.04 -9.87 22.97
CA HIS D 100 -27.73 -9.35 22.61
C HIS D 100 -27.79 -7.83 22.62
N ASP D 101 -27.26 -7.21 23.68
CA ASP D 101 -27.28 -5.76 23.84
C ASP D 101 -25.94 -5.11 23.52
N GLU D 102 -25.17 -5.68 22.61
CA GLU D 102 -23.84 -5.19 22.29
C GLU D 102 -23.85 -4.61 20.87
N MET D 103 -22.77 -3.92 20.52
CA MET D 103 -22.77 -3.04 19.35
C MET D 103 -22.74 -3.83 18.04
N VAL D 104 -23.49 -3.36 17.05
CA VAL D 104 -23.58 -3.96 15.72
C VAL D 104 -23.31 -2.86 14.69
N ILE D 105 -22.26 -3.03 13.91
CA ILE D 105 -21.86 -2.03 12.91
C ILE D 105 -21.90 -2.66 11.52
N VAL D 106 -22.56 -2.00 10.58
CA VAL D 106 -22.64 -2.46 9.19
C VAL D 106 -21.95 -1.41 8.34
N LYS D 107 -20.77 -1.73 7.85
CA LYS D 107 -19.92 -0.76 7.16
C LYS D 107 -19.84 -1.05 5.67
N ASP D 108 -19.33 -0.07 4.94
CA ASP D 108 -19.15 -0.07 3.48
C ASP D 108 -20.44 -0.31 2.70
N ILE D 109 -21.57 0.24 3.15
CA ILE D 109 -22.76 0.15 2.30
C ILE D 109 -22.66 1.19 1.21
N ASP D 110 -22.82 0.76 -0.03
CA ASP D 110 -22.69 1.66 -1.18
C ASP D 110 -24.02 2.33 -1.49
N MET D 111 -24.03 3.65 -1.52
CA MET D 111 -25.19 4.41 -1.97
C MET D 111 -24.84 5.09 -3.27
N PHE D 112 -25.87 5.53 -3.99
CA PHE D 112 -25.75 6.21 -5.28
C PHE D 112 -26.94 7.15 -5.40
N SER D 113 -26.74 8.44 -5.14
CA SER D 113 -27.86 9.35 -5.06
C SER D 113 -27.78 10.39 -6.16
N MET D 114 -28.88 11.12 -6.32
CA MET D 114 -29.00 12.22 -7.26
C MET D 114 -29.15 13.51 -6.48
N CYS D 115 -28.26 14.46 -6.73
CA CYS D 115 -28.38 15.77 -6.09
C CYS D 115 -29.61 16.50 -6.62
N GLU D 116 -30.12 17.42 -5.83
CA GLU D 116 -31.36 18.09 -6.21
C GLU D 116 -31.17 19.58 -6.49
N HIS D 117 -29.95 20.08 -6.48
CA HIS D 117 -29.70 21.41 -6.99
C HIS D 117 -29.30 21.39 -8.45
N HIS D 118 -28.40 20.50 -8.84
CA HIS D 118 -27.91 20.42 -10.20
C HIS D 118 -28.36 19.19 -10.95
N LEU D 119 -29.08 18.25 -10.33
CA LEU D 119 -29.57 17.00 -10.94
C LEU D 119 -28.42 16.15 -11.48
N VAL D 120 -27.30 16.16 -10.77
CA VAL D 120 -26.08 15.47 -11.17
C VAL D 120 -25.71 14.55 -10.02
N PRO D 121 -25.31 13.30 -10.29
CA PRO D 121 -25.17 12.32 -9.19
C PRO D 121 -24.08 12.65 -8.18
N PHE D 122 -24.22 12.06 -6.99
CA PHE D 122 -23.12 11.91 -6.06
C PHE D 122 -23.19 10.51 -5.47
N VAL D 123 -22.03 9.88 -5.32
CA VAL D 123 -21.91 8.49 -4.92
C VAL D 123 -21.09 8.43 -3.64
N GLY D 124 -21.19 7.33 -2.91
CA GLY D 124 -20.39 7.23 -1.70
C GLY D 124 -20.63 5.95 -0.92
N LYS D 125 -20.23 5.99 0.35
CA LYS D 125 -20.35 4.85 1.26
C LYS D 125 -21.09 5.27 2.52
N VAL D 126 -21.87 4.37 3.08
CA VAL D 126 -22.67 4.64 4.28
C VAL D 126 -22.23 3.68 5.38
N HIS D 127 -21.97 4.21 6.57
CA HIS D 127 -21.59 3.42 7.73
C HIS D 127 -22.64 3.59 8.81
N ILE D 128 -23.26 2.49 9.23
CA ILE D 128 -24.37 2.52 10.16
C ILE D 128 -24.02 1.62 11.34
N GLY D 129 -24.24 2.09 12.55
CA GLY D 129 -24.08 1.26 13.71
C GLY D 129 -25.18 1.46 14.73
N TYR D 130 -25.58 0.43 15.45
CA TYR D 130 -26.66 0.62 16.41
C TYR D 130 -26.45 -0.29 17.61
N LEU D 131 -27.09 0.07 18.71
CA LEU D 131 -27.12 -0.75 19.93
C LEU D 131 -28.52 -1.35 20.08
N PRO D 132 -28.72 -2.63 19.80
CA PRO D 132 -30.05 -3.20 19.88
C PRO D 132 -30.50 -3.36 21.32
N ASN D 133 -31.79 -3.10 21.54
CA ASN D 133 -32.42 -3.18 22.85
C ASN D 133 -33.39 -4.34 22.77
N LYS D 134 -32.86 -5.55 22.96
CA LYS D 134 -33.54 -6.85 22.92
C LYS D 134 -34.24 -7.15 21.60
N GLN D 135 -33.97 -6.42 20.52
CA GLN D 135 -34.52 -6.69 19.20
C GLN D 135 -33.45 -6.38 18.17
N VAL D 136 -33.01 -7.40 17.45
CA VAL D 136 -31.99 -7.28 16.42
C VAL D 136 -32.69 -7.20 15.07
N LEU D 137 -32.27 -6.26 14.22
CA LEU D 137 -32.74 -6.16 12.86
C LEU D 137 -31.81 -6.94 11.92
N GLY D 138 -32.38 -7.46 10.84
CA GLY D 138 -31.56 -8.23 9.90
C GLY D 138 -30.62 -7.34 9.12
N LEU D 139 -29.51 -7.93 8.70
CA LEU D 139 -28.41 -7.13 8.15
C LEU D 139 -28.72 -6.67 6.74
N SER D 140 -29.66 -7.33 6.08
CA SER D 140 -30.04 -6.90 4.73
C SER D 140 -31.01 -5.73 4.79
N LYS D 141 -31.86 -5.68 5.82
CA LYS D 141 -32.85 -4.63 5.88
C LYS D 141 -32.21 -3.31 6.30
N LEU D 142 -31.06 -3.35 6.94
CA LEU D 142 -30.32 -2.12 7.21
C LEU D 142 -29.77 -1.50 5.95
N ALA D 143 -29.42 -2.33 4.97
CA ALA D 143 -28.91 -1.88 3.68
C ALA D 143 -30.00 -1.63 2.67
N ARG D 144 -31.22 -2.05 2.96
CA ARG D 144 -32.38 -1.87 2.11
C ARG D 144 -33.21 -0.66 2.52
N ILE D 145 -32.99 -0.17 3.74
CA ILE D 145 -33.47 1.13 4.22
C ILE D 145 -32.78 2.24 3.46
N VAL D 146 -31.46 2.10 3.24
CA VAL D 146 -30.63 3.09 2.57
C VAL D 146 -31.09 3.25 1.12
N GLU D 147 -31.46 2.15 0.49
CA GLU D 147 -31.95 2.18 -0.89
C GLU D 147 -33.25 2.97 -1.01
N ILE D 148 -34.00 3.10 0.08
CA ILE D 148 -35.25 3.87 0.04
C ILE D 148 -34.94 5.36 0.00
N TYR D 149 -34.00 5.80 0.84
CA TYR D 149 -33.76 7.22 1.02
C TYR D 149 -32.66 7.78 0.14
N SER D 150 -31.78 6.93 -0.40
CA SER D 150 -30.75 7.47 -1.29
C SER D 150 -31.26 7.56 -2.72
N ARG D 151 -32.22 6.71 -3.11
CA ARG D 151 -32.82 6.75 -4.44
C ARG D 151 -33.92 7.80 -4.52
N ARG D 152 -33.56 9.03 -4.17
CA ARG D 152 -34.45 10.18 -4.24
C ARG D 152 -33.60 11.35 -4.66
N LEU D 153 -34.25 12.48 -4.90
CA LEU D 153 -33.50 13.73 -5.01
C LEU D 153 -33.15 14.19 -3.61
N GLN D 154 -31.85 14.21 -3.29
CA GLN D 154 -31.45 14.45 -1.90
C GLN D 154 -30.41 15.57 -1.77
N VAL D 155 -30.20 15.93 -0.52
CA VAL D 155 -29.11 16.77 -0.03
C VAL D 155 -28.47 16.00 1.10
N GLN D 156 -27.12 15.95 1.13
CA GLN D 156 -26.42 14.96 1.96
C GLN D 156 -26.66 15.15 3.45
N GLU D 157 -26.83 16.40 3.90
CA GLU D 157 -27.22 16.65 5.27
C GLU D 157 -28.61 16.10 5.58
N ARG D 158 -29.54 16.18 4.62
CA ARG D 158 -30.85 15.60 4.86
C ARG D 158 -30.82 14.09 4.73
N LEU D 159 -29.97 13.59 3.84
CA LEU D 159 -29.87 12.15 3.61
C LEU D 159 -29.31 11.42 4.83
N THR D 160 -28.40 12.08 5.56
CA THR D 160 -27.81 11.47 6.74
C THR D 160 -28.83 11.30 7.85
N LYS D 161 -29.67 12.32 8.05
CA LYS D 161 -30.59 12.36 9.17
C LYS D 161 -31.75 11.40 8.97
N GLN D 162 -32.16 11.15 7.73
CA GLN D 162 -33.37 10.38 7.48
C GLN D 162 -33.14 8.89 7.69
N ILE D 163 -31.92 8.40 7.45
CA ILE D 163 -31.62 7.00 7.71
C ILE D 163 -31.65 6.73 9.21
N ALA D 164 -31.07 7.64 10.00
CA ALA D 164 -30.96 7.42 11.43
C ALA D 164 -32.30 7.54 12.13
N VAL D 165 -33.21 8.36 11.58
CA VAL D 165 -34.55 8.44 12.15
C VAL D 165 -35.40 7.24 11.72
N ALA D 166 -35.13 6.69 10.53
CA ALA D 166 -35.86 5.52 10.07
C ALA D 166 -35.46 4.26 10.83
N ILE D 167 -34.23 4.22 11.33
CA ILE D 167 -33.81 3.07 12.13
C ILE D 167 -34.31 3.20 13.56
N THR D 168 -34.42 4.44 14.05
CA THR D 168 -34.95 4.69 15.39
C THR D 168 -36.42 4.30 15.48
N GLU D 169 -37.21 4.64 14.47
CA GLU D 169 -38.64 4.37 14.52
C GLU D 169 -38.95 2.90 14.25
N ALA D 170 -37.99 2.16 13.72
CA ALA D 170 -38.24 0.76 13.39
C ALA D 170 -37.97 -0.18 14.57
N LEU D 171 -36.87 0.05 15.28
CA LEU D 171 -36.40 -0.86 16.32
C LEU D 171 -36.64 -0.37 17.73
N ARG D 172 -36.76 0.95 17.91
CA ARG D 172 -36.49 1.63 19.17
C ARG D 172 -35.20 1.15 19.85
N PRO D 173 -34.02 1.45 19.28
CA PRO D 173 -32.79 0.97 19.90
C PRO D 173 -32.26 1.98 20.91
N ALA D 174 -31.15 1.65 21.56
CA ALA D 174 -30.58 2.56 22.54
C ALA D 174 -29.80 3.69 21.89
N GLY D 175 -29.34 3.48 20.66
CA GLY D 175 -28.57 4.51 19.99
C GLY D 175 -28.29 4.11 18.56
N VAL D 176 -28.21 5.11 17.70
CA VAL D 176 -27.97 4.95 16.26
C VAL D 176 -26.82 5.88 15.89
N GLY D 177 -25.93 5.42 15.01
CA GLY D 177 -24.94 6.28 14.41
C GLY D 177 -24.92 6.11 12.91
N VAL D 178 -24.74 7.19 12.16
CA VAL D 178 -24.70 7.16 10.69
C VAL D 178 -23.56 8.06 10.22
N VAL D 179 -22.65 7.53 9.41
CA VAL D 179 -21.60 8.30 8.76
C VAL D 179 -21.73 8.06 7.26
N VAL D 180 -21.79 9.14 6.48
CA VAL D 180 -21.95 9.07 5.03
C VAL D 180 -20.79 9.84 4.39
N GLU D 181 -19.96 9.16 3.59
CA GLU D 181 -18.93 9.80 2.78
C GLU D 181 -19.48 9.90 1.36
N ALA D 182 -19.13 10.96 0.64
CA ALA D 182 -19.65 11.14 -0.71
C ALA D 182 -18.79 12.11 -1.51
N THR D 183 -18.74 11.88 -2.81
CA THR D 183 -18.09 12.76 -3.77
C THR D 183 -19.14 13.37 -4.70
N HIS D 184 -19.20 14.69 -4.73
CA HIS D 184 -20.22 15.40 -5.49
C HIS D 184 -19.69 15.75 -6.87
N MET D 185 -20.33 15.21 -7.90
CA MET D 185 -19.90 15.46 -9.27
C MET D 185 -20.19 16.89 -9.70
N CYS D 186 -21.06 17.60 -8.98
CA CYS D 186 -21.25 19.04 -9.14
C CYS D 186 -20.19 19.85 -8.40
N MET D 187 -19.13 19.21 -7.90
CA MET D 187 -17.93 19.89 -7.45
C MET D 187 -16.69 19.42 -8.18
N VAL D 188 -16.73 18.24 -8.79
CA VAL D 188 -15.60 17.64 -9.47
C VAL D 188 -15.61 18.00 -10.94
N MET D 189 -16.73 17.70 -11.62
CA MET D 189 -16.85 18.00 -13.03
C MET D 189 -16.96 19.49 -13.26
N ARG D 190 -18.00 20.10 -12.71
CA ARG D 190 -18.35 21.47 -13.04
C ARG D 190 -18.19 22.39 -11.83
N GLY D 191 -17.89 23.64 -12.12
CA GLY D 191 -17.83 24.66 -11.08
C GLY D 191 -16.45 24.92 -10.54
N VAL D 192 -16.12 24.31 -9.40
CA VAL D 192 -14.85 24.59 -8.74
C VAL D 192 -13.77 23.64 -9.22
N GLN D 193 -14.16 22.41 -9.58
CA GLN D 193 -13.30 21.36 -10.09
C GLN D 193 -12.20 20.98 -9.09
N LYS D 194 -12.66 20.50 -7.94
CA LYS D 194 -11.83 19.84 -6.95
C LYS D 194 -12.12 18.36 -7.05
N MET D 195 -11.24 17.63 -7.74
CA MET D 195 -11.54 16.25 -8.11
C MET D 195 -11.34 15.31 -6.93
N ASN D 196 -10.66 15.78 -5.89
CA ASN D 196 -10.32 14.95 -4.74
C ASN D 196 -11.20 15.21 -3.52
N SER D 197 -12.04 16.23 -3.54
CA SER D 197 -12.83 16.59 -2.37
C SER D 197 -13.93 15.58 -2.11
N LYS D 198 -14.29 15.42 -0.83
CA LYS D 198 -15.16 14.33 -0.39
C LYS D 198 -15.81 14.71 0.94
N THR D 199 -17.08 15.11 0.89
CA THR D 199 -17.73 15.60 2.09
C THR D 199 -18.19 14.45 2.97
N VAL D 200 -17.93 14.55 4.28
CA VAL D 200 -18.38 13.57 5.27
C VAL D 200 -19.41 14.24 6.18
N THR D 201 -20.55 13.57 6.40
CA THR D 201 -21.54 14.00 7.38
C THR D 201 -21.79 12.87 8.37
N SER D 202 -22.33 13.21 9.53
CA SER D 202 -22.33 12.27 10.64
C SER D 202 -23.41 12.58 11.66
N THR D 203 -24.36 11.66 11.84
CA THR D 203 -25.48 11.80 12.77
C THR D 203 -25.38 10.77 13.87
N MET D 204 -25.50 11.21 15.12
CA MET D 204 -25.49 10.31 16.27
C MET D 204 -26.74 10.57 17.09
N LEU D 205 -27.46 9.51 17.45
CA LEU D 205 -28.71 9.62 18.21
C LEU D 205 -28.65 8.70 19.41
N GLY D 206 -29.39 9.03 20.45
CA GLY D 206 -29.48 8.14 21.59
C GLY D 206 -28.23 8.20 22.44
N VAL D 207 -27.69 7.04 22.80
CA VAL D 207 -26.49 7.02 23.63
C VAL D 207 -25.22 7.05 22.81
N PHE D 208 -25.31 7.24 21.50
CA PHE D 208 -24.10 7.62 20.79
C PHE D 208 -23.81 9.10 20.99
N ARG D 209 -24.84 9.89 21.31
CA ARG D 209 -24.72 11.32 21.53
C ARG D 209 -24.41 11.63 22.99
N GLU D 210 -24.98 10.86 23.91
CA GLU D 210 -24.84 11.17 25.33
C GLU D 210 -23.54 10.61 25.89
N ASP D 211 -23.14 9.42 25.45
CA ASP D 211 -21.96 8.74 25.98
C ASP D 211 -20.79 8.93 25.03
N PRO D 212 -19.66 9.48 25.48
CA PRO D 212 -18.52 9.62 24.57
C PRO D 212 -17.71 8.35 24.40
N LYS D 213 -17.83 7.38 25.31
CA LYS D 213 -17.10 6.13 25.14
C LYS D 213 -17.83 5.17 24.23
N THR D 214 -19.05 5.53 23.81
CA THR D 214 -19.81 4.70 22.89
C THR D 214 -19.61 5.18 21.46
N ARG D 215 -19.21 6.43 21.30
CA ARG D 215 -18.97 6.95 19.97
C ARG D 215 -17.52 6.72 19.55
N GLU D 216 -16.63 6.52 20.51
CA GLU D 216 -15.23 6.29 20.17
C GLU D 216 -14.97 4.85 19.76
N GLU D 217 -15.93 3.97 20.00
CA GLU D 217 -15.80 2.57 19.57
C GLU D 217 -16.34 2.38 18.16
N PHE D 218 -17.45 3.04 17.85
CA PHE D 218 -18.03 3.06 16.51
C PHE D 218 -17.04 3.62 15.49
N LEU D 219 -16.30 4.67 15.86
CA LEU D 219 -15.39 5.32 14.92
C LEU D 219 -14.10 4.53 14.73
N THR D 220 -13.90 3.47 15.50
CA THR D 220 -12.66 2.71 15.44
C THR D 220 -12.82 1.42 14.64
N LEU D 221 -13.93 0.72 14.84
CA LEU D 221 -14.16 -0.55 14.16
C LEU D 221 -14.47 -0.36 12.68
N ILE D 222 -15.03 0.78 12.28
CA ILE D 222 -15.30 1.05 10.87
C ILE D 222 -14.03 1.28 10.07
N ARG D 223 -12.91 1.52 10.74
CA ARG D 223 -11.64 1.74 10.09
C ARG D 223 -10.99 0.41 9.72
N LEU E 42 42.59 20.27 8.96
CA LEU E 42 42.48 19.24 7.91
C LEU E 42 43.74 18.38 7.63
N PRO E 43 44.97 18.94 7.59
CA PRO E 43 46.12 18.04 7.43
C PRO E 43 46.38 17.14 8.62
N ASN E 44 45.90 17.48 9.82
CA ASN E 44 46.00 16.56 10.93
C ASN E 44 45.00 15.42 10.81
N LEU E 45 43.80 15.71 10.30
CA LEU E 45 42.86 14.64 10.01
C LEU E 45 43.30 13.83 8.80
N ALA E 46 43.91 14.46 7.80
CA ALA E 46 44.35 13.75 6.61
C ALA E 46 45.45 12.75 6.94
N ALA E 47 46.28 13.06 7.94
CA ALA E 47 47.24 12.08 8.43
C ALA E 47 46.58 11.07 9.36
N ALA E 48 45.42 11.43 9.91
CA ALA E 48 44.79 10.59 10.92
C ALA E 48 44.00 9.45 10.29
N TYR E 49 43.48 9.64 9.09
CA TYR E 49 42.92 8.51 8.36
C TYR E 49 43.98 7.74 7.60
N SER E 50 45.19 8.31 7.45
CA SER E 50 46.25 7.59 6.77
C SER E 50 46.80 6.46 7.63
N SER E 51 46.74 6.62 8.95
CA SER E 51 47.19 5.56 9.84
C SER E 51 46.11 4.50 10.04
N ILE E 52 44.86 4.82 9.71
CA ILE E 52 43.79 3.82 9.73
C ILE E 52 43.93 2.88 8.54
N LEU E 53 44.19 3.44 7.35
CA LEU E 53 44.26 2.63 6.14
C LEU E 53 45.46 1.68 6.17
N SER E 54 46.55 2.11 6.78
CA SER E 54 47.70 1.23 6.94
C SER E 54 47.44 0.16 7.99
N SER E 55 46.54 0.43 8.94
CA SER E 55 46.34 -0.49 10.05
C SER E 55 45.38 -1.63 9.71
N LEU E 56 44.54 -1.47 8.70
CA LEU E 56 43.58 -2.50 8.34
C LEU E 56 44.13 -3.54 7.37
N GLY E 57 45.38 -3.39 6.92
CA GLY E 57 45.94 -4.29 5.93
C GLY E 57 45.72 -3.85 4.50
N GLU E 58 45.33 -2.59 4.28
CA GLU E 58 45.15 -2.08 2.94
C GLU E 58 46.48 -1.70 2.32
N ASN E 59 46.40 -1.20 1.10
CA ASN E 59 47.53 -0.56 0.47
C ASN E 59 47.10 0.86 0.10
N PRO E 60 47.65 1.90 0.72
CA PRO E 60 47.24 3.27 0.37
C PRO E 60 47.79 3.76 -0.96
N GLN E 61 48.55 2.94 -1.68
CA GLN E 61 49.19 3.36 -2.92
C GLN E 61 48.35 3.10 -4.16
N ARG E 62 47.31 2.30 -4.07
CA ARG E 62 46.51 2.01 -5.25
C ARG E 62 45.58 3.19 -5.56
N GLN E 63 44.95 3.11 -6.74
CA GLN E 63 44.26 4.28 -7.31
C GLN E 63 43.02 4.65 -6.50
N GLY E 64 42.36 3.66 -5.90
CA GLY E 64 41.19 3.97 -5.08
C GLY E 64 41.51 4.70 -3.79
N LEU E 65 42.67 4.42 -3.20
CA LEU E 65 43.02 4.96 -1.88
C LEU E 65 44.10 6.03 -1.92
N LEU E 66 44.18 6.84 -2.98
CA LEU E 66 45.13 7.94 -3.02
C LEU E 66 44.55 9.20 -2.40
N LYS E 67 43.39 9.64 -2.88
CA LYS E 67 42.73 10.81 -2.31
C LYS E 67 41.80 10.46 -1.16
N THR E 68 41.81 9.20 -0.70
CA THR E 68 40.95 8.80 0.40
C THR E 68 41.29 9.45 1.74
N PRO E 69 42.58 9.66 2.13
CA PRO E 69 42.82 10.53 3.30
C PRO E 69 42.30 11.96 3.18
N TRP E 70 42.31 12.56 2.00
CA TRP E 70 41.93 13.97 1.89
C TRP E 70 40.45 14.17 1.57
N ARG E 71 39.77 13.14 1.08
CA ARG E 71 38.32 13.26 0.84
C ARG E 71 37.51 12.83 2.05
N ALA E 72 38.01 11.85 2.81
CA ALA E 72 37.28 11.39 3.97
C ALA E 72 37.43 12.36 5.14
N ALA E 73 38.56 13.05 5.22
CA ALA E 73 38.79 13.98 6.31
C ALA E 73 37.95 15.24 6.14
N SER E 74 37.68 15.63 4.88
CA SER E 74 36.82 16.79 4.66
C SER E 74 35.36 16.43 4.86
N ALA E 75 35.04 15.13 4.83
CA ALA E 75 33.67 14.69 5.10
C ALA E 75 33.45 14.51 6.59
N MET E 76 34.53 14.48 7.38
CA MET E 76 34.37 14.39 8.83
C MET E 76 34.25 15.79 9.43
N GLN E 77 34.62 16.82 8.68
CA GLN E 77 34.38 18.19 9.10
C GLN E 77 33.04 18.71 8.60
N PHE E 78 32.43 18.02 7.65
CA PHE E 78 31.06 18.34 7.30
C PHE E 78 30.10 17.74 8.32
N PHE E 79 30.43 16.57 8.85
CA PHE E 79 29.53 15.87 9.76
C PHE E 79 29.56 16.46 11.15
N THR E 80 30.61 17.21 11.48
CA THR E 80 30.73 17.90 12.76
C THR E 80 30.93 19.40 12.55
N LYS E 81 30.21 20.01 11.63
CA LYS E 81 30.32 21.46 11.42
C LYS E 81 29.30 22.23 12.23
N GLY E 82 28.55 21.57 13.10
CA GLY E 82 27.54 22.28 13.87
C GLY E 82 28.11 23.08 15.01
N TYR E 83 29.36 22.83 15.39
CA TYR E 83 29.91 23.47 16.57
C TYR E 83 30.20 24.95 16.34
N GLN E 84 30.45 25.33 15.09
CA GLN E 84 30.78 26.73 14.81
C GLN E 84 29.53 27.56 14.55
N GLU E 85 28.34 26.95 14.64
CA GLU E 85 27.11 27.69 14.41
C GLU E 85 26.45 28.08 15.73
N THR E 86 25.68 29.17 15.69
CA THR E 86 25.08 29.78 16.87
C THR E 86 23.64 30.14 16.54
N ILE E 87 22.76 30.09 17.56
CA ILE E 87 21.33 30.30 17.35
C ILE E 87 21.04 31.70 16.85
N SER E 88 21.76 32.70 17.39
CA SER E 88 21.47 34.09 17.06
C SER E 88 21.87 34.42 15.62
N ASP E 89 22.94 33.79 15.13
CA ASP E 89 23.42 34.05 13.77
C ASP E 89 22.54 33.37 12.73
N VAL E 90 21.76 32.37 13.15
CA VAL E 90 21.01 31.53 12.23
C VAL E 90 19.59 32.03 12.05
N LEU E 91 18.96 32.49 13.13
CA LEU E 91 17.57 32.92 13.09
C LEU E 91 17.35 34.15 12.21
N ASN E 92 18.35 35.05 12.14
CA ASN E 92 18.45 36.10 11.12
C ASN E 92 17.26 37.06 11.18
N ASP E 93 16.80 37.35 12.40
CA ASP E 93 15.74 38.32 12.71
C ASP E 93 14.41 37.91 12.06
N ALA E 94 14.22 36.60 11.86
CA ALA E 94 12.99 36.07 11.27
C ALA E 94 12.08 35.51 12.38
N ILE E 95 11.58 36.39 13.22
CA ILE E 95 10.56 36.06 14.21
C ILE E 95 9.44 37.06 14.02
N PHE E 96 8.28 36.59 13.58
CA PHE E 96 7.22 37.43 13.06
C PHE E 96 6.08 37.59 14.05
N ASP E 97 5.58 38.82 14.17
CA ASP E 97 4.58 39.16 15.16
C ASP E 97 3.19 39.06 14.55
N GLU E 98 2.34 38.24 15.16
CA GLU E 98 1.03 37.90 14.63
C GLU E 98 0.21 37.23 15.72
N ASP E 99 -1.11 37.45 15.68
CA ASP E 99 -2.03 37.04 16.74
C ASP E 99 -2.46 35.57 16.64
N HIS E 100 -1.67 34.73 15.97
CA HIS E 100 -2.06 33.34 15.72
C HIS E 100 -1.54 32.47 16.86
N ASP E 101 -2.43 32.08 17.77
CA ASP E 101 -2.07 31.28 18.93
C ASP E 101 -2.47 29.81 18.79
N GLU E 102 -2.47 29.29 17.57
CA GLU E 102 -2.91 27.93 17.31
C GLU E 102 -1.70 27.10 16.88
N MET E 103 -1.89 25.77 16.83
CA MET E 103 -0.76 24.84 16.77
C MET E 103 -0.11 24.84 15.39
N VAL E 104 1.23 24.75 15.39
CA VAL E 104 2.05 24.71 14.18
C VAL E 104 2.96 23.49 14.27
N ILE E 105 2.83 22.56 13.34
CA ILE E 105 3.61 21.33 13.33
C ILE E 105 4.43 21.26 12.05
N VAL E 106 5.73 21.01 12.18
CA VAL E 106 6.63 20.86 11.03
C VAL E 106 7.16 19.43 11.06
N LYS E 107 6.67 18.60 10.16
CA LYS E 107 6.95 17.17 10.18
C LYS E 107 7.87 16.78 9.04
N ASP E 108 8.40 15.54 9.15
CA ASP E 108 9.33 14.91 8.21
C ASP E 108 10.61 15.71 7.99
N ILE E 109 11.18 16.34 9.02
CA ILE E 109 12.48 16.97 8.83
C ILE E 109 13.53 15.88 8.90
N ASP E 110 14.39 15.81 7.89
CA ASP E 110 15.42 14.78 7.81
C ASP E 110 16.68 15.22 8.54
N MET E 111 17.12 14.42 9.49
CA MET E 111 18.41 14.64 10.15
C MET E 111 19.35 13.52 9.74
N PHE E 112 20.65 13.74 9.98
CA PHE E 112 21.71 12.80 9.65
C PHE E 112 22.83 13.04 10.64
N SER E 113 22.92 12.21 11.67
CA SER E 113 23.86 12.48 12.75
C SER E 113 24.94 11.41 12.83
N MET E 114 25.96 11.71 13.61
CA MET E 114 27.07 10.80 13.89
C MET E 114 27.01 10.41 15.35
N CYS E 115 26.94 9.11 15.62
CA CYS E 115 26.97 8.62 16.98
C CYS E 115 28.34 8.89 17.60
N GLU E 116 28.40 8.97 18.92
CA GLU E 116 29.64 9.31 19.58
C GLU E 116 30.21 8.19 20.43
N HIS E 117 29.60 7.01 20.41
CA HIS E 117 30.24 5.85 21.00
C HIS E 117 31.03 5.07 19.97
N HIS E 118 30.46 4.83 18.80
CA HIS E 118 31.10 4.05 17.76
C HIS E 118 31.54 4.85 16.55
N LEU E 119 31.24 6.16 16.47
CA LEU E 119 31.58 7.05 15.35
C LEU E 119 30.99 6.54 14.03
N VAL E 120 29.78 5.98 14.11
CA VAL E 120 29.10 5.37 12.98
C VAL E 120 27.76 6.08 12.86
N PRO E 121 27.30 6.47 11.66
CA PRO E 121 26.10 7.32 11.57
C PRO E 121 24.81 6.71 12.07
N PHE E 122 23.86 7.57 12.40
CA PHE E 122 22.46 7.20 12.50
C PHE E 122 21.64 8.30 11.85
N VAL E 123 20.61 7.91 11.11
CA VAL E 123 19.80 8.79 10.29
C VAL E 123 18.36 8.68 10.76
N GLY E 124 17.54 9.68 10.44
CA GLY E 124 16.15 9.59 10.82
C GLY E 124 15.33 10.80 10.43
N LYS E 125 14.18 10.94 11.10
CA LYS E 125 13.24 12.03 10.86
C LYS E 125 12.93 12.73 12.16
N VAL E 126 12.72 14.05 12.10
CA VAL E 126 12.44 14.87 13.26
C VAL E 126 11.08 15.52 13.09
N HIS E 127 10.22 15.44 14.11
CA HIS E 127 8.91 16.04 14.11
C HIS E 127 8.84 17.07 15.22
N ILE E 128 8.57 18.32 14.87
CA ILE E 128 8.59 19.43 15.81
C ILE E 128 7.24 20.14 15.74
N GLY E 129 6.66 20.42 16.89
CA GLY E 129 5.45 21.22 16.94
C GLY E 129 5.48 22.23 18.05
N TYR E 130 4.88 23.40 17.87
CA TYR E 130 4.91 24.39 18.93
C TYR E 130 3.63 25.21 18.91
N LEU E 131 3.34 25.84 20.05
CA LEU E 131 2.24 26.79 20.19
C LEU E 131 2.80 28.19 20.30
N PRO E 132 2.72 29.01 19.25
CA PRO E 132 3.31 30.34 19.32
C PRO E 132 2.49 31.26 20.21
N ASN E 133 3.22 32.11 20.94
CA ASN E 133 2.64 33.06 21.88
C ASN E 133 2.92 34.44 21.30
N LYS E 134 2.08 34.85 20.36
CA LYS E 134 2.12 36.10 19.60
C LYS E 134 3.39 36.33 18.81
N GLN E 135 4.23 35.31 18.61
CA GLN E 135 5.44 35.41 17.79
C GLN E 135 5.63 34.10 17.06
N VAL E 136 5.53 34.15 15.73
CA VAL E 136 5.69 32.98 14.87
C VAL E 136 7.11 32.97 14.35
N LEU E 137 7.76 31.80 14.38
CA LEU E 137 9.07 31.60 13.79
C LEU E 137 8.91 31.08 12.36
N GLY E 138 9.87 31.42 11.51
CA GLY E 138 9.80 30.98 10.12
C GLY E 138 10.06 29.50 9.99
N LEU E 139 9.48 28.90 8.95
CA LEU E 139 9.45 27.45 8.85
C LEU E 139 10.80 26.89 8.43
N SER E 140 11.66 27.74 7.85
CA SER E 140 12.99 27.28 7.48
C SER E 140 13.93 27.29 8.69
N LYS E 141 13.73 28.22 9.62
CA LYS E 141 14.62 28.32 10.75
C LYS E 141 14.36 27.22 11.76
N LEU E 142 13.17 26.64 11.74
CA LEU E 142 12.91 25.46 12.56
C LEU E 142 13.68 24.25 12.07
N ALA E 143 13.88 24.16 10.77
CA ALA E 143 14.64 23.07 10.16
C ALA E 143 16.12 23.35 10.08
N ARG E 144 16.54 24.58 10.35
CA ARG E 144 17.92 25.00 10.33
C ARG E 144 18.53 25.01 11.73
N ILE E 145 17.68 24.99 12.75
CA ILE E 145 18.05 24.72 14.14
C ILE E 145 18.51 23.28 14.27
N VAL E 146 17.80 22.36 13.63
CA VAL E 146 18.10 20.92 13.67
C VAL E 146 19.47 20.65 13.07
N GLU E 147 19.81 21.35 12.00
CA GLU E 147 21.11 21.21 11.34
C GLU E 147 22.24 21.61 12.27
N ILE E 148 21.97 22.46 13.27
CA ILE E 148 23.02 22.86 14.20
C ILE E 148 23.33 21.74 15.17
N TYR E 149 22.29 21.09 15.69
CA TYR E 149 22.47 20.13 16.77
C TYR E 149 22.60 18.69 16.28
N SER E 150 22.17 18.38 15.05
CA SER E 150 22.34 17.02 14.58
C SER E 150 23.72 16.82 13.96
N ARG E 151 24.31 17.89 13.40
CA ARG E 151 25.65 17.84 12.82
C ARG E 151 26.73 17.96 13.89
N ARG E 152 26.65 17.08 14.88
CA ARG E 152 27.61 17.00 15.97
C ARG E 152 27.76 15.52 16.31
N LEU E 153 28.69 15.23 17.19
CA LEU E 153 28.71 13.91 17.80
C LEU E 153 27.64 13.86 18.86
N GLN E 154 26.60 13.03 18.66
CA GLN E 154 25.43 13.08 19.53
C GLN E 154 25.06 11.72 20.10
N VAL E 155 24.15 11.78 21.05
CA VAL E 155 23.39 10.66 21.61
C VAL E 155 21.93 11.06 21.52
N GLN E 156 21.07 10.14 21.06
CA GLN E 156 19.72 10.53 20.61
C GLN E 156 18.86 11.10 21.73
N GLU E 157 19.04 10.62 22.96
CA GLU E 157 18.38 11.23 24.11
C GLU E 157 18.84 12.67 24.34
N ARG E 158 20.13 12.95 24.12
CA ARG E 158 20.59 14.32 24.26
C ARG E 158 20.18 15.15 23.06
N LEU E 159 20.13 14.54 21.89
CA LEU E 159 19.77 15.26 20.67
C LEU E 159 18.32 15.72 20.69
N THR E 160 17.44 14.94 21.32
CA THR E 160 16.03 15.30 21.39
C THR E 160 15.82 16.51 22.28
N LYS E 161 16.52 16.57 23.41
CA LYS E 161 16.29 17.60 24.40
C LYS E 161 16.85 18.94 23.96
N GLN E 162 17.91 18.94 23.15
CA GLN E 162 18.59 20.19 22.83
C GLN E 162 17.83 20.99 21.79
N ILE E 163 17.09 20.33 20.90
CA ILE E 163 16.26 21.06 19.93
C ILE E 163 15.12 21.76 20.66
N ALA E 164 14.49 21.07 21.61
CA ALA E 164 13.32 21.62 22.28
C ALA E 164 13.69 22.76 23.21
N VAL E 165 14.90 22.74 23.77
CA VAL E 165 15.35 23.84 24.61
C VAL E 165 15.80 25.02 23.74
N ALA E 166 16.31 24.74 22.54
CA ALA E 166 16.72 25.82 21.64
C ALA E 166 15.53 26.55 21.05
N ILE E 167 14.39 25.88 20.93
CA ILE E 167 13.19 26.54 20.43
C ILE E 167 12.52 27.32 21.56
N THR E 168 12.63 26.83 22.80
CA THR E 168 12.07 27.52 23.94
C THR E 168 12.79 28.85 24.19
N GLU E 169 14.12 28.85 24.08
CA GLU E 169 14.88 30.06 24.38
C GLU E 169 14.79 31.07 23.25
N ALA E 170 14.35 30.65 22.07
CA ALA E 170 14.29 31.55 20.92
C ALA E 170 12.98 32.34 20.88
N LEU E 171 11.86 31.66 21.11
CA LEU E 171 10.53 32.23 20.92
C LEU E 171 9.83 32.61 22.22
N ARG E 172 10.19 31.95 23.32
CA ARG E 172 9.33 31.78 24.50
C ARG E 172 7.90 31.39 24.14
N PRO E 173 7.68 30.17 23.63
CA PRO E 173 6.31 29.78 23.26
C PRO E 173 5.58 29.16 24.43
N ALA E 174 4.32 28.78 24.22
CA ALA E 174 3.56 28.17 25.31
C ALA E 174 3.91 26.71 25.48
N GLY E 175 4.44 26.07 24.45
CA GLY E 175 4.77 24.66 24.53
C GLY E 175 5.50 24.21 23.29
N VAL E 176 6.39 23.24 23.48
CA VAL E 176 7.21 22.67 22.42
C VAL E 176 7.07 21.16 22.51
N GLY E 177 7.00 20.49 21.36
CA GLY E 177 7.10 19.05 21.29
C GLY E 177 8.12 18.61 20.26
N VAL E 178 8.88 17.56 20.54
CA VAL E 178 9.89 17.04 19.62
C VAL E 178 9.81 15.52 19.64
N VAL E 179 9.67 14.91 18.46
CA VAL E 179 9.73 13.46 18.29
C VAL E 179 10.81 13.17 17.26
N VAL E 180 11.75 12.29 17.60
CA VAL E 180 12.87 11.94 16.72
C VAL E 180 12.87 10.42 16.52
N GLU E 181 12.70 9.97 15.29
CA GLU E 181 12.85 8.56 14.93
C GLU E 181 14.24 8.40 14.33
N ALA E 182 14.88 7.25 14.54
CA ALA E 182 16.23 7.05 14.04
C ALA E 182 16.58 5.56 13.99
N THR E 183 17.42 5.21 13.02
CA THR E 183 17.98 3.88 12.87
C THR E 183 19.48 3.94 13.09
N HIS E 184 19.97 3.18 14.06
CA HIS E 184 21.38 3.21 14.45
C HIS E 184 22.14 2.14 13.71
N MET E 185 23.12 2.57 12.89
CA MET E 185 23.91 1.62 12.12
C MET E 185 24.85 0.81 13.00
N CYS E 186 25.10 1.27 14.23
CA CYS E 186 25.79 0.49 15.24
C CYS E 186 24.87 -0.51 15.94
N MET E 187 23.66 -0.71 15.44
CA MET E 187 22.80 -1.82 15.81
C MET E 187 22.40 -2.68 14.64
N VAL E 188 22.50 -2.15 13.42
CA VAL E 188 22.08 -2.84 12.20
C VAL E 188 23.27 -3.56 11.59
N MET E 189 24.34 -2.81 11.31
CA MET E 189 25.53 -3.40 10.72
C MET E 189 26.25 -4.31 11.71
N ARG E 190 26.69 -3.74 12.83
CA ARG E 190 27.58 -4.43 13.74
C ARG E 190 26.91 -4.67 15.08
N GLY E 191 27.33 -5.75 15.74
CA GLY E 191 26.86 -6.04 17.08
C GLY E 191 25.70 -7.00 17.15
N VAL E 192 24.49 -6.47 17.28
CA VAL E 192 23.32 -7.32 17.49
C VAL E 192 22.69 -7.69 16.15
N GLN E 193 22.80 -6.79 15.17
CA GLN E 193 22.30 -6.95 13.80
C GLN E 193 20.78 -7.16 13.79
N LYS E 194 20.08 -6.14 14.27
CA LYS E 194 18.65 -6.00 14.12
C LYS E 194 18.42 -4.92 13.06
N MET E 195 18.15 -5.36 11.84
CA MET E 195 18.15 -4.44 10.71
C MET E 195 16.88 -3.59 10.67
N ASN E 196 15.86 -4.01 11.41
CA ASN E 196 14.56 -3.35 11.39
C ASN E 196 14.32 -2.45 12.60
N SER E 197 15.19 -2.47 13.60
CA SER E 197 14.95 -1.72 14.82
C SER E 197 15.11 -0.22 14.59
N LYS E 198 14.36 0.58 15.37
CA LYS E 198 14.24 2.01 15.11
C LYS E 198 13.80 2.71 16.40
N THR E 199 14.75 3.35 17.07
CA THR E 199 14.45 3.95 18.37
C THR E 199 13.74 5.29 18.21
N VAL E 200 12.68 5.50 18.99
CA VAL E 200 11.93 6.75 19.01
C VAL E 200 12.13 7.41 20.37
N THR E 201 12.46 8.70 20.38
CA THR E 201 12.51 9.49 21.60
C THR E 201 11.59 10.70 21.46
N SER E 202 11.19 11.28 22.58
CA SER E 202 10.10 12.25 22.55
C SER E 202 10.14 13.18 23.76
N THR E 203 10.29 14.48 23.49
CA THR E 203 10.38 15.53 24.52
C THR E 203 9.19 16.47 24.39
N MET E 204 8.50 16.73 25.51
CA MET E 204 7.38 17.66 25.55
C MET E 204 7.67 18.69 26.63
N LEU E 205 7.50 19.97 26.31
CA LEU E 205 7.77 21.05 27.24
C LEU E 205 6.57 21.99 27.27
N GLY E 206 6.40 22.68 28.38
CA GLY E 206 5.34 23.69 28.44
C GLY E 206 3.98 23.04 28.60
N VAL E 207 3.02 23.48 27.79
CA VAL E 207 1.68 22.93 27.89
C VAL E 207 1.48 21.71 27.02
N PHE E 208 2.54 21.20 26.39
CA PHE E 208 2.42 19.85 25.85
C PHE E 208 2.58 18.82 26.96
N ARG E 209 3.23 19.19 28.05
CA ARG E 209 3.45 18.33 29.20
C ARG E 209 2.32 18.43 30.20
N GLU E 210 1.76 19.63 30.38
CA GLU E 210 0.75 19.83 31.41
C GLU E 210 -0.63 19.43 30.92
N ASP E 211 -0.93 19.71 29.66
CA ASP E 211 -2.26 19.46 29.11
C ASP E 211 -2.25 18.18 28.30
N PRO E 212 -3.08 17.20 28.60
CA PRO E 212 -3.10 15.97 27.80
C PRO E 212 -3.89 16.10 26.51
N LYS E 213 -4.78 17.09 26.38
CA LYS E 213 -5.51 17.26 25.13
C LYS E 213 -4.71 18.05 24.12
N THR E 214 -3.54 18.56 24.51
CA THR E 214 -2.67 19.28 23.60
C THR E 214 -1.62 18.35 23.03
N ARG E 215 -1.34 17.26 23.71
CA ARG E 215 -0.37 16.29 23.22
C ARG E 215 -1.04 15.25 22.32
N GLU E 216 -2.35 15.07 22.46
CA GLU E 216 -3.04 14.08 21.65
C GLU E 216 -3.38 14.63 20.27
N GLU E 217 -3.23 15.95 20.08
CA GLU E 217 -3.45 16.53 18.76
C GLU E 217 -2.17 16.54 17.95
N PHE E 218 -1.04 16.84 18.60
CA PHE E 218 0.28 16.76 17.98
C PHE E 218 0.58 15.36 17.47
N LEU E 219 0.20 14.32 18.22
CA LEU E 219 0.52 12.95 17.83
C LEU E 219 -0.40 12.44 16.73
N THR E 220 -1.42 13.22 16.35
CA THR E 220 -2.38 12.75 15.36
C THR E 220 -2.11 13.37 13.99
N LEU E 221 -1.81 14.67 13.96
CA LEU E 221 -1.58 15.35 12.69
C LEU E 221 -0.27 14.95 12.03
N ILE E 222 0.74 14.53 12.81
CA ILE E 222 2.00 14.06 12.24
C ILE E 222 1.86 12.73 11.52
N ARG E 223 0.77 12.02 11.74
CA ARG E 223 0.52 10.75 11.10
C ARG E 223 -0.04 10.95 9.70
N LEU F 42 44.84 -3.43 16.82
CA LEU F 42 43.84 -2.63 17.54
C LEU F 42 44.39 -1.42 18.35
N PRO F 43 45.51 -1.52 19.10
CA PRO F 43 46.01 -0.29 19.74
C PRO F 43 46.53 0.76 18.79
N ASN F 44 46.89 0.39 17.55
CA ASN F 44 47.25 1.41 16.58
C ASN F 44 46.01 2.11 16.04
N LEU F 45 44.90 1.38 15.86
CA LEU F 45 43.65 2.02 15.52
C LEU F 45 43.07 2.81 16.68
N ALA F 46 43.25 2.31 17.92
CA ALA F 46 42.72 3.01 19.09
C ALA F 46 43.41 4.36 19.29
N ALA F 47 44.68 4.46 18.91
CA ALA F 47 45.35 5.76 18.91
C ALA F 47 44.98 6.56 17.67
N ALA F 48 44.48 5.89 16.63
CA ALA F 48 44.24 6.58 15.36
C ALA F 48 42.90 7.29 15.37
N TYR F 49 41.92 6.79 16.13
CA TYR F 49 40.71 7.59 16.34
C TYR F 49 40.89 8.59 17.47
N SER F 50 41.93 8.45 18.28
CA SER F 50 42.16 9.42 19.35
C SER F 50 42.64 10.76 18.80
N SER F 51 43.35 10.73 17.67
CA SER F 51 43.80 11.97 17.03
C SER F 51 42.69 12.61 16.20
N ILE F 52 41.66 11.84 15.85
CA ILE F 52 40.51 12.42 15.18
C ILE F 52 39.66 13.21 16.16
N LEU F 53 39.42 12.65 17.36
CA LEU F 53 38.57 13.31 18.34
C LEU F 53 39.19 14.60 18.86
N SER F 54 40.52 14.64 18.96
CA SER F 54 41.19 15.88 19.35
C SER F 54 41.17 16.90 18.21
N SER F 55 41.06 16.43 16.96
CA SER F 55 41.16 17.34 15.83
C SER F 55 39.84 18.04 15.50
N LEU F 56 38.71 17.50 15.93
CA LEU F 56 37.42 18.10 15.62
C LEU F 56 36.98 19.15 16.64
N GLY F 57 37.77 19.39 17.68
CA GLY F 57 37.36 20.31 18.72
C GLY F 57 36.61 19.68 19.86
N GLU F 58 36.63 18.35 19.97
CA GLU F 58 35.96 17.66 21.06
C GLU F 58 36.79 17.71 22.32
N ASN F 59 36.26 17.09 23.36
CA ASN F 59 37.04 16.81 24.55
C ASN F 59 37.00 15.30 24.76
N PRO F 60 38.11 14.58 24.64
CA PRO F 60 38.09 13.13 24.86
C PRO F 60 37.99 12.71 26.31
N GLN F 61 37.91 13.67 27.24
CA GLN F 61 37.92 13.36 28.66
C GLN F 61 36.53 13.18 29.25
N ARG F 62 35.48 13.59 28.54
CA ARG F 62 34.14 13.45 29.09
C ARG F 62 33.65 12.01 28.98
N GLN F 63 32.51 11.73 29.63
CA GLN F 63 32.10 10.36 29.87
C GLN F 63 31.68 9.66 28.57
N GLY F 64 31.14 10.42 27.62
CA GLY F 64 30.77 9.83 26.35
C GLY F 64 31.94 9.39 25.49
N LEU F 65 33.06 10.11 25.58
CA LEU F 65 34.20 9.87 24.71
C LEU F 65 35.40 9.23 25.41
N LEU F 66 35.17 8.39 26.43
CA LEU F 66 36.29 7.69 27.06
C LEU F 66 36.59 6.38 26.36
N LYS F 67 35.60 5.52 26.19
CA LYS F 67 35.78 4.26 25.48
C LYS F 67 35.53 4.39 23.98
N THR F 68 35.35 5.60 23.48
CA THR F 68 35.11 5.81 22.06
C THR F 68 36.31 5.46 21.17
N PRO F 69 37.58 5.75 21.54
CA PRO F 69 38.68 5.14 20.76
C PRO F 69 38.71 3.62 20.72
N TRP F 70 38.31 2.93 21.80
CA TRP F 70 38.44 1.48 21.82
C TRP F 70 37.20 0.75 21.34
N ARG F 71 36.05 1.42 21.28
CA ARG F 71 34.84 0.79 20.74
C ARG F 71 34.70 1.05 19.25
N ALA F 72 35.14 2.21 18.78
CA ALA F 72 35.02 2.50 17.36
C ALA F 72 36.08 1.78 16.55
N ALA F 73 37.25 1.54 17.15
CA ALA F 73 38.31 0.85 16.43
C ALA F 73 38.02 -0.63 16.27
N SER F 74 37.29 -1.22 17.22
CA SER F 74 36.90 -2.61 17.07
C SER F 74 35.73 -2.76 16.10
N ALA F 75 35.01 -1.67 15.83
CA ALA F 75 33.95 -1.69 14.84
C ALA F 75 34.49 -1.44 13.44
N MET F 76 35.73 -0.96 13.34
CA MET F 76 36.35 -0.78 12.03
C MET F 76 37.04 -2.06 11.58
N GLN F 77 37.29 -2.98 12.52
CA GLN F 77 37.80 -4.29 12.17
C GLN F 77 36.68 -5.29 11.94
N PHE F 78 35.46 -4.96 12.36
CA PHE F 78 34.32 -5.76 11.97
C PHE F 78 33.90 -5.43 10.54
N PHE F 79 34.04 -4.17 10.15
CA PHE F 79 33.56 -3.73 8.85
C PHE F 79 34.53 -4.12 7.74
N THR F 80 35.78 -4.42 8.09
CA THR F 80 36.77 -4.88 7.14
C THR F 80 37.35 -6.24 7.56
N LYS F 81 36.51 -7.17 8.04
CA LYS F 81 36.99 -8.49 8.40
C LYS F 81 36.89 -9.49 7.26
N GLY F 82 36.53 -9.03 6.06
CA GLY F 82 36.38 -9.96 4.95
C GLY F 82 37.71 -10.39 4.35
N TYR F 83 38.79 -9.68 4.68
CA TYR F 83 40.07 -9.96 4.04
C TYR F 83 40.67 -11.27 4.52
N GLN F 84 40.35 -11.68 5.74
CA GLN F 84 40.94 -12.90 6.29
C GLN F 84 40.12 -14.13 5.93
N GLU F 85 39.03 -13.96 5.18
CA GLU F 85 38.21 -15.10 4.80
C GLU F 85 38.52 -15.56 3.37
N THR F 86 38.28 -16.83 3.10
CA THR F 86 38.64 -17.48 1.85
C THR F 86 37.46 -18.35 1.41
N ILE F 87 37.30 -18.50 0.10
CA ILE F 87 36.14 -19.20 -0.47
C ILE F 87 36.15 -20.67 -0.07
N SER F 88 37.33 -21.29 -0.04
CA SER F 88 37.40 -22.73 0.22
C SER F 88 37.08 -23.05 1.69
N ASP F 89 37.44 -22.14 2.60
CA ASP F 89 37.20 -22.37 4.02
C ASP F 89 35.73 -22.15 4.36
N VAL F 90 35.00 -21.44 3.50
CA VAL F 90 33.64 -20.99 3.81
C VAL F 90 32.61 -21.98 3.27
N LEU F 91 32.85 -22.50 2.06
CA LEU F 91 31.89 -23.40 1.41
C LEU F 91 31.69 -24.72 2.16
N ASN F 92 32.74 -25.21 2.83
CA ASN F 92 32.65 -26.27 3.85
C ASN F 92 32.08 -27.56 3.27
N ASP F 93 32.47 -27.86 2.02
CA ASP F 93 32.13 -29.09 1.30
C ASP F 93 30.61 -29.24 1.11
N ALA F 94 29.91 -28.11 1.05
CA ALA F 94 28.47 -28.09 0.84
C ALA F 94 28.14 -27.76 -0.61
N ILE F 95 28.50 -28.68 -1.50
CA ILE F 95 28.10 -28.61 -2.91
C ILE F 95 27.48 -29.96 -3.25
N PHE F 96 26.18 -29.95 -3.54
CA PHE F 96 25.38 -31.16 -3.55
C PHE F 96 25.07 -31.59 -4.99
N ASP F 97 25.16 -32.90 -5.23
CA ASP F 97 25.02 -33.45 -6.56
C ASP F 97 23.58 -33.91 -6.79
N GLU F 98 22.96 -33.37 -7.82
CA GLU F 98 21.53 -33.55 -8.10
C GLU F 98 21.24 -33.09 -9.52
N ASP F 99 20.28 -33.77 -10.16
CA ASP F 99 19.97 -33.58 -11.57
C ASP F 99 19.08 -32.37 -11.85
N HIS F 100 19.05 -31.38 -10.97
CA HIS F 100 18.13 -30.25 -11.09
C HIS F 100 18.84 -29.14 -11.86
N ASP F 101 18.49 -28.98 -13.14
CA ASP F 101 19.10 -27.98 -14.02
C ASP F 101 18.21 -26.77 -14.24
N GLU F 102 17.39 -26.42 -13.26
CA GLU F 102 16.44 -25.31 -13.40
C GLU F 102 16.87 -24.17 -12.50
N MET F 103 16.23 -23.01 -12.67
CA MET F 103 16.76 -21.76 -12.12
C MET F 103 16.55 -21.67 -10.61
N VAL F 104 17.55 -21.13 -9.91
CA VAL F 104 17.54 -20.94 -8.47
C VAL F 104 17.89 -19.48 -8.19
N ILE F 105 16.97 -18.76 -7.56
CA ILE F 105 17.14 -17.33 -7.26
C ILE F 105 17.09 -17.13 -5.76
N VAL F 106 18.09 -16.43 -5.21
CA VAL F 106 18.12 -16.11 -3.78
C VAL F 106 18.06 -14.59 -3.67
N LYS F 107 16.92 -14.08 -3.24
CA LYS F 107 16.65 -12.65 -3.25
C LYS F 107 16.64 -12.07 -1.85
N ASP F 108 16.68 -10.75 -1.78
CA ASP F 108 16.70 -9.93 -0.56
C ASP F 108 17.86 -10.26 0.38
N ILE F 109 19.05 -10.55 -0.12
CA ILE F 109 20.18 -10.69 0.78
C ILE F 109 20.67 -9.31 1.17
N ASP F 110 20.78 -9.06 2.46
CA ASP F 110 21.18 -7.76 2.96
C ASP F 110 22.70 -7.67 3.06
N MET F 111 23.27 -6.66 2.41
CA MET F 111 24.69 -6.36 2.54
C MET F 111 24.83 -5.03 3.27
N PHE F 112 26.03 -4.76 3.78
CA PHE F 112 26.35 -3.55 4.52
C PHE F 112 27.83 -3.29 4.30
N SER F 113 28.16 -2.37 3.39
CA SER F 113 29.56 -2.19 3.00
C SER F 113 30.06 -0.83 3.40
N MET F 114 31.38 -0.66 3.30
CA MET F 114 32.06 0.59 3.56
C MET F 114 32.65 1.10 2.25
N CYS F 115 32.28 2.31 1.87
CA CYS F 115 32.86 2.93 0.68
C CYS F 115 34.34 3.21 0.91
N GLU F 116 35.11 3.28 -0.17
CA GLU F 116 36.54 3.47 -0.03
C GLU F 116 37.03 4.79 -0.57
N HIS F 117 36.14 5.69 -0.99
CA HIS F 117 36.55 7.06 -1.27
C HIS F 117 36.36 7.94 -0.06
N HIS F 118 35.21 7.85 0.62
CA HIS F 118 34.90 8.70 1.76
C HIS F 118 34.89 7.97 3.08
N LEU F 119 35.06 6.64 3.12
CA LEU F 119 35.05 5.80 4.32
C LEU F 119 33.72 5.92 5.08
N VAL F 120 32.64 6.05 4.34
CA VAL F 120 31.29 6.25 4.87
C VAL F 120 30.43 5.13 4.33
N PRO F 121 29.58 4.49 5.13
CA PRO F 121 28.90 3.26 4.68
C PRO F 121 27.94 3.46 3.52
N PHE F 122 27.67 2.36 2.82
CA PHE F 122 26.50 2.23 1.96
C PHE F 122 25.91 0.85 2.19
N VAL F 123 24.59 0.79 2.23
CA VAL F 123 23.84 -0.41 2.59
C VAL F 123 22.91 -0.75 1.43
N GLY F 124 22.45 -1.99 1.37
CA GLY F 124 21.53 -2.34 0.30
C GLY F 124 21.12 -3.79 0.31
N LYS F 125 20.62 -4.24 -0.83
CA LYS F 125 20.14 -5.61 -1.02
C LYS F 125 20.82 -6.25 -2.21
N VAL F 126 21.07 -7.55 -2.15
CA VAL F 126 21.76 -8.29 -3.20
C VAL F 126 20.82 -9.38 -3.70
N HIS F 127 20.68 -9.48 -5.02
CA HIS F 127 19.85 -10.50 -5.66
C HIS F 127 20.74 -11.37 -6.53
N ILE F 128 20.78 -12.66 -6.25
CA ILE F 128 21.66 -13.60 -6.93
C ILE F 128 20.83 -14.72 -7.50
N GLY F 129 21.07 -15.07 -8.76
CA GLY F 129 20.43 -16.22 -9.35
C GLY F 129 21.39 -17.04 -10.18
N TYR F 130 21.23 -18.37 -10.22
CA TYR F 130 22.15 -19.17 -11.00
C TYR F 130 21.44 -20.37 -11.59
N LEU F 131 22.02 -20.94 -12.64
CA LEU F 131 21.56 -22.18 -13.24
C LEU F 131 22.54 -23.29 -12.90
N PRO F 132 22.21 -24.19 -11.98
CA PRO F 132 23.16 -25.22 -11.60
C PRO F 132 23.32 -26.27 -12.68
N ASN F 133 24.55 -26.73 -12.85
CA ASN F 133 24.93 -27.71 -13.85
C ASN F 133 25.32 -28.97 -13.08
N LYS F 134 24.30 -29.74 -12.68
CA LYS F 134 24.37 -30.98 -11.91
C LYS F 134 25.04 -30.84 -10.54
N GLN F 135 25.23 -29.62 -10.03
CA GLN F 135 25.78 -29.39 -8.70
C GLN F 135 25.08 -28.18 -8.11
N VAL F 136 24.33 -28.39 -7.03
CA VAL F 136 23.59 -27.34 -6.34
C VAL F 136 24.42 -26.89 -5.14
N LEU F 137 24.55 -25.58 -4.95
CA LEU F 137 25.18 -25.00 -3.78
C LEU F 137 24.14 -24.73 -2.70
N GLY F 138 24.55 -24.80 -1.44
CA GLY F 138 23.61 -24.57 -0.35
C GLY F 138 23.24 -23.10 -0.25
N LEU F 139 22.03 -22.86 0.27
CA LEU F 139 21.46 -21.52 0.19
C LEU F 139 22.10 -20.58 1.20
N SER F 140 22.76 -21.14 2.22
CA SER F 140 23.44 -20.29 3.19
C SER F 140 24.80 -19.85 2.66
N LYS F 141 25.45 -20.68 1.86
CA LYS F 141 26.78 -20.35 1.40
C LYS F 141 26.72 -19.31 0.29
N LEU F 142 25.59 -19.18 -0.38
CA LEU F 142 25.41 -18.09 -1.32
C LEU F 142 25.33 -16.74 -0.62
N ALA F 143 24.78 -16.72 0.59
CA ALA F 143 24.67 -15.51 1.39
C ALA F 143 25.88 -15.28 2.26
N ARG F 144 26.78 -16.25 2.37
CA ARG F 144 27.99 -16.17 3.16
C ARG F 144 29.20 -15.82 2.30
N ILE F 145 29.06 -15.99 0.98
CA ILE F 145 29.99 -15.46 -0.03
C ILE F 145 29.92 -13.94 -0.04
N VAL F 146 28.70 -13.40 0.05
CA VAL F 146 28.47 -11.95 0.02
C VAL F 146 29.12 -11.28 1.22
N GLU F 147 29.07 -11.94 2.38
CA GLU F 147 29.68 -11.43 3.60
C GLU F 147 31.20 -11.32 3.45
N ILE F 148 31.80 -12.10 2.55
CA ILE F 148 33.24 -12.03 2.35
C ILE F 148 33.60 -10.77 1.59
N TYR F 149 32.85 -10.46 0.54
CA TYR F 149 33.21 -9.39 -0.37
C TYR F 149 32.56 -8.06 -0.04
N SER F 150 31.49 -8.04 0.74
CA SER F 150 30.90 -6.76 1.10
C SER F 150 31.57 -6.17 2.33
N ARG F 151 32.11 -7.02 3.21
CA ARG F 151 32.83 -6.56 4.40
C ARG F 151 34.28 -6.20 4.08
N ARG F 152 34.44 -5.30 3.11
CA ARG F 152 35.71 -4.78 2.70
C ARG F 152 35.51 -3.32 2.35
N LEU F 153 36.59 -2.63 2.05
CA LEU F 153 36.47 -1.33 1.43
C LEU F 153 36.17 -1.54 -0.05
N GLN F 154 34.98 -1.14 -0.50
CA GLN F 154 34.54 -1.49 -1.84
C GLN F 154 34.07 -0.29 -2.65
N VAL F 155 33.89 -0.57 -3.93
CA VAL F 155 33.20 0.28 -4.90
C VAL F 155 32.15 -0.61 -5.55
N GLN F 156 30.93 -0.10 -5.72
CA GLN F 156 29.77 -0.96 -6.01
C GLN F 156 29.89 -1.67 -7.35
N GLU F 157 30.52 -1.03 -8.34
CA GLU F 157 30.81 -1.70 -9.60
C GLU F 157 31.78 -2.87 -9.41
N ARG F 158 32.76 -2.71 -8.52
CA ARG F 158 33.67 -3.82 -8.26
C ARG F 158 33.02 -4.87 -7.39
N LEU F 159 32.15 -4.44 -6.48
CA LEU F 159 31.48 -5.36 -5.56
C LEU F 159 30.52 -6.28 -6.30
N THR F 160 29.90 -5.79 -7.38
CA THR F 160 28.96 -6.59 -8.14
C THR F 160 29.67 -7.71 -8.88
N LYS F 161 30.83 -7.40 -9.47
CA LYS F 161 31.53 -8.33 -10.32
C LYS F 161 32.19 -9.45 -9.52
N GLN F 162 32.61 -9.17 -8.29
CA GLN F 162 33.39 -10.13 -7.53
C GLN F 162 32.53 -11.26 -6.97
N ILE F 163 31.27 -10.98 -6.67
CA ILE F 163 30.36 -12.05 -6.22
C ILE F 163 30.09 -13.02 -7.36
N ALA F 164 29.86 -12.49 -8.57
CA ALA F 164 29.50 -13.35 -9.70
C ALA F 164 30.67 -14.17 -10.17
N VAL F 165 31.90 -13.68 -10.02
CA VAL F 165 33.07 -14.47 -10.38
C VAL F 165 33.38 -15.50 -9.30
N ALA F 166 33.05 -15.20 -8.04
CA ALA F 166 33.26 -16.15 -6.95
C ALA F 166 32.27 -17.31 -7.01
N ILE F 167 31.09 -17.08 -7.58
CA ILE F 167 30.13 -18.17 -7.72
C ILE F 167 30.47 -19.00 -8.95
N THR F 168 31.02 -18.38 -9.99
CA THR F 168 31.44 -19.10 -11.18
C THR F 168 32.59 -20.06 -10.89
N GLU F 169 33.56 -19.62 -10.08
CA GLU F 169 34.73 -20.46 -9.82
C GLU F 169 34.42 -21.55 -8.81
N ALA F 170 33.30 -21.43 -8.09
CA ALA F 170 32.97 -22.41 -7.07
C ALA F 170 32.20 -23.60 -7.64
N LEU F 171 31.22 -23.33 -8.49
CA LEU F 171 30.29 -24.34 -8.98
C LEU F 171 30.54 -24.79 -10.40
N ARG F 172 31.18 -23.95 -11.21
CA ARG F 172 31.06 -23.97 -12.67
C ARG F 172 29.62 -24.12 -13.16
N PRO F 173 28.76 -23.12 -12.97
CA PRO F 173 27.37 -23.26 -13.41
C PRO F 173 27.21 -22.80 -14.84
N ALA F 174 25.98 -22.91 -15.37
CA ALA F 174 25.75 -22.48 -16.73
C ALA F 174 25.61 -20.97 -16.85
N GLY F 175 25.26 -20.31 -15.76
CA GLY F 175 25.08 -18.88 -15.79
C GLY F 175 24.83 -18.33 -14.41
N VAL F 176 25.29 -17.10 -14.20
CA VAL F 176 25.18 -16.40 -12.92
C VAL F 176 24.59 -15.02 -13.22
N GLY F 177 23.71 -14.55 -12.34
CA GLY F 177 23.25 -13.18 -12.39
C GLY F 177 23.34 -12.53 -11.03
N VAL F 178 23.73 -11.25 -10.95
CA VAL F 178 23.86 -10.53 -9.70
C VAL F 178 23.28 -9.13 -9.90
N VAL F 179 22.33 -8.74 -9.05
CA VAL F 179 21.79 -7.37 -9.01
C VAL F 179 22.00 -6.84 -7.60
N VAL F 180 22.60 -5.66 -7.47
CA VAL F 180 22.88 -5.04 -6.18
C VAL F 180 22.26 -3.65 -6.17
N GLU F 181 21.32 -3.41 -5.26
CA GLU F 181 20.77 -2.07 -5.01
C GLU F 181 21.48 -1.52 -3.79
N ALA F 182 21.69 -0.21 -3.75
CA ALA F 182 22.41 0.40 -2.63
C ALA F 182 22.14 1.89 -2.55
N THR F 183 22.16 2.40 -1.32
CA THR F 183 22.07 3.83 -1.03
C THR F 183 23.38 4.31 -0.43
N HIS F 184 24.00 5.30 -1.06
CA HIS F 184 25.30 5.79 -0.66
C HIS F 184 25.14 6.98 0.28
N MET F 185 25.63 6.83 1.52
CA MET F 185 25.52 7.89 2.50
C MET F 185 26.43 9.07 2.17
N CYS F 186 27.42 8.86 1.31
CA CYS F 186 28.22 9.94 0.73
C CYS F 186 27.53 10.62 -0.43
N MET F 187 26.24 10.33 -0.67
CA MET F 187 25.39 11.11 -1.54
C MET F 187 24.17 11.66 -0.84
N VAL F 188 23.79 11.07 0.30
CA VAL F 188 22.59 11.44 1.04
C VAL F 188 22.95 12.46 2.11
N MET F 189 23.90 12.10 2.98
CA MET F 189 24.30 13.00 4.04
C MET F 189 25.07 14.19 3.49
N ARG F 190 26.20 13.92 2.84
CA ARG F 190 27.13 14.98 2.46
C ARG F 190 27.22 15.12 0.95
N GLY F 191 27.51 16.33 0.52
CA GLY F 191 27.75 16.58 -0.89
C GLY F 191 26.57 17.09 -1.66
N VAL F 192 25.87 16.18 -2.35
CA VAL F 192 24.77 16.60 -3.23
C VAL F 192 23.46 16.59 -2.46
N GLN F 193 23.34 15.69 -1.49
CA GLN F 193 22.17 15.53 -0.61
C GLN F 193 20.91 15.19 -1.41
N LYS F 194 20.97 14.05 -2.09
CA LYS F 194 19.83 13.40 -2.70
C LYS F 194 19.48 12.22 -1.82
N MET F 195 18.47 12.40 -0.98
CA MET F 195 18.19 11.42 0.07
C MET F 195 17.47 10.20 -0.47
N ASN F 196 16.92 10.32 -1.68
CA ASN F 196 16.12 9.26 -2.29
C ASN F 196 16.89 8.45 -3.34
N SER F 197 18.09 8.88 -3.74
CA SER F 197 18.79 8.21 -4.82
C SER F 197 19.32 6.85 -4.40
N LYS F 198 19.43 5.94 -5.36
CA LYS F 198 19.69 4.53 -5.07
C LYS F 198 20.27 3.86 -6.33
N THR F 199 21.57 3.65 -6.33
CA THR F 199 22.22 3.13 -7.52
C THR F 199 22.04 1.62 -7.63
N VAL F 200 21.70 1.15 -8.83
CA VAL F 200 21.57 -0.28 -9.12
C VAL F 200 22.67 -0.68 -10.10
N THR F 201 23.37 -1.77 -9.81
CA THR F 201 24.32 -2.37 -10.74
C THR F 201 23.95 -3.83 -10.97
N SER F 202 24.43 -4.39 -12.08
CA SER F 202 23.90 -5.67 -12.54
C SER F 202 24.88 -6.39 -13.44
N THR F 203 25.31 -7.58 -13.02
CA THR F 203 26.28 -8.42 -13.72
C THR F 203 25.61 -9.72 -14.16
N MET F 204 25.74 -10.08 -15.43
CA MET F 204 25.22 -11.33 -15.96
C MET F 204 26.36 -12.08 -16.64
N LEU F 205 26.51 -13.37 -16.32
CA LEU F 205 27.57 -14.19 -16.86
C LEU F 205 26.98 -15.47 -17.42
N GLY F 206 27.67 -16.06 -18.39
CA GLY F 206 27.23 -17.35 -18.90
C GLY F 206 26.03 -17.20 -19.81
N VAL F 207 25.01 -18.03 -19.59
CA VAL F 207 23.83 -17.97 -20.43
C VAL F 207 22.80 -16.99 -19.91
N PHE F 208 23.11 -16.22 -18.87
CA PHE F 208 22.27 -15.06 -18.62
C PHE F 208 22.62 -13.92 -19.56
N ARG F 209 23.84 -13.93 -20.11
CA ARG F 209 24.31 -12.93 -21.04
C ARG F 209 23.99 -13.29 -22.49
N GLU F 210 24.05 -14.59 -22.81
CA GLU F 210 23.89 -15.02 -24.19
C GLU F 210 22.40 -15.17 -24.54
N ASP F 211 21.61 -15.66 -23.62
CA ASP F 211 20.20 -15.95 -23.87
C ASP F 211 19.35 -14.83 -23.30
N PRO F 212 18.51 -14.17 -24.09
CA PRO F 212 17.66 -13.12 -23.54
C PRO F 212 16.40 -13.64 -22.85
N LYS F 213 16.00 -14.89 -23.11
CA LYS F 213 14.82 -15.43 -22.43
C LYS F 213 15.19 -15.99 -21.07
N THR F 214 16.48 -16.03 -20.74
CA THR F 214 16.93 -16.51 -19.44
C THR F 214 17.14 -15.33 -18.49
N ARG F 215 17.32 -14.14 -19.04
CA ARG F 215 17.49 -12.97 -18.21
C ARG F 215 16.15 -12.32 -17.91
N GLU F 216 15.13 -12.58 -18.73
CA GLU F 216 13.82 -11.99 -18.50
C GLU F 216 13.03 -12.75 -17.45
N GLU F 217 13.50 -13.94 -17.08
CA GLU F 217 12.84 -14.71 -16.03
C GLU F 217 13.41 -14.37 -14.66
N PHE F 218 14.73 -14.19 -14.59
CA PHE F 218 15.42 -13.74 -13.39
C PHE F 218 14.90 -12.37 -12.94
N LEU F 219 14.64 -11.46 -13.88
CA LEU F 219 14.21 -10.12 -13.52
C LEU F 219 12.74 -10.06 -13.11
N THR F 220 12.02 -11.16 -13.25
CA THR F 220 10.59 -11.18 -12.96
C THR F 220 10.29 -11.81 -11.61
N LEU F 221 10.96 -12.92 -11.29
CA LEU F 221 10.71 -13.61 -10.03
C LEU F 221 11.25 -12.86 -8.82
N ILE F 222 12.29 -12.02 -9.00
CA ILE F 222 12.82 -11.22 -7.90
C ILE F 222 11.86 -10.11 -7.49
N ARG F 223 10.89 -9.79 -8.32
CA ARG F 223 9.92 -8.77 -8.04
C ARG F 223 8.83 -9.29 -7.12
N LEU G 42 22.32 41.67 -8.66
CA LEU G 42 21.29 41.60 -7.63
C LEU G 42 20.49 42.90 -7.33
N PRO G 43 21.11 44.10 -7.27
CA PRO G 43 20.26 45.30 -7.11
C PRO G 43 19.38 45.61 -8.30
N ASN G 44 19.70 45.11 -9.50
CA ASN G 44 18.79 45.27 -10.62
C ASN G 44 17.61 44.32 -10.51
N LEU G 45 17.83 43.11 -10.00
CA LEU G 45 16.71 42.22 -9.72
C LEU G 45 15.92 42.69 -8.51
N ALA G 46 16.59 43.26 -7.51
CA ALA G 46 15.89 43.73 -6.32
C ALA G 46 14.95 44.88 -6.64
N ALA G 47 15.29 45.70 -7.64
CA ALA G 47 14.36 46.71 -8.12
C ALA G 47 13.33 46.10 -9.06
N ALA G 48 13.63 44.93 -9.62
CA ALA G 48 12.76 44.36 -10.64
C ALA G 48 11.58 43.61 -10.02
N TYR G 49 11.75 43.07 -8.81
CA TYR G 49 10.60 42.57 -8.08
C TYR G 49 9.87 43.67 -7.32
N SER G 50 10.50 44.84 -7.16
CA SER G 50 9.84 45.93 -6.47
C SER G 50 8.74 46.54 -7.33
N SER G 51 8.89 46.48 -8.66
CA SER G 51 7.85 46.98 -9.55
C SER G 51 6.74 45.96 -9.76
N ILE G 52 7.01 44.69 -9.44
CA ILE G 52 5.95 43.68 -9.47
C ILE G 52 5.02 43.85 -8.28
N LEU G 53 5.59 44.08 -7.08
CA LEU G 53 4.78 44.19 -5.87
C LEU G 53 3.89 45.42 -5.90
N SER G 54 4.38 46.50 -6.50
CA SER G 54 3.55 47.70 -6.65
C SER G 54 2.47 47.50 -7.72
N SER G 55 2.70 46.59 -8.67
CA SER G 55 1.78 46.43 -9.78
C SER G 55 0.60 45.53 -9.45
N LEU G 56 0.70 44.68 -8.44
CA LEU G 56 -0.37 43.77 -8.09
C LEU G 56 -1.37 44.36 -7.11
N GLY G 57 -1.19 45.59 -6.67
CA GLY G 57 -2.05 46.19 -5.67
C GLY G 57 -1.62 45.95 -4.25
N GLU G 58 -0.39 45.50 -4.02
CA GLU G 58 0.12 45.28 -2.67
C GLU G 58 0.55 46.59 -2.04
N ASN G 59 1.05 46.47 -0.83
CA ASN G 59 1.75 47.57 -0.18
C ASN G 59 3.13 47.07 0.18
N PRO G 60 4.20 47.58 -0.44
CA PRO G 60 5.55 47.10 -0.09
C PRO G 60 6.06 47.61 1.25
N GLN G 61 5.28 48.40 1.98
CA GLN G 61 5.73 49.02 3.21
C GLN G 61 5.43 48.19 4.45
N ARG G 62 4.56 47.18 4.35
CA ARG G 62 4.25 46.40 5.53
C ARG G 62 5.37 45.41 5.84
N GLN G 63 5.26 44.76 7.02
CA GLN G 63 6.39 44.03 7.58
C GLN G 63 6.71 42.77 6.77
N GLY G 64 5.69 42.17 6.16
CA GLY G 64 5.93 40.99 5.34
C GLY G 64 6.68 41.28 4.04
N LEU G 65 6.47 42.46 3.45
CA LEU G 65 7.02 42.78 2.15
C LEU G 65 8.14 43.81 2.21
N LEU G 66 8.96 43.84 3.26
CA LEU G 66 10.10 44.74 3.30
C LEU G 66 11.33 44.10 2.68
N LYS G 67 11.72 42.92 3.15
CA LYS G 67 12.84 42.21 2.59
C LYS G 67 12.46 41.30 1.43
N THR G 68 11.21 41.38 0.97
CA THR G 68 10.76 40.54 -0.14
C THR G 68 11.43 40.87 -1.47
N PRO G 69 11.71 42.13 -1.85
CA PRO G 69 12.59 42.34 -3.02
C PRO G 69 13.99 41.76 -2.91
N TRP G 70 14.59 41.73 -1.72
CA TRP G 70 15.98 41.28 -1.61
C TRP G 70 16.11 39.79 -1.30
N ARG G 71 15.03 39.15 -0.82
CA ARG G 71 15.09 37.70 -0.59
C ARG G 71 14.62 36.93 -1.80
N ALA G 72 13.67 37.47 -2.56
CA ALA G 72 13.18 36.76 -3.73
C ALA G 72 14.15 36.88 -4.90
N ALA G 73 14.90 37.98 -4.96
CA ALA G 73 15.85 38.17 -6.05
C ALA G 73 17.06 37.27 -5.87
N SER G 74 17.44 36.97 -4.63
CA SER G 74 18.55 36.06 -4.40
C SER G 74 18.12 34.61 -4.62
N ALA G 75 16.81 34.35 -4.58
CA ALA G 75 16.31 33.01 -4.87
C ALA G 75 16.11 32.80 -6.36
N MET G 76 16.14 33.89 -7.15
CA MET G 76 16.05 33.74 -8.59
C MET G 76 17.44 33.55 -9.20
N GLN G 77 18.48 33.87 -8.44
CA GLN G 77 19.85 33.57 -8.86
C GLN G 77 20.30 32.21 -8.37
N PHE G 78 19.58 31.63 -7.42
CA PHE G 78 19.82 30.24 -7.07
C PHE G 78 19.18 29.31 -8.10
N PHE G 79 18.03 29.70 -8.64
CA PHE G 79 17.30 28.84 -9.54
C PHE G 79 17.89 28.85 -10.94
N THR G 80 18.69 29.87 -11.26
CA THR G 80 19.38 29.96 -12.54
C THR G 80 20.89 30.09 -12.34
N LYS G 81 21.47 29.33 -11.41
CA LYS G 81 22.91 29.37 -11.20
C LYS G 81 23.64 28.32 -12.01
N GLY G 82 22.95 27.60 -12.89
CA GLY G 82 23.60 26.57 -13.66
C GLY G 82 24.44 27.10 -14.81
N TYR G 83 24.25 28.37 -15.16
CA TYR G 83 24.92 28.90 -16.34
C TYR G 83 26.41 29.11 -16.10
N GLN G 84 26.80 29.33 -14.85
CA GLN G 84 28.21 29.59 -14.58
C GLN G 84 28.98 28.30 -14.32
N GLU G 85 28.31 27.14 -14.41
CA GLU G 85 29.00 25.89 -14.18
C GLU G 85 29.35 25.21 -15.51
N THR G 86 30.41 24.39 -15.47
CA THR G 86 30.99 23.76 -16.66
C THR G 86 31.28 22.30 -16.33
N ILE G 87 31.18 21.43 -17.36
CA ILE G 87 31.32 19.99 -17.15
C ILE G 87 32.71 19.63 -16.66
N SER G 88 33.74 20.31 -17.19
CA SER G 88 35.11 19.95 -16.85
C SER G 88 35.45 20.32 -15.41
N ASP G 89 34.89 21.43 -14.93
CA ASP G 89 35.17 21.88 -13.56
C ASP G 89 34.43 21.02 -12.53
N VAL G 90 33.41 20.29 -12.96
CA VAL G 90 32.52 19.59 -12.04
C VAL G 90 32.96 18.14 -11.86
N LEU G 91 33.39 17.50 -12.95
CA LEU G 91 33.75 16.08 -12.91
C LEU G 91 34.97 15.80 -12.03
N ASN G 92 35.91 16.76 -11.95
CA ASN G 92 36.96 16.80 -10.94
C ASN G 92 37.86 15.56 -11.00
N ASP G 93 38.13 15.10 -12.22
CA ASP G 93 39.06 13.99 -12.53
C ASP G 93 38.57 12.68 -11.89
N ALA G 94 37.26 12.55 -11.69
CA ALA G 94 36.67 11.35 -11.12
C ALA G 94 36.06 10.48 -12.21
N ILE G 95 36.93 9.93 -13.07
CA ILE G 95 36.54 8.94 -14.07
C ILE G 95 37.50 7.76 -13.89
N PHE G 96 36.96 6.63 -13.45
CA PHE G 96 37.75 5.53 -12.93
C PHE G 96 37.85 4.39 -13.94
N ASP G 97 39.04 3.82 -14.04
CA ASP G 97 39.35 2.82 -15.05
C ASP G 97 39.19 1.43 -14.45
N GLU G 98 38.32 0.62 -15.06
CA GLU G 98 37.92 -0.67 -14.54
C GLU G 98 37.21 -1.45 -15.64
N ASP G 99 37.37 -2.78 -15.61
CA ASP G 99 36.91 -3.67 -16.67
C ASP G 99 35.43 -4.03 -16.56
N HIS G 100 34.62 -3.20 -15.91
CA HIS G 100 33.22 -3.53 -15.66
C HIS G 100 32.38 -2.96 -16.79
N ASP G 101 31.95 -3.83 -17.72
CA ASP G 101 31.16 -3.42 -18.88
C ASP G 101 29.68 -3.74 -18.74
N GLU G 102 29.16 -3.73 -17.52
CA GLU G 102 27.77 -4.10 -17.26
C GLU G 102 27.00 -2.86 -16.83
N MET G 103 25.67 -2.98 -16.78
CA MET G 103 24.80 -1.81 -16.71
C MET G 103 24.82 -1.16 -15.33
N VAL G 104 24.79 0.17 -15.32
CA VAL G 104 24.79 0.99 -14.11
C VAL G 104 23.62 1.97 -14.20
N ILE G 105 22.69 1.87 -13.26
CA ILE G 105 21.48 2.71 -13.26
C ILE G 105 21.45 3.53 -11.97
N VAL G 106 21.27 4.84 -12.10
CA VAL G 106 21.16 5.73 -10.94
C VAL G 106 19.77 6.33 -10.98
N LYS G 107 18.90 5.87 -10.08
CA LYS G 107 17.49 6.23 -10.10
C LYS G 107 17.14 7.16 -8.96
N ASP G 108 15.94 7.75 -9.07
CA ASP G 108 15.35 8.70 -8.13
C ASP G 108 16.21 9.95 -7.89
N ILE G 109 16.87 10.47 -8.91
CA ILE G 109 17.55 11.75 -8.72
C ILE G 109 16.51 12.86 -8.77
N ASP G 110 16.49 13.71 -7.77
CA ASP G 110 15.52 14.78 -7.69
C ASP G 110 16.01 16.03 -8.41
N MET G 111 15.24 16.53 -9.36
CA MET G 111 15.52 17.79 -10.01
C MET G 111 14.45 18.79 -9.60
N PHE G 112 14.74 20.07 -9.82
CA PHE G 112 13.85 21.18 -9.50
C PHE G 112 14.14 22.29 -10.48
N SER G 113 13.32 22.44 -11.52
CA SER G 113 13.64 23.37 -12.59
C SER G 113 12.63 24.49 -12.65
N MET G 114 12.98 25.51 -13.44
CA MET G 114 12.12 26.65 -13.70
C MET G 114 11.73 26.63 -15.16
N CYS G 115 10.42 26.61 -15.43
CA CYS G 115 9.94 26.69 -16.80
C CYS G 115 10.28 28.05 -17.41
N GLU G 116 10.37 28.10 -18.73
CA GLU G 116 10.78 29.34 -19.38
C GLU G 116 9.68 29.95 -20.23
N HIS G 117 8.48 29.41 -20.22
CA HIS G 117 7.34 30.10 -20.80
C HIS G 117 6.60 30.93 -19.78
N HIS G 118 6.34 30.36 -18.60
CA HIS G 118 5.58 31.05 -17.57
C HIS G 118 6.40 31.43 -16.36
N LEU G 119 7.69 31.06 -16.27
CA LEU G 119 8.59 31.34 -15.14
C LEU G 119 8.06 30.78 -13.84
N VAL G 120 7.44 29.61 -13.91
CA VAL G 120 6.80 28.94 -12.79
C VAL G 120 7.43 27.57 -12.69
N PRO G 121 7.79 27.08 -11.49
CA PRO G 121 8.60 25.85 -11.39
C PRO G 121 7.91 24.59 -11.90
N PHE G 122 8.73 23.60 -12.24
CA PHE G 122 8.29 22.22 -12.35
C PHE G 122 9.35 21.35 -11.70
N VAL G 123 8.91 20.33 -10.97
CA VAL G 123 9.76 19.48 -10.15
C VAL G 123 9.57 18.05 -10.63
N GLY G 124 10.53 17.17 -10.31
CA GLY G 124 10.38 15.79 -10.70
C GLY G 124 11.54 14.91 -10.32
N LYS G 125 11.62 13.77 -10.98
CA LYS G 125 12.66 12.77 -10.75
C LYS G 125 13.36 12.43 -12.05
N VAL G 126 14.66 12.15 -11.99
CA VAL G 126 15.47 11.85 -13.16
C VAL G 126 16.06 10.45 -12.99
N HIS G 127 15.92 9.61 -14.01
CA HIS G 127 16.47 8.26 -14.02
C HIS G 127 17.49 8.15 -15.13
N ILE G 128 18.72 7.81 -14.78
CA ILE G 128 19.84 7.79 -15.71
C ILE G 128 20.48 6.41 -15.65
N GLY G 129 20.73 5.82 -16.81
CA GLY G 129 21.48 4.58 -16.85
C GLY G 129 22.49 4.56 -17.97
N TYR G 130 23.63 3.90 -17.79
CA TYR G 130 24.62 3.89 -18.84
C TYR G 130 25.38 2.58 -18.83
N LEU G 131 26.00 2.27 -19.97
CA LEU G 131 26.89 1.12 -20.12
C LEU G 131 28.32 1.61 -20.22
N PRO G 132 29.13 1.47 -19.17
CA PRO G 132 30.49 2.00 -19.23
C PRO G 132 31.37 1.15 -20.12
N ASN G 133 32.25 1.83 -20.85
CA ASN G 133 33.18 1.23 -21.80
C ASN G 133 34.57 1.44 -21.21
N LYS G 134 34.93 0.56 -20.27
CA LYS G 134 36.19 0.53 -19.51
C LYS G 134 36.48 1.80 -18.71
N GLN G 135 35.50 2.67 -18.51
CA GLN G 135 35.65 3.87 -17.68
C GLN G 135 34.35 4.13 -16.95
N VAL G 136 34.39 4.02 -15.62
CA VAL G 136 33.23 4.22 -14.77
C VAL G 136 33.29 5.65 -14.23
N LEU G 137 32.16 6.35 -14.27
CA LEU G 137 32.02 7.66 -13.66
C LEU G 137 31.49 7.52 -12.24
N GLY G 138 31.87 8.46 -11.37
CA GLY G 138 31.43 8.40 -10.00
C GLY G 138 29.96 8.73 -9.86
N LEU G 139 29.33 8.17 -8.83
CA LEU G 139 27.87 8.21 -8.73
C LEU G 139 27.39 9.59 -8.31
N SER G 140 28.27 10.40 -7.72
CA SER G 140 27.87 11.75 -7.35
C SER G 140 27.94 12.69 -8.55
N LYS G 141 28.86 12.46 -9.47
CA LYS G 141 29.00 13.36 -10.60
C LYS G 141 27.90 13.15 -11.61
N LEU G 142 27.26 11.98 -11.60
CA LEU G 142 26.06 11.79 -12.43
C LEU G 142 24.90 12.61 -11.93
N ALA G 143 24.80 12.82 -10.63
CA ALA G 143 23.76 13.62 -10.02
C ALA G 143 24.11 15.10 -9.93
N ARG G 144 25.37 15.44 -10.20
CA ARG G 144 25.84 16.81 -10.17
C ARG G 144 25.89 17.43 -11.56
N ILE G 145 25.83 16.58 -12.60
CA ILE G 145 25.59 16.97 -13.98
C ILE G 145 24.16 17.50 -14.11
N VAL G 146 23.20 16.84 -13.47
CA VAL G 146 21.79 17.20 -13.52
C VAL G 146 21.57 18.58 -12.91
N GLU G 147 22.30 18.88 -11.83
CA GLU G 147 22.21 20.18 -11.17
C GLU G 147 22.67 21.31 -12.09
N ILE G 148 23.51 20.99 -13.09
CA ILE G 148 23.98 22.02 -14.01
C ILE G 148 22.87 22.39 -14.98
N TYR G 149 22.17 21.39 -15.51
CA TYR G 149 21.22 21.62 -16.58
C TYR G 149 19.79 21.82 -16.10
N SER G 150 19.46 21.40 -14.89
CA SER G 150 18.10 21.63 -14.41
C SER G 150 17.97 23.02 -13.78
N ARG G 151 19.07 23.55 -13.23
CA ARG G 151 19.07 24.89 -12.64
C ARG G 151 19.25 25.96 -13.70
N ARG G 152 18.37 25.94 -14.69
CA ARG G 152 18.34 26.91 -15.77
C ARG G 152 16.88 27.14 -16.11
N LEU G 153 16.63 28.09 -16.99
CA LEU G 153 15.31 28.18 -17.60
C LEU G 153 15.22 27.10 -18.67
N GLN G 154 14.34 26.11 -18.47
CA GLN G 154 14.34 24.95 -19.35
C GLN G 154 12.96 24.65 -19.92
N VAL G 155 12.98 23.73 -20.89
CA VAL G 155 11.82 23.04 -21.45
C VAL G 155 12.15 21.56 -21.36
N GLN G 156 11.19 20.73 -20.91
CA GLN G 156 11.49 19.36 -20.46
C GLN G 156 12.03 18.49 -21.60
N GLU G 157 11.56 18.71 -22.82
CA GLU G 157 12.15 18.02 -23.98
C GLU G 157 13.60 18.41 -24.20
N ARG G 158 13.95 19.68 -23.97
CA ARG G 158 15.34 20.08 -24.10
C ARG G 158 16.16 19.62 -22.92
N LEU G 159 15.55 19.59 -21.74
CA LEU G 159 16.24 19.19 -20.52
C LEU G 159 16.63 17.71 -20.55
N THR G 160 15.80 16.88 -21.18
CA THR G 160 16.08 15.45 -21.26
C THR G 160 17.30 15.19 -22.14
N LYS G 161 17.38 15.90 -23.27
CA LYS G 161 18.41 15.62 -24.26
C LYS G 161 19.77 16.11 -23.82
N GLN G 162 19.83 17.17 -23.00
CA GLN G 162 21.11 17.79 -22.68
C GLN G 162 21.87 16.98 -21.63
N ILE G 163 21.17 16.27 -20.75
CA ILE G 163 21.86 15.40 -19.80
C ILE G 163 22.49 14.23 -20.52
N ALA G 164 21.78 13.63 -21.47
CA ALA G 164 22.28 12.45 -22.15
C ALA G 164 23.45 12.77 -23.08
N VAL G 165 23.47 13.98 -23.64
CA VAL G 165 24.60 14.39 -24.46
C VAL G 165 25.80 14.77 -23.59
N ALA G 166 25.54 15.29 -22.39
CA ALA G 166 26.63 15.64 -21.49
C ALA G 166 27.31 14.40 -20.90
N ILE G 167 26.57 13.30 -20.78
CA ILE G 167 27.18 12.06 -20.29
C ILE G 167 27.94 11.37 -21.42
N THR G 168 27.44 11.50 -22.66
CA THR G 168 28.12 10.92 -23.81
C THR G 168 29.47 11.58 -24.06
N GLU G 169 29.54 12.90 -23.94
CA GLU G 169 30.79 13.60 -24.22
C GLU G 169 31.79 13.46 -23.09
N ALA G 170 31.35 13.03 -21.91
CA ALA G 170 32.24 12.92 -20.77
C ALA G 170 32.96 11.58 -20.73
N LEU G 171 32.23 10.49 -20.97
CA LEU G 171 32.74 9.14 -20.79
C LEU G 171 33.08 8.42 -22.08
N ARG G 172 32.45 8.83 -23.19
CA ARG G 172 32.25 7.98 -24.37
C ARG G 172 31.78 6.56 -24.02
N PRO G 173 30.54 6.40 -23.51
CA PRO G 173 30.09 5.06 -23.16
C PRO G 173 29.43 4.36 -24.33
N ALA G 174 28.99 3.12 -24.14
CA ALA G 174 28.36 2.39 -25.22
C ALA G 174 26.91 2.81 -25.40
N GLY G 175 26.30 3.37 -24.36
CA GLY G 175 24.91 3.77 -24.45
C GLY G 175 24.49 4.51 -23.21
N VAL G 176 23.56 5.45 -23.39
CA VAL G 176 23.02 6.29 -22.33
C VAL G 176 21.50 6.23 -22.41
N GLY G 177 20.84 6.18 -21.27
CA GLY G 177 19.40 6.35 -21.21
C GLY G 177 19.01 7.38 -20.17
N VAL G 178 18.00 8.20 -20.45
CA VAL G 178 17.53 9.23 -19.52
C VAL G 178 16.01 9.23 -19.55
N VAL G 179 15.39 9.11 -18.37
CA VAL G 179 13.94 9.23 -18.21
C VAL G 179 13.71 10.32 -17.17
N VAL G 180 12.88 11.31 -17.49
CA VAL G 180 12.57 12.44 -16.61
C VAL G 180 11.06 12.51 -16.43
N GLU G 181 10.59 12.35 -15.19
CA GLU G 181 9.19 12.58 -14.83
C GLU G 181 9.09 13.96 -14.23
N ALA G 182 7.98 14.66 -14.44
CA ALA G 182 7.84 16.01 -13.93
C ALA G 182 6.38 16.44 -13.88
N THR G 183 6.07 17.29 -12.90
CA THR G 183 4.77 17.91 -12.76
C THR G 183 4.89 19.42 -12.98
N HIS G 184 4.16 19.94 -13.94
CA HIS G 184 4.26 21.35 -14.32
C HIS G 184 3.23 22.16 -13.57
N MET G 185 3.70 23.11 -12.75
CA MET G 185 2.80 23.94 -11.97
C MET G 185 2.03 24.93 -12.85
N CYS G 186 2.51 25.16 -14.07
CA CYS G 186 1.76 25.89 -15.09
C CYS G 186 0.72 25.02 -15.80
N MET G 187 0.46 23.81 -15.30
CA MET G 187 -0.70 23.02 -15.68
C MET G 187 -1.57 22.65 -14.51
N VAL G 188 -1.05 22.72 -13.29
CA VAL G 188 -1.75 22.34 -12.08
C VAL G 188 -2.41 23.55 -11.46
N MET G 189 -1.62 24.59 -11.18
CA MET G 189 -2.15 25.80 -10.58
C MET G 189 -3.01 26.56 -11.56
N ARG G 190 -2.42 26.98 -12.67
CA ARG G 190 -3.06 27.91 -13.59
C ARG G 190 -3.34 27.25 -14.94
N GLY G 191 -4.40 27.73 -15.59
CA GLY G 191 -4.71 27.29 -16.93
C GLY G 191 -5.72 26.18 -17.02
N VAL G 192 -5.24 24.94 -17.16
CA VAL G 192 -6.15 23.81 -17.37
C VAL G 192 -6.55 23.20 -16.04
N GLN G 193 -5.65 23.25 -15.05
CA GLN G 193 -5.85 22.75 -13.69
C GLN G 193 -6.13 21.25 -13.67
N LYS G 194 -5.14 20.51 -14.17
CA LYS G 194 -5.07 19.06 -14.02
C LYS G 194 -4.01 18.79 -12.96
N MET G 195 -4.46 18.52 -11.74
CA MET G 195 -3.54 18.47 -10.60
C MET G 195 -2.77 17.17 -10.58
N ASN G 196 -3.23 16.17 -11.33
CA ASN G 196 -2.64 14.84 -11.31
C ASN G 196 -1.74 14.56 -12.51
N SER G 197 -1.71 15.43 -13.51
CA SER G 197 -0.96 15.16 -14.74
C SER G 197 0.53 15.25 -14.51
N LYS G 198 1.29 14.47 -15.28
CA LYS G 198 2.71 14.28 -15.02
C LYS G 198 3.40 13.82 -16.31
N THR G 199 4.09 14.73 -16.97
CA THR G 199 4.68 14.41 -18.27
C THR G 199 5.98 13.64 -18.11
N VAL G 200 6.14 12.57 -18.90
CA VAL G 200 7.35 11.77 -18.92
C VAL G 200 8.02 11.95 -20.28
N THR G 201 9.32 12.20 -20.29
CA THR G 201 10.12 12.22 -21.50
C THR G 201 11.29 11.25 -21.36
N SER G 202 11.85 10.82 -22.48
CA SER G 202 12.76 9.69 -22.47
C SER G 202 13.70 9.68 -23.67
N THR G 203 15.01 9.77 -23.40
CA THR G 203 16.05 9.81 -24.42
C THR G 203 16.93 8.59 -24.30
N MET G 204 17.16 7.90 -25.42
CA MET G 204 18.04 6.73 -25.46
C MET G 204 19.08 6.96 -26.55
N LEU G 205 20.35 6.74 -26.22
CA LEU G 205 21.44 6.95 -27.15
C LEU G 205 22.34 5.72 -27.17
N GLY G 206 23.02 5.51 -28.29
CA GLY G 206 23.97 4.41 -28.36
C GLY G 206 23.25 3.09 -28.53
N VAL G 207 23.64 2.09 -27.73
CA VAL G 207 23.03 0.78 -27.83
C VAL G 207 21.80 0.65 -26.96
N PHE G 208 21.35 1.72 -26.33
CA PHE G 208 19.99 1.66 -25.80
C PHE G 208 18.97 1.88 -26.90
N ARG G 209 19.38 2.52 -27.99
CA ARG G 209 18.53 2.79 -29.14
C ARG G 209 18.57 1.66 -30.15
N GLU G 210 19.74 1.05 -30.33
CA GLU G 210 19.90 0.04 -31.36
C GLU G 210 19.44 -1.33 -30.88
N ASP G 211 19.69 -1.66 -29.62
CA ASP G 211 19.38 -2.97 -29.08
C ASP G 211 18.10 -2.90 -28.27
N PRO G 212 17.08 -3.69 -28.58
CA PRO G 212 15.85 -3.65 -27.78
C PRO G 212 15.93 -4.45 -26.49
N LYS G 213 16.88 -5.38 -26.37
CA LYS G 213 17.01 -6.13 -25.13
C LYS G 213 17.83 -5.37 -24.10
N THR G 214 18.40 -4.23 -24.49
CA THR G 214 19.17 -3.40 -23.57
C THR G 214 18.28 -2.31 -22.99
N ARG G 215 17.20 -1.98 -23.68
CA ARG G 215 16.30 -0.97 -23.18
C ARG G 215 15.22 -1.58 -22.30
N GLU G 216 14.97 -2.88 -22.45
CA GLU G 216 13.95 -3.54 -21.63
C GLU G 216 14.48 -3.89 -20.26
N GLU G 217 15.79 -3.82 -20.05
CA GLU G 217 16.37 -4.07 -18.74
C GLU G 217 16.44 -2.80 -17.92
N PHE G 218 16.79 -1.69 -18.56
CA PHE G 218 16.78 -0.37 -17.95
C PHE G 218 15.39 0.00 -17.43
N LEU G 219 14.35 -0.33 -18.19
CA LEU G 219 12.99 0.05 -17.79
C LEU G 219 12.43 -0.84 -16.70
N THR G 220 13.15 -1.89 -16.33
CA THR G 220 12.63 -2.84 -15.34
C THR G 220 13.27 -2.61 -13.97
N LEU G 221 14.58 -2.37 -13.94
CA LEU G 221 15.27 -2.18 -12.66
C LEU G 221 14.92 -0.86 -12.00
N ILE G 222 14.55 0.17 -12.77
CA ILE G 222 14.15 1.45 -12.20
C ILE G 222 12.82 1.37 -11.48
N ARG G 223 12.05 0.31 -11.71
CA ARG G 223 10.77 0.13 -11.07
C ARG G 223 10.94 -0.45 -9.68
N LEU H 42 -30.70 28.72 -23.14
CA LEU H 42 -30.91 28.43 -21.71
C LEU H 42 -32.37 28.47 -21.19
N PRO H 43 -33.24 29.43 -21.59
CA PRO H 43 -34.64 29.33 -21.14
C PRO H 43 -35.40 28.15 -21.73
N ASN H 44 -34.96 27.60 -22.86
CA ASN H 44 -35.60 26.39 -23.36
C ASN H 44 -35.16 25.17 -22.56
N LEU H 45 -33.90 25.14 -22.13
CA LEU H 45 -33.47 24.08 -21.21
C LEU H 45 -34.07 24.26 -19.82
N ALA H 46 -34.22 25.52 -19.37
CA ALA H 46 -34.78 25.77 -18.04
C ALA H 46 -36.22 25.33 -17.95
N ALA H 47 -36.96 25.40 -19.06
CA ALA H 47 -38.30 24.83 -19.09
C ALA H 47 -38.24 23.32 -19.30
N ALA H 48 -37.12 22.81 -19.81
CA ALA H 48 -37.05 21.40 -20.17
C ALA H 48 -36.75 20.54 -18.96
N TYR H 49 -36.04 21.08 -17.97
CA TYR H 49 -35.93 20.35 -16.70
C TYR H 49 -37.12 20.62 -15.79
N SER H 50 -37.94 21.63 -16.10
CA SER H 50 -39.11 21.90 -15.28
C SER H 50 -40.19 20.84 -15.51
N SER H 51 -40.23 20.26 -16.71
CA SER H 51 -41.20 19.20 -16.99
C SER H 51 -40.70 17.86 -16.48
N ILE H 52 -39.40 17.74 -16.21
CA ILE H 52 -38.89 16.52 -15.60
C ILE H 52 -39.25 16.47 -14.12
N LEU H 53 -39.10 17.60 -13.42
CA LEU H 53 -39.37 17.65 -11.98
C LEU H 53 -40.84 17.42 -11.68
N SER H 54 -41.72 17.92 -12.55
CA SER H 54 -43.15 17.66 -12.37
C SER H 54 -43.50 16.20 -12.70
N SER H 55 -42.68 15.54 -13.53
CA SER H 55 -43.03 14.21 -13.99
C SER H 55 -42.62 13.13 -13.01
N LEU H 56 -41.67 13.40 -12.12
CA LEU H 56 -41.21 12.40 -11.17
C LEU H 56 -42.01 12.35 -9.88
N GLY H 57 -43.02 13.21 -9.73
CA GLY H 57 -43.77 13.29 -8.49
C GLY H 57 -43.22 14.25 -7.48
N GLU H 58 -42.32 15.13 -7.88
CA GLU H 58 -41.76 16.13 -6.98
C GLU H 58 -42.72 17.29 -6.80
N ASN H 59 -42.27 18.25 -6.01
CA ASN H 59 -42.94 19.54 -5.94
C ASN H 59 -41.91 20.59 -6.29
N PRO H 60 -42.04 21.30 -7.42
CA PRO H 60 -41.04 22.33 -7.76
C PRO H 60 -41.16 23.60 -6.94
N GLN H 61 -42.09 23.67 -6.00
CA GLN H 61 -42.35 24.89 -5.24
C GLN H 61 -41.55 24.97 -3.95
N ARG H 62 -40.96 23.87 -3.48
CA ARG H 62 -40.23 23.92 -2.24
C ARG H 62 -38.85 24.56 -2.45
N GLN H 63 -38.17 24.83 -1.33
CA GLN H 63 -36.99 25.71 -1.35
C GLN H 63 -35.81 25.05 -2.08
N GLY H 64 -35.72 23.72 -2.01
CA GLY H 64 -34.65 23.04 -2.71
C GLY H 64 -34.79 23.06 -4.23
N LEU H 65 -36.01 23.05 -4.75
CA LEU H 65 -36.26 22.94 -6.17
C LEU H 65 -36.77 24.22 -6.82
N LEU H 66 -36.36 25.39 -6.33
CA LEU H 66 -36.75 26.64 -6.98
C LEU H 66 -35.77 27.02 -8.09
N LYS H 67 -34.48 27.11 -7.76
CA LYS H 67 -33.46 27.41 -8.74
C LYS H 67 -32.92 26.17 -9.43
N THR H 68 -33.51 25.00 -9.19
CA THR H 68 -33.05 23.77 -9.81
C THR H 68 -33.26 23.73 -11.33
N PRO H 69 -34.37 24.23 -11.93
CA PRO H 69 -34.36 24.39 -13.40
C PRO H 69 -33.27 25.30 -13.96
N TRP H 70 -32.87 26.37 -13.26
CA TRP H 70 -31.92 27.31 -13.84
C TRP H 70 -30.48 26.99 -13.48
N ARG H 71 -30.23 26.17 -12.46
CA ARG H 71 -28.86 25.77 -12.14
C ARG H 71 -28.47 24.50 -12.85
N ALA H 72 -29.42 23.58 -13.07
CA ALA H 72 -29.10 22.33 -13.73
C ALA H 72 -28.97 22.53 -15.23
N ALA H 73 -29.71 23.49 -15.79
CA ALA H 73 -29.64 23.73 -17.22
C ALA H 73 -28.35 24.42 -17.61
N SER H 74 -27.78 25.22 -16.72
CA SER H 74 -26.49 25.84 -17.00
C SER H 74 -25.35 24.84 -16.81
N ALA H 75 -25.61 23.75 -16.08
CA ALA H 75 -24.61 22.70 -15.93
C ALA H 75 -24.68 21.71 -17.08
N MET H 76 -25.75 21.74 -17.86
CA MET H 76 -25.82 20.89 -19.04
C MET H 76 -25.19 21.56 -20.25
N GLN H 77 -25.00 22.88 -20.17
CA GLN H 77 -24.25 23.59 -21.20
C GLN H 77 -22.77 23.66 -20.88
N PHE H 78 -22.40 23.37 -19.64
CA PHE H 78 -20.99 23.21 -19.33
C PHE H 78 -20.51 21.83 -19.77
N PHE H 79 -21.37 20.82 -19.68
CA PHE H 79 -20.96 19.46 -19.98
C PHE H 79 -20.92 19.21 -21.47
N THR H 80 -21.58 20.04 -22.27
CA THR H 80 -21.56 19.97 -23.72
C THR H 80 -21.08 21.28 -24.34
N LYS H 81 -20.05 21.91 -23.77
CA LYS H 81 -19.51 23.13 -24.34
C LYS H 81 -18.37 22.87 -25.30
N GLY H 82 -18.07 21.61 -25.61
CA GLY H 82 -16.96 21.33 -26.50
C GLY H 82 -17.28 21.58 -27.95
N TYR H 83 -18.56 21.74 -28.30
CA TYR H 83 -18.94 21.86 -29.70
C TYR H 83 -18.53 23.20 -30.29
N GLN H 84 -18.43 24.23 -29.45
CA GLN H 84 -18.10 25.55 -29.97
C GLN H 84 -16.60 25.78 -30.01
N GLU H 85 -15.81 24.77 -29.62
CA GLU H 85 -14.35 24.92 -29.66
C GLU H 85 -13.76 24.26 -30.90
N THR H 86 -12.61 24.78 -31.33
CA THR H 86 -11.95 24.37 -32.57
C THR H 86 -10.47 24.19 -32.29
N ILE H 87 -9.82 23.27 -33.02
CA ILE H 87 -8.43 22.92 -32.77
C ILE H 87 -7.51 24.10 -33.04
N SER H 88 -7.79 24.88 -34.09
CA SER H 88 -6.90 25.96 -34.47
C SER H 88 -6.94 27.12 -33.46
N ASP H 89 -8.12 27.36 -32.86
CA ASP H 89 -8.26 28.44 -31.90
C ASP H 89 -7.63 28.08 -30.55
N VAL H 90 -7.41 26.79 -30.31
CA VAL H 90 -6.98 26.31 -28.99
C VAL H 90 -5.47 26.16 -28.92
N LEU H 91 -4.85 25.69 -30.01
CA LEU H 91 -3.40 25.45 -30.02
C LEU H 91 -2.59 26.72 -29.86
N ASN H 92 -3.08 27.85 -30.39
CA ASN H 92 -2.61 29.20 -30.06
C ASN H 92 -1.14 29.39 -30.45
N ASP H 93 -0.76 28.79 -31.58
CA ASP H 93 0.58 28.91 -32.20
C ASP H 93 1.67 28.36 -31.28
N ALA H 94 1.31 27.41 -30.42
CA ALA H 94 2.26 26.78 -29.50
C ALA H 94 2.70 25.41 -30.04
N ILE H 95 3.42 25.44 -31.16
CA ILE H 95 4.06 24.25 -31.70
C ILE H 95 5.53 24.61 -31.92
N PHE H 96 6.42 23.98 -31.16
CA PHE H 96 7.79 24.45 -31.01
C PHE H 96 8.75 23.57 -31.79
N ASP H 97 9.71 24.21 -32.45
CA ASP H 97 10.63 23.54 -33.36
C ASP H 97 11.91 23.18 -32.62
N GLU H 98 12.24 21.89 -32.62
CA GLU H 98 13.35 21.36 -31.82
C GLU H 98 13.66 19.95 -32.32
N ASP H 99 14.95 19.57 -32.24
CA ASP H 99 15.45 18.34 -32.81
C ASP H 99 15.24 17.11 -31.92
N HIS H 100 14.25 17.14 -31.03
CA HIS H 100 14.04 16.07 -30.06
C HIS H 100 13.07 15.06 -30.65
N ASP H 101 13.58 13.93 -31.13
CA ASP H 101 12.77 12.89 -31.75
C ASP H 101 12.53 11.69 -30.84
N GLU H 102 12.45 11.92 -29.53
CA GLU H 102 12.30 10.85 -28.56
C GLU H 102 10.92 10.95 -27.92
N MET H 103 10.53 9.91 -27.18
CA MET H 103 9.13 9.73 -26.79
C MET H 103 8.71 10.70 -25.70
N VAL H 104 7.48 11.20 -25.81
CA VAL H 104 6.87 12.14 -24.86
C VAL H 104 5.53 11.57 -24.44
N ILE H 105 5.37 11.29 -23.14
CA ILE H 105 4.14 10.70 -22.61
C ILE H 105 3.54 11.65 -21.59
N VAL H 106 2.25 11.94 -21.73
CA VAL H 106 1.52 12.79 -20.79
C VAL H 106 0.44 11.94 -20.15
N LYS H 107 0.64 11.57 -18.90
CA LYS H 107 -0.22 10.61 -18.22
C LYS H 107 -1.08 11.27 -17.16
N ASP H 108 -2.09 10.53 -16.70
CA ASP H 108 -3.07 10.93 -15.70
C ASP H 108 -3.85 12.18 -16.07
N ILE H 109 -4.22 12.38 -17.33
CA ILE H 109 -5.11 13.49 -17.65
C ILE H 109 -6.52 13.10 -17.28
N ASP H 110 -7.19 13.92 -16.50
CA ASP H 110 -8.54 13.62 -16.03
C ASP H 110 -9.57 14.13 -17.04
N MET H 111 -10.43 13.23 -17.50
CA MET H 111 -11.57 13.60 -18.33
C MET H 111 -12.84 13.37 -17.54
N PHE H 112 -13.94 13.97 -17.99
CA PHE H 112 -15.25 13.88 -17.37
C PHE H 112 -16.27 14.04 -18.48
N SER H 113 -16.85 12.94 -18.94
CA SER H 113 -17.70 12.98 -20.11
C SER H 113 -19.13 12.61 -19.77
N MET H 114 -20.02 12.86 -20.72
CA MET H 114 -21.43 12.52 -20.63
C MET H 114 -21.73 11.46 -21.67
N CYS H 115 -22.24 10.31 -21.22
CA CYS H 115 -22.66 9.26 -22.14
C CYS H 115 -23.85 9.74 -22.97
N GLU H 116 -24.02 9.16 -24.15
CA GLU H 116 -25.08 9.61 -25.03
C GLU H 116 -26.17 8.58 -25.26
N HIS H 117 -26.12 7.44 -24.58
CA HIS H 117 -27.26 6.55 -24.56
C HIS H 117 -28.17 6.82 -23.39
N HIS H 118 -27.62 7.00 -22.19
CA HIS H 118 -28.41 7.21 -20.99
C HIS H 118 -28.31 8.61 -20.42
N LEU H 119 -27.47 9.50 -20.98
CA LEU H 119 -27.26 10.88 -20.52
C LEU H 119 -26.78 10.92 -19.07
N VAL H 120 -25.95 9.95 -18.70
CA VAL H 120 -25.45 9.78 -17.34
C VAL H 120 -23.93 9.79 -17.44
N PRO H 121 -23.21 10.49 -16.56
CA PRO H 121 -21.76 10.69 -16.76
C PRO H 121 -20.93 9.41 -16.72
N PHE H 122 -19.75 9.48 -17.32
CA PHE H 122 -18.66 8.56 -17.05
C PHE H 122 -17.38 9.37 -16.95
N VAL H 123 -16.53 9.00 -15.99
CA VAL H 123 -15.33 9.76 -15.65
C VAL H 123 -14.14 8.82 -15.81
N GLY H 124 -12.94 9.38 -15.94
CA GLY H 124 -11.78 8.52 -16.06
C GLY H 124 -10.48 9.27 -16.24
N LYS H 125 -9.48 8.55 -16.73
CA LYS H 125 -8.14 9.08 -16.97
C LYS H 125 -7.72 8.83 -18.40
N VAL H 126 -6.96 9.75 -18.98
CA VAL H 126 -6.51 9.66 -20.37
C VAL H 126 -4.99 9.66 -20.38
N HIS H 127 -4.40 8.71 -21.10
CA HIS H 127 -2.95 8.60 -21.25
C HIS H 127 -2.59 8.77 -22.71
N ILE H 128 -1.77 9.77 -23.01
CA ILE H 128 -1.43 10.14 -24.37
C ILE H 128 0.08 10.12 -24.51
N GLY H 129 0.58 9.50 -25.56
CA GLY H 129 1.99 9.57 -25.86
C GLY H 129 2.27 9.77 -27.33
N TYR H 130 3.33 10.49 -27.69
CA TYR H 130 3.58 10.71 -29.10
C TYR H 130 5.08 10.78 -29.35
N LEU H 131 5.46 10.56 -30.60
CA LEU H 131 6.84 10.73 -31.07
C LEU H 131 6.93 11.96 -31.94
N PRO H 132 7.47 13.07 -31.45
CA PRO H 132 7.50 14.28 -32.26
C PRO H 132 8.51 14.18 -33.39
N ASN H 133 8.14 14.74 -34.52
CA ASN H 133 8.93 14.73 -35.74
C ASN H 133 9.34 16.18 -35.99
N LYS H 134 10.40 16.60 -35.28
CA LYS H 134 11.00 17.94 -35.29
C LYS H 134 10.03 19.07 -34.88
N GLN H 135 8.88 18.75 -34.29
CA GLN H 135 7.94 19.75 -33.81
C GLN H 135 7.30 19.23 -32.53
N VAL H 136 7.57 19.90 -31.41
CA VAL H 136 7.05 19.53 -30.10
C VAL H 136 5.83 20.40 -29.83
N LEU H 137 4.75 19.78 -29.35
CA LEU H 137 3.57 20.48 -28.89
C LEU H 137 3.66 20.76 -27.40
N GLY H 138 3.05 21.86 -26.96
CA GLY H 138 3.09 22.20 -25.55
C GLY H 138 2.26 21.26 -24.71
N LEU H 139 2.64 21.09 -23.45
CA LEU H 139 2.07 20.04 -22.62
C LEU H 139 0.67 20.41 -22.15
N SER H 140 0.34 21.71 -22.19
CA SER H 140 -1.01 22.12 -21.81
C SER H 140 -1.99 21.92 -22.95
N LYS H 141 -1.53 22.05 -24.20
CA LYS H 141 -2.44 21.94 -25.31
C LYS H 141 -2.79 20.49 -25.59
N LEU H 142 -1.97 19.56 -25.13
CA LEU H 142 -2.34 18.14 -25.20
C LEU H 142 -3.47 17.81 -24.26
N ALA H 143 -3.55 18.50 -23.13
CA ALA H 143 -4.60 18.31 -22.15
C ALA H 143 -5.81 19.20 -22.41
N ARG H 144 -5.69 20.16 -23.32
CA ARG H 144 -6.76 21.07 -23.69
C ARG H 144 -7.46 20.62 -24.95
N ILE H 145 -6.84 19.73 -25.72
CA ILE H 145 -7.46 18.97 -26.81
C ILE H 145 -8.50 18.02 -26.25
N VAL H 146 -8.18 17.36 -25.13
CA VAL H 146 -9.06 16.39 -24.48
C VAL H 146 -10.33 17.07 -23.99
N GLU H 147 -10.20 18.30 -23.48
CA GLU H 147 -11.35 19.07 -23.01
C GLU H 147 -12.31 19.38 -24.15
N ILE H 148 -11.83 19.39 -25.39
CA ILE H 148 -12.70 19.68 -26.52
C ILE H 148 -13.58 18.47 -26.81
N TYR H 149 -12.99 17.28 -26.80
CA TYR H 149 -13.70 16.08 -27.25
C TYR H 149 -14.37 15.31 -26.13
N SER H 150 -13.96 15.51 -24.88
CA SER H 150 -14.64 14.80 -23.80
C SER H 150 -15.87 15.57 -23.33
N ARG H 151 -15.88 16.89 -23.47
CA ARG H 151 -17.04 17.72 -23.12
C ARG H 151 -18.09 17.73 -24.23
N ARG H 152 -18.52 16.53 -24.61
CA ARG H 152 -19.54 16.34 -25.62
C ARG H 152 -20.35 15.12 -25.17
N LEU H 153 -21.42 14.84 -25.90
CA LEU H 153 -22.08 13.56 -25.74
C LEU H 153 -21.26 12.52 -26.49
N GLN H 154 -20.66 11.56 -25.78
CA GLN H 154 -19.70 10.66 -26.39
C GLN H 154 -20.02 9.19 -26.13
N VAL H 155 -19.29 8.36 -26.87
CA VAL H 155 -19.16 6.92 -26.68
C VAL H 155 -17.67 6.66 -26.64
N GLN H 156 -17.22 5.82 -25.67
CA GLN H 156 -15.80 5.76 -25.31
C GLN H 156 -14.93 5.26 -26.45
N GLU H 157 -15.44 4.36 -27.28
CA GLU H 157 -14.73 3.94 -28.49
C GLU H 157 -14.57 5.10 -29.47
N ARG H 158 -15.57 5.98 -29.59
CA ARG H 158 -15.41 7.12 -30.46
C ARG H 158 -14.54 8.19 -29.82
N LEU H 159 -14.61 8.31 -28.50
CA LEU H 159 -13.83 9.31 -27.78
C LEU H 159 -12.34 9.03 -27.85
N THR H 160 -11.97 7.75 -27.88
CA THR H 160 -10.56 7.38 -27.95
C THR H 160 -9.96 7.75 -29.29
N LYS H 161 -10.70 7.51 -30.37
CA LYS H 161 -10.19 7.68 -31.72
C LYS H 161 -10.05 9.15 -32.09
N GLN H 162 -10.91 10.02 -31.54
CA GLN H 162 -10.95 11.40 -31.97
C GLN H 162 -9.79 12.22 -31.40
N ILE H 163 -9.31 11.85 -30.23
CA ILE H 163 -8.14 12.53 -29.67
C ILE H 163 -6.91 12.20 -30.50
N ALA H 164 -6.75 10.94 -30.87
CA ALA H 164 -5.55 10.51 -31.59
C ALA H 164 -5.52 11.05 -33.01
N VAL H 165 -6.67 11.25 -33.62
CA VAL H 165 -6.72 11.85 -34.95
C VAL H 165 -6.51 13.37 -34.87
N ALA H 166 -6.94 13.99 -33.77
CA ALA H 166 -6.74 15.43 -33.59
C ALA H 166 -5.27 15.76 -33.32
N ILE H 167 -4.53 14.84 -32.73
CA ILE H 167 -3.11 15.08 -32.50
C ILE H 167 -2.32 14.81 -33.77
N THR H 168 -2.78 13.86 -34.58
CA THR H 168 -2.12 13.55 -35.86
C THR H 168 -2.25 14.72 -36.83
N GLU H 169 -3.42 15.34 -36.89
CA GLU H 169 -3.62 16.43 -37.86
C GLU H 169 -2.97 17.73 -37.39
N ALA H 170 -2.60 17.81 -36.11
CA ALA H 170 -2.02 19.06 -35.60
C ALA H 170 -0.52 19.10 -35.79
N LEU H 171 0.17 18.01 -35.51
CA LEU H 171 1.63 17.95 -35.48
C LEU H 171 2.26 17.28 -36.68
N ARG H 172 1.52 16.39 -37.33
CA ARG H 172 2.08 15.31 -38.14
C ARG H 172 3.24 14.58 -37.47
N PRO H 173 2.98 13.82 -36.39
CA PRO H 173 4.09 13.14 -35.71
C PRO H 173 4.33 11.77 -36.30
N ALA H 174 5.33 11.06 -35.77
CA ALA H 174 5.61 9.73 -36.30
C ALA H 174 4.66 8.69 -35.74
N GLY H 175 4.03 8.96 -34.61
CA GLY H 175 3.13 8.01 -34.00
C GLY H 175 2.44 8.60 -32.80
N VAL H 176 1.20 8.16 -32.58
CA VAL H 176 0.36 8.62 -31.49
C VAL H 176 -0.18 7.38 -30.78
N GLY H 177 -0.25 7.44 -29.45
CA GLY H 177 -0.95 6.43 -28.68
C GLY H 177 -1.90 7.06 -27.70
N VAL H 178 -3.08 6.47 -27.50
CA VAL H 178 -4.09 6.97 -26.58
C VAL H 178 -4.67 5.79 -25.80
N VAL H 179 -4.65 5.86 -24.47
CA VAL H 179 -5.30 4.89 -23.60
C VAL H 179 -6.26 5.66 -22.71
N VAL H 180 -7.52 5.23 -22.66
CA VAL H 180 -8.57 5.89 -21.88
C VAL H 180 -9.19 4.85 -20.94
N GLU H 181 -9.08 5.07 -19.63
CA GLU H 181 -9.77 4.25 -18.63
C GLU H 181 -11.00 5.03 -18.20
N ALA H 182 -12.10 4.34 -17.89
CA ALA H 182 -13.33 5.01 -17.52
C ALA H 182 -14.27 4.08 -16.77
N THR H 183 -15.05 4.66 -15.86
CA THR H 183 -16.10 3.98 -15.13
C THR H 183 -17.45 4.55 -15.54
N HIS H 184 -18.34 3.69 -16.03
CA HIS H 184 -19.63 4.11 -16.55
C HIS H 184 -20.68 4.02 -15.47
N MET H 185 -21.27 5.17 -15.11
CA MET H 185 -22.29 5.20 -14.07
C MET H 185 -23.58 4.55 -14.53
N CYS H 186 -23.77 4.37 -15.84
CA CYS H 186 -24.85 3.55 -16.39
C CYS H 186 -24.53 2.06 -16.36
N MET H 187 -23.46 1.65 -15.68
CA MET H 187 -23.22 0.26 -15.33
C MET H 187 -23.08 0.05 -13.84
N VAL H 188 -22.79 1.11 -13.09
CA VAL H 188 -22.56 1.04 -11.65
C VAL H 188 -23.85 1.31 -10.91
N MET H 189 -24.47 2.46 -11.19
CA MET H 189 -25.71 2.83 -10.52
C MET H 189 -26.85 1.96 -11.00
N ARG H 190 -27.15 2.00 -12.29
CA ARG H 190 -28.35 1.40 -12.83
C ARG H 190 -28.02 0.24 -13.76
N GLY H 191 -28.93 -0.71 -13.83
CA GLY H 191 -28.81 -1.81 -14.77
C GLY H 191 -28.19 -3.07 -14.20
N VAL H 192 -26.88 -3.24 -14.43
CA VAL H 192 -26.23 -4.48 -14.04
C VAL H 192 -25.65 -4.35 -12.63
N GLN H 193 -25.25 -3.13 -12.26
CA GLN H 193 -24.70 -2.77 -10.95
C GLN H 193 -23.43 -3.56 -10.64
N LYS H 194 -22.43 -3.34 -11.49
CA LYS H 194 -21.05 -3.77 -11.26
C LYS H 194 -20.27 -2.52 -10.87
N MET H 195 -20.05 -2.34 -9.57
CA MET H 195 -19.52 -1.08 -9.07
C MET H 195 -18.03 -0.97 -9.31
N ASN H 196 -17.38 -2.09 -9.61
CA ASN H 196 -15.93 -2.15 -9.77
C ASN H 196 -15.48 -2.17 -11.22
N SER H 197 -16.40 -2.34 -12.18
CA SER H 197 -16.00 -2.49 -13.57
C SER H 197 -15.48 -1.19 -14.17
N LYS H 198 -14.58 -1.31 -15.13
CA LYS H 198 -13.83 -0.15 -15.64
C LYS H 198 -13.30 -0.46 -17.03
N THR H 199 -13.95 0.08 -18.04
CA THR H 199 -13.59 -0.26 -19.42
C THR H 199 -12.36 0.52 -19.86
N VAL H 200 -11.42 -0.17 -20.51
CA VAL H 200 -10.22 0.45 -21.07
C VAL H 200 -10.29 0.33 -22.59
N THR H 201 -10.04 1.43 -23.30
CA THR H 201 -9.89 1.43 -24.75
C THR H 201 -8.55 2.02 -25.13
N SER H 202 -8.08 1.70 -26.34
CA SER H 202 -6.68 1.98 -26.67
C SER H 202 -6.47 2.09 -28.17
N THR H 203 -6.02 3.25 -28.62
CA THR H 203 -5.78 3.55 -30.04
C THR H 203 -4.30 3.82 -30.26
N MET H 204 -3.72 3.16 -31.26
CA MET H 204 -2.32 3.36 -31.63
C MET H 204 -2.26 3.69 -33.11
N LEU H 205 -1.53 4.75 -33.47
CA LEU H 205 -1.43 5.20 -34.85
C LEU H 205 0.04 5.38 -35.20
N GLY H 206 0.36 5.26 -36.48
CA GLY H 206 1.72 5.53 -36.91
C GLY H 206 2.64 4.39 -36.55
N VAL H 207 3.79 4.72 -35.97
CA VAL H 207 4.75 3.68 -35.60
C VAL H 207 4.51 3.13 -34.22
N PHE H 208 3.43 3.52 -33.56
CA PHE H 208 3.03 2.73 -32.39
C PHE H 208 2.31 1.47 -32.84
N ARG H 209 1.74 1.47 -34.04
CA ARG H 209 1.03 0.33 -34.60
C ARG H 209 1.96 -0.59 -35.37
N GLU H 210 2.96 -0.02 -36.06
CA GLU H 210 3.82 -0.82 -36.92
C GLU H 210 4.95 -1.45 -36.13
N ASP H 211 5.49 -0.74 -35.16
CA ASP H 211 6.65 -1.20 -34.40
C ASP H 211 6.20 -1.74 -33.06
N PRO H 212 6.50 -3.00 -32.72
CA PRO H 212 6.08 -3.50 -31.40
C PRO H 212 7.01 -3.10 -30.27
N LYS H 213 8.24 -2.67 -30.55
CA LYS H 213 9.13 -2.22 -29.49
C LYS H 213 8.87 -0.76 -29.12
N THR H 214 7.98 -0.10 -29.87
CA THR H 214 7.63 1.28 -29.56
C THR H 214 6.36 1.33 -28.73
N ARG H 215 5.57 0.27 -28.80
CA ARG H 215 4.34 0.22 -27.99
C ARG H 215 4.62 -0.40 -26.63
N GLU H 216 5.69 -1.17 -26.50
CA GLU H 216 5.99 -1.79 -25.21
C GLU H 216 6.69 -0.82 -24.27
N GLU H 217 7.15 0.33 -24.79
CA GLU H 217 7.76 1.34 -23.94
C GLU H 217 6.71 2.31 -23.40
N PHE H 218 5.74 2.68 -24.25
CA PHE H 218 4.61 3.50 -23.86
C PHE H 218 3.81 2.85 -22.74
N LEU H 219 3.62 1.52 -22.81
CA LEU H 219 2.80 0.83 -21.83
C LEU H 219 3.52 0.61 -20.50
N THR H 220 4.82 0.95 -20.45
CA THR H 220 5.62 0.69 -19.26
C THR H 220 5.81 1.97 -18.44
N LEU H 221 6.09 3.09 -19.10
CA LEU H 221 6.33 4.34 -18.40
C LEU H 221 5.06 4.94 -17.79
N ILE H 222 3.89 4.65 -18.36
CA ILE H 222 2.63 5.13 -17.80
C ILE H 222 2.28 4.43 -16.50
N ARG H 223 2.93 3.33 -16.18
CA ARG H 223 2.69 2.59 -14.96
C ARG H 223 3.45 3.22 -13.81
N LEU I 42 -40.83 -24.40 -6.81
CA LEU I 42 -40.48 -23.94 -5.46
C LEU I 42 -41.01 -24.78 -4.26
N PRO I 43 -42.27 -25.27 -4.26
CA PRO I 43 -42.65 -26.14 -3.13
C PRO I 43 -41.93 -27.48 -3.11
N ASN I 44 -41.38 -27.95 -4.24
CA ASN I 44 -40.57 -29.15 -4.21
C ASN I 44 -39.20 -28.87 -3.63
N LEU I 45 -38.64 -27.69 -3.90
CA LEU I 45 -37.40 -27.30 -3.24
C LEU I 45 -37.63 -26.96 -1.77
N ALA I 46 -38.78 -26.37 -1.45
CA ALA I 46 -39.08 -26.01 -0.06
C ALA I 46 -39.21 -27.25 0.82
N ALA I 47 -39.68 -28.36 0.25
CA ALA I 47 -39.66 -29.62 0.98
C ALA I 47 -38.28 -30.26 0.94
N ALA I 48 -37.46 -29.86 -0.02
CA ALA I 48 -36.17 -30.52 -0.21
C ALA I 48 -35.12 -30.00 0.74
N TYR I 49 -35.23 -28.73 1.16
CA TYR I 49 -34.39 -28.27 2.26
C TYR I 49 -34.97 -28.61 3.62
N SER I 50 -36.24 -29.00 3.67
CA SER I 50 -36.84 -29.39 4.95
C SER I 50 -36.30 -30.73 5.42
N SER I 51 -35.93 -31.62 4.49
CA SER I 51 -35.36 -32.90 4.87
C SER I 51 -33.87 -32.78 5.19
N ILE I 52 -33.24 -31.69 4.75
CA ILE I 52 -31.85 -31.44 5.13
C ILE I 52 -31.77 -30.97 6.57
N LEU I 53 -32.68 -30.06 6.97
CA LEU I 53 -32.65 -29.50 8.33
C LEU I 53 -32.97 -30.55 9.37
N SER I 54 -33.85 -31.50 9.05
CA SER I 54 -34.14 -32.60 9.95
C SER I 54 -32.98 -33.59 10.02
N SER I 55 -32.16 -33.65 8.97
CA SER I 55 -31.12 -34.66 8.90
C SER I 55 -29.85 -34.25 9.63
N LEU I 56 -29.64 -32.96 9.86
CA LEU I 56 -28.43 -32.50 10.53
C LEU I 56 -28.54 -32.47 12.04
N GLY I 57 -29.69 -32.83 12.61
CA GLY I 57 -29.90 -32.74 14.03
C GLY I 57 -30.46 -31.42 14.51
N GLU I 58 -30.98 -30.61 13.61
CA GLU I 58 -31.58 -29.33 13.98
C GLU I 58 -32.98 -29.53 14.51
N ASN I 59 -33.61 -28.41 14.85
CA ASN I 59 -35.02 -28.39 15.11
C ASN I 59 -35.64 -27.38 14.16
N PRO I 60 -36.47 -27.80 13.20
CA PRO I 60 -37.09 -26.82 12.28
C PRO I 60 -38.20 -26.00 12.90
N GLN I 61 -38.52 -26.20 14.18
CA GLN I 61 -39.64 -25.54 14.82
C GLN I 61 -39.26 -24.23 15.50
N ARG I 62 -37.97 -23.96 15.70
CA ARG I 62 -37.59 -22.72 16.37
C ARG I 62 -37.69 -21.54 15.41
N GLN I 63 -37.55 -20.33 15.97
CA GLN I 63 -37.90 -19.11 15.25
C GLN I 63 -36.94 -18.84 14.09
N GLY I 64 -35.68 -19.23 14.24
CA GLY I 64 -34.72 -19.05 13.17
C GLY I 64 -34.97 -19.92 11.95
N LEU I 65 -35.49 -21.13 12.15
CA LEU I 65 -35.64 -22.10 11.08
C LEU I 65 -37.09 -22.33 10.67
N LEU I 66 -37.96 -21.31 10.73
CA LEU I 66 -39.33 -21.47 10.25
C LEU I 66 -39.43 -21.15 8.77
N LYS I 67 -38.99 -19.97 8.37
CA LYS I 67 -38.99 -19.58 6.97
C LYS I 67 -37.73 -19.99 6.23
N THR I 68 -36.86 -20.77 6.87
CA THR I 68 -35.62 -21.21 6.24
C THR I 68 -35.83 -22.16 5.06
N PRO I 69 -36.79 -23.13 5.08
CA PRO I 69 -37.10 -23.82 3.81
C PRO I 69 -37.59 -22.93 2.67
N TRP I 70 -38.33 -21.85 2.95
CA TRP I 70 -38.91 -21.07 1.86
C TRP I 70 -38.03 -19.90 1.45
N ARG I 71 -37.07 -19.50 2.27
CA ARG I 71 -36.14 -18.44 1.88
C ARG I 71 -34.90 -19.00 1.20
N ALA I 72 -34.46 -20.18 1.61
CA ALA I 72 -33.26 -20.75 1.01
C ALA I 72 -33.57 -21.36 -0.34
N ALA I 73 -34.80 -21.84 -0.53
CA ALA I 73 -35.16 -22.44 -1.81
C ALA I 73 -35.34 -21.38 -2.89
N SER I 74 -35.76 -20.18 -2.51
CA SER I 74 -35.86 -19.11 -3.49
C SER I 74 -34.51 -18.52 -3.81
N ALA I 75 -33.52 -18.75 -2.94
CA ALA I 75 -32.15 -18.31 -3.22
C ALA I 75 -31.40 -19.33 -4.06
N MET I 76 -31.94 -20.55 -4.16
CA MET I 76 -31.31 -21.54 -5.04
C MET I 76 -31.84 -21.42 -6.45
N GLN I 77 -32.96 -20.73 -6.63
CA GLN I 77 -33.45 -20.42 -7.97
C GLN I 77 -32.92 -19.10 -8.47
N PHE I 78 -32.36 -18.28 -7.58
CA PHE I 78 -31.63 -17.10 -8.03
C PHE I 78 -30.25 -17.48 -8.52
N PHE I 79 -29.64 -18.48 -7.88
CA PHE I 79 -28.27 -18.85 -8.20
C PHE I 79 -28.19 -19.69 -9.46
N THR I 80 -29.31 -20.28 -9.88
CA THR I 80 -29.40 -21.05 -11.12
C THR I 80 -30.50 -20.50 -12.03
N LYS I 81 -30.61 -19.17 -12.14
CA LYS I 81 -31.60 -18.59 -13.04
C LYS I 81 -31.04 -18.31 -14.42
N GLY I 82 -29.81 -18.72 -14.71
CA GLY I 82 -29.23 -18.44 -16.00
C GLY I 82 -29.76 -19.34 -17.10
N TYR I 83 -30.42 -20.44 -16.75
CA TYR I 83 -30.83 -21.40 -17.75
C TYR I 83 -31.99 -20.88 -18.60
N GLN I 84 -32.80 -19.98 -18.05
CA GLN I 84 -33.95 -19.49 -18.80
C GLN I 84 -33.59 -18.27 -19.64
N GLU I 85 -32.32 -17.86 -19.62
CA GLU I 85 -31.92 -16.70 -20.43
C GLU I 85 -31.23 -17.14 -21.71
N THR I 86 -31.31 -16.28 -22.72
CA THR I 86 -30.84 -16.58 -24.08
C THR I 86 -30.08 -15.36 -24.60
N ILE I 87 -29.07 -15.60 -25.45
CA ILE I 87 -28.19 -14.54 -25.93
C ILE I 87 -28.96 -13.52 -26.76
N SER I 88 -29.90 -13.98 -27.57
CA SER I 88 -30.61 -13.08 -28.48
C SER I 88 -31.56 -12.15 -27.72
N ASP I 89 -32.15 -12.65 -26.64
CA ASP I 89 -33.09 -11.85 -25.86
C ASP I 89 -32.36 -10.80 -25.01
N VAL I 90 -31.06 -11.01 -24.78
CA VAL I 90 -30.31 -10.19 -23.83
C VAL I 90 -29.60 -9.04 -24.54
N LEU I 91 -29.06 -9.31 -25.73
CA LEU I 91 -28.29 -8.30 -26.47
C LEU I 91 -29.13 -7.10 -26.90
N ASN I 92 -30.42 -7.33 -27.20
CA ASN I 92 -31.44 -6.28 -27.32
C ASN I 92 -31.10 -5.28 -28.43
N ASP I 93 -30.53 -5.81 -29.53
CA ASP I 93 -30.21 -5.06 -30.76
C ASP I 93 -29.19 -3.96 -30.48
N ALA I 94 -28.35 -4.15 -29.47
CA ALA I 94 -27.30 -3.20 -29.12
C ALA I 94 -25.95 -3.66 -29.65
N ILE I 95 -25.83 -3.66 -30.98
CA ILE I 95 -24.55 -3.91 -31.65
C ILE I 95 -24.36 -2.76 -32.64
N PHE I 96 -23.36 -1.93 -32.38
CA PHE I 96 -23.24 -0.62 -33.01
C PHE I 96 -22.16 -0.62 -34.08
N ASP I 97 -22.46 0.02 -35.21
CA ASP I 97 -21.60 -0.01 -36.39
C ASP I 97 -20.70 1.22 -36.39
N GLU I 98 -19.40 0.99 -36.42
CA GLU I 98 -18.39 2.03 -36.26
C GLU I 98 -17.03 1.48 -36.70
N ASP I 99 -16.20 2.36 -37.26
CA ASP I 99 -14.94 1.99 -37.87
C ASP I 99 -13.79 1.80 -36.87
N HIS I 100 -14.09 1.53 -35.61
CA HIS I 100 -13.07 1.46 -34.56
C HIS I 100 -12.59 0.02 -34.45
N ASP I 101 -11.40 -0.26 -35.00
CA ASP I 101 -10.82 -1.60 -35.01
C ASP I 101 -9.72 -1.78 -33.97
N GLU I 102 -9.80 -1.08 -32.85
CA GLU I 102 -8.77 -1.10 -31.84
C GLU I 102 -9.31 -1.78 -30.59
N MET I 103 -8.41 -2.10 -29.65
CA MET I 103 -8.72 -3.03 -28.58
C MET I 103 -9.65 -2.42 -27.53
N VAL I 104 -10.59 -3.23 -27.03
CA VAL I 104 -11.57 -2.85 -26.02
C VAL I 104 -11.51 -3.88 -24.90
N ILE I 105 -11.15 -3.44 -23.70
CA ILE I 105 -11.02 -4.33 -22.54
C ILE I 105 -12.00 -3.90 -21.46
N VAL I 106 -12.78 -4.84 -20.95
CA VAL I 106 -13.73 -4.59 -19.85
C VAL I 106 -13.27 -5.41 -18.67
N LYS I 107 -12.71 -4.77 -17.67
CA LYS I 107 -12.07 -5.44 -16.54
C LYS I 107 -12.89 -5.29 -15.27
N ASP I 108 -12.53 -6.11 -14.28
CA ASP I 108 -13.16 -6.20 -12.96
C ASP I 108 -14.65 -6.51 -13.00
N ILE I 109 -15.12 -7.36 -13.90
CA ILE I 109 -16.51 -7.77 -13.83
C ILE I 109 -16.64 -8.82 -12.74
N ASP I 110 -17.55 -8.61 -11.81
CA ASP I 110 -17.74 -9.52 -10.69
C ASP I 110 -18.71 -10.64 -11.05
N MET I 111 -18.27 -11.88 -10.90
CA MET I 111 -19.14 -13.03 -11.06
C MET I 111 -19.32 -13.69 -9.70
N PHE I 112 -20.33 -14.54 -9.59
CA PHE I 112 -20.68 -15.26 -8.37
C PHE I 112 -21.34 -16.56 -8.78
N SER I 113 -20.60 -17.65 -8.77
CA SER I 113 -21.11 -18.89 -9.33
C SER I 113 -21.27 -19.95 -8.25
N MET I 114 -21.95 -21.03 -8.62
CA MET I 114 -22.15 -22.20 -7.78
C MET I 114 -21.41 -23.37 -8.38
N CYS I 115 -20.50 -23.96 -7.61
CA CYS I 115 -19.81 -25.16 -8.08
C CYS I 115 -20.80 -26.32 -8.20
N GLU I 116 -20.46 -27.28 -9.06
CA GLU I 116 -21.38 -28.38 -9.31
C GLU I 116 -20.87 -29.73 -8.82
N HIS I 117 -19.73 -29.76 -8.14
CA HIS I 117 -19.35 -30.98 -7.45
C HIS I 117 -19.80 -30.96 -6.00
N HIS I 118 -19.62 -29.85 -5.29
CA HIS I 118 -19.96 -29.75 -3.90
C HIS I 118 -21.15 -28.85 -3.61
N LEU I 119 -21.71 -28.16 -4.61
CA LEU I 119 -22.84 -27.22 -4.48
C LEU I 119 -22.53 -26.09 -3.51
N VAL I 120 -21.29 -25.64 -3.51
CA VAL I 120 -20.78 -24.62 -2.61
C VAL I 120 -20.22 -23.50 -3.48
N PRO I 121 -20.48 -22.23 -3.18
CA PRO I 121 -20.14 -21.15 -4.13
C PRO I 121 -18.64 -20.98 -4.38
N PHE I 122 -18.34 -20.35 -5.51
CA PHE I 122 -17.05 -19.73 -5.75
C PHE I 122 -17.29 -18.40 -6.43
N VAL I 123 -16.53 -17.39 -6.01
CA VAL I 123 -16.72 -16.01 -6.43
C VAL I 123 -15.43 -15.53 -7.08
N GLY I 124 -15.50 -14.46 -7.87
CA GLY I 124 -14.28 -13.97 -8.48
C GLY I 124 -14.50 -12.78 -9.39
N LYS I 125 -13.53 -12.54 -10.25
CA LYS I 125 -13.53 -11.43 -11.21
C LYS I 125 -13.30 -11.95 -12.61
N VAL I 126 -13.94 -11.33 -13.59
CA VAL I 126 -13.84 -11.73 -15.00
C VAL I 126 -13.26 -10.56 -15.79
N HIS I 127 -12.25 -10.85 -16.61
CA HIS I 127 -11.62 -9.86 -17.48
C HIS I 127 -11.81 -10.27 -18.92
N ILE I 128 -12.45 -9.42 -19.71
CA ILE I 128 -12.83 -9.73 -21.07
C ILE I 128 -12.26 -8.64 -21.98
N GLY I 129 -11.62 -9.04 -23.07
CA GLY I 129 -11.18 -8.08 -24.06
C GLY I 129 -11.44 -8.55 -25.47
N TYR I 130 -11.73 -7.66 -26.40
CA TYR I 130 -12.00 -8.10 -27.76
C TYR I 130 -11.53 -7.06 -28.75
N LEU I 131 -11.33 -7.50 -29.99
CA LEU I 131 -11.01 -6.62 -31.11
C LEU I 131 -12.22 -6.54 -32.03
N PRO I 132 -12.96 -5.44 -32.02
CA PRO I 132 -14.17 -5.37 -32.85
C PRO I 132 -13.82 -5.22 -34.32
N ASN I 133 -14.62 -5.89 -35.15
CA ASN I 133 -14.44 -5.90 -36.59
C ASN I 133 -15.64 -5.17 -37.17
N LYS I 134 -15.56 -3.83 -37.16
CA LYS I 134 -16.56 -2.86 -37.61
C LYS I 134 -17.90 -2.96 -36.89
N GLN I 135 -17.99 -3.66 -35.76
CA GLN I 135 -19.20 -3.74 -34.97
C GLN I 135 -18.82 -3.77 -33.51
N VAL I 136 -19.20 -2.73 -32.76
CA VAL I 136 -18.90 -2.61 -31.34
C VAL I 136 -20.13 -3.06 -30.57
N LEU I 137 -19.91 -3.88 -29.53
CA LEU I 137 -20.96 -4.28 -28.61
C LEU I 137 -20.99 -3.32 -27.41
N GLY I 138 -22.18 -3.15 -26.83
CA GLY I 138 -22.32 -2.25 -25.71
C GLY I 138 -21.68 -2.82 -24.45
N LEU I 139 -21.23 -1.93 -23.59
CA LEU I 139 -20.39 -2.35 -22.46
C LEU I 139 -21.20 -3.03 -21.38
N SER I 140 -22.52 -2.81 -21.38
CA SER I 140 -23.36 -3.50 -20.40
C SER I 140 -23.68 -4.91 -20.83
N LYS I 141 -23.77 -5.15 -22.13
CA LYS I 141 -24.14 -6.47 -22.60
C LYS I 141 -22.99 -7.44 -22.50
N LEU I 142 -21.76 -6.93 -22.45
CA LEU I 142 -20.61 -7.78 -22.16
C LEU I 142 -20.64 -8.30 -20.73
N ALA I 143 -21.16 -7.51 -19.81
CA ALA I 143 -21.26 -7.88 -18.41
C ALA I 143 -22.58 -8.60 -18.10
N ARG I 144 -23.51 -8.61 -19.04
CA ARG I 144 -24.79 -9.27 -18.89
C ARG I 144 -24.80 -10.63 -19.55
N ILE I 145 -23.83 -10.90 -20.42
CA ILE I 145 -23.50 -12.22 -20.95
C ILE I 145 -22.96 -13.09 -19.84
N VAL I 146 -22.11 -12.53 -18.98
CA VAL I 146 -21.47 -13.23 -17.88
C VAL I 146 -22.52 -13.70 -16.88
N GLU I 147 -23.53 -12.86 -16.64
CA GLU I 147 -24.62 -13.20 -15.72
C GLU I 147 -25.41 -14.41 -16.22
N ILE I 148 -25.39 -14.67 -17.53
CA ILE I 148 -26.10 -15.82 -18.06
C ILE I 148 -25.37 -17.11 -17.72
N TYR I 149 -24.05 -17.12 -17.89
CA TYR I 149 -23.27 -18.34 -17.78
C TYR I 149 -22.69 -18.56 -16.40
N SER I 150 -22.57 -17.53 -15.57
CA SER I 150 -22.05 -17.76 -14.22
C SER I 150 -23.16 -18.16 -13.28
N ARG I 151 -24.40 -17.75 -13.53
CA ARG I 151 -25.55 -18.13 -12.71
C ARG I 151 -26.08 -19.51 -13.12
N ARG I 152 -25.20 -20.49 -13.09
CA ARG I 152 -25.52 -21.87 -13.39
C ARG I 152 -24.66 -22.72 -12.46
N LEU I 153 -24.90 -24.02 -12.50
CA LEU I 153 -23.95 -24.93 -11.89
C LEU I 153 -22.78 -25.09 -12.84
N GLN I 154 -21.59 -24.63 -12.43
CA GLN I 154 -20.47 -24.56 -13.37
C GLN I 154 -19.21 -25.23 -12.83
N VAL I 155 -18.26 -25.37 -13.74
CA VAL I 155 -16.87 -25.71 -13.49
C VAL I 155 -16.05 -24.65 -14.19
N GLN I 156 -15.00 -24.13 -13.53
CA GLN I 156 -14.37 -22.89 -13.95
C GLN I 156 -13.70 -22.99 -15.33
N GLU I 157 -13.17 -24.17 -15.66
CA GLU I 157 -12.66 -24.41 -17.01
C GLU I 157 -13.78 -24.33 -18.05
N ARG I 158 -14.96 -24.83 -17.72
CA ARG I 158 -16.07 -24.73 -18.66
C ARG I 158 -16.64 -23.32 -18.68
N LEU I 159 -16.63 -22.65 -17.54
CA LEU I 159 -17.17 -21.30 -17.44
C LEU I 159 -16.35 -20.30 -18.25
N THR I 160 -15.03 -20.52 -18.33
CA THR I 160 -14.17 -19.61 -19.08
C THR I 160 -14.44 -19.71 -20.57
N LYS I 161 -14.63 -20.93 -21.07
CA LYS I 161 -14.75 -21.16 -22.49
C LYS I 161 -16.09 -20.70 -23.04
N GLN I 162 -17.14 -20.74 -22.21
CA GLN I 162 -18.49 -20.46 -22.71
C GLN I 162 -18.72 -18.97 -22.92
N ILE I 163 -18.06 -18.12 -22.13
CA ILE I 163 -18.18 -16.68 -22.34
C ILE I 163 -17.50 -16.29 -23.65
N ALA I 164 -16.33 -16.85 -23.92
CA ALA I 164 -15.57 -16.46 -25.10
C ALA I 164 -16.22 -16.97 -26.38
N VAL I 165 -16.93 -18.09 -26.32
CA VAL I 165 -17.64 -18.59 -27.49
C VAL I 165 -18.94 -17.81 -27.69
N ALA I 166 -19.55 -17.32 -26.60
CA ALA I 166 -20.77 -16.54 -26.70
C ALA I 166 -20.50 -15.14 -27.26
N ILE I 167 -19.29 -14.62 -27.06
CA ILE I 167 -18.94 -13.32 -27.61
C ILE I 167 -18.54 -13.47 -29.08
N THR I 168 -17.94 -14.61 -29.43
CA THR I 168 -17.56 -14.88 -30.82
C THR I 168 -18.80 -15.03 -31.71
N GLU I 169 -19.82 -15.73 -31.22
CA GLU I 169 -21.01 -15.96 -32.04
C GLU I 169 -21.90 -14.73 -32.13
N ALA I 170 -21.69 -13.76 -31.24
CA ALA I 170 -22.55 -12.57 -31.24
C ALA I 170 -22.05 -11.50 -32.20
N LEU I 171 -20.74 -11.24 -32.20
CA LEU I 171 -20.15 -10.13 -32.92
C LEU I 171 -19.43 -10.52 -34.19
N ARG I 172 -18.96 -11.78 -34.27
CA ARG I 172 -17.85 -12.19 -35.13
C ARG I 172 -16.67 -11.22 -35.08
N PRO I 173 -15.94 -11.15 -33.94
CA PRO I 173 -14.82 -10.21 -33.87
C PRO I 173 -13.53 -10.85 -34.36
N ALA I 174 -12.44 -10.09 -34.36
CA ALA I 174 -11.17 -10.65 -34.80
C ALA I 174 -10.52 -11.49 -33.73
N GLY I 175 -10.87 -11.28 -32.47
CA GLY I 175 -10.26 -12.02 -31.39
C GLY I 175 -10.93 -11.70 -30.08
N VAL I 176 -10.97 -12.71 -29.20
CA VAL I 176 -11.59 -12.62 -27.88
C VAL I 176 -10.57 -13.12 -26.87
N GLY I 177 -10.49 -12.47 -25.71
CA GLY I 177 -9.74 -12.99 -24.59
C GLY I 177 -10.57 -12.98 -23.33
N VAL I 178 -10.44 -14.00 -22.49
CA VAL I 178 -11.19 -14.11 -21.23
C VAL I 178 -10.23 -14.61 -20.14
N VAL I 179 -10.14 -13.87 -19.04
CA VAL I 179 -9.38 -14.29 -17.86
C VAL I 179 -10.35 -14.27 -16.68
N VAL I 180 -10.44 -15.38 -15.94
CA VAL I 180 -11.33 -15.52 -14.80
C VAL I 180 -10.51 -15.91 -13.58
N GLU I 181 -10.51 -15.06 -12.55
CA GLU I 181 -9.91 -15.39 -11.26
C GLU I 181 -11.04 -15.82 -10.33
N ALA I 182 -10.78 -16.76 -9.42
CA ALA I 182 -11.83 -17.25 -8.54
C ALA I 182 -11.24 -17.94 -7.32
N THR I 183 -11.97 -17.84 -6.21
CA THR I 183 -11.65 -18.53 -4.97
C THR I 183 -12.73 -19.56 -4.67
N HIS I 184 -12.34 -20.82 -4.54
CA HIS I 184 -13.27 -21.92 -4.36
C HIS I 184 -13.46 -22.21 -2.88
N MET I 185 -14.70 -22.03 -2.40
CA MET I 185 -14.99 -22.26 -0.99
C MET I 185 -14.94 -23.73 -0.63
N CYS I 186 -14.99 -24.62 -1.62
CA CYS I 186 -14.72 -26.04 -1.44
C CYS I 186 -13.23 -26.36 -1.43
N MET I 187 -12.36 -25.35 -1.36
CA MET I 187 -10.96 -25.51 -1.06
C MET I 187 -10.54 -24.71 0.16
N VAL I 188 -11.31 -23.69 0.55
CA VAL I 188 -10.99 -22.80 1.65
C VAL I 188 -11.64 -23.31 2.92
N MET I 189 -12.97 -23.47 2.89
CA MET I 189 -13.70 -23.95 4.05
C MET I 189 -13.38 -25.41 4.34
N ARG I 190 -13.69 -26.28 3.39
CA ARG I 190 -13.65 -27.71 3.62
C ARG I 190 -12.57 -28.38 2.78
N GLY I 191 -12.05 -29.48 3.30
CA GLY I 191 -11.12 -30.28 2.55
C GLY I 191 -9.66 -30.00 2.85
N VAL I 192 -9.02 -29.20 2.00
CA VAL I 192 -7.59 -28.94 2.12
C VAL I 192 -7.33 -27.73 3.00
N GLN I 193 -8.26 -26.77 2.97
CA GLN I 193 -8.22 -25.53 3.76
C GLN I 193 -6.99 -24.70 3.44
N LYS I 194 -6.90 -24.29 2.18
CA LYS I 194 -5.96 -23.28 1.71
C LYS I 194 -6.76 -22.01 1.50
N MET I 195 -6.70 -21.10 2.47
CA MET I 195 -7.59 -19.96 2.49
C MET I 195 -7.15 -18.90 1.49
N ASN I 196 -5.91 -18.97 1.02
CA ASN I 196 -5.33 -17.97 0.14
C ASN I 196 -5.31 -18.39 -1.32
N SER I 197 -5.62 -19.65 -1.65
CA SER I 197 -5.49 -20.12 -3.01
C SER I 197 -6.56 -19.54 -3.91
N LYS I 198 -6.23 -19.38 -5.21
CA LYS I 198 -7.05 -18.63 -6.13
C LYS I 198 -6.73 -19.07 -7.57
N THR I 199 -7.60 -19.89 -8.14
CA THR I 199 -7.31 -20.44 -9.46
C THR I 199 -7.61 -19.44 -10.56
N VAL I 200 -6.69 -19.32 -11.52
CA VAL I 200 -6.88 -18.45 -12.69
C VAL I 200 -6.97 -19.33 -13.92
N THR I 201 -7.96 -19.09 -14.78
CA THR I 201 -8.08 -19.73 -16.08
C THR I 201 -8.15 -18.66 -17.16
N SER I 202 -7.83 -19.05 -18.40
CA SER I 202 -7.60 -18.05 -19.43
C SER I 202 -7.78 -18.62 -20.83
N THR I 203 -8.74 -18.07 -21.57
CA THR I 203 -9.09 -18.49 -22.93
C THR I 203 -8.79 -17.38 -23.91
N MET I 204 -8.09 -17.70 -24.99
CA MET I 204 -7.79 -16.75 -26.05
C MET I 204 -8.25 -17.34 -27.37
N LEU I 205 -8.98 -16.56 -28.16
CA LEU I 205 -9.51 -17.02 -29.44
C LEU I 205 -9.16 -16.01 -30.52
N GLY I 206 -9.09 -16.47 -31.75
CA GLY I 206 -8.86 -15.56 -32.85
C GLY I 206 -7.43 -15.09 -32.91
N VAL I 207 -7.23 -13.78 -33.05
CA VAL I 207 -5.87 -13.26 -33.14
C VAL I 207 -5.30 -12.93 -31.77
N PHE I 208 -5.98 -13.27 -30.68
CA PHE I 208 -5.27 -13.28 -29.41
C PHE I 208 -4.43 -14.55 -29.28
N ARG I 209 -4.79 -15.59 -30.01
CA ARG I 209 -4.09 -16.86 -29.99
C ARG I 209 -2.98 -16.90 -31.03
N GLU I 210 -3.21 -16.28 -32.18
CA GLU I 210 -2.24 -16.37 -33.28
C GLU I 210 -1.14 -15.34 -33.14
N ASP I 211 -1.47 -14.14 -32.67
CA ASP I 211 -0.52 -13.04 -32.57
C ASP I 211 -0.04 -12.91 -31.14
N PRO I 212 1.26 -12.98 -30.88
CA PRO I 212 1.72 -12.81 -29.49
C PRO I 212 1.83 -11.37 -29.05
N LYS I 213 1.88 -10.41 -29.98
CA LYS I 213 1.92 -9.01 -29.59
C LYS I 213 0.53 -8.46 -29.30
N THR I 214 -0.50 -9.26 -29.54
CA THR I 214 -1.87 -8.84 -29.24
C THR I 214 -2.30 -9.37 -27.88
N ARG I 215 -1.64 -10.42 -27.41
CA ARG I 215 -1.96 -10.96 -26.10
C ARG I 215 -1.13 -10.28 -25.01
N GLU I 216 0.00 -9.68 -25.38
CA GLU I 216 0.84 -9.02 -24.38
C GLU I 216 0.33 -7.63 -24.05
N GLU I 217 -0.62 -7.11 -24.84
CA GLU I 217 -1.22 -5.82 -24.55
C GLU I 217 -2.45 -5.98 -23.66
N PHE I 218 -3.24 -7.01 -23.91
CA PHE I 218 -4.37 -7.36 -23.07
C PHE I 218 -3.95 -7.65 -21.64
N LEU I 219 -2.82 -8.33 -21.46
CA LEU I 219 -2.38 -8.72 -20.13
C LEU I 219 -1.75 -7.56 -19.36
N THR I 220 -1.56 -6.41 -20.02
CA THR I 220 -0.89 -5.28 -19.40
C THR I 220 -1.89 -4.23 -18.94
N LEU I 221 -2.89 -3.93 -19.77
CA LEU I 221 -3.87 -2.90 -19.42
C LEU I 221 -4.82 -3.33 -18.32
N ILE I 222 -5.06 -4.64 -18.16
CA ILE I 222 -5.92 -5.13 -17.08
C ILE I 222 -5.26 -4.98 -15.72
N ARG I 223 -3.96 -4.75 -15.67
CA ARG I 223 -3.23 -4.58 -14.43
C ARG I 223 -3.38 -3.16 -13.92
N LEU J 42 6.04 -44.23 17.94
CA LEU J 42 5.91 -43.10 18.85
C LEU J 42 6.62 -43.21 20.23
N PRO J 43 6.60 -44.35 20.94
CA PRO J 43 7.39 -44.40 22.18
C PRO J 43 8.89 -44.36 21.97
N ASN J 44 9.39 -44.70 20.78
CA ASN J 44 10.81 -44.53 20.51
C ASN J 44 11.14 -43.06 20.26
N LEU J 45 10.24 -42.33 19.60
CA LEU J 45 10.43 -40.88 19.48
C LEU J 45 10.21 -40.18 20.82
N ALA J 46 9.27 -40.66 21.63
CA ALA J 46 8.99 -40.03 22.92
C ALA J 46 10.18 -40.15 23.87
N ALA J 47 10.94 -41.24 23.74
CA ALA J 47 12.20 -41.34 24.48
C ALA J 47 13.31 -40.56 23.79
N ALA J 48 13.14 -40.26 22.50
CA ALA J 48 14.22 -39.63 21.75
C ALA J 48 14.25 -38.14 21.96
N TYR J 49 13.10 -37.51 22.24
CA TYR J 49 13.14 -36.12 22.69
C TYR J 49 13.39 -36.00 24.18
N SER J 50 13.27 -37.09 24.93
CA SER J 50 13.55 -37.05 26.36
C SER J 50 15.05 -36.90 26.61
N SER J 51 15.88 -37.45 25.73
CA SER J 51 17.33 -37.30 25.87
C SER J 51 17.82 -35.96 25.36
N ILE J 52 17.00 -35.28 24.56
CA ILE J 52 17.35 -33.91 24.13
C ILE J 52 17.12 -32.93 25.27
N LEU J 53 15.99 -33.07 25.98
CA LEU J 53 15.65 -32.14 27.06
C LEU J 53 16.63 -32.25 28.22
N SER J 54 17.12 -33.46 28.49
CA SER J 54 18.13 -33.63 29.54
C SER J 54 19.48 -33.10 29.09
N SER J 55 19.72 -33.04 27.77
CA SER J 55 21.04 -32.66 27.28
C SER J 55 21.23 -31.16 27.20
N LEU J 56 20.16 -30.38 27.16
CA LEU J 56 20.27 -28.93 27.05
C LEU J 56 20.39 -28.23 28.40
N GLY J 57 20.35 -28.96 29.51
CA GLY J 57 20.36 -28.35 30.81
C GLY J 57 19.00 -28.02 31.37
N GLU J 58 17.94 -28.56 30.79
CA GLU J 58 16.59 -28.34 31.29
C GLU J 58 16.30 -29.22 32.48
N ASN J 59 15.09 -29.09 32.97
CA ASN J 59 14.55 -30.04 33.94
C ASN J 59 13.27 -30.61 33.35
N PRO J 60 13.23 -31.91 33.01
CA PRO J 60 11.99 -32.46 32.45
C PRO J 60 10.88 -32.68 33.46
N GLN J 61 11.10 -32.34 34.73
CA GLN J 61 10.16 -32.61 35.79
C GLN J 61 9.17 -31.47 36.03
N ARG J 62 9.44 -30.28 35.51
CA ARG J 62 8.54 -29.17 35.75
C ARG J 62 7.30 -29.28 34.86
N GLN J 63 6.31 -28.42 35.14
CA GLN J 63 4.97 -28.59 34.59
C GLN J 63 4.94 -28.34 33.08
N GLY J 64 5.81 -27.45 32.59
CA GLY J 64 5.86 -27.21 31.16
C GLY J 64 6.42 -28.36 30.36
N LEU J 65 7.36 -29.12 30.92
CA LEU J 65 8.06 -30.17 30.19
C LEU J 65 7.67 -31.57 30.61
N LEU J 66 6.43 -31.80 31.02
CA LEU J 66 5.99 -33.17 31.33
C LEU J 66 5.47 -33.88 30.09
N LYS J 67 4.50 -33.29 29.41
CA LYS J 67 3.98 -33.87 28.18
C LYS J 67 4.75 -33.43 26.94
N THR J 68 5.87 -32.74 27.11
CA THR J 68 6.67 -32.29 25.97
C THR J 68 7.32 -33.43 25.19
N PRO J 69 7.84 -34.53 25.80
CA PRO J 69 8.21 -35.68 24.95
C PRO J 69 7.07 -36.30 24.15
N TRP J 70 5.83 -36.32 24.66
CA TRP J 70 4.76 -37.00 23.96
C TRP J 70 3.97 -36.10 23.03
N ARG J 71 4.07 -34.77 23.18
CA ARG J 71 3.40 -33.87 22.26
C ARG J 71 4.30 -33.48 21.10
N ALA J 72 5.61 -33.39 21.34
CA ALA J 72 6.52 -33.00 20.28
C ALA J 72 6.79 -34.17 19.35
N ALA J 73 6.75 -35.40 19.87
CA ALA J 73 7.00 -36.56 19.03
C ALA J 73 5.83 -36.84 18.10
N SER J 74 4.61 -36.51 18.52
CA SER J 74 3.47 -36.68 17.63
C SER J 74 3.41 -35.57 16.59
N ALA J 75 4.11 -34.46 16.85
CA ALA J 75 4.18 -33.39 15.86
C ALA J 75 5.30 -33.63 14.86
N MET J 76 6.21 -34.58 15.16
CA MET J 76 7.25 -34.93 14.21
C MET J 76 6.76 -36.02 13.27
N GLN J 77 5.68 -36.70 13.63
CA GLN J 77 5.04 -37.65 12.71
C GLN J 77 3.97 -36.98 11.88
N PHE J 78 3.54 -35.79 12.26
CA PHE J 78 2.68 -35.02 11.37
C PHE J 78 3.50 -34.35 10.29
N PHE J 79 4.73 -33.94 10.61
CA PHE J 79 5.56 -33.20 9.67
C PHE J 79 6.20 -34.11 8.65
N THR J 80 6.27 -35.41 8.93
CA THR J 80 6.78 -36.41 8.00
C THR J 80 5.75 -37.50 7.73
N LYS J 81 4.47 -37.14 7.57
CA LYS J 81 3.46 -38.13 7.25
C LYS J 81 3.24 -38.31 5.77
N GLY J 82 4.07 -37.68 4.94
CA GLY J 82 3.87 -37.79 3.51
C GLY J 82 4.36 -39.10 2.93
N TYR J 83 5.15 -39.86 3.70
CA TYR J 83 5.75 -41.06 3.16
C TYR J 83 4.74 -42.19 2.98
N GLN J 84 3.67 -42.18 3.77
CA GLN J 84 2.69 -43.25 3.68
C GLN J 84 1.61 -42.94 2.66
N GLU J 85 1.71 -41.80 1.97
CA GLU J 85 0.71 -41.45 0.97
C GLU J 85 1.22 -41.76 -0.44
N THR J 86 0.28 -42.01 -1.35
CA THR J 86 0.57 -42.46 -2.71
C THR J 86 -0.32 -41.68 -3.67
N ILE J 87 0.17 -41.44 -4.89
CA ILE J 87 -0.52 -40.60 -5.86
C ILE J 87 -1.85 -41.22 -6.28
N SER J 88 -1.88 -42.54 -6.43
CA SER J 88 -3.09 -43.20 -6.91
C SER J 88 -4.20 -43.19 -5.88
N ASP J 89 -3.84 -43.27 -4.60
CA ASP J 89 -4.85 -43.28 -3.54
C ASP J 89 -5.42 -41.88 -3.30
N VAL J 90 -4.72 -40.85 -3.76
CA VAL J 90 -5.06 -39.46 -3.43
C VAL J 90 -5.92 -38.85 -4.52
N LEU J 91 -5.63 -39.15 -5.79
CA LEU J 91 -6.35 -38.55 -6.91
C LEU J 91 -7.82 -38.95 -6.97
N ASN J 92 -8.13 -40.18 -6.52
CA ASN J 92 -9.50 -40.61 -6.21
C ASN J 92 -10.42 -40.54 -7.43
N ASP J 93 -9.85 -40.88 -8.60
CA ASP J 93 -10.56 -40.98 -9.89
C ASP J 93 -11.16 -39.62 -10.30
N ALA J 94 -10.54 -38.54 -9.85
CA ALA J 94 -10.97 -37.19 -10.20
C ALA J 94 -10.10 -36.60 -11.31
N ILE J 95 -10.20 -37.19 -12.50
CA ILE J 95 -9.58 -36.66 -13.70
C ILE J 95 -10.67 -36.58 -14.75
N PHE J 96 -11.03 -35.36 -15.14
CA PHE J 96 -12.26 -35.10 -15.88
C PHE J 96 -11.97 -34.82 -17.35
N ASP J 97 -12.82 -35.38 -18.21
CA ASP J 97 -12.60 -35.34 -19.65
C ASP J 97 -13.39 -34.18 -20.24
N GLU J 98 -12.68 -33.28 -20.93
CA GLU J 98 -13.24 -32.02 -21.42
C GLU J 98 -12.27 -31.43 -22.43
N ASP J 99 -12.83 -30.74 -23.44
CA ASP J 99 -12.08 -30.23 -24.58
C ASP J 99 -11.35 -28.91 -24.31
N HIS J 100 -11.06 -28.60 -23.05
CA HIS J 100 -10.48 -27.30 -22.69
C HIS J 100 -8.97 -27.44 -22.69
N ASP J 101 -8.32 -26.92 -23.75
CA ASP J 101 -6.88 -26.99 -23.91
C ASP J 101 -6.17 -25.68 -23.58
N GLU J 102 -6.72 -24.90 -22.67
CA GLU J 102 -6.17 -23.59 -22.34
C GLU J 102 -5.60 -23.63 -20.93
N MET J 103 -4.86 -22.58 -20.57
CA MET J 103 -3.98 -22.62 -19.39
C MET J 103 -4.77 -22.56 -18.09
N VAL J 104 -4.33 -23.34 -17.10
CA VAL J 104 -4.92 -23.42 -15.77
C VAL J 104 -3.83 -23.19 -14.74
N ILE J 105 -3.95 -22.13 -13.95
CA ILE J 105 -2.94 -21.77 -12.95
C ILE J 105 -3.57 -21.80 -11.57
N VAL J 106 -2.95 -22.50 -10.63
CA VAL J 106 -3.41 -22.56 -9.24
C VAL J 106 -2.33 -21.92 -8.37
N LYS J 107 -2.59 -20.73 -7.89
CA LYS J 107 -1.59 -19.92 -7.20
C LYS J 107 -1.89 -19.84 -5.71
N ASP J 108 -0.88 -19.36 -4.97
CA ASP J 108 -0.88 -19.19 -3.51
C ASP J 108 -1.16 -20.48 -2.75
N ILE J 109 -0.67 -21.63 -3.18
CA ILE J 109 -0.82 -22.81 -2.35
C ILE J 109 0.23 -22.76 -1.25
N ASP J 110 -0.20 -22.91 -0.01
CA ASP J 110 0.70 -22.82 1.12
C ASP J 110 1.31 -24.18 1.44
N MET J 111 2.64 -24.24 1.47
CA MET J 111 3.35 -25.44 1.91
C MET J 111 4.04 -25.12 3.22
N PHE J 112 4.45 -26.16 3.93
CA PHE J 112 5.12 -26.08 5.21
C PHE J 112 6.01 -27.31 5.34
N SER J 113 7.30 -27.15 5.08
CA SER J 113 8.18 -28.31 5.00
C SER J 113 9.22 -28.27 6.11
N MET J 114 9.90 -29.41 6.25
CA MET J 114 11.00 -29.58 7.20
C MET J 114 12.28 -29.78 6.42
N CYS J 115 13.27 -28.92 6.66
CA CYS J 115 14.57 -29.09 6.04
C CYS J 115 15.24 -30.35 6.55
N GLU J 116 16.15 -30.91 5.75
CA GLU J 116 16.77 -32.16 6.14
C GLU J 116 18.26 -32.04 6.42
N HIS J 117 18.81 -30.84 6.41
CA HIS J 117 20.15 -30.65 6.92
C HIS J 117 20.15 -30.24 8.38
N HIS J 118 19.28 -29.31 8.78
CA HIS J 118 19.24 -28.82 10.13
C HIS J 118 17.99 -29.24 10.89
N LEU J 119 17.01 -29.91 10.26
CA LEU J 119 15.75 -30.36 10.87
C LEU J 119 14.95 -29.18 11.42
N VAL J 120 15.00 -28.06 10.72
CA VAL J 120 14.37 -26.80 11.12
C VAL J 120 13.46 -26.39 9.98
N PRO J 121 12.21 -25.95 10.24
CA PRO J 121 11.25 -25.76 9.14
C PRO J 121 11.62 -24.68 8.13
N PHE J 122 11.04 -24.79 6.94
CA PHE J 122 10.93 -23.69 6.01
C PHE J 122 9.53 -23.70 5.43
N VAL J 123 8.95 -22.51 5.29
CA VAL J 123 7.55 -22.34 4.88
C VAL J 123 7.53 -21.50 3.61
N GLY J 124 6.43 -21.56 2.87
CA GLY J 124 6.36 -20.75 1.66
C GLY J 124 5.07 -20.93 0.89
N LYS J 125 5.12 -20.53 -0.38
CA LYS J 125 3.99 -20.60 -1.29
C LYS J 125 4.39 -21.35 -2.56
N VAL J 126 3.45 -22.09 -3.13
CA VAL J 126 3.69 -22.90 -4.32
C VAL J 126 2.75 -22.41 -5.43
N HIS J 127 3.28 -22.17 -6.61
CA HIS J 127 2.51 -21.76 -7.77
C HIS J 127 2.64 -22.81 -8.85
N ILE J 128 1.52 -23.38 -9.28
CA ILE J 128 1.50 -24.49 -10.22
C ILE J 128 0.62 -24.09 -11.39
N GLY J 129 1.09 -24.33 -12.60
CA GLY J 129 0.25 -24.12 -13.77
C GLY J 129 0.43 -25.22 -14.78
N TYR J 130 -0.63 -25.59 -15.52
CA TYR J 130 -0.48 -26.67 -16.48
C TYR J 130 -1.38 -26.42 -17.67
N LEU J 131 -1.05 -27.07 -18.79
CA LEU J 131 -1.87 -27.07 -19.99
C LEU J 131 -2.52 -28.43 -20.16
N PRO J 132 -3.81 -28.57 -19.87
CA PRO J 132 -4.43 -29.89 -19.97
C PRO J 132 -4.61 -30.33 -21.40
N ASN J 133 -4.40 -31.62 -21.62
CA ASN J 133 -4.51 -32.24 -22.93
C ASN J 133 -5.71 -33.17 -22.88
N LYS J 134 -6.89 -32.58 -23.05
CA LYS J 134 -8.22 -33.21 -23.02
C LYS J 134 -8.55 -33.91 -21.70
N GLN J 135 -7.81 -33.66 -20.62
CA GLN J 135 -8.10 -34.22 -19.31
C GLN J 135 -7.75 -33.17 -18.27
N VAL J 136 -8.76 -32.68 -17.54
CA VAL J 136 -8.59 -31.67 -16.51
C VAL J 136 -8.54 -32.39 -15.16
N LEU J 137 -7.59 -32.01 -14.32
CA LEU J 137 -7.50 -32.49 -12.95
C LEU J 137 -8.25 -31.53 -12.01
N GLY J 138 -8.79 -32.07 -10.93
CA GLY J 138 -9.53 -31.25 -9.99
C GLY J 138 -8.60 -30.34 -9.20
N LEU J 139 -9.14 -29.20 -8.78
CA LEU J 139 -8.31 -28.15 -8.23
C LEU J 139 -7.86 -28.47 -6.81
N SER J 140 -8.56 -29.39 -6.15
CA SER J 140 -8.14 -29.80 -4.82
C SER J 140 -7.01 -30.81 -4.87
N LYS J 141 -6.99 -31.65 -5.90
CA LYS J 141 -5.97 -32.69 -5.97
C LYS J 141 -4.64 -32.11 -6.39
N LEU J 142 -4.63 -30.94 -7.03
CA LEU J 142 -3.38 -30.25 -7.29
C LEU J 142 -2.74 -29.73 -6.02
N ALA J 143 -3.54 -29.35 -5.05
CA ALA J 143 -3.08 -28.86 -3.76
C ALA J 143 -2.88 -29.97 -2.74
N ARG J 144 -3.34 -31.18 -3.05
CA ARG J 144 -3.21 -32.34 -2.19
C ARG J 144 -2.04 -33.21 -2.61
N ILE J 145 -1.53 -33.03 -3.83
CA ILE J 145 -0.26 -33.56 -4.31
C ILE J 145 0.88 -32.90 -3.55
N VAL J 146 0.79 -31.59 -3.34
CA VAL J 146 1.82 -30.80 -2.65
C VAL J 146 1.96 -31.27 -1.21
N GLU J 147 0.84 -31.60 -0.57
CA GLU J 147 0.85 -32.09 0.81
C GLU J 147 1.59 -33.42 0.92
N ILE J 148 1.69 -34.17 -0.18
CA ILE J 148 2.40 -35.45 -0.14
C ILE J 148 3.90 -35.21 -0.11
N TYR J 149 4.38 -34.28 -0.93
CA TYR J 149 5.82 -34.10 -1.11
C TYR J 149 6.41 -33.03 -0.22
N SER J 150 5.61 -32.11 0.32
CA SER J 150 6.18 -31.12 1.21
C SER J 150 6.26 -31.64 2.64
N ARG J 151 5.37 -32.55 3.02
CA ARG J 151 5.38 -33.16 4.35
C ARG J 151 6.39 -34.31 4.43
N ARG J 152 7.63 -33.99 4.09
CA ARG J 152 8.75 -34.93 4.15
C ARG J 152 9.95 -34.12 4.58
N LEU J 153 11.06 -34.82 4.81
CA LEU J 153 12.33 -34.13 4.92
C LEU J 153 12.80 -33.78 3.52
N GLN J 154 12.88 -32.49 3.20
CA GLN J 154 13.12 -32.09 1.83
C GLN J 154 14.29 -31.10 1.70
N VAL J 155 14.67 -30.90 0.44
CA VAL J 155 15.55 -29.84 -0.03
C VAL J 155 14.80 -29.16 -1.17
N GLN J 156 14.80 -27.82 -1.19
CA GLN J 156 13.84 -27.07 -2.01
C GLN J 156 14.02 -27.31 -3.51
N GLU J 157 15.27 -27.53 -3.95
CA GLU J 157 15.52 -27.93 -5.33
C GLU J 157 14.90 -29.29 -5.64
N ARG J 158 14.94 -30.22 -4.69
CA ARG J 158 14.31 -31.52 -4.93
C ARG J 158 12.81 -31.42 -4.80
N LEU J 159 12.33 -30.55 -3.91
CA LEU J 159 10.89 -30.39 -3.68
C LEU J 159 10.20 -29.80 -4.90
N THR J 160 10.89 -28.91 -5.63
CA THR J 160 10.30 -28.30 -6.80
C THR J 160 10.10 -29.31 -7.92
N LYS J 161 11.09 -30.18 -8.12
CA LYS J 161 11.08 -31.10 -9.24
C LYS J 161 10.08 -32.22 -9.05
N GLN J 162 9.82 -32.62 -7.81
CA GLN J 162 8.99 -33.79 -7.56
C GLN J 162 7.51 -33.52 -7.77
N ILE J 163 7.08 -32.27 -7.53
CA ILE J 163 5.69 -31.92 -7.79
C ILE J 163 5.42 -31.92 -9.29
N ALA J 164 6.36 -31.38 -10.07
CA ALA J 164 6.14 -31.26 -11.51
C ALA J 164 6.20 -32.61 -12.21
N VAL J 165 6.97 -33.55 -11.68
CA VAL J 165 7.01 -34.89 -12.24
C VAL J 165 5.78 -35.69 -11.81
N ALA J 166 5.24 -35.40 -10.63
CA ALA J 166 4.04 -36.08 -10.16
C ALA J 166 2.80 -35.63 -10.93
N ILE J 167 2.81 -34.40 -11.43
CA ILE J 167 1.67 -33.92 -12.23
C ILE J 167 1.79 -34.43 -13.66
N THR J 168 3.02 -34.59 -14.15
CA THR J 168 3.24 -35.12 -15.48
C THR J 168 2.80 -36.57 -15.59
N GLU J 169 3.11 -37.38 -14.57
CA GLU J 169 2.78 -38.80 -14.63
C GLU J 169 1.30 -39.05 -14.37
N ALA J 170 0.59 -38.06 -13.83
CA ALA J 170 -0.82 -38.26 -13.50
C ALA J 170 -1.73 -37.94 -14.68
N LEU J 171 -1.47 -36.85 -15.39
CA LEU J 171 -2.35 -36.34 -16.42
C LEU J 171 -1.87 -36.60 -17.84
N ARG J 172 -0.56 -36.77 -18.02
CA ARG J 172 0.14 -36.52 -19.27
C ARG J 172 -0.29 -35.21 -19.95
N PRO J 173 0.05 -34.04 -19.37
CA PRO J 173 -0.37 -32.79 -19.99
C PRO J 173 0.65 -32.30 -21.00
N ALA J 174 0.37 -31.17 -21.65
CA ALA J 174 1.31 -30.64 -22.62
C ALA J 174 2.46 -29.91 -21.97
N GLY J 175 2.28 -29.45 -20.74
CA GLY J 175 3.32 -28.72 -20.06
C GLY J 175 2.94 -28.43 -18.63
N VAL J 176 3.95 -28.39 -17.77
CA VAL J 176 3.79 -28.15 -16.33
C VAL J 176 4.77 -27.05 -15.95
N GLY J 177 4.34 -26.15 -15.07
CA GLY J 177 5.24 -25.20 -14.46
C GLY J 177 5.07 -25.17 -12.96
N VAL J 178 6.16 -25.03 -12.20
CA VAL J 178 6.13 -25.00 -10.74
C VAL J 178 7.07 -23.91 -10.27
N VAL J 179 6.58 -22.97 -9.46
CA VAL J 179 7.39 -21.96 -8.80
C VAL J 179 7.14 -22.08 -7.31
N VAL J 180 8.22 -22.19 -6.52
CA VAL J 180 8.14 -22.34 -5.07
C VAL J 180 8.96 -21.23 -4.42
N GLU J 181 8.31 -20.38 -3.63
CA GLU J 181 8.99 -19.38 -2.81
C GLU J 181 9.07 -19.93 -1.40
N ALA J 182 10.13 -19.63 -0.67
CA ALA J 182 10.30 -20.16 0.68
C ALA J 182 11.30 -19.35 1.48
N THR J 183 11.07 -19.29 2.79
CA THR J 183 11.98 -18.68 3.75
C THR J 183 12.55 -19.76 4.67
N HIS J 184 13.86 -19.87 4.71
CA HIS J 184 14.53 -20.93 5.46
C HIS J 184 14.90 -20.41 6.85
N MET J 185 14.34 -21.04 7.88
CA MET J 185 14.60 -20.63 9.25
C MET J 185 16.02 -20.97 9.68
N CYS J 186 16.69 -21.87 8.95
CA CYS J 186 18.12 -22.12 9.11
C CYS J 186 18.97 -21.09 8.38
N MET J 187 18.39 -20.01 7.89
CA MET J 187 19.10 -18.83 7.43
C MET J 187 18.68 -17.57 8.16
N VAL J 188 17.51 -17.57 8.79
CA VAL J 188 16.95 -16.41 9.46
C VAL J 188 17.31 -16.46 10.94
N MET J 189 16.96 -17.55 11.60
CA MET J 189 17.25 -17.69 13.03
C MET J 189 18.74 -17.87 13.25
N ARG J 190 19.32 -18.93 12.70
CA ARG J 190 20.67 -19.34 13.03
C ARG J 190 21.59 -19.21 11.82
N GLY J 191 22.86 -18.96 12.11
CA GLY J 191 23.87 -18.93 11.06
C GLY J 191 24.19 -17.56 10.53
N VAL J 192 23.60 -17.20 9.39
CA VAL J 192 23.93 -15.94 8.73
C VAL J 192 23.02 -14.83 9.22
N GLN J 193 21.78 -15.17 9.57
CA GLN J 193 20.76 -14.27 10.11
C GLN J 193 20.42 -13.16 9.10
N LYS J 194 19.92 -13.59 7.95
CA LYS J 194 19.31 -12.72 6.95
C LYS J 194 17.81 -12.96 7.05
N MET J 195 17.11 -12.05 7.75
CA MET J 195 15.73 -12.29 8.12
C MET J 195 14.80 -12.06 6.94
N ASN J 196 15.29 -11.38 5.90
CA ASN J 196 14.48 -11.00 4.75
C ASN J 196 14.70 -11.89 3.54
N SER J 197 15.69 -12.79 3.55
CA SER J 197 16.01 -13.58 2.37
C SER J 197 14.96 -14.63 2.11
N LYS J 198 14.79 -14.98 0.82
CA LYS J 198 13.67 -15.81 0.39
C LYS J 198 14.02 -16.46 -0.95
N THR J 199 14.37 -17.74 -0.91
CA THR J 199 14.84 -18.41 -2.11
C THR J 199 13.66 -18.82 -3.00
N VAL J 200 13.78 -18.56 -4.30
CA VAL J 200 12.78 -18.97 -5.29
C VAL J 200 13.41 -20.02 -6.20
N THR J 201 12.70 -21.13 -6.43
CA THR J 201 13.08 -22.13 -7.41
C THR J 201 11.94 -22.34 -8.41
N SER J 202 12.27 -22.87 -9.58
CA SER J 202 11.32 -22.84 -10.67
C SER J 202 11.60 -23.93 -11.71
N THR J 203 10.63 -24.83 -11.90
CA THR J 203 10.74 -25.96 -12.81
C THR J 203 9.71 -25.82 -13.93
N MET J 204 10.14 -25.95 -15.18
CA MET J 204 9.24 -25.89 -16.33
C MET J 204 9.46 -27.16 -17.15
N LEU J 205 8.37 -27.82 -17.52
CA LEU J 205 8.43 -29.07 -18.27
C LEU J 205 7.51 -28.96 -19.48
N GLY J 206 7.81 -29.72 -20.52
CA GLY J 206 6.92 -29.77 -21.66
C GLY J 206 7.04 -28.52 -22.51
N VAL J 207 5.90 -27.93 -22.87
CA VAL J 207 5.92 -26.73 -23.69
C VAL J 207 6.01 -25.47 -22.86
N PHE J 208 6.19 -25.56 -21.55
CA PHE J 208 6.62 -24.37 -20.85
C PHE J 208 8.11 -24.15 -21.03
N ARG J 209 8.86 -25.20 -21.36
CA ARG J 209 10.30 -25.14 -21.58
C ARG J 209 10.62 -24.83 -23.03
N GLU J 210 9.83 -25.37 -23.96
CA GLU J 210 10.14 -25.23 -25.37
C GLU J 210 9.63 -23.91 -25.93
N ASP J 211 8.46 -23.46 -25.49
CA ASP J 211 7.83 -22.26 -26.01
C ASP J 211 8.06 -21.11 -25.06
N PRO J 212 8.65 -20.00 -25.51
CA PRO J 212 8.84 -18.87 -24.60
C PRO J 212 7.61 -18.01 -24.42
N LYS J 213 6.64 -18.09 -25.33
CA LYS J 213 5.42 -17.30 -25.16
C LYS J 213 4.42 -18.00 -24.25
N THR J 214 4.73 -19.23 -23.83
CA THR J 214 3.87 -19.96 -22.92
C THR J 214 4.36 -19.79 -21.50
N ARG J 215 5.63 -19.44 -21.33
CA ARG J 215 6.16 -19.22 -20.00
C ARG J 215 5.98 -17.77 -19.56
N GLU J 216 5.82 -16.86 -20.52
CA GLU J 216 5.65 -15.45 -20.18
C GLU J 216 4.22 -15.15 -19.77
N GLU J 217 3.30 -16.08 -20.02
CA GLU J 217 1.90 -15.88 -19.58
C GLU J 217 1.69 -16.42 -18.18
N PHE J 218 2.31 -17.56 -17.87
CA PHE J 218 2.30 -18.14 -16.53
C PHE J 218 2.90 -17.18 -15.51
N LEU J 219 3.99 -16.49 -15.88
CA LEU J 219 4.67 -15.60 -14.93
C LEU J 219 3.94 -14.28 -14.74
N THR J 220 2.88 -14.04 -15.50
CA THR J 220 2.18 -12.77 -15.44
C THR J 220 0.88 -12.89 -14.64
N LEU J 221 0.12 -13.97 -14.86
CA LEU J 221 -1.15 -14.15 -14.17
C LEU J 221 -0.98 -14.46 -12.69
N ILE J 222 0.15 -15.08 -12.29
CA ILE J 222 0.39 -15.36 -10.88
C ILE J 222 0.68 -14.10 -10.08
N ARG J 223 0.97 -12.99 -10.74
CA ARG J 223 1.24 -11.74 -10.09
C ARG J 223 -0.06 -11.04 -9.71
N LEU K 42 -1.11 45.15 -16.57
CA LEU K 42 -0.34 44.14 -17.29
C LEU K 42 0.89 44.62 -18.10
N PRO K 43 0.86 45.75 -18.83
CA PRO K 43 2.11 46.21 -19.48
C PRO K 43 3.18 46.65 -18.49
N ASN K 44 2.82 47.03 -17.26
CA ASN K 44 3.84 47.32 -16.27
C ASN K 44 4.48 46.05 -15.74
N LEU K 45 3.70 44.98 -15.59
CA LEU K 45 4.28 43.70 -15.24
C LEU K 45 5.04 43.09 -16.41
N ALA K 46 4.57 43.30 -17.64
CA ALA K 46 5.24 42.75 -18.81
C ALA K 46 6.63 43.37 -19.00
N ALA K 47 6.79 44.63 -18.60
CA ALA K 47 8.11 45.23 -18.58
C ALA K 47 8.89 44.80 -17.34
N ALA K 48 8.19 44.35 -16.31
CA ALA K 48 8.84 44.06 -15.04
C ALA K 48 9.50 42.68 -15.06
N TYR K 49 8.96 41.74 -15.83
CA TYR K 49 9.70 40.49 -16.04
C TYR K 49 10.72 40.62 -17.16
N SER K 50 10.65 41.68 -17.96
CA SER K 50 11.63 41.88 -19.02
C SER K 50 12.98 42.28 -18.45
N SER K 51 12.97 42.98 -17.31
CA SER K 51 14.24 43.36 -16.67
C SER K 51 14.80 42.22 -15.85
N ILE K 52 13.98 41.22 -15.51
CA ILE K 52 14.49 40.03 -14.84
C ILE K 52 15.25 39.15 -15.82
N LEU K 53 14.70 38.97 -17.03
CA LEU K 53 15.32 38.08 -18.01
C LEU K 53 16.64 38.64 -18.51
N SER K 54 16.76 39.97 -18.59
CA SER K 54 18.03 40.58 -18.97
C SER K 54 19.04 40.50 -17.82
N SER K 55 18.55 40.40 -16.58
CA SER K 55 19.45 40.45 -15.43
C SER K 55 20.08 39.11 -15.11
N LEU K 56 19.49 38.01 -15.56
CA LEU K 56 20.02 36.69 -15.25
C LEU K 56 21.05 36.20 -16.26
N GLY K 57 21.35 36.98 -17.30
CA GLY K 57 22.26 36.54 -18.33
C GLY K 57 21.60 35.82 -19.49
N GLU K 58 20.28 35.91 -19.61
CA GLU K 58 19.57 35.29 -20.71
C GLU K 58 19.67 36.13 -21.96
N ASN K 59 19.02 35.64 -23.01
CA ASN K 59 18.79 36.44 -24.20
C ASN K 59 17.29 36.47 -24.42
N PRO K 60 16.62 37.63 -24.29
CA PRO K 60 15.17 37.67 -24.53
C PRO K 60 14.77 37.60 -25.98
N GLN K 61 15.72 37.48 -26.91
CA GLN K 61 15.44 37.51 -28.33
C GLN K 61 15.20 36.13 -28.93
N ARG K 62 15.55 35.06 -28.23
CA ARG K 62 15.35 33.74 -28.79
C ARG K 62 13.88 33.32 -28.70
N GLN K 63 13.55 32.20 -29.36
CA GLN K 63 12.16 31.85 -29.61
C GLN K 63 11.43 31.46 -28.33
N GLY K 64 12.16 30.87 -27.37
CA GLY K 64 11.53 30.52 -26.10
C GLY K 64 11.15 31.71 -25.25
N LEU K 65 11.92 32.80 -25.31
CA LEU K 65 11.71 33.94 -24.44
C LEU K 65 11.15 35.17 -25.15
N LEU K 66 10.31 35.00 -26.16
CA LEU K 66 9.67 36.15 -26.80
C LEU K 66 8.37 36.52 -26.09
N LYS K 67 7.46 35.55 -25.95
CA LYS K 67 6.21 35.80 -25.26
C LYS K 67 6.31 35.53 -23.76
N THR K 68 7.52 35.29 -23.24
CA THR K 68 7.70 35.03 -21.82
C THR K 68 7.40 36.24 -20.93
N PRO K 69 7.74 37.50 -21.28
CA PRO K 69 7.19 38.62 -20.49
C PRO K 69 5.66 38.73 -20.47
N TRP K 70 4.98 38.37 -21.55
CA TRP K 70 3.54 38.57 -21.59
C TRP K 70 2.74 37.36 -21.13
N ARG K 71 3.35 36.17 -21.08
CA ARG K 71 2.66 35.00 -20.55
C ARG K 71 2.89 34.83 -19.06
N ALA K 72 4.07 35.22 -18.57
CA ALA K 72 4.35 35.07 -17.15
C ALA K 72 3.67 36.16 -16.34
N ALA K 73 3.49 37.34 -16.93
CA ALA K 73 2.86 38.43 -16.21
C ALA K 73 1.36 38.20 -16.07
N SER K 74 0.74 37.51 -17.02
CA SER K 74 -0.68 37.19 -16.89
C SER K 74 -0.89 36.02 -15.93
N ALA K 75 0.16 35.25 -15.66
CA ALA K 75 0.08 34.18 -14.67
C ALA K 75 0.35 34.70 -13.27
N MET K 76 0.89 35.91 -13.15
CA MET K 76 1.08 36.51 -11.84
C MET K 76 -0.17 37.26 -11.40
N GLN K 77 -1.06 37.56 -12.35
CA GLN K 77 -2.35 38.14 -12.00
C GLN K 77 -3.41 37.06 -11.79
N PHE K 78 -3.12 35.84 -12.21
CA PHE K 78 -4.00 34.74 -11.83
C PHE K 78 -3.69 34.29 -10.41
N PHE K 79 -2.44 34.36 -10.00
CA PHE K 79 -2.03 33.85 -8.70
C PHE K 79 -2.38 34.82 -7.59
N THR K 80 -2.62 36.09 -7.93
CA THR K 80 -3.05 37.11 -6.98
C THR K 80 -4.36 37.75 -7.41
N LYS K 81 -5.32 36.96 -7.89
CA LYS K 81 -6.62 37.51 -8.26
C LYS K 81 -7.63 37.44 -7.14
N GLY K 82 -7.20 37.05 -5.94
CA GLY K 82 -8.14 36.94 -4.84
C GLY K 82 -8.52 38.28 -4.23
N TYR K 83 -7.76 39.33 -4.54
CA TYR K 83 -7.98 40.62 -3.89
C TYR K 83 -9.26 41.29 -4.39
N GLN K 84 -9.67 41.00 -5.62
CA GLN K 84 -10.84 41.65 -6.16
C GLN K 84 -12.12 40.89 -5.82
N GLU K 85 -12.01 39.78 -5.08
CA GLU K 85 -13.19 39.03 -4.72
C GLU K 85 -13.64 39.34 -3.30
N THR K 86 -14.94 39.17 -3.04
CA THR K 86 -15.58 39.54 -1.79
C THR K 86 -16.51 38.41 -1.36
N ILE K 87 -16.68 38.25 -0.05
CA ILE K 87 -17.44 37.12 0.50
C ILE K 87 -18.91 37.20 0.08
N SER K 88 -19.47 38.42 0.06
CA SER K 88 -20.89 38.56 -0.21
C SER K 88 -21.21 38.26 -1.68
N ASP K 89 -20.29 38.59 -2.58
CA ASP K 89 -20.51 38.36 -4.00
C ASP K 89 -20.36 36.88 -4.36
N VAL K 90 -19.70 36.11 -3.50
CA VAL K 90 -19.32 34.74 -3.82
C VAL K 90 -20.35 33.75 -3.29
N LEU K 91 -20.88 34.01 -2.09
CA LEU K 91 -21.83 33.09 -1.45
C LEU K 91 -23.14 32.96 -2.21
N ASN K 92 -23.58 34.04 -2.88
CA ASN K 92 -24.63 34.01 -3.91
C ASN K 92 -25.96 33.50 -3.35
N ASP K 93 -26.25 33.90 -2.09
CA ASP K 93 -27.51 33.61 -1.39
C ASP K 93 -27.73 32.10 -1.21
N ALA K 94 -26.63 31.34 -1.15
CA ALA K 94 -26.68 29.90 -0.95
C ALA K 94 -26.39 29.55 0.50
N ILE K 95 -27.29 29.94 1.39
CA ILE K 95 -27.25 29.53 2.79
C ILE K 95 -28.63 28.97 3.12
N PHE K 96 -28.70 27.68 3.39
CA PHE K 96 -29.95 26.94 3.39
C PHE K 96 -30.40 26.63 4.81
N ASP K 97 -31.71 26.78 5.05
CA ASP K 97 -32.28 26.67 6.37
C ASP K 97 -32.80 25.26 6.58
N GLU K 98 -32.31 24.59 7.63
CA GLU K 98 -32.57 23.18 7.87
C GLU K 98 -32.13 22.85 9.30
N ASP K 99 -32.86 21.92 9.93
CA ASP K 99 -32.69 21.59 11.34
C ASP K 99 -31.54 20.63 11.62
N HIS K 100 -30.54 20.56 10.75
CA HIS K 100 -29.45 19.59 10.88
C HIS K 100 -28.32 20.23 11.66
N ASP K 101 -28.19 19.86 12.94
CA ASP K 101 -27.18 20.41 13.83
C ASP K 101 -26.00 19.48 14.05
N GLU K 102 -25.69 18.64 13.08
CA GLU K 102 -24.64 17.64 13.22
C GLU K 102 -23.46 18.01 12.33
N MET K 103 -22.34 17.33 12.50
CA MET K 103 -21.06 17.79 11.97
C MET K 103 -20.97 17.60 10.46
N VAL K 104 -20.37 18.57 9.77
CA VAL K 104 -20.17 18.56 8.33
C VAL K 104 -18.69 18.83 8.06
N ILE K 105 -18.01 17.89 7.43
CA ILE K 105 -16.58 18.00 7.15
C ILE K 105 -16.35 17.94 5.65
N VAL K 106 -15.61 18.91 5.11
CA VAL K 106 -15.26 18.94 3.69
C VAL K 106 -13.75 18.81 3.59
N LYS K 107 -13.30 17.64 3.16
CA LYS K 107 -11.88 17.31 3.18
C LYS K 107 -11.30 17.28 1.77
N ASP K 108 -9.96 17.26 1.72
CA ASP K 108 -9.14 17.24 0.51
C ASP K 108 -9.40 18.42 -0.42
N ILE K 109 -9.63 19.62 0.09
CA ILE K 109 -9.72 20.77 -0.81
C ILE K 109 -8.31 21.19 -1.18
N ASP K 110 -8.05 21.29 -2.47
CA ASP K 110 -6.72 21.64 -2.96
C ASP K 110 -6.54 23.15 -3.04
N MET K 111 -5.52 23.67 -2.37
CA MET K 111 -5.15 25.06 -2.50
C MET K 111 -3.81 25.14 -3.21
N PHE K 112 -3.48 26.33 -3.71
CA PHE K 112 -2.25 26.62 -4.43
C PHE K 112 -1.92 28.08 -4.19
N SER K 113 -0.99 28.36 -3.29
CA SER K 113 -0.75 29.73 -2.88
C SER K 113 0.66 30.17 -3.26
N MET K 114 0.87 31.47 -3.14
CA MET K 114 2.17 32.10 -3.39
C MET K 114 2.69 32.65 -2.08
N CYS K 115 3.88 32.22 -1.68
CA CYS K 115 4.51 32.75 -0.49
C CYS K 115 4.87 34.22 -0.70
N GLU K 116 4.97 34.97 0.39
CA GLU K 116 5.22 36.40 0.26
C GLU K 116 6.57 36.82 0.82
N HIS K 117 7.41 35.89 1.24
CA HIS K 117 8.79 36.22 1.52
C HIS K 117 9.69 35.99 0.33
N HIS K 118 9.54 34.87 -0.35
CA HIS K 118 10.38 34.53 -1.49
C HIS K 118 9.66 34.55 -2.82
N LEU K 119 8.34 34.79 -2.87
CA LEU K 119 7.52 34.82 -4.09
C LEU K 119 7.59 33.50 -4.85
N VAL K 120 7.66 32.40 -4.11
CA VAL K 120 7.80 31.06 -4.66
C VAL K 120 6.63 30.25 -4.13
N PRO K 121 5.95 29.44 -4.95
CA PRO K 121 4.69 28.82 -4.51
C PRO K 121 4.82 27.83 -3.35
N PHE K 122 3.70 27.62 -2.67
CA PHE K 122 3.51 26.45 -1.82
C PHE K 122 2.11 25.92 -2.06
N VAL K 123 1.99 24.60 -2.13
CA VAL K 123 0.75 23.93 -2.49
C VAL K 123 0.36 23.01 -1.35
N GLY K 124 -0.91 22.61 -1.29
CA GLY K 124 -1.32 21.70 -0.24
C GLY K 124 -2.79 21.36 -0.28
N LYS K 125 -3.27 20.87 0.87
CA LYS K 125 -4.66 20.46 1.04
C LYS K 125 -5.27 21.16 2.23
N VAL K 126 -6.56 21.48 2.16
CA VAL K 126 -7.27 22.19 3.21
C VAL K 126 -8.42 21.31 3.69
N HIS K 127 -8.54 21.15 5.01
CA HIS K 127 -9.60 20.38 5.63
C HIS K 127 -10.44 21.30 6.50
N ILE K 128 -11.72 21.40 6.22
CA ILE K 128 -12.61 22.33 6.88
C ILE K 128 -13.79 21.55 7.45
N GLY K 129 -14.13 21.80 8.70
CA GLY K 129 -15.33 21.21 9.27
C GLY K 129 -16.10 22.20 10.11
N TYR K 130 -17.43 22.10 10.14
CA TYR K 130 -18.19 23.06 10.92
C TYR K 130 -19.43 22.40 11.49
N LEU K 131 -19.98 23.01 12.54
CA LEU K 131 -21.25 22.60 13.13
C LEU K 131 -22.31 23.64 12.79
N PRO K 132 -23.21 23.35 11.86
CA PRO K 132 -24.19 24.36 11.47
C PRO K 132 -25.24 24.56 12.55
N ASN K 133 -25.64 25.82 12.71
CA ASN K 133 -26.62 26.24 13.71
C ASN K 133 -27.85 26.69 12.94
N LYS K 134 -28.66 25.72 12.52
CA LYS K 134 -29.89 25.85 11.74
C LYS K 134 -29.70 26.52 10.37
N GLN K 135 -28.47 26.66 9.88
CA GLN K 135 -28.20 27.20 8.55
C GLN K 135 -27.02 26.46 7.97
N VAL K 136 -27.26 25.72 6.88
CA VAL K 136 -26.24 24.94 6.20
C VAL K 136 -25.75 25.76 5.00
N LEU K 137 -24.43 25.82 4.83
CA LEU K 137 -23.81 26.43 3.66
C LEU K 137 -23.57 25.38 2.59
N GLY K 138 -23.61 25.80 1.32
CA GLY K 138 -23.41 24.87 0.24
C GLY K 138 -21.97 24.42 0.13
N LEU K 139 -21.78 23.21 -0.39
CA LEU K 139 -20.47 22.57 -0.31
C LEU K 139 -19.50 23.17 -1.30
N SER K 140 -20.01 23.86 -2.32
CA SER K 140 -19.12 24.51 -3.27
C SER K 140 -18.62 25.85 -2.74
N LYS K 141 -19.43 26.54 -1.94
CA LYS K 141 -19.04 27.84 -1.45
C LYS K 141 -18.01 27.72 -0.34
N LEU K 142 -17.94 26.58 0.32
CA LEU K 142 -16.87 26.33 1.27
C LEU K 142 -15.52 26.20 0.59
N ALA K 143 -15.51 25.66 -0.63
CA ALA K 143 -14.30 25.50 -1.41
C ALA K 143 -14.00 26.70 -2.29
N ARG K 144 -14.93 27.64 -2.39
CA ARG K 144 -14.78 28.85 -3.17
C ARG K 144 -14.38 30.03 -2.29
N ILE K 145 -14.56 29.91 -0.98
CA ILE K 145 -14.01 30.79 0.04
C ILE K 145 -12.49 30.65 0.07
N VAL K 146 -12.00 29.41 -0.04
CA VAL K 146 -10.58 29.09 0.01
C VAL K 146 -9.86 29.72 -1.18
N GLU K 147 -10.52 29.72 -2.35
CA GLU K 147 -9.96 30.32 -3.56
C GLU K 147 -9.78 31.83 -3.40
N ILE K 148 -10.54 32.45 -2.50
CA ILE K 148 -10.39 33.88 -2.29
C ILE K 148 -9.13 34.18 -1.51
N TYR K 149 -8.87 33.40 -0.46
CA TYR K 149 -7.77 33.71 0.46
C TYR K 149 -6.48 33.00 0.13
N SER K 150 -6.52 31.92 -0.65
CA SER K 150 -5.26 31.27 -1.00
C SER K 150 -4.62 31.93 -2.23
N ARG K 151 -5.44 32.52 -3.10
CA ARG K 151 -4.94 33.23 -4.29
C ARG K 151 -4.50 34.65 -3.94
N ARG K 152 -3.61 34.75 -2.97
CA ARG K 152 -3.04 36.00 -2.54
C ARG K 152 -1.59 35.72 -2.19
N LEU K 153 -0.84 36.78 -1.88
CA LEU K 153 0.45 36.58 -1.24
C LEU K 153 0.20 36.28 0.23
N GLN K 154 0.54 35.06 0.67
CA GLN K 154 0.15 34.64 2.00
C GLN K 154 1.32 34.10 2.82
N VAL K 155 1.03 33.92 4.11
CA VAL K 155 1.83 33.18 5.07
C VAL K 155 0.89 32.18 5.71
N GLN K 156 1.33 30.92 5.88
CA GLN K 156 0.42 29.81 6.14
C GLN K 156 -0.30 29.96 7.48
N GLU K 157 0.36 30.54 8.48
CA GLU K 157 -0.31 30.86 9.74
C GLU K 157 -1.42 31.88 9.54
N ARG K 158 -1.21 32.86 8.67
CA ARG K 158 -2.28 33.83 8.41
C ARG K 158 -3.34 33.24 7.52
N LEU K 159 -2.95 32.36 6.61
CA LEU K 159 -3.89 31.74 5.68
C LEU K 159 -4.87 30.83 6.40
N THR K 160 -4.41 30.17 7.46
CA THR K 160 -5.28 29.25 8.22
C THR K 160 -6.36 30.03 8.96
N LYS K 161 -6.00 31.16 9.55
CA LYS K 161 -6.91 31.90 10.40
C LYS K 161 -7.98 32.62 9.60
N GLN K 162 -7.67 33.03 8.37
CA GLN K 162 -8.59 33.88 7.61
C GLN K 162 -9.75 33.07 7.04
N ILE K 163 -9.53 31.79 6.73
CA ILE K 163 -10.63 30.96 6.27
C ILE K 163 -11.63 30.72 7.39
N ALA K 164 -11.12 30.45 8.60
CA ALA K 164 -12.00 30.11 9.72
C ALA K 164 -12.78 31.33 10.20
N VAL K 165 -12.22 32.53 10.06
CA VAL K 165 -12.95 33.74 10.42
C VAL K 165 -13.97 34.10 9.33
N ALA K 166 -13.66 33.77 8.08
CA ALA K 166 -14.59 34.04 6.99
C ALA K 166 -15.80 33.11 7.03
N ILE K 167 -15.64 31.92 7.58
CA ILE K 167 -16.77 31.00 7.72
C ILE K 167 -17.60 31.37 8.93
N THR K 168 -16.96 31.89 9.98
CA THR K 168 -17.67 32.33 11.17
C THR K 168 -18.57 33.53 10.88
N GLU K 169 -18.07 34.49 10.10
CA GLU K 169 -18.85 35.68 9.83
C GLU K 169 -19.95 35.45 8.80
N ALA K 170 -19.88 34.33 8.08
CA ALA K 170 -20.87 34.07 7.04
C ALA K 170 -22.09 33.34 7.60
N LEU K 171 -21.88 32.34 8.44
CA LEU K 171 -22.94 31.46 8.91
C LEU K 171 -23.39 31.72 10.33
N ARG K 172 -22.52 32.31 11.16
CA ARG K 172 -22.56 32.18 12.61
C ARG K 172 -22.80 30.75 13.08
N PRO K 173 -21.82 29.84 12.89
CA PRO K 173 -22.04 28.46 13.33
C PRO K 173 -21.60 28.25 14.76
N ALA K 174 -21.77 27.04 15.28
CA ALA K 174 -21.38 26.77 16.65
C ALA K 174 -19.88 26.55 16.77
N GLY K 175 -19.22 26.18 15.68
CA GLY K 175 -17.80 25.93 15.73
C GLY K 175 -17.25 25.66 14.35
N VAL K 176 -16.00 26.07 14.15
CA VAL K 176 -15.29 25.93 12.89
C VAL K 176 -13.95 25.28 13.19
N GLY K 177 -13.51 24.38 12.31
CA GLY K 177 -12.17 23.85 12.36
C GLY K 177 -11.50 23.93 11.00
N VAL K 178 -10.21 24.25 10.95
CA VAL K 178 -9.46 24.35 9.70
C VAL K 178 -8.09 23.70 9.91
N VAL K 179 -7.74 22.74 9.05
CA VAL K 179 -6.41 22.13 9.02
C VAL K 179 -5.86 22.32 7.62
N VAL K 180 -4.65 22.86 7.51
CA VAL K 180 -4.01 23.13 6.23
C VAL K 180 -2.64 22.44 6.22
N GLU K 181 -2.44 21.50 5.30
CA GLU K 181 -1.14 20.89 5.06
C GLU K 181 -0.53 21.58 3.85
N ALA K 182 0.79 21.73 3.82
CA ALA K 182 1.44 22.42 2.72
C ALA K 182 2.92 22.09 2.64
N THR K 183 3.45 22.09 1.42
CA THR K 183 4.86 21.93 1.15
C THR K 183 5.42 23.21 0.56
N HIS K 184 6.42 23.78 1.21
CA HIS K 184 6.99 25.06 0.81
C HIS K 184 8.16 24.85 -0.12
N MET K 185 8.05 25.35 -1.34
CA MET K 185 9.12 25.19 -2.33
C MET K 185 10.34 26.04 -1.98
N CYS K 186 10.17 27.04 -1.11
CA CYS K 186 11.28 27.77 -0.52
C CYS K 186 11.92 27.04 0.66
N MET K 187 11.57 25.77 0.87
CA MET K 187 12.30 24.88 1.75
C MET K 187 12.78 23.63 1.04
N VAL K 188 12.19 23.29 -0.10
CA VAL K 188 12.51 22.08 -0.85
C VAL K 188 13.55 22.39 -1.91
N MET K 189 13.25 23.36 -2.78
CA MET K 189 14.17 23.75 -3.82
C MET K 189 15.40 24.45 -3.27
N ARG K 190 15.19 25.58 -2.60
CA ARG K 190 16.27 26.45 -2.21
C ARG K 190 16.40 26.52 -0.70
N GLY K 191 17.63 26.76 -0.25
CA GLY K 191 17.88 26.98 1.16
C GLY K 191 18.32 25.75 1.93
N VAL K 192 17.39 25.10 2.61
CA VAL K 192 17.73 23.97 3.47
C VAL K 192 17.66 22.67 2.70
N GLN K 193 16.76 22.60 1.71
CA GLN K 193 16.55 21.46 0.83
C GLN K 193 16.15 20.21 1.61
N LYS K 194 15.01 20.32 2.29
CA LYS K 194 14.30 19.20 2.88
C LYS K 194 13.11 18.91 1.99
N MET K 195 13.24 17.90 1.13
CA MET K 195 12.27 17.68 0.07
C MET K 195 11.01 17.02 0.61
N ASN K 196 11.08 16.46 1.81
CA ASN K 196 9.98 15.72 2.40
C ASN K 196 9.21 16.49 3.45
N SER K 197 9.68 17.67 3.87
CA SER K 197 9.05 18.40 4.95
C SER K 197 7.72 19.00 4.52
N LYS K 198 6.79 19.14 5.47
CA LYS K 198 5.41 19.47 5.17
C LYS K 198 4.76 20.09 6.42
N THR K 199 4.62 21.39 6.44
CA THR K 199 4.11 22.06 7.64
C THR K 199 2.59 21.95 7.72
N VAL K 200 2.09 21.62 8.92
CA VAL K 200 0.65 21.56 9.18
C VAL K 200 0.31 22.66 10.17
N THR K 201 -0.75 23.43 9.89
CA THR K 201 -1.31 24.40 10.81
C THR K 201 -2.78 24.10 11.04
N SER K 202 -3.33 24.60 12.14
CA SER K 202 -4.63 24.13 12.58
C SER K 202 -5.33 25.13 13.49
N THR K 203 -6.49 25.63 13.05
CA THR K 203 -7.29 26.63 13.77
C THR K 203 -8.62 26.02 14.18
N MET K 204 -8.98 26.17 15.46
CA MET K 204 -10.26 25.70 15.97
C MET K 204 -10.96 26.87 16.65
N LEU K 205 -12.23 27.08 16.31
CA LEU K 205 -13.01 28.18 16.87
C LEU K 205 -14.32 27.66 17.41
N GLY K 206 -14.89 28.36 18.37
CA GLY K 206 -16.20 27.98 18.87
C GLY K 206 -16.11 26.77 19.77
N VAL K 207 -17.00 25.79 19.54
CA VAL K 207 -17.00 24.60 20.37
C VAL K 207 -16.07 23.52 19.84
N PHE K 208 -15.26 23.82 18.81
CA PHE K 208 -14.15 22.92 18.57
C PHE K 208 -13.00 23.20 19.54
N ARG K 209 -12.96 24.41 20.08
CA ARG K 209 -11.94 24.83 21.03
C ARG K 209 -12.35 24.51 22.46
N GLU K 210 -13.63 24.64 22.78
CA GLU K 210 -14.08 24.48 24.15
C GLU K 210 -14.31 23.01 24.49
N ASP K 211 -14.83 22.25 23.55
CA ASP K 211 -15.20 20.86 23.79
C ASP K 211 -14.11 19.95 23.22
N PRO K 212 -13.51 19.08 24.02
CA PRO K 212 -12.49 18.17 23.46
C PRO K 212 -13.06 16.96 22.76
N LYS K 213 -14.32 16.61 23.01
CA LYS K 213 -14.92 15.48 22.31
C LYS K 213 -15.47 15.87 20.95
N THR K 214 -15.43 17.17 20.64
CA THR K 214 -15.87 17.65 19.34
C THR K 214 -14.68 17.80 18.40
N ARG K 215 -13.48 17.93 18.96
CA ARG K 215 -12.29 18.04 18.13
C ARG K 215 -11.71 16.67 17.83
N GLU K 216 -12.03 15.66 18.64
CA GLU K 216 -11.50 14.33 18.41
C GLU K 216 -12.29 13.58 17.35
N GLU K 217 -13.46 14.11 16.97
CA GLU K 217 -14.25 13.50 15.90
C GLU K 217 -13.86 14.07 14.55
N PHE K 218 -13.62 15.37 14.50
CA PHE K 218 -13.12 16.04 13.30
C PHE K 218 -11.78 15.46 12.85
N LEU K 219 -10.89 15.15 13.80
CA LEU K 219 -9.56 14.66 13.44
C LEU K 219 -9.58 13.20 13.03
N THR K 220 -10.72 12.53 13.15
CA THR K 220 -10.80 11.09 12.86
C THR K 220 -11.43 10.85 11.49
N LEU K 221 -12.50 11.57 11.17
CA LEU K 221 -13.19 11.37 9.89
C LEU K 221 -12.40 11.88 8.70
N ILE K 222 -11.53 12.88 8.89
CA ILE K 222 -10.69 13.37 7.80
C ILE K 222 -9.61 12.37 7.40
N ARG K 223 -9.36 11.37 8.23
CA ARG K 223 -8.37 10.36 7.95
C ARG K 223 -8.95 9.30 7.02
N MET L 4 -2.27 10.84 64.18
CA MET L 4 -2.59 11.04 62.76
C MET L 4 -4.09 11.13 62.54
N PRO L 5 -4.59 12.36 62.39
CA PRO L 5 -6.04 12.52 62.23
C PRO L 5 -6.56 12.22 60.85
N TYR L 6 -5.81 12.50 59.78
CA TYR L 6 -6.32 12.29 58.43
C TYR L 6 -6.01 10.88 57.94
N LEU L 7 -6.82 10.42 57.00
CA LEU L 7 -6.79 9.06 56.48
C LEU L 7 -7.42 9.06 55.10
N LEU L 8 -6.86 8.28 54.19
CA LEU L 8 -7.28 8.29 52.78
C LEU L 8 -7.49 6.87 52.31
N ILE L 9 -8.70 6.57 51.83
CA ILE L 9 -8.98 5.27 51.24
C ILE L 9 -9.44 5.47 49.80
N SER L 10 -9.21 4.47 48.96
CA SER L 10 -9.57 4.54 47.55
C SER L 10 -9.96 3.16 47.06
N THR L 11 -10.69 3.13 45.95
CA THR L 11 -11.00 1.87 45.27
C THR L 11 -11.16 2.15 43.78
N GLN L 12 -10.87 1.14 43.00
CA GLN L 12 -10.91 1.17 41.54
C GLN L 12 -12.26 0.72 41.02
N ILE L 13 -12.23 0.14 39.82
CA ILE L 13 -13.23 0.09 38.77
C ILE L 13 -14.70 0.05 39.22
N ARG L 14 -15.01 -0.70 40.27
CA ARG L 14 -16.35 -0.66 40.83
C ARG L 14 -16.28 -0.49 42.33
N MET L 15 -17.33 0.14 42.89
CA MET L 15 -17.41 0.36 44.32
C MET L 15 -18.13 -0.76 45.07
N GLU L 16 -18.64 -1.76 44.38
CA GLU L 16 -19.29 -2.88 45.05
C GLU L 16 -18.36 -4.05 45.31
N VAL L 17 -17.04 -3.87 45.14
CA VAL L 17 -16.09 -4.96 45.27
C VAL L 17 -14.73 -4.35 45.62
N GLY L 18 -13.90 -5.14 46.31
CA GLY L 18 -12.58 -4.68 46.66
C GLY L 18 -11.59 -4.87 45.53
N PRO L 19 -10.29 -4.77 45.86
CA PRO L 19 -9.70 -4.43 47.16
C PRO L 19 -9.63 -2.93 47.38
N THR L 20 -9.46 -2.52 48.63
CA THR L 20 -9.50 -1.10 49.01
C THR L 20 -8.12 -0.72 49.54
N MET L 21 -7.57 0.38 49.03
CA MET L 21 -6.34 0.90 49.61
C MET L 21 -6.66 1.64 50.90
N VAL L 22 -5.82 1.48 51.92
CA VAL L 22 -6.07 2.05 53.23
C VAL L 22 -4.87 2.80 53.80
N GLY L 23 -3.71 2.78 53.16
CA GLY L 23 -2.62 3.52 53.75
C GLY L 23 -1.31 3.31 53.03
N ASP L 24 -0.33 4.09 53.47
CA ASP L 24 0.99 4.15 52.89
C ASP L 24 2.01 3.69 53.91
N GLU L 25 3.29 3.95 53.59
CA GLU L 25 4.45 3.53 54.37
C GLU L 25 4.44 3.99 55.83
N GLN L 26 3.96 5.20 56.10
CA GLN L 26 4.03 5.77 57.44
C GLN L 26 2.69 5.76 58.16
N SER L 27 1.84 4.77 57.88
CA SER L 27 0.55 4.71 58.54
C SER L 27 0.65 4.04 59.91
N ASP L 28 -0.48 4.01 60.60
CA ASP L 28 -0.56 3.48 61.96
C ASP L 28 -0.55 1.96 61.92
N PRO L 29 0.41 1.29 62.56
CA PRO L 29 0.45 -0.18 62.49
C PRO L 29 -0.66 -0.86 63.28
N GLU L 30 -1.20 -0.23 64.32
CA GLU L 30 -2.29 -0.84 65.06
C GLU L 30 -3.60 -0.70 64.31
N LEU L 31 -3.77 0.41 63.60
CA LEU L 31 -5.03 0.65 62.89
C LEU L 31 -5.15 -0.24 61.67
N MET L 32 -4.05 -0.48 60.97
CA MET L 32 -4.09 -1.40 59.84
C MET L 32 -4.26 -2.84 60.30
N GLN L 33 -3.84 -3.13 61.54
CA GLN L 33 -4.03 -4.46 62.10
C GLN L 33 -5.48 -4.70 62.50
N HIS L 34 -6.17 -3.65 62.95
CA HIS L 34 -7.60 -3.78 63.25
C HIS L 34 -8.42 -3.91 61.98
N LEU L 35 -8.03 -3.22 60.91
CA LEU L 35 -8.72 -3.35 59.64
C LEU L 35 -8.41 -4.66 58.93
N GLY L 36 -7.37 -5.37 59.34
CA GLY L 36 -6.99 -6.61 58.68
C GLY L 36 -6.21 -6.40 57.41
N ALA L 37 -5.34 -5.40 57.37
CA ALA L 37 -4.68 -5.04 56.12
C ALA L 37 -3.46 -5.90 55.87
N SER L 38 -3.15 -6.10 54.60
CA SER L 38 -1.93 -6.74 54.15
C SER L 38 -1.09 -5.73 53.40
N LYS L 39 0.20 -6.00 53.29
CA LYS L 39 1.13 -5.04 52.72
C LYS L 39 1.79 -5.63 51.49
N ARG L 40 1.96 -4.80 50.45
CA ARG L 40 2.54 -5.27 49.21
C ARG L 40 3.20 -4.12 48.47
N ARG L 41 4.04 -4.48 47.50
CA ARG L 41 4.61 -3.54 46.54
C ARG L 41 4.43 -4.12 45.14
N ALA L 42 3.67 -3.45 44.30
CA ALA L 42 3.54 -3.86 42.92
C ALA L 42 4.85 -3.57 42.18
N LEU L 43 5.13 -4.37 41.15
CA LEU L 43 6.39 -4.28 40.43
C LEU L 43 6.48 -2.98 39.66
N GLY L 44 7.63 -2.33 39.72
CA GLY L 44 7.82 -1.05 39.11
C GLY L 44 7.56 0.13 40.02
N ASN L 45 6.81 -0.06 41.10
CA ASN L 45 6.56 1.01 42.06
C ASN L 45 7.67 1.10 43.08
N ASN L 46 7.93 2.31 43.55
CA ASN L 46 8.96 2.61 44.51
C ASN L 46 8.41 2.78 45.93
N PHE L 47 7.19 2.32 46.19
CA PHE L 47 6.56 2.58 47.48
C PHE L 47 5.75 1.36 47.90
N TYR L 48 5.51 1.27 49.19
CA TYR L 48 4.67 0.24 49.79
C TYR L 48 3.26 0.77 49.98
N GLU L 49 2.31 -0.15 50.14
CA GLU L 49 0.92 0.21 50.32
C GLU L 49 0.19 -0.90 51.07
N TYR L 50 -0.83 -0.50 51.82
CA TYR L 50 -1.67 -1.44 52.56
C TYR L 50 -2.97 -1.62 51.82
N TYR L 51 -3.56 -2.80 51.92
CA TYR L 51 -4.83 -3.06 51.24
C TYR L 51 -5.66 -4.00 52.09
N VAL L 52 -6.97 -3.83 52.00
CA VAL L 52 -7.94 -4.76 52.55
C VAL L 52 -8.78 -5.27 51.40
N ASP L 53 -9.25 -6.51 51.52
CA ASP L 53 -10.02 -7.10 50.44
C ASP L 53 -11.50 -6.85 50.58
N ASP L 54 -11.91 -6.05 51.55
CA ASP L 54 -13.32 -5.80 51.77
C ASP L 54 -13.82 -4.75 50.78
N PRO L 55 -15.12 -4.74 50.47
CA PRO L 55 -15.71 -3.63 49.72
C PRO L 55 -15.64 -2.34 50.51
N PRO L 56 -15.60 -1.17 49.85
CA PRO L 56 -15.33 0.07 50.56
C PRO L 56 -16.46 0.57 51.45
N ARG L 57 -17.65 -0.01 51.37
CA ARG L 57 -18.69 0.38 52.30
C ARG L 57 -18.46 -0.26 53.66
N ILE L 58 -17.88 -1.46 53.68
CA ILE L 58 -17.62 -2.16 54.92
C ILE L 58 -16.46 -1.53 55.67
N VAL L 59 -15.49 -0.97 54.93
CA VAL L 59 -14.36 -0.30 55.56
C VAL L 59 -14.79 1.01 56.19
N LEU L 60 -15.76 1.70 55.59
CA LEU L 60 -16.27 2.95 56.16
C LEU L 60 -17.10 2.69 57.41
N ASP L 61 -17.65 1.49 57.56
CA ASP L 61 -18.37 1.17 58.78
C ASP L 61 -17.42 0.74 59.89
N LYS L 62 -16.25 0.22 59.53
CA LYS L 62 -15.22 -0.05 60.53
C LYS L 62 -14.62 1.24 61.04
N LEU L 63 -14.32 2.18 60.14
CA LEU L 63 -13.57 3.38 60.50
C LEU L 63 -14.42 4.38 61.27
N GLU L 64 -15.74 4.23 61.25
CA GLU L 64 -16.58 5.10 62.07
C GLU L 64 -16.54 4.68 63.53
N ARG L 65 -16.46 3.37 63.79
CA ARG L 65 -16.39 2.89 65.16
C ARG L 65 -15.08 3.25 65.85
N ARG L 66 -14.03 3.56 65.08
CA ARG L 66 -12.77 4.02 65.63
C ARG L 66 -12.76 5.54 65.84
N GLY L 67 -13.58 6.28 65.11
CA GLY L 67 -13.74 7.70 65.37
C GLY L 67 -13.53 8.61 64.20
N PHE L 68 -13.54 8.09 62.98
CA PHE L 68 -13.30 8.89 61.79
C PHE L 68 -14.61 9.31 61.15
N ARG L 69 -14.63 10.50 60.58
CA ARG L 69 -15.79 11.01 59.87
C ARG L 69 -15.38 11.38 58.45
N VAL L 70 -16.24 11.07 57.49
CA VAL L 70 -15.96 11.34 56.08
C VAL L 70 -16.07 12.84 55.84
N LEU L 71 -14.94 13.49 55.56
CA LEU L 71 -14.98 14.87 55.09
C LEU L 71 -15.60 14.97 53.71
N SER L 72 -14.96 14.36 52.72
CA SER L 72 -15.32 14.56 51.33
C SER L 72 -15.02 13.28 50.56
N MET L 73 -15.54 13.23 49.34
CA MET L 73 -15.30 12.12 48.41
C MET L 73 -14.94 12.74 47.08
N THR L 74 -14.02 12.11 46.33
CA THR L 74 -13.71 12.55 44.97
C THR L 74 -13.59 11.37 44.04
N GLY L 75 -13.79 11.63 42.75
CA GLY L 75 -13.43 10.67 41.73
C GLY L 75 -12.38 11.25 40.83
N VAL L 76 -11.20 10.66 40.81
CA VAL L 76 -10.12 11.08 39.92
C VAL L 76 -9.67 9.87 39.12
N GLY L 77 -9.70 10.01 37.80
CA GLY L 77 -9.37 8.88 36.95
C GLY L 77 -10.47 7.84 37.00
N GLN L 78 -10.07 6.58 37.16
CA GLN L 78 -10.97 5.47 37.42
C GLN L 78 -10.98 5.06 38.89
N THR L 79 -10.56 5.96 39.76
CA THR L 79 -10.43 5.71 41.19
C THR L 79 -11.41 6.63 41.92
N LEU L 80 -11.98 6.13 43.01
CA LEU L 80 -12.88 6.91 43.85
C LEU L 80 -12.21 7.04 45.21
N VAL L 81 -11.97 8.26 45.68
CA VAL L 81 -11.19 8.53 46.88
C VAL L 81 -12.08 9.13 47.95
N TRP L 82 -12.02 8.58 49.17
CA TRP L 82 -12.68 9.12 50.35
C TRP L 82 -11.63 9.72 51.27
N CYS L 83 -11.92 10.88 51.86
CA CYS L 83 -11.00 11.50 52.81
C CYS L 83 -11.66 11.57 54.18
N LEU L 84 -11.06 10.90 55.16
CA LEU L 84 -11.65 10.74 56.48
C LEU L 84 -10.85 11.52 57.51
N HIS L 85 -11.55 12.22 58.38
CA HIS L 85 -10.94 13.00 59.46
C HIS L 85 -11.50 12.55 60.79
N LYS L 86 -10.62 12.45 61.78
CA LYS L 86 -11.02 11.96 63.10
C LYS L 86 -11.65 13.06 63.94
N MET M 4 -27.09 39.47 44.19
CA MET M 4 -26.58 38.22 43.63
C MET M 4 -25.64 37.51 44.60
N PRO M 5 -26.17 36.51 45.31
CA PRO M 5 -25.34 35.83 46.31
C PRO M 5 -24.36 34.83 45.74
N TYR M 6 -24.68 34.13 44.66
CA TYR M 6 -23.78 33.11 44.13
C TYR M 6 -22.80 33.69 43.13
N LEU M 7 -21.66 33.02 42.99
CA LEU M 7 -20.54 33.47 42.19
C LEU M 7 -19.71 32.27 41.81
N LEU M 8 -19.19 32.25 40.58
CA LEU M 8 -18.50 31.08 40.04
C LEU M 8 -17.19 31.52 39.42
N ILE M 9 -16.07 30.97 39.89
CA ILE M 9 -14.78 31.23 39.29
C ILE M 9 -14.17 29.92 38.82
N SER M 10 -13.33 29.98 37.80
CA SER M 10 -12.70 28.79 37.23
C SER M 10 -11.31 29.13 36.74
N THR M 11 -10.47 28.12 36.59
CA THR M 11 -9.17 28.28 35.97
C THR M 11 -8.79 26.97 35.28
N GLN M 12 -7.98 27.09 34.24
CA GLN M 12 -7.52 26.00 33.41
C GLN M 12 -6.20 25.45 33.91
N ILE M 13 -5.42 24.93 32.97
CA ILE M 13 -4.41 23.88 33.03
C ILE M 13 -3.63 23.76 34.35
N ARG M 14 -3.23 24.88 34.94
CA ARG M 14 -2.62 24.84 36.27
C ARG M 14 -3.26 25.86 37.18
N MET M 15 -3.25 25.56 38.48
CA MET M 15 -3.83 26.44 39.48
C MET M 15 -2.83 27.42 40.06
N GLU M 16 -1.55 27.37 39.67
CA GLU M 16 -0.56 28.33 40.14
C GLU M 16 -0.39 29.52 39.22
N VAL M 17 -1.27 29.71 38.24
CA VAL M 17 -1.12 30.76 37.25
C VAL M 17 -2.51 31.08 36.70
N GLY M 18 -2.68 32.32 36.24
CA GLY M 18 -3.94 32.73 35.66
C GLY M 18 -4.05 32.34 34.20
N PRO M 19 -5.02 32.94 33.51
CA PRO M 19 -6.05 33.86 33.98
C PRO M 19 -7.25 33.15 34.57
N THR M 20 -8.05 33.87 35.35
CA THR M 20 -9.16 33.29 36.09
C THR M 20 -10.45 33.87 35.57
N MET M 21 -11.43 33.02 35.25
CA MET M 21 -12.75 33.52 34.89
C MET M 21 -13.48 33.91 36.15
N VAL M 22 -14.22 35.03 36.11
CA VAL M 22 -14.91 35.56 37.27
C VAL M 22 -16.36 35.91 37.02
N GLY M 23 -16.86 35.82 35.78
CA GLY M 23 -18.25 36.17 35.62
C GLY M 23 -18.68 36.17 34.18
N ASP M 24 -19.99 36.34 34.01
CA ASP M 24 -20.65 36.30 32.71
C ASP M 24 -21.29 37.65 32.44
N GLU M 25 -22.16 37.66 31.43
CA GLU M 25 -22.83 38.86 30.92
C GLU M 25 -23.61 39.66 31.96
N GLN M 26 -24.28 38.97 32.88
CA GLN M 26 -25.17 39.62 33.84
C GLN M 26 -24.56 39.73 35.23
N SER M 27 -23.24 39.85 35.33
CA SER M 27 -22.60 39.96 36.64
C SER M 27 -22.63 41.39 37.16
N ASP M 28 -22.13 41.54 38.38
CA ASP M 28 -22.14 42.83 39.06
C ASP M 28 -21.04 43.73 38.50
N PRO M 29 -21.36 44.91 37.97
CA PRO M 29 -20.30 45.75 37.38
C PRO M 29 -19.39 46.38 38.42
N GLU M 30 -19.85 46.60 39.65
CA GLU M 30 -18.96 47.16 40.67
C GLU M 30 -18.02 46.10 41.21
N LEU M 31 -18.49 44.85 41.29
CA LEU M 31 -17.66 43.80 41.85
C LEU M 31 -16.54 43.40 40.89
N MET M 32 -16.83 43.38 39.60
CA MET M 32 -15.77 43.10 38.62
C MET M 32 -14.78 44.26 38.53
N GLN M 33 -15.23 45.47 38.87
CA GLN M 33 -14.34 46.62 38.88
C GLN M 33 -13.41 46.58 40.08
N HIS M 34 -13.88 46.07 41.22
CA HIS M 34 -13.01 45.90 42.38
C HIS M 34 -11.99 44.79 42.16
N LEU M 35 -12.39 43.72 41.47
CA LEU M 35 -11.45 42.65 41.16
C LEU M 35 -10.48 43.02 40.06
N GLY M 36 -10.73 44.09 39.31
CA GLY M 36 -9.87 44.47 38.21
C GLY M 36 -10.10 43.66 36.95
N ALA M 37 -11.34 43.31 36.65
CA ALA M 37 -11.60 42.39 35.56
C ALA M 37 -11.66 43.12 34.22
N SER M 38 -11.29 42.40 33.17
CA SER M 38 -11.44 42.87 31.80
C SER M 38 -12.43 41.97 31.08
N LYS M 39 -13.02 42.47 30.01
CA LYS M 39 -14.08 41.76 29.32
C LYS M 39 -13.68 41.43 27.90
N ARG M 40 -14.04 40.24 27.44
CA ARG M 40 -13.66 39.79 26.11
C ARG M 40 -14.66 38.77 25.60
N ARG M 41 -14.60 38.54 24.29
CA ARG M 41 -15.32 37.45 23.63
C ARG M 41 -14.34 36.74 22.71
N ALA M 42 -14.08 35.47 22.99
CA ALA M 42 -13.26 34.67 22.10
C ALA M 42 -14.04 34.38 20.82
N LEU M 43 -13.31 34.20 19.72
CA LEU M 43 -13.91 34.01 18.40
C LEU M 43 -14.66 32.69 18.34
N GLY M 44 -15.85 32.72 17.77
CA GLY M 44 -16.70 31.56 17.71
C GLY M 44 -17.67 31.43 18.85
N ASN M 45 -17.43 32.09 19.98
CA ASN M 45 -18.34 32.06 21.10
C ASN M 45 -19.42 33.12 20.95
N ASN M 46 -20.60 32.80 21.47
CA ASN M 46 -21.76 33.67 21.42
C ASN M 46 -22.01 34.42 22.73
N PHE M 47 -21.01 34.49 23.60
CA PHE M 47 -21.22 35.08 24.91
C PHE M 47 -19.98 35.86 25.32
N TYR M 48 -20.18 36.78 26.25
CA TYR M 48 -19.12 37.57 26.84
C TYR M 48 -18.69 36.95 28.17
N GLU M 49 -17.50 37.30 28.62
CA GLU M 49 -16.95 36.77 29.86
C GLU M 49 -15.95 37.77 30.45
N TYR M 50 -15.85 37.75 31.77
CA TYR M 50 -14.89 38.59 32.49
C TYR M 50 -13.73 37.73 32.92
N TYR M 51 -12.54 38.32 33.00
CA TYR M 51 -11.36 37.59 33.41
C TYR M 51 -10.44 38.51 34.19
N VAL M 52 -9.73 37.91 35.15
CA VAL M 52 -8.64 38.57 35.85
C VAL M 52 -7.39 37.77 35.57
N ASP M 53 -6.25 38.45 35.55
CA ASP M 53 -5.00 37.78 35.25
C ASP M 53 -4.30 37.24 36.49
N ASP M 54 -4.94 37.36 37.65
CA ASP M 54 -4.33 36.90 38.89
C ASP M 54 -4.45 35.38 39.02
N PRO M 55 -3.55 34.74 39.77
CA PRO M 55 -3.75 33.33 40.11
C PRO M 55 -4.97 33.15 41.00
N PRO M 56 -5.61 31.98 40.96
CA PRO M 56 -6.91 31.83 41.63
C PRO M 56 -6.86 31.83 43.15
N ARG M 57 -5.68 31.74 43.77
CA ARG M 57 -5.61 31.85 45.22
C ARG M 57 -5.74 33.30 45.64
N ILE M 58 -5.24 34.22 44.81
CA ILE M 58 -5.30 35.64 45.13
C ILE M 58 -6.72 36.17 44.97
N VAL M 59 -7.47 35.61 44.02
CA VAL M 59 -8.86 36.03 43.82
C VAL M 59 -9.73 35.56 44.97
N LEU M 60 -9.43 34.39 45.54
CA LEU M 60 -10.19 33.89 46.68
C LEU M 60 -9.91 34.69 47.94
N ASP M 61 -8.75 35.35 48.02
CA ASP M 61 -8.47 36.20 49.15
C ASP M 61 -9.09 37.58 48.99
N LYS M 62 -9.34 38.01 47.75
CA LYS M 62 -10.10 39.22 47.52
C LYS M 62 -11.57 39.02 47.84
N LEU M 63 -12.13 37.89 47.40
CA LEU M 63 -13.57 37.68 47.51
C LEU M 63 -14.01 37.35 48.93
N GLU M 64 -13.08 37.01 49.82
CA GLU M 64 -13.46 36.81 51.21
C GLU M 64 -13.65 38.15 51.92
N ARG M 65 -12.85 39.15 51.56
CA ARG M 65 -12.99 40.47 52.16
C ARG M 65 -14.28 41.17 51.76
N ARG M 66 -14.89 40.76 50.66
CA ARG M 66 -16.19 41.29 50.24
C ARG M 66 -17.35 40.53 50.87
N GLY M 67 -17.14 39.29 51.30
CA GLY M 67 -18.14 38.58 52.06
C GLY M 67 -18.54 37.22 51.52
N PHE M 68 -17.78 36.66 50.60
CA PHE M 68 -18.11 35.38 49.99
C PHE M 68 -17.39 34.24 50.70
N ARG M 69 -18.07 33.09 50.79
CA ARG M 69 -17.47 31.89 51.37
C ARG M 69 -17.54 30.77 50.36
N VAL M 70 -16.47 29.98 50.28
CA VAL M 70 -16.39 28.87 49.33
C VAL M 70 -17.32 27.76 49.78
N LEU M 71 -18.39 27.52 49.03
CA LEU M 71 -19.21 26.34 49.25
C LEU M 71 -18.46 25.07 48.90
N SER M 72 -18.09 24.92 47.64
CA SER M 72 -17.56 23.67 47.13
C SER M 72 -16.60 23.97 46.00
N MET M 73 -15.82 22.95 45.63
CA MET M 73 -14.89 23.02 44.51
C MET M 73 -15.12 21.77 43.66
N THR M 74 -15.00 21.90 42.33
CA THR M 74 -15.06 20.74 41.44
C THR M 74 -13.99 20.82 40.38
N GLY M 75 -13.64 19.65 39.85
CA GLY M 75 -12.84 19.60 38.65
C GLY M 75 -13.61 18.92 37.54
N VAL M 76 -13.91 19.65 36.48
CA VAL M 76 -14.60 19.10 35.32
C VAL M 76 -13.75 19.38 34.09
N GLY M 77 -13.41 18.33 33.36
CA GLY M 77 -12.52 18.48 32.23
C GLY M 77 -11.11 18.80 32.68
N GLN M 78 -10.51 19.81 32.05
CA GLN M 78 -9.24 20.38 32.47
C GLN M 78 -9.42 21.69 33.21
N THR M 79 -10.59 21.93 33.76
CA THR M 79 -10.96 23.15 34.44
C THR M 79 -11.25 22.83 35.90
N LEU M 80 -10.88 23.74 36.79
CA LEU M 80 -11.17 23.59 38.21
C LEU M 80 -12.10 24.73 38.60
N VAL M 81 -13.28 24.40 39.13
CA VAL M 81 -14.35 25.37 39.38
C VAL M 81 -14.58 25.50 40.88
N TRP M 82 -14.61 26.75 41.37
CA TRP M 82 -14.97 27.08 42.75
C TRP M 82 -16.35 27.72 42.75
N CYS M 83 -17.18 27.37 43.72
CA CYS M 83 -18.52 27.97 43.85
C CYS M 83 -18.59 28.72 45.17
N LEU M 84 -18.80 30.03 45.10
CA LEU M 84 -18.75 30.90 46.26
C LEU M 84 -20.14 31.44 46.57
N HIS M 85 -20.49 31.44 47.85
CA HIS M 85 -21.77 31.94 48.33
C HIS M 85 -21.54 33.01 49.38
N LYS M 86 -22.32 34.09 49.31
CA LYS M 86 -22.15 35.21 50.21
C LYS M 86 -22.81 34.96 51.56
N MET N 4 -41.15 17.24 47.47
CA MET N 4 -39.88 16.87 46.86
C MET N 4 -38.75 17.80 47.27
N PRO N 5 -37.95 17.37 48.23
CA PRO N 5 -36.88 18.25 48.73
C PRO N 5 -35.66 18.33 47.83
N TYR N 6 -35.28 17.26 47.14
CA TYR N 6 -34.07 17.28 46.34
C TYR N 6 -34.35 17.74 44.93
N LEU N 7 -33.32 18.29 44.28
CA LEU N 7 -33.42 18.92 42.98
C LEU N 7 -32.03 18.89 42.35
N LEU N 8 -31.98 18.65 41.03
CA LEU N 8 -30.71 18.45 40.33
C LEU N 8 -30.69 19.31 39.08
N ILE N 9 -29.71 20.19 38.96
CA ILE N 9 -29.53 20.98 37.76
C ILE N 9 -28.14 20.69 37.18
N SER N 10 -28.01 20.84 35.87
CA SER N 10 -26.75 20.58 35.19
C SER N 10 -26.60 21.52 34.01
N THR N 11 -25.36 21.69 33.55
CA THR N 11 -25.09 22.43 32.32
C THR N 11 -23.84 21.87 31.67
N GLN N 12 -23.77 22.01 30.37
CA GLN N 12 -22.70 21.50 29.53
C GLN N 12 -21.63 22.57 29.32
N ILE N 13 -20.97 22.48 28.17
CA ILE N 13 -19.61 22.88 27.81
C ILE N 13 -19.05 24.10 28.53
N ARG N 14 -19.84 25.15 28.73
CA ARG N 14 -19.40 26.27 29.54
C ARG N 14 -20.47 26.63 30.56
N MET N 15 -20.02 27.20 31.68
CA MET N 15 -20.92 27.61 32.74
C MET N 15 -21.38 29.06 32.62
N GLU N 16 -20.88 29.81 31.63
CA GLU N 16 -21.32 31.18 31.43
C GLU N 16 -22.47 31.32 30.44
N VAL N 17 -23.10 30.21 30.04
CA VAL N 17 -24.14 30.23 29.02
C VAL N 17 -25.02 29.01 29.22
N GLY N 18 -26.29 29.12 28.82
CA GLY N 18 -27.21 28.03 28.93
C GLY N 18 -27.08 27.04 27.78
N PRO N 19 -28.09 26.18 27.63
CA PRO N 19 -29.26 25.98 28.48
C PRO N 19 -29.00 25.09 29.67
N THR N 20 -29.86 25.15 30.68
CA THR N 20 -29.66 24.45 31.94
C THR N 20 -30.76 23.42 32.10
N MET N 21 -30.39 22.18 32.41
CA MET N 21 -31.39 21.18 32.74
C MET N 21 -31.88 21.41 34.16
N VAL N 22 -33.19 21.26 34.38
CA VAL N 22 -33.79 21.53 35.69
C VAL N 22 -34.69 20.42 36.18
N GLY N 23 -34.95 19.38 35.40
CA GLY N 23 -35.82 18.36 35.94
C GLY N 23 -36.18 17.30 34.93
N ASP N 24 -36.85 16.28 35.44
CA ASP N 24 -37.23 15.09 34.69
C ASP N 24 -38.74 14.99 34.66
N GLU N 25 -39.21 13.82 34.23
CA GLU N 25 -40.63 13.51 34.03
C GLU N 25 -41.52 13.75 35.24
N GLN N 26 -41.04 13.43 36.45
CA GLN N 26 -41.84 13.50 37.65
C GLN N 26 -41.55 14.72 38.51
N SER N 27 -41.14 15.83 37.91
CA SER N 27 -40.83 17.02 38.68
C SER N 27 -42.08 17.82 39.00
N ASP N 28 -41.89 18.89 39.76
CA ASP N 28 -42.99 19.73 40.22
C ASP N 28 -43.45 20.64 39.09
N PRO N 29 -44.72 20.58 38.68
CA PRO N 29 -45.16 21.42 37.56
C PRO N 29 -45.26 22.90 37.90
N GLU N 30 -45.48 23.26 39.17
CA GLU N 30 -45.54 24.67 39.53
C GLU N 30 -44.14 25.26 39.60
N LEU N 31 -43.16 24.46 40.03
CA LEU N 31 -41.81 24.96 40.19
C LEU N 31 -41.13 25.18 38.84
N MET N 32 -41.40 24.30 37.88
CA MET N 32 -40.86 24.49 36.53
C MET N 32 -41.55 25.65 35.84
N GLN N 33 -42.78 25.96 36.24
CA GLN N 33 -43.49 27.10 35.67
C GLN N 33 -42.96 28.42 36.21
N HIS N 34 -42.52 28.43 37.48
CA HIS N 34 -41.89 29.62 38.02
C HIS N 34 -40.51 29.86 37.42
N LEU N 35 -39.77 28.78 37.14
CA LEU N 35 -38.48 28.93 36.50
C LEU N 35 -38.58 29.25 35.03
N GLY N 36 -39.75 29.09 34.42
CA GLY N 36 -39.90 29.34 33.00
C GLY N 36 -39.40 28.22 32.12
N ALA N 37 -39.60 26.97 32.55
CA ALA N 37 -39.00 25.86 31.84
C ALA N 37 -39.85 25.42 30.67
N SER N 38 -39.19 24.88 29.64
CA SER N 38 -39.84 24.25 28.51
C SER N 38 -39.49 22.77 28.51
N LYS N 39 -40.29 21.97 27.85
CA LYS N 39 -40.15 20.52 27.88
C LYS N 39 -39.87 19.98 26.49
N ARG N 40 -38.97 19.01 26.40
CA ARG N 40 -38.58 18.44 25.12
C ARG N 40 -38.09 17.01 25.30
N ARG N 41 -38.03 16.30 24.18
CA ARG N 41 -37.39 15.00 24.10
C ARG N 41 -36.47 15.00 22.88
N ALA N 42 -35.17 14.84 23.11
CA ALA N 42 -34.24 14.71 22.01
C ALA N 42 -34.43 13.35 21.35
N LEU N 43 -34.13 13.27 20.05
CA LEU N 43 -34.35 12.07 19.27
C LEU N 43 -33.43 10.95 19.72
N GLY N 44 -33.99 9.76 19.86
CA GLY N 44 -33.26 8.62 20.36
C GLY N 44 -33.36 8.41 21.85
N ASN N 45 -33.74 9.43 22.61
CA ASN N 45 -33.92 9.30 24.04
C ASN N 45 -35.32 8.79 24.36
N ASN N 46 -35.42 8.04 25.45
CA ASN N 46 -36.65 7.45 25.92
C ASN N 46 -37.27 8.22 27.07
N PHE N 47 -36.85 9.46 27.30
CA PHE N 47 -37.31 10.20 28.47
C PHE N 47 -37.49 11.67 28.10
N TYR N 48 -38.30 12.34 28.91
CA TYR N 48 -38.55 13.77 28.78
C TYR N 48 -37.64 14.53 29.76
N GLU N 49 -37.46 15.81 29.48
CA GLU N 49 -36.62 16.66 30.31
C GLU N 49 -37.06 18.11 30.20
N TYR N 50 -36.84 18.86 31.27
CA TYR N 50 -37.15 20.29 31.31
C TYR N 50 -35.87 21.07 31.15
N TYR N 51 -35.95 22.24 30.55
CA TYR N 51 -34.78 23.07 30.37
C TYR N 51 -35.16 24.53 30.46
N VAL N 52 -34.23 25.34 30.97
CA VAL N 52 -34.33 26.78 30.94
C VAL N 52 -33.15 27.29 30.14
N ASP N 53 -33.35 28.42 29.46
CA ASP N 53 -32.29 28.97 28.63
C ASP N 53 -31.38 29.93 29.37
N ASP N 54 -31.57 30.07 30.68
CA ASP N 54 -30.77 30.99 31.46
C ASP N 54 -29.42 30.37 31.78
N PRO N 55 -28.39 31.19 32.02
CA PRO N 55 -27.13 30.68 32.56
C PRO N 55 -27.32 30.12 33.97
N PRO N 56 -26.49 29.16 34.39
CA PRO N 56 -26.78 28.44 35.64
C PRO N 56 -26.56 29.26 36.89
N ARG N 57 -25.95 30.44 36.81
CA ARG N 57 -25.84 31.27 38.01
C ARG N 57 -27.17 31.95 38.29
N ILE N 58 -27.93 32.27 37.24
CA ILE N 58 -29.21 32.95 37.40
C ILE N 58 -30.26 31.98 37.94
N VAL N 59 -30.15 30.70 37.58
CA VAL N 59 -31.08 29.70 38.08
C VAL N 59 -30.84 29.43 39.56
N LEU N 60 -29.58 29.50 40.00
CA LEU N 60 -29.29 29.30 41.41
C LEU N 60 -29.75 30.47 42.27
N ASP N 61 -29.89 31.66 41.66
CA ASP N 61 -30.44 32.79 42.40
C ASP N 61 -31.96 32.76 42.46
N LYS N 62 -32.59 32.10 41.48
CA LYS N 62 -34.02 31.88 41.56
C LYS N 62 -34.37 30.83 42.61
N LEU N 63 -33.60 29.74 42.64
CA LEU N 63 -33.93 28.61 43.49
C LEU N 63 -33.63 28.86 44.95
N GLU N 64 -32.86 29.91 45.27
CA GLU N 64 -32.64 30.25 46.67
C GLU N 64 -33.84 30.98 47.23
N ARG N 65 -34.50 31.81 46.42
CA ARG N 65 -35.69 32.52 46.88
C ARG N 65 -36.87 31.60 47.13
N ARG N 66 -36.86 30.40 46.56
CA ARG N 66 -37.89 29.40 46.81
C ARG N 66 -37.57 28.54 48.03
N GLY N 67 -36.30 28.43 48.40
CA GLY N 67 -35.93 27.77 49.63
C GLY N 67 -34.92 26.66 49.52
N PHE N 68 -34.21 26.56 48.40
CA PHE N 68 -33.25 25.50 48.18
C PHE N 68 -31.84 25.96 48.52
N ARG N 69 -31.04 25.05 49.05
CA ARG N 69 -29.64 25.34 49.36
C ARG N 69 -28.77 24.33 48.64
N VAL N 70 -27.64 24.80 48.11
CA VAL N 70 -26.73 23.95 47.36
C VAL N 70 -25.99 23.03 48.34
N LEU N 71 -26.28 21.74 48.28
CA LEU N 71 -25.48 20.76 49.00
C LEU N 71 -24.08 20.66 48.44
N SER N 72 -23.96 20.24 47.19
CA SER N 72 -22.68 19.90 46.61
C SER N 72 -22.72 20.19 45.12
N MET N 73 -21.54 20.18 44.51
CA MET N 73 -21.39 20.35 43.07
C MET N 73 -20.44 19.27 42.58
N THR N 74 -20.67 18.74 41.38
CA THR N 74 -19.75 17.78 40.77
C THR N 74 -19.55 18.09 39.30
N GLY N 75 -18.42 17.63 38.78
CA GLY N 75 -18.21 17.61 37.36
C GLY N 75 -18.02 16.19 36.89
N VAL N 76 -18.93 15.70 36.06
CA VAL N 76 -18.84 14.37 35.49
C VAL N 76 -18.93 14.50 33.97
N GLY N 77 -17.93 13.98 33.28
CA GLY N 77 -17.87 14.14 31.84
C GLY N 77 -17.56 15.59 31.47
N GLN N 78 -18.34 16.11 30.52
CA GLN N 78 -18.33 17.52 30.17
C GLN N 78 -19.50 18.28 30.76
N THR N 79 -20.09 17.74 31.81
CA THR N 79 -21.27 18.29 32.46
C THR N 79 -20.90 18.67 33.89
N LEU N 80 -21.49 19.78 34.36
CA LEU N 80 -21.29 20.23 35.73
C LEU N 80 -22.64 20.14 36.43
N VAL N 81 -22.71 19.38 37.52
CA VAL N 81 -23.98 19.08 38.19
C VAL N 81 -24.01 19.71 39.58
N TRP N 82 -25.09 20.42 39.88
CA TRP N 82 -25.36 20.97 41.22
C TRP N 82 -26.47 20.17 41.86
N CYS N 83 -26.35 19.89 43.15
CA CYS N 83 -27.39 19.17 43.89
C CYS N 83 -27.94 20.08 44.97
N LEU N 84 -29.23 20.39 44.89
CA LEU N 84 -29.86 21.36 45.77
C LEU N 84 -30.85 20.67 46.70
N HIS N 85 -30.81 21.04 47.97
CA HIS N 85 -31.71 20.51 48.99
C HIS N 85 -32.47 21.64 49.66
N LYS N 86 -33.76 21.42 49.89
CA LYS N 86 -34.61 22.45 50.46
C LYS N 86 -34.47 22.53 51.98
N MET O 4 -3.12 35.49 54.50
CA MET O 4 -3.58 34.60 53.45
C MET O 4 -4.27 33.37 54.02
N PRO O 5 -5.61 33.38 54.04
CA PRO O 5 -6.33 32.25 54.63
C PRO O 5 -6.41 31.02 53.76
N TYR O 6 -6.51 31.16 52.44
CA TYR O 6 -6.68 29.99 51.57
C TYR O 6 -5.33 29.44 51.15
N LEU O 7 -5.32 28.15 50.81
CA LEU O 7 -4.12 27.39 50.52
C LEU O 7 -4.54 26.19 49.66
N LEU O 8 -3.72 25.84 48.68
CA LEU O 8 -4.05 24.81 47.71
C LEU O 8 -2.88 23.85 47.56
N ILE O 9 -3.13 22.57 47.82
CA ILE O 9 -2.11 21.55 47.59
C ILE O 9 -2.64 20.53 46.60
N SER O 10 -1.73 19.89 45.86
CA SER O 10 -2.10 18.91 44.85
C SER O 10 -1.05 17.82 44.78
N THR O 11 -1.44 16.68 44.23
CA THR O 11 -0.48 15.61 43.94
C THR O 11 -0.97 14.83 42.73
N GLN O 12 -0.03 14.25 42.01
CA GLN O 12 -0.25 13.49 40.79
C GLN O 12 -0.42 12.01 41.10
N ILE O 13 -0.02 11.19 40.13
CA ILE O 13 -0.48 9.86 39.76
C ILE O 13 -0.95 8.95 40.90
N ARG O 14 -0.25 8.96 42.04
CA ARG O 14 -0.75 8.25 43.21
C ARG O 14 -0.69 9.14 44.44
N MET O 15 -1.59 8.86 45.37
CA MET O 15 -1.66 9.63 46.62
C MET O 15 -0.83 9.04 47.74
N GLU O 16 -0.18 7.90 47.53
CA GLU O 16 0.68 7.31 48.55
C GLU O 16 2.14 7.71 48.40
N VAL O 17 2.46 8.70 47.57
CA VAL O 17 3.84 9.07 47.29
C VAL O 17 3.84 10.53 46.83
N GLY O 18 4.95 11.22 47.06
CA GLY O 18 5.08 12.58 46.63
C GLY O 18 5.50 12.69 45.18
N PRO O 19 5.95 13.89 44.78
CA PRO O 19 6.01 15.14 45.54
C PRO O 19 4.69 15.89 45.52
N THR O 20 4.52 16.83 46.45
CA THR O 20 3.27 17.53 46.64
C THR O 20 3.50 19.00 46.34
N MET O 21 2.64 19.60 45.51
CA MET O 21 2.70 21.04 45.31
C MET O 21 2.05 21.74 46.49
N VAL O 22 2.65 22.83 46.93
CA VAL O 22 2.18 23.55 48.12
C VAL O 22 2.03 25.05 47.90
N GLY O 23 2.41 25.60 46.75
CA GLY O 23 2.22 27.02 46.62
C GLY O 23 2.82 27.57 45.35
N ASP O 24 2.54 28.85 45.14
CA ASP O 24 2.92 29.58 43.95
C ASP O 24 3.85 30.73 44.33
N GLU O 25 4.06 31.62 43.37
CA GLU O 25 4.98 32.76 43.47
C GLU O 25 4.74 33.67 44.68
N GLN O 26 3.47 33.92 45.02
CA GLN O 26 3.13 34.89 46.06
C GLN O 26 2.72 34.22 47.37
N SER O 27 3.27 33.05 47.68
CA SER O 27 2.91 32.38 48.91
C SER O 27 3.72 32.90 50.10
N ASP O 28 3.40 32.38 51.27
CA ASP O 28 4.02 32.81 52.51
C ASP O 28 5.41 32.21 52.64
N PRO O 29 6.47 33.02 52.76
CA PRO O 29 7.82 32.44 52.83
C PRO O 29 8.12 31.74 54.15
N GLU O 30 7.46 32.11 55.24
CA GLU O 30 7.70 31.42 56.51
C GLU O 30 6.97 30.08 56.53
N LEU O 31 5.80 30.02 55.89
CA LEU O 31 5.01 28.79 55.92
C LEU O 31 5.64 27.72 55.04
N MET O 32 6.20 28.11 53.90
CA MET O 32 6.90 27.14 53.06
C MET O 32 8.20 26.69 53.71
N GLN O 33 8.77 27.54 54.57
CA GLN O 33 9.98 27.17 55.28
C GLN O 33 9.70 26.17 56.39
N HIS O 34 8.52 26.28 57.02
CA HIS O 34 8.14 25.29 58.03
C HIS O 34 7.79 23.95 57.39
N LEU O 35 7.19 23.98 56.21
CA LEU O 35 6.89 22.74 55.50
C LEU O 35 8.12 22.11 54.87
N GLY O 36 9.23 22.84 54.77
CA GLY O 36 10.42 22.31 54.14
C GLY O 36 10.37 22.33 52.63
N ALA O 37 9.78 23.36 52.04
CA ALA O 37 9.56 23.37 50.61
C ALA O 37 10.79 23.84 49.85
N SER O 38 10.93 23.34 48.63
CA SER O 38 11.94 23.80 47.69
C SER O 38 11.24 24.43 46.50
N LYS O 39 11.96 25.28 45.77
CA LYS O 39 11.37 26.06 44.70
C LYS O 39 12.02 25.71 43.37
N ARG O 40 11.21 25.62 42.32
CA ARG O 40 11.71 25.25 41.01
C ARG O 40 10.81 25.81 39.92
N ARG O 41 11.34 25.81 38.70
CA ARG O 41 10.59 26.11 37.49
C ARG O 41 10.89 25.04 36.47
N ALA O 42 9.88 24.28 36.08
CA ALA O 42 10.05 23.31 35.00
C ALA O 42 10.18 24.04 33.68
N LEU O 43 10.91 23.42 32.74
CA LEU O 43 11.22 24.03 31.46
C LEU O 43 9.97 24.21 30.63
N GLY O 44 9.83 25.38 30.02
CA GLY O 44 8.65 25.71 29.26
C GLY O 44 7.58 26.43 30.05
N ASN O 45 7.60 26.33 31.37
CA ASN O 45 6.63 27.05 32.19
C ASN O 45 7.10 28.47 32.47
N ASN O 46 6.14 29.37 32.61
CA ASN O 46 6.37 30.77 32.88
C ASN O 46 6.18 31.15 34.33
N PHE O 47 6.16 30.17 35.24
CA PHE O 47 5.85 30.45 36.63
C PHE O 47 6.69 29.58 37.54
N TYR O 48 6.84 30.02 38.77
CA TYR O 48 7.54 29.29 39.82
C TYR O 48 6.54 28.53 40.67
N GLU O 49 7.03 27.51 41.38
CA GLU O 49 6.19 26.69 42.22
C GLU O 49 7.03 26.09 43.35
N TYR O 50 6.37 25.85 44.47
CA TYR O 50 6.99 25.22 45.64
C TYR O 50 6.56 23.77 45.71
N TYR O 51 7.42 22.92 46.21
CA TYR O 51 7.11 21.51 46.34
C TYR O 51 7.76 20.94 47.58
N VAL O 52 7.07 19.96 48.16
CA VAL O 52 7.63 19.14 49.23
C VAL O 52 7.64 17.71 48.75
N ASP O 53 8.61 16.93 49.23
CA ASP O 53 8.73 15.56 48.76
C ASP O 53 7.95 14.59 49.63
N ASP O 54 7.19 15.08 50.58
CA ASP O 54 6.43 14.22 51.47
C ASP O 54 5.16 13.73 50.78
N PRO O 55 4.62 12.58 51.19
CA PRO O 55 3.28 12.17 50.73
C PRO O 55 2.22 13.13 51.24
N PRO O 56 1.10 13.26 50.53
CA PRO O 56 0.15 14.33 50.86
C PRO O 56 -0.64 14.11 52.14
N ARG O 57 -0.57 12.94 52.75
CA ARG O 57 -1.22 12.76 54.05
C ARG O 57 -0.37 13.40 55.15
N ILE O 58 0.95 13.38 54.98
CA ILE O 58 1.84 13.96 55.99
C ILE O 58 1.79 15.48 55.94
N VAL O 59 1.56 16.06 54.77
CA VAL O 59 1.45 17.50 54.63
C VAL O 59 0.15 18.00 55.27
N LEU O 60 -0.91 17.21 55.18
CA LEU O 60 -2.18 17.60 55.79
C LEU O 60 -2.11 17.51 57.31
N ASP O 61 -1.21 16.70 57.85
CA ASP O 61 -1.04 16.66 59.30
C ASP O 61 -0.16 17.78 59.80
N LYS O 62 0.72 18.30 58.94
CA LYS O 62 1.48 19.50 59.27
C LYS O 62 0.59 20.73 59.26
N LEU O 63 -0.26 20.85 58.24
CA LEU O 63 -1.02 22.07 58.04
C LEU O 63 -2.18 22.20 59.02
N GLU O 64 -2.54 21.12 59.71
CA GLU O 64 -3.57 21.24 60.74
C GLU O 64 -3.00 21.86 62.01
N ARG O 65 -1.73 21.55 62.32
CA ARG O 65 -1.10 22.12 63.50
C ARG O 65 -0.85 23.62 63.36
N ARG O 66 -0.83 24.14 62.14
CA ARG O 66 -0.70 25.58 61.91
C ARG O 66 -2.06 26.28 61.91
N GLY O 67 -3.14 25.56 61.65
CA GLY O 67 -4.47 26.12 61.81
C GLY O 67 -5.37 26.03 60.60
N PHE O 68 -5.04 25.19 59.62
CA PHE O 68 -5.82 25.07 58.40
C PHE O 68 -6.79 23.90 58.50
N ARG O 69 -7.95 24.05 57.90
CA ARG O 69 -8.94 22.99 57.85
C ARG O 69 -9.30 22.71 56.39
N VAL O 70 -9.45 21.44 56.05
CA VAL O 70 -9.76 21.04 54.69
C VAL O 70 -11.21 21.41 54.38
N LEU O 71 -11.41 22.37 53.48
CA LEU O 71 -12.74 22.64 52.96
C LEU O 71 -13.24 21.51 52.10
N SER O 72 -12.55 21.24 51.00
CA SER O 72 -13.03 20.33 49.98
C SER O 72 -11.85 19.67 49.30
N MET O 73 -12.13 18.61 48.55
CA MET O 73 -11.14 17.90 47.75
C MET O 73 -11.73 17.72 46.37
N THR O 74 -10.91 17.79 45.32
CA THR O 74 -11.34 17.50 43.96
C THR O 74 -10.32 16.65 43.23
N GLY O 75 -10.79 15.94 42.22
CA GLY O 75 -9.91 15.32 41.26
C GLY O 75 -10.14 15.87 39.88
N VAL O 76 -9.15 16.55 39.32
CA VAL O 76 -9.22 17.07 37.98
C VAL O 76 -8.04 16.54 37.19
N GLY O 77 -8.33 15.90 36.07
CA GLY O 77 -7.28 15.26 35.30
C GLY O 77 -6.73 14.05 36.01
N GLN O 78 -5.41 13.95 36.07
CA GLN O 78 -4.71 12.97 36.87
C GLN O 78 -4.16 13.56 38.16
N THR O 79 -4.72 14.68 38.61
CA THR O 79 -4.28 15.42 39.78
C THR O 79 -5.40 15.40 40.81
N LEU O 80 -5.03 15.33 42.08
CA LEU O 80 -5.98 15.39 43.18
C LEU O 80 -5.69 16.64 43.98
N VAL O 81 -6.66 17.54 44.10
CA VAL O 81 -6.46 18.86 44.69
C VAL O 81 -7.23 18.97 46.01
N TRP O 82 -6.55 19.42 47.06
CA TRP O 82 -7.16 19.74 48.35
C TRP O 82 -7.20 21.25 48.51
N CYS O 83 -8.30 21.77 49.05
CA CYS O 83 -8.41 23.21 49.31
C CYS O 83 -8.56 23.43 50.82
N LEU O 84 -7.60 24.14 51.41
CA LEU O 84 -7.52 24.31 52.84
C LEU O 84 -7.81 25.76 53.22
N HIS O 85 -8.61 25.94 54.25
CA HIS O 85 -8.97 27.27 54.77
C HIS O 85 -8.61 27.35 56.24
N LYS O 86 -8.06 28.50 56.64
CA LYS O 86 -7.61 28.68 58.01
C LYS O 86 -8.75 29.05 58.94
N MET P 4 15.56 -41.71 -47.56
CA MET P 4 15.25 -40.42 -46.95
C MET P 4 16.25 -39.34 -47.35
N PRO P 5 15.86 -38.51 -48.31
CA PRO P 5 16.79 -37.49 -48.81
C PRO P 5 16.93 -36.28 -47.90
N TYR P 6 15.87 -35.84 -47.23
CA TYR P 6 15.95 -34.64 -46.41
C TYR P 6 16.39 -34.95 -45.00
N LEU P 7 16.97 -33.95 -44.34
CA LEU P 7 17.59 -34.08 -43.03
C LEU P 7 17.63 -32.71 -42.40
N LEU P 8 17.39 -32.63 -41.09
CA LEU P 8 17.25 -31.36 -40.39
C LEU P 8 18.10 -31.39 -39.13
N ILE P 9 19.03 -30.45 -39.01
CA ILE P 9 19.81 -30.31 -37.79
C ILE P 9 19.59 -28.93 -37.21
N SER P 10 19.76 -28.80 -35.89
CA SER P 10 19.54 -27.54 -35.21
C SER P 10 20.49 -27.43 -34.03
N THR P 11 20.71 -26.21 -33.56
CA THR P 11 21.46 -25.97 -32.34
C THR P 11 20.96 -24.70 -31.68
N GLN P 12 21.09 -24.64 -30.38
CA GLN P 12 20.64 -23.55 -29.53
C GLN P 12 21.75 -22.54 -29.33
N ILE P 13 21.70 -21.88 -28.17
CA ILE P 13 22.15 -20.54 -27.80
C ILE P 13 23.41 -20.04 -28.51
N ARG P 14 24.42 -20.89 -28.70
CA ARG P 14 25.57 -20.49 -29.51
C ARG P 14 25.89 -21.58 -30.52
N MET P 15 26.47 -21.16 -31.64
CA MET P 15 26.85 -22.07 -32.71
C MET P 15 28.27 -22.60 -32.58
N GLU P 16 29.04 -22.15 -31.59
CA GLU P 16 30.38 -22.66 -31.39
C GLU P 16 30.45 -23.81 -30.39
N VAL P 17 29.32 -24.39 -30.00
CA VAL P 17 29.28 -25.42 -28.98
C VAL P 17 28.02 -26.25 -29.21
N GLY P 18 28.07 -27.52 -28.80
CA GLY P 18 26.92 -28.39 -28.91
C GLY P 18 25.95 -28.21 -27.78
N PRO P 19 25.03 -29.17 -27.64
CA PRO P 19 24.79 -30.34 -28.48
C PRO P 19 23.92 -30.01 -29.68
N THR P 20 23.93 -30.88 -30.69
CA THR P 20 23.25 -30.64 -31.95
C THR P 20 22.17 -31.69 -32.12
N MET P 21 20.96 -31.26 -32.44
CA MET P 21 19.90 -32.20 -32.78
C MET P 21 20.12 -32.70 -34.20
N VAL P 22 19.90 -33.99 -34.42
CA VAL P 22 20.16 -34.60 -35.72
C VAL P 22 19.00 -35.46 -36.23
N GLY P 23 17.95 -35.67 -35.45
CA GLY P 23 16.89 -36.48 -36.00
C GLY P 23 15.80 -36.79 -35.01
N ASP P 24 14.75 -37.40 -35.53
CA ASP P 24 13.55 -37.72 -34.79
C ASP P 24 13.36 -39.24 -34.76
N GLU P 25 12.17 -39.65 -34.35
CA GLU P 25 11.78 -41.05 -34.15
C GLU P 25 11.99 -41.95 -35.36
N GLN P 26 11.71 -41.45 -36.56
CA GLN P 26 11.74 -42.25 -37.77
C GLN P 26 12.97 -42.01 -38.62
N SER P 27 14.10 -41.66 -38.01
CA SER P 27 15.32 -41.41 -38.78
C SER P 27 16.05 -42.70 -39.09
N ASP P 28 17.13 -42.55 -39.85
CA ASP P 28 17.93 -43.69 -40.31
C ASP P 28 18.80 -44.20 -39.17
N PRO P 29 18.67 -45.47 -38.77
CA PRO P 29 19.49 -45.96 -37.64
C PRO P 29 20.97 -46.13 -37.98
N GLU P 30 21.32 -46.36 -39.25
CA GLU P 30 22.72 -46.48 -39.59
C GLU P 30 23.38 -45.12 -39.66
N LEU P 31 22.63 -44.10 -40.09
CA LEU P 31 23.20 -42.77 -40.25
C LEU P 31 23.45 -42.11 -38.89
N MET P 32 22.55 -42.33 -37.94
CA MET P 32 22.76 -41.81 -36.59
C MET P 32 23.89 -42.57 -35.89
N GLN P 33 24.13 -43.81 -36.29
CA GLN P 33 25.23 -44.59 -35.72
C GLN P 33 26.57 -44.11 -36.26
N HIS P 34 26.61 -43.67 -37.52
CA HIS P 34 27.85 -43.09 -38.05
C HIS P 34 28.15 -41.73 -37.44
N LEU P 35 27.11 -40.94 -37.18
CA LEU P 35 27.30 -39.66 -36.54
C LEU P 35 27.62 -39.78 -35.05
N GLY P 36 27.39 -40.95 -34.44
CA GLY P 36 27.63 -41.11 -33.03
C GLY P 36 26.53 -40.56 -32.16
N ALA P 37 25.29 -40.69 -32.58
CA ALA P 37 24.19 -40.04 -31.88
C ALA P 37 23.71 -40.87 -30.70
N SER P 38 23.19 -40.19 -29.69
CA SER P 38 22.52 -40.81 -28.56
C SER P 38 21.07 -40.38 -28.57
N LYS P 39 20.22 -41.16 -27.91
CA LYS P 39 18.78 -40.93 -27.96
C LYS P 39 18.25 -40.63 -26.57
N ARG P 40 17.33 -39.69 -26.49
CA ARG P 40 16.77 -39.28 -25.21
C ARG P 40 15.37 -38.72 -25.39
N ARG P 41 14.65 -38.62 -24.27
CA ARG P 41 13.38 -37.92 -24.19
C ARG P 41 13.42 -37.01 -22.97
N ALA P 42 13.33 -35.70 -23.20
CA ALA P 42 13.23 -34.76 -22.09
C ALA P 42 11.87 -34.89 -21.45
N LEU P 43 11.80 -34.59 -20.15
CA LEU P 43 10.58 -34.75 -19.37
C LEU P 43 9.52 -33.78 -19.83
N GLY P 44 8.29 -34.28 -19.96
CA GLY P 44 7.20 -33.48 -20.46
C GLY P 44 6.99 -33.58 -21.97
N ASN P 45 7.99 -34.00 -22.72
CA ASN P 45 7.85 -34.16 -24.15
C ASN P 45 7.29 -35.54 -24.48
N ASN P 46 6.53 -35.60 -25.57
CA ASN P 46 5.89 -36.81 -26.05
C ASN P 46 6.63 -37.46 -27.20
N PHE P 47 7.90 -37.10 -27.42
CA PHE P 47 8.62 -37.58 -28.59
C PHE P 47 10.08 -37.84 -28.21
N TYR P 48 10.71 -38.68 -29.02
CA TYR P 48 12.12 -38.99 -28.89
C TYR P 48 12.93 -38.13 -29.85
N GLU P 49 14.22 -38.01 -29.58
CA GLU P 49 15.12 -37.20 -30.39
C GLU P 49 16.54 -37.72 -30.27
N TYR P 50 17.30 -37.54 -31.34
CA TYR P 50 18.71 -37.92 -31.38
C TYR P 50 19.56 -36.68 -31.21
N TYR P 51 20.73 -36.82 -30.60
CA TYR P 51 21.62 -35.69 -30.41
C TYR P 51 23.05 -36.15 -30.50
N VAL P 52 23.90 -35.25 -30.99
CA VAL P 52 25.34 -35.43 -30.96
C VAL P 52 25.91 -34.27 -30.15
N ASP P 53 27.03 -34.52 -29.47
CA ASP P 53 27.61 -33.50 -28.63
C ASP P 53 28.62 -32.65 -29.37
N ASP P 54 28.77 -32.84 -30.67
CA ASP P 54 29.72 -32.08 -31.44
C ASP P 54 29.18 -30.70 -31.76
N PRO P 55 30.05 -29.71 -32.00
CA PRO P 55 29.60 -28.43 -32.54
C PRO P 55 29.04 -28.59 -33.94
N PRO P 56 28.13 -27.71 -34.36
CA PRO P 56 27.41 -27.95 -35.62
C PRO P 56 28.24 -27.77 -36.88
N ARG P 57 29.44 -27.22 -36.79
CA ARG P 57 30.28 -27.15 -37.98
C ARG P 57 30.91 -28.51 -38.26
N ILE P 58 31.18 -29.28 -37.21
CA ILE P 58 31.79 -30.60 -37.37
C ILE P 58 30.78 -31.59 -37.92
N VAL P 59 29.51 -31.42 -37.57
CA VAL P 59 28.46 -32.30 -38.07
C VAL P 59 28.20 -32.05 -39.55
N LEU P 60 28.35 -30.79 -39.99
CA LEU P 60 28.17 -30.48 -41.40
C LEU P 60 29.33 -30.99 -42.25
N ASP P 61 30.49 -31.21 -41.64
CA ASP P 61 31.60 -31.79 -42.38
C ASP P 61 31.49 -33.31 -42.43
N LYS P 62 30.81 -33.92 -41.47
CA LYS P 62 30.51 -35.34 -41.55
C LYS P 62 29.45 -35.62 -42.60
N LEU P 63 28.40 -34.80 -42.64
CA LEU P 63 27.25 -35.08 -43.50
C LEU P 63 27.53 -34.78 -44.96
N GLU P 64 28.61 -34.05 -45.27
CA GLU P 64 28.97 -33.85 -46.66
C GLU P 64 29.65 -35.09 -47.23
N ARG P 65 30.43 -35.79 -46.41
CA ARG P 65 31.09 -37.01 -46.87
C ARG P 65 30.11 -38.14 -47.13
N ARG P 66 28.92 -38.08 -46.57
CA ARG P 66 27.88 -39.06 -46.82
C ARG P 66 27.03 -38.69 -48.05
N GLY P 67 26.99 -37.41 -48.41
CA GLY P 67 26.36 -37.01 -49.65
C GLY P 67 25.29 -35.94 -49.54
N PHE P 68 25.22 -35.24 -48.42
CA PHE P 68 24.21 -34.22 -48.20
C PHE P 68 24.75 -32.84 -48.54
N ARG P 69 23.88 -31.99 -49.07
CA ARG P 69 24.23 -30.61 -49.37
C ARG P 69 23.26 -29.69 -48.66
N VAL P 70 23.79 -28.59 -48.12
CA VAL P 70 22.98 -27.63 -47.38
C VAL P 70 22.11 -26.86 -48.35
N LEU P 71 20.80 -27.08 -48.29
CA LEU P 71 19.87 -26.24 -49.02
C LEU P 71 19.83 -24.83 -48.46
N SER P 72 19.41 -24.69 -47.21
CA SER P 72 19.13 -23.39 -46.63
C SER P 72 19.41 -23.46 -45.13
N MET P 73 19.46 -22.29 -44.52
CA MET P 73 19.64 -22.15 -43.08
C MET P 73 18.59 -21.15 -42.60
N THR P 74 18.04 -21.35 -41.40
CA THR P 74 17.12 -20.38 -40.78
C THR P 74 17.44 -20.20 -39.31
N GLY P 75 17.03 -19.05 -38.80
CA GLY P 75 17.01 -18.85 -37.37
C GLY P 75 15.60 -18.59 -36.90
N VAL P 76 15.07 -19.49 -36.09
CA VAL P 76 13.74 -19.31 -35.51
C VAL P 76 13.86 -19.42 -34.00
N GLY P 77 13.38 -18.40 -33.31
CA GLY P 77 13.54 -18.36 -31.86
C GLY P 77 14.99 -18.12 -31.49
N GLN P 78 15.47 -18.92 -30.54
CA GLN P 78 16.88 -18.97 -30.18
C GLN P 78 17.58 -20.19 -30.77
N THR P 79 17.03 -20.76 -31.83
CA THR P 79 17.52 -21.96 -32.48
C THR P 79 17.94 -21.60 -33.90
N LEU P 80 19.00 -22.24 -34.38
CA LEU P 80 19.47 -22.06 -35.74
C LEU P 80 19.32 -23.40 -36.44
N VAL P 81 18.56 -23.44 -37.54
CA VAL P 81 18.20 -24.68 -38.21
C VAL P 81 18.84 -24.73 -39.60
N TRP P 82 19.50 -25.85 -39.90
CA TRP P 82 20.05 -26.14 -41.23
C TRP P 82 19.19 -27.21 -41.89
N CYS P 83 18.92 -27.07 -43.18
CA CYS P 83 18.16 -28.07 -43.92
C CYS P 83 19.05 -28.66 -45.01
N LEU P 84 19.29 -29.97 -44.93
CA LEU P 84 20.23 -30.65 -45.80
C LEU P 84 19.50 -31.59 -46.74
N HIS P 85 19.88 -31.58 -48.01
CA HIS P 85 19.31 -32.43 -49.03
C HIS P 85 20.40 -33.25 -49.69
N LYS P 86 20.12 -34.53 -49.94
CA LYS P 86 21.11 -35.41 -50.51
C LYS P 86 21.20 -35.28 -52.02
N MET Q 4 38.44 -28.50 -44.18
CA MET Q 4 37.21 -27.95 -43.62
C MET Q 4 36.55 -26.98 -44.59
N PRO Q 5 35.52 -27.46 -45.30
CA PRO Q 5 34.88 -26.59 -46.29
C PRO Q 5 33.92 -25.57 -45.72
N TYR Q 6 33.20 -25.86 -44.64
CA TYR Q 6 32.21 -24.93 -44.12
C TYR Q 6 32.84 -23.98 -43.12
N LEU Q 7 32.22 -22.82 -42.96
CA LEU Q 7 32.73 -21.72 -42.16
C LEU Q 7 31.55 -20.84 -41.77
N LEU Q 8 31.55 -20.32 -40.56
CA LEU Q 8 30.42 -19.58 -40.01
C LEU Q 8 30.91 -18.29 -39.38
N ILE Q 9 30.41 -17.16 -39.85
CA ILE Q 9 30.72 -15.88 -39.23
C ILE Q 9 29.43 -15.22 -38.77
N SER Q 10 29.53 -14.38 -37.74
CA SER Q 10 28.37 -13.71 -37.18
C SER Q 10 28.77 -12.33 -36.68
N THR Q 11 27.78 -11.46 -36.52
CA THR Q 11 27.99 -10.17 -35.89
C THR Q 11 26.71 -9.73 -35.21
N GLN Q 12 26.86 -8.94 -34.17
CA GLN Q 12 25.79 -8.43 -33.34
C GLN Q 12 25.31 -7.08 -33.83
N ILE Q 13 24.82 -6.29 -32.89
CA ILE Q 13 23.80 -5.23 -32.95
C ILE Q 13 23.73 -4.44 -34.25
N ARG Q 14 24.85 -4.10 -34.85
CA ARG Q 14 24.83 -3.48 -36.17
C ARG Q 14 25.83 -4.17 -37.09
N MET Q 15 25.52 -4.12 -38.38
CA MET Q 15 26.38 -4.73 -39.39
C MET Q 15 27.41 -3.77 -39.97
N GLU Q 16 27.41 -2.50 -39.57
CA GLU Q 16 28.41 -1.55 -40.04
C GLU Q 16 29.61 -1.42 -39.12
N VAL Q 17 29.75 -2.32 -38.14
CA VAL Q 17 30.82 -2.22 -37.15
C VAL Q 17 31.08 -3.61 -36.60
N GLY Q 18 32.31 -3.85 -36.15
CA GLY Q 18 32.67 -5.12 -35.57
C GLY Q 18 32.27 -5.22 -34.12
N PRO Q 19 32.83 -6.22 -33.42
CA PRO Q 19 33.71 -7.29 -33.90
C PRO Q 19 32.94 -8.45 -34.50
N THR Q 20 33.63 -9.28 -35.28
CA THR Q 20 33.00 -10.37 -36.02
C THR Q 20 33.54 -11.69 -35.50
N MET Q 21 32.65 -12.61 -35.18
CA MET Q 21 33.09 -13.95 -34.83
C MET Q 21 33.45 -14.71 -36.10
N VAL Q 22 34.53 -15.49 -36.05
CA VAL Q 22 35.03 -16.19 -37.22
C VAL Q 22 35.32 -17.65 -36.97
N GLY Q 23 35.22 -18.16 -35.74
CA GLY Q 23 35.50 -19.57 -35.58
C GLY Q 23 35.49 -20.00 -34.14
N ASP Q 24 35.61 -21.31 -33.97
CA ASP Q 24 35.54 -21.98 -32.69
C ASP Q 24 36.86 -22.68 -32.41
N GLU Q 25 36.85 -23.54 -31.40
CA GLU Q 25 38.01 -24.27 -30.89
C GLU Q 25 38.77 -25.07 -31.94
N GLN Q 26 38.06 -25.71 -32.87
CA GLN Q 26 38.67 -26.62 -33.82
C GLN Q 26 38.80 -26.02 -35.22
N SER Q 27 38.98 -24.70 -35.31
CA SER Q 27 39.11 -24.06 -36.61
C SER Q 27 40.54 -24.15 -37.13
N ASP Q 28 40.72 -23.66 -38.35
CA ASP Q 28 42.01 -23.72 -39.04
C ASP Q 28 42.94 -22.65 -38.48
N PRO Q 29 44.11 -23.03 -37.94
CA PRO Q 29 44.99 -22.01 -37.36
C PRO Q 29 45.67 -21.11 -38.39
N GLU Q 30 45.86 -21.58 -39.62
CA GLU Q 30 46.46 -20.72 -40.63
C GLU Q 30 45.43 -19.73 -41.17
N LEU Q 31 44.18 -20.14 -41.25
CA LEU Q 31 43.15 -19.26 -41.81
C LEU Q 31 42.81 -18.14 -40.85
N MET Q 32 42.78 -18.42 -39.56
CA MET Q 32 42.54 -17.36 -38.58
C MET Q 32 43.73 -16.43 -38.48
N GLN Q 33 44.93 -16.92 -38.83
CA GLN Q 33 46.11 -16.08 -38.84
C GLN Q 33 46.12 -15.14 -40.03
N HIS Q 34 45.57 -15.59 -41.17
CA HIS Q 34 45.45 -14.71 -42.32
C HIS Q 34 44.38 -13.64 -42.10
N LEU Q 35 43.30 -14.00 -41.41
CA LEU Q 35 42.26 -13.03 -41.10
C LEU Q 35 42.67 -12.06 -39.99
N GLY Q 36 43.73 -12.38 -39.24
CA GLY Q 36 44.15 -11.52 -38.14
C GLY Q 36 43.34 -11.72 -36.89
N ALA Q 37 42.93 -12.95 -36.59
CA ALA Q 37 42.00 -13.18 -35.49
C ALA Q 37 42.72 -13.27 -34.16
N SER Q 38 42.03 -12.88 -33.10
CA SER Q 38 42.47 -13.05 -31.73
C SER Q 38 41.53 -14.01 -31.03
N LYS Q 39 42.02 -14.62 -29.95
CA LYS Q 39 41.27 -15.66 -29.27
C LYS Q 39 40.96 -15.24 -27.84
N ARG Q 40 39.74 -15.55 -27.39
CA ARG Q 40 39.31 -15.16 -26.05
C ARG Q 40 38.25 -16.12 -25.55
N ARG Q 41 38.03 -16.06 -24.23
CA ARG Q 41 36.91 -16.73 -23.58
C ARG Q 41 36.24 -15.73 -22.66
N ALA Q 42 34.97 -15.41 -22.94
CA ALA Q 42 34.21 -14.57 -22.05
C ALA Q 42 33.88 -15.34 -20.77
N LEU Q 43 33.74 -14.60 -19.66
CA LEU Q 43 33.52 -15.20 -18.35
C LEU Q 43 32.17 -15.89 -18.29
N GLY Q 44 32.16 -17.09 -17.73
CA GLY Q 44 30.96 -17.88 -17.66
C GLY Q 44 30.79 -18.86 -18.81
N ASN Q 45 31.47 -18.62 -19.93
CA ASN Q 45 31.39 -19.54 -21.07
C ASN Q 45 32.40 -20.66 -20.91
N ASN Q 46 32.05 -21.83 -21.44
CA ASN Q 46 32.86 -23.03 -21.39
C ASN Q 46 33.60 -23.30 -22.70
N PHE Q 47 33.71 -22.30 -23.57
CA PHE Q 47 34.30 -22.53 -24.89
C PHE Q 47 35.12 -21.32 -25.29
N TYR Q 48 36.04 -21.55 -26.22
CA TYR Q 48 36.87 -20.53 -26.81
C TYR Q 48 36.26 -20.07 -28.13
N GLU Q 49 36.67 -18.89 -28.58
CA GLU Q 49 36.17 -18.31 -29.81
C GLU Q 49 37.19 -17.36 -30.40
N TYR Q 50 37.19 -17.24 -31.72
CA TYR Q 50 38.06 -16.33 -32.44
C TYR Q 50 37.25 -15.12 -32.87
N TYR Q 51 37.89 -13.96 -32.94
CA TYR Q 51 37.21 -12.75 -33.35
C TYR Q 51 38.17 -11.86 -34.13
N VAL Q 52 37.61 -11.12 -35.07
CA VAL Q 52 38.31 -10.06 -35.77
C VAL Q 52 37.55 -8.78 -35.49
N ASP Q 53 38.28 -7.66 -35.48
CA ASP Q 53 37.66 -6.39 -35.16
C ASP Q 53 37.17 -5.67 -36.40
N ASP Q 54 37.24 -6.31 -37.56
CA ASP Q 54 36.82 -5.67 -38.79
C ASP Q 54 35.30 -5.73 -38.93
N PRO Q 55 34.70 -4.80 -39.67
CA PRO Q 55 33.27 -4.94 -40.03
C PRO Q 55 33.04 -6.15 -40.91
N PRO Q 56 31.84 -6.73 -40.88
CA PRO Q 56 31.64 -8.03 -41.56
C PRO Q 56 31.64 -7.97 -43.08
N ARG Q 57 31.60 -6.79 -43.68
CA ARG Q 57 31.71 -6.72 -45.13
C ARG Q 57 33.16 -6.91 -45.56
N ILE Q 58 34.11 -6.45 -44.73
CA ILE Q 58 35.52 -6.57 -45.04
C ILE Q 58 35.99 -8.00 -44.89
N VAL Q 59 35.40 -8.74 -43.95
CA VAL Q 59 35.76 -10.14 -43.75
C VAL Q 59 35.25 -10.99 -44.90
N LEU Q 60 34.10 -10.64 -45.47
CA LEU Q 60 33.57 -11.38 -46.61
C LEU Q 60 34.38 -11.12 -47.87
N ASP Q 61 35.09 -9.99 -47.94
CA ASP Q 61 35.96 -9.74 -49.08
C ASP Q 61 37.31 -10.43 -48.92
N LYS Q 62 37.71 -10.70 -47.68
CA LYS Q 62 38.90 -11.51 -47.45
C LYS Q 62 38.64 -12.97 -47.78
N LEU Q 63 37.49 -13.48 -47.34
CA LEU Q 63 37.21 -14.90 -47.45
C LEU Q 63 36.87 -15.32 -48.87
N GLU Q 64 36.57 -14.38 -49.76
CA GLU Q 64 36.36 -14.75 -51.15
C GLU Q 64 37.68 -14.99 -51.86
N ARG Q 65 38.72 -14.23 -51.50
CA ARG Q 65 40.03 -14.42 -52.10
C ARG Q 65 40.67 -15.74 -51.71
N ARG Q 66 40.24 -16.35 -50.61
CA ARG Q 66 40.71 -17.66 -50.19
C ARG Q 66 39.90 -18.79 -50.84
N GLY Q 67 38.67 -18.52 -51.26
CA GLY Q 67 37.92 -19.49 -52.02
C GLY Q 67 36.56 -19.85 -51.49
N PHE Q 68 36.01 -19.06 -50.57
CA PHE Q 68 34.73 -19.34 -49.96
C PHE Q 68 33.62 -18.57 -50.67
N ARG Q 69 32.44 -19.19 -50.75
CA ARG Q 69 31.28 -18.55 -51.33
C ARG Q 69 30.14 -18.57 -50.31
N VAL Q 70 29.40 -17.48 -50.24
CA VAL Q 70 28.30 -17.36 -49.29
C VAL Q 70 27.15 -18.23 -49.75
N LEU Q 71 26.87 -19.29 -48.99
CA LEU Q 71 25.66 -20.06 -49.21
C LEU Q 71 24.41 -19.27 -48.86
N SER Q 72 24.28 -18.89 -47.60
CA SER Q 72 23.05 -18.32 -47.09
C SER Q 72 23.39 -17.36 -45.96
N MET Q 73 22.40 -16.56 -45.58
CA MET Q 73 22.51 -15.64 -44.46
C MET Q 73 21.26 -15.81 -43.61
N THR Q 74 21.38 -15.70 -42.29
CA THR Q 74 20.22 -15.72 -41.39
C THR Q 74 20.34 -14.65 -40.33
N GLY Q 75 19.20 -14.26 -39.80
CA GLY Q 75 19.17 -13.47 -38.59
C GLY Q 75 18.47 -14.21 -37.49
N VAL Q 76 19.19 -14.54 -36.43
CA VAL Q 76 18.60 -15.21 -35.27
C VAL Q 76 18.92 -14.38 -34.03
N GLY Q 77 17.88 -13.99 -33.31
CA GLY Q 77 18.08 -13.11 -32.16
C GLY Q 77 18.44 -11.72 -32.62
N GLN Q 78 19.48 -11.16 -31.98
CA GLN Q 78 20.10 -9.92 -32.40
C GLN Q 78 21.41 -10.15 -33.14
N THR Q 79 21.60 -11.33 -33.70
CA THR Q 79 22.81 -11.74 -34.38
C THR Q 79 22.47 -12.02 -35.84
N LEU Q 80 23.38 -11.68 -36.73
CA LEU Q 80 23.24 -11.96 -38.15
C LEU Q 80 24.33 -12.94 -38.54
N VAL Q 81 23.95 -14.10 -39.07
CA VAL Q 81 24.88 -15.20 -39.33
C VAL Q 81 25.00 -15.44 -40.83
N TRP Q 82 26.25 -15.51 -41.32
CA TRP Q 82 26.56 -15.88 -42.70
C TRP Q 82 27.14 -17.29 -42.71
N CYS Q 83 26.76 -18.11 -43.68
CA CYS Q 83 27.31 -19.45 -43.82
C CYS Q 83 28.06 -19.56 -45.14
N LEU Q 84 29.36 -19.83 -45.06
CA LEU Q 84 30.23 -19.81 -46.22
C LEU Q 84 30.71 -21.21 -46.54
N HIS Q 85 30.69 -21.56 -47.82
CA HIS Q 85 31.15 -22.85 -48.31
C HIS Q 85 32.23 -22.66 -49.35
N LYS Q 86 33.26 -23.50 -49.29
CA LYS Q 86 34.39 -23.36 -50.19
C LYS Q 86 34.11 -24.01 -51.54
N MET R 4 35.52 -4.35 -54.43
CA MET R 4 34.61 -4.79 -53.38
C MET R 4 33.34 -5.42 -53.96
N PRO R 5 33.30 -6.75 -53.97
CA PRO R 5 32.15 -7.43 -54.58
C PRO R 5 30.92 -7.45 -53.71
N TYR R 6 31.04 -7.56 -52.39
CA TYR R 6 29.87 -7.69 -51.53
C TYR R 6 29.36 -6.32 -51.10
N LEU R 7 28.08 -6.26 -50.77
CA LEU R 7 27.36 -5.04 -50.47
C LEU R 7 26.15 -5.40 -49.62
N LEU R 8 25.83 -4.57 -48.64
CA LEU R 8 24.78 -4.87 -47.67
C LEU R 8 23.87 -3.67 -47.52
N ILE R 9 22.58 -3.85 -47.80
CA ILE R 9 21.60 -2.79 -47.57
C ILE R 9 20.56 -3.29 -46.58
N SER R 10 19.94 -2.36 -45.85
CA SER R 10 18.95 -2.69 -44.84
C SER R 10 17.91 -1.59 -44.77
N THR R 11 16.75 -1.93 -44.21
CA THR R 11 15.71 -0.94 -43.93
C THR R 11 14.91 -1.40 -42.73
N GLN R 12 14.36 -0.43 -42.01
CA GLN R 12 13.59 -0.63 -40.80
C GLN R 12 12.12 -0.74 -41.12
N ILE R 13 11.31 -0.31 -40.14
CA ILE R 13 9.95 -0.70 -39.78
C ILE R 13 9.04 -1.13 -40.93
N ARG R 14 9.09 -0.44 -42.06
CA ARG R 14 8.35 -0.89 -43.24
C ARG R 14 9.25 -0.88 -44.46
N MET R 15 8.94 -1.75 -45.41
CA MET R 15 9.71 -1.85 -46.64
C MET R 15 9.15 -0.99 -47.77
N GLU R 16 8.04 -0.29 -47.56
CA GLU R 16 7.50 0.59 -48.58
C GLU R 16 7.96 2.04 -48.43
N VAL R 17 8.95 2.31 -47.58
CA VAL R 17 9.39 3.67 -47.30
C VAL R 17 10.83 3.61 -46.82
N GLY R 18 11.57 4.70 -47.05
CA GLY R 18 12.95 4.76 -46.61
C GLY R 18 13.05 5.18 -45.16
N PRO R 19 14.27 5.57 -44.75
CA PRO R 19 15.53 5.58 -45.50
C PRO R 19 16.22 4.24 -45.49
N THR R 20 17.16 4.03 -46.41
CA THR R 20 17.81 2.74 -46.61
C THR R 20 19.29 2.91 -46.30
N MET R 21 19.84 2.04 -45.47
CA MET R 21 21.29 2.02 -45.26
C MET R 21 21.96 1.36 -46.45
N VAL R 22 23.09 1.92 -46.88
CA VAL R 22 23.79 1.41 -48.06
C VAL R 22 25.27 1.19 -47.84
N GLY R 23 25.83 1.55 -46.69
CA GLY R 23 27.25 1.31 -46.54
C GLY R 23 27.82 1.87 -45.27
N ASP R 24 29.08 1.53 -45.05
CA ASP R 24 29.82 1.88 -43.86
C ASP R 24 31.00 2.75 -44.23
N GLU R 25 31.91 2.93 -43.27
CA GLU R 25 33.08 3.80 -43.37
C GLU R 25 33.99 3.53 -44.57
N GLN R 26 34.19 2.26 -44.92
CA GLN R 26 35.14 1.88 -45.95
C GLN R 26 34.47 1.50 -47.26
N SER R 27 33.32 2.10 -47.57
CA SER R 27 32.64 1.77 -48.82
C SER R 27 33.20 2.57 -49.99
N ASP R 28 32.67 2.27 -51.17
CA ASP R 28 33.13 2.88 -52.41
C ASP R 28 32.59 4.30 -52.53
N PRO R 29 33.45 5.32 -52.64
CA PRO R 29 32.93 6.70 -52.71
C PRO R 29 32.24 7.03 -54.03
N GLU R 30 32.60 6.36 -55.13
CA GLU R 30 31.92 6.63 -56.39
C GLU R 30 30.56 5.96 -56.42
N LEU R 31 30.44 4.79 -55.79
CA LEU R 31 29.17 4.06 -55.83
C LEU R 31 28.12 4.72 -54.95
N MET R 32 28.53 5.27 -53.81
CA MET R 32 27.59 5.99 -52.97
C MET R 32 27.20 7.32 -53.60
N GLN R 33 28.07 7.86 -54.46
CA GLN R 33 27.76 9.09 -55.17
C GLN R 33 26.76 8.84 -56.28
N HIS R 34 26.82 7.68 -56.93
CA HIS R 34 25.82 7.34 -57.94
C HIS R 34 24.47 7.04 -57.30
N LEU R 35 24.46 6.43 -56.12
CA LEU R 35 23.21 6.18 -55.42
C LEU R 35 22.62 7.43 -54.80
N GLY R 36 23.40 8.51 -54.68
CA GLY R 36 22.92 9.72 -54.05
C GLY R 36 22.93 9.67 -52.54
N ALA R 37 23.94 9.04 -51.95
CA ALA R 37 23.92 8.80 -50.51
C ALA R 37 24.44 10.00 -49.75
N SER R 38 23.94 10.17 -48.53
CA SER R 38 24.44 11.15 -47.58
C SER R 38 25.03 10.42 -46.40
N LYS R 39 25.91 11.10 -45.67
CA LYS R 39 26.65 10.47 -44.59
C LYS R 39 26.32 11.13 -43.26
N ARG R 40 26.20 10.32 -42.22
CA ARG R 40 25.84 10.83 -40.90
C ARG R 40 26.37 9.91 -39.82
N ARG R 41 26.38 10.44 -38.60
CA ARG R 41 26.65 9.66 -37.39
C ARG R 41 25.58 10.01 -36.36
N ALA R 42 24.77 9.01 -35.98
CA ALA R 42 23.81 9.22 -34.91
C ALA R 42 24.54 9.33 -33.59
N LEU R 43 23.95 10.07 -32.65
CA LEU R 43 24.57 10.35 -31.36
C LEU R 43 24.69 9.09 -30.53
N GLY R 44 25.84 8.90 -29.92
CA GLY R 44 26.12 7.70 -29.17
C GLY R 44 26.80 6.60 -29.95
N ASN R 45 26.72 6.63 -31.28
CA ASN R 45 27.39 5.64 -32.11
C ASN R 45 28.82 6.05 -32.37
N ASN R 46 29.69 5.06 -32.51
CA ASN R 46 31.11 5.24 -32.77
C ASN R 46 31.48 5.03 -34.23
N PHE R 47 30.51 5.05 -35.14
CA PHE R 47 30.78 4.73 -36.52
C PHE R 47 29.95 5.62 -37.44
N TYR R 48 30.40 5.76 -38.67
CA TYR R 48 29.71 6.49 -39.71
C TYR R 48 28.90 5.52 -40.57
N GLU R 49 27.92 6.06 -41.28
CA GLU R 49 27.06 5.26 -42.13
C GLU R 49 26.50 6.13 -43.26
N TYR R 50 26.24 5.48 -44.39
CA TYR R 50 25.65 6.13 -45.55
C TYR R 50 24.18 5.77 -45.62
N TYR R 51 23.36 6.68 -46.13
CA TYR R 51 21.94 6.41 -46.26
C TYR R 51 21.41 7.09 -47.51
N VAL R 52 20.40 6.45 -48.10
CA VAL R 52 19.62 7.04 -49.18
C VAL R 52 18.18 7.11 -48.69
N ASP R 53 17.46 8.12 -49.17
CA ASP R 53 16.08 8.29 -48.71
C ASP R 53 15.07 7.56 -49.58
N ASP R 54 15.55 6.78 -50.54
CA ASP R 54 14.65 6.07 -51.43
C ASP R 54 14.11 4.81 -50.76
N PRO R 55 12.95 4.32 -51.17
CA PRO R 55 12.48 3.00 -50.72
C PRO R 55 13.39 1.90 -51.23
N PRO R 56 13.47 0.77 -50.52
CA PRO R 56 14.49 -0.22 -50.86
C PRO R 56 14.25 -0.99 -52.15
N ARG R 57 13.09 -0.87 -52.77
CA ARG R 57 12.90 -1.51 -54.06
C ARG R 57 13.57 -0.69 -55.15
N ILE R 58 13.61 0.63 -54.98
CA ILE R 58 14.23 1.51 -55.98
C ILE R 58 15.74 1.39 -55.93
N VAL R 59 16.30 1.14 -54.75
CA VAL R 59 17.74 0.97 -54.62
C VAL R 59 18.19 -0.35 -55.24
N LEU R 60 17.35 -1.38 -55.17
CA LEU R 60 17.70 -2.66 -55.79
C LEU R 60 17.61 -2.59 -57.31
N ASP R 61 16.84 -1.65 -57.84
CA ASP R 61 16.81 -1.48 -59.29
C ASP R 61 17.98 -0.63 -59.78
N LYS R 62 18.53 0.23 -58.91
CA LYS R 62 19.76 0.94 -59.24
C LYS R 62 20.95 -0.01 -59.23
N LEU R 63 21.03 -0.86 -58.21
CA LEU R 63 22.22 -1.68 -58.00
C LEU R 63 22.30 -2.84 -58.99
N GLU R 64 21.22 -3.16 -59.69
CA GLU R 64 21.30 -4.18 -60.72
C GLU R 64 21.94 -3.63 -61.99
N ARG R 65 21.69 -2.36 -62.29
CA ARG R 65 22.30 -1.74 -63.47
C ARG R 65 23.81 -1.55 -63.33
N ARG R 66 24.32 -1.56 -62.11
CA ARG R 66 25.75 -1.49 -61.86
C ARG R 66 26.40 -2.87 -61.86
N GLY R 67 25.64 -3.92 -61.61
CA GLY R 67 26.14 -5.28 -61.77
C GLY R 67 26.00 -6.18 -60.57
N PHE R 68 25.18 -5.81 -59.60
CA PHE R 68 25.02 -6.60 -58.39
C PHE R 68 23.80 -7.51 -58.49
N ARG R 69 23.91 -8.69 -57.89
CA ARG R 69 22.80 -9.64 -57.85
C ARG R 69 22.51 -9.99 -56.39
N VAL R 70 21.23 -10.09 -56.06
CA VAL R 70 20.81 -10.38 -54.70
C VAL R 70 21.11 -11.85 -54.40
N LEU R 71 22.06 -12.09 -53.50
CA LEU R 71 22.27 -13.43 -52.98
C LEU R 71 21.11 -13.89 -52.12
N SER R 72 20.87 -13.19 -51.02
CA SER R 72 19.94 -13.64 -50.01
C SER R 72 19.32 -12.44 -49.33
N MET R 73 18.25 -12.68 -48.58
CA MET R 73 17.58 -11.67 -47.78
C MET R 73 17.37 -12.25 -46.40
N THR R 74 17.47 -11.43 -45.35
CA THR R 74 17.15 -11.87 -43.99
C THR R 74 16.35 -10.80 -43.26
N GLY R 75 15.61 -11.26 -42.26
CA GLY R 75 15.02 -10.35 -41.31
C GLY R 75 15.56 -10.61 -39.92
N VAL R 76 16.27 -9.64 -39.35
CA VAL R 76 16.79 -9.76 -38.01
C VAL R 76 16.31 -8.55 -37.21
N GLY R 77 15.64 -8.82 -36.09
CA GLY R 77 15.04 -7.74 -35.32
C GLY R 77 13.86 -7.15 -36.04
N GLN R 78 13.83 -5.82 -36.10
CA GLN R 78 12.87 -5.08 -36.90
C GLN R 78 13.50 -4.55 -38.19
N THR R 79 14.59 -5.15 -38.62
CA THR R 79 15.34 -4.74 -39.79
C THR R 79 15.29 -5.85 -40.82
N LEU R 80 15.24 -5.47 -42.09
CA LEU R 80 15.26 -6.43 -43.19
C LEU R 80 16.53 -6.18 -43.99
N VAL R 81 17.39 -7.19 -44.12
CA VAL R 81 18.72 -7.04 -44.70
C VAL R 81 18.80 -7.81 -46.02
N TRP R 82 19.29 -7.15 -47.06
CA TRP R 82 19.59 -7.76 -48.36
C TRP R 82 21.10 -7.86 -48.51
N CYS R 83 21.58 -8.97 -49.06
CA CYS R 83 23.00 -9.16 -49.31
C CYS R 83 23.23 -9.30 -50.82
N LEU R 84 23.98 -8.37 -51.39
CA LEU R 84 24.16 -8.30 -52.83
C LEU R 84 25.60 -8.64 -53.20
N HIS R 85 25.75 -9.45 -54.24
CA HIS R 85 27.05 -9.85 -54.75
C HIS R 85 27.16 -9.49 -56.23
N LYS R 86 28.33 -8.99 -56.61
CA LYS R 86 28.54 -8.54 -57.98
C LYS R 86 28.87 -9.70 -58.90
N MET S 4 10.90 -2.51 -64.21
CA MET S 4 11.08 -2.83 -62.79
C MET S 4 11.11 -4.34 -62.56
N PRO S 5 12.31 -4.89 -62.42
CA PRO S 5 12.43 -6.34 -62.27
C PRO S 5 12.10 -6.86 -60.88
N TYR S 6 12.41 -6.12 -59.81
CA TYR S 6 12.17 -6.62 -58.47
C TYR S 6 10.78 -6.26 -57.97
N LEU S 7 10.29 -7.05 -57.03
CA LEU S 7 8.93 -6.97 -56.53
C LEU S 7 8.91 -7.60 -55.14
N LEU S 8 8.14 -7.02 -54.23
CA LEU S 8 8.14 -7.43 -52.83
C LEU S 8 6.71 -7.59 -52.35
N ILE S 9 6.36 -8.78 -51.87
CA ILE S 9 5.05 -9.01 -51.29
C ILE S 9 5.23 -9.49 -49.85
N SER S 10 4.24 -9.21 -49.01
CA SER S 10 4.29 -9.58 -47.60
C SER S 10 2.90 -9.93 -47.11
N THR S 11 2.84 -10.66 -46.00
CA THR S 11 1.58 -10.91 -45.32
C THR S 11 1.84 -11.08 -43.84
N GLN S 12 0.83 -10.76 -43.04
CA GLN S 12 0.88 -10.80 -41.60
C GLN S 12 0.37 -12.14 -41.07
N ILE S 13 -0.20 -12.08 -39.88
CA ILE S 13 -0.31 -13.09 -38.82
C ILE S 13 -0.41 -14.55 -39.28
N ARG S 14 -1.16 -14.83 -40.33
CA ARG S 14 -1.17 -16.17 -40.90
C ARG S 14 -0.99 -16.10 -42.40
N MET S 15 -0.41 -17.17 -42.94
CA MET S 15 -0.19 -17.27 -44.38
C MET S 15 -1.33 -17.94 -45.14
N GLU S 16 -2.35 -18.42 -44.45
CA GLU S 16 -3.51 -19.02 -45.12
C GLU S 16 -4.64 -18.04 -45.38
N VAL S 17 -4.41 -16.73 -45.20
CA VAL S 17 -5.46 -15.73 -45.33
C VAL S 17 -4.79 -14.40 -45.68
N GLY S 18 -5.54 -13.54 -46.37
CA GLY S 18 -5.03 -12.24 -46.72
C GLY S 18 -5.19 -11.24 -45.58
N PRO S 19 -5.04 -9.96 -45.92
CA PRO S 19 -4.67 -9.37 -47.21
C PRO S 19 -3.16 -9.35 -47.44
N THR S 20 -2.75 -9.20 -48.69
CA THR S 20 -1.34 -9.29 -49.06
C THR S 20 -0.91 -7.93 -49.59
N MET S 21 0.22 -7.43 -49.08
CA MET S 21 0.79 -6.22 -49.66
C MET S 21 1.51 -6.56 -50.95
N VAL S 22 1.38 -5.72 -51.96
CA VAL S 22 1.95 -5.98 -53.27
C VAL S 22 2.74 -4.81 -53.84
N GLY S 23 2.76 -3.66 -53.20
CA GLY S 23 3.55 -2.59 -53.79
C GLY S 23 3.40 -1.27 -53.07
N ASP S 24 4.21 -0.33 -53.50
CA ASP S 24 4.32 1.00 -52.91
C ASP S 24 3.91 2.03 -53.94
N GLU S 25 4.21 3.29 -53.62
CA GLU S 25 3.84 4.48 -54.40
C GLU S 25 4.29 4.44 -55.86
N GLN S 26 5.50 3.93 -56.13
CA GLN S 26 6.07 3.97 -57.46
C GLN S 26 6.00 2.63 -58.19
N SER S 27 4.98 1.82 -57.91
CA SER S 27 4.87 0.53 -58.57
C SER S 27 4.21 0.66 -59.94
N ASP S 28 4.14 -0.47 -60.63
CA ASP S 28 3.60 -0.52 -61.99
C ASP S 28 2.09 -0.45 -61.95
N PRO S 29 1.45 0.54 -62.59
CA PRO S 29 -0.02 0.63 -62.52
C PRO S 29 -0.74 -0.45 -63.32
N GLU S 30 -0.13 -1.01 -64.36
CA GLU S 30 -0.78 -2.08 -65.10
C GLU S 30 -0.69 -3.40 -64.35
N LEU S 31 0.41 -3.60 -63.63
CA LEU S 31 0.60 -4.87 -62.94
C LEU S 31 -0.29 -4.96 -61.71
N MET S 32 -0.50 -3.85 -61.01
CA MET S 32 -1.42 -3.85 -59.88
C MET S 32 -2.86 -3.98 -60.35
N GLN S 33 -3.13 -3.55 -61.59
CA GLN S 33 -4.47 -3.68 -62.15
C GLN S 33 -4.75 -5.12 -62.55
N HIS S 34 -3.74 -5.85 -63.00
CA HIS S 34 -3.92 -7.27 -63.30
C HIS S 34 -4.09 -8.08 -62.04
N LEU S 35 -3.38 -7.72 -60.96
CA LEU S 35 -3.54 -8.41 -59.69
C LEU S 35 -4.84 -8.05 -58.98
N GLY S 36 -5.51 -6.99 -59.40
CA GLY S 36 -6.73 -6.56 -58.73
C GLY S 36 -6.50 -5.79 -57.46
N ALA S 37 -5.47 -4.96 -57.42
CA ALA S 37 -5.08 -4.32 -56.17
C ALA S 37 -5.89 -3.06 -55.92
N SER S 38 -6.08 -2.75 -54.64
CA SER S 38 -6.68 -1.50 -54.20
C SER S 38 -5.64 -0.71 -53.43
N LYS S 39 -5.85 0.60 -53.33
CA LYS S 39 -4.86 1.48 -52.75
C LYS S 39 -5.42 2.17 -51.52
N ARG S 40 -4.59 2.31 -50.49
CA ARG S 40 -5.03 2.91 -49.24
C ARG S 40 -3.86 3.52 -48.51
N ARG S 41 -4.18 4.36 -47.53
CA ARG S 41 -3.23 4.89 -46.57
C ARG S 41 -3.82 4.74 -45.18
N ALA S 42 -3.17 3.94 -44.33
CA ALA S 42 -3.60 3.84 -42.95
C ALA S 42 -3.26 5.13 -42.21
N LEU S 43 -4.04 5.44 -41.18
CA LEU S 43 -3.91 6.70 -40.46
C LEU S 43 -2.60 6.73 -39.68
N GLY S 44 -1.91 7.85 -39.75
CA GLY S 44 -0.62 8.00 -39.13
C GLY S 44 0.55 7.69 -40.05
N ASN S 45 0.33 6.95 -41.12
CA ASN S 45 1.39 6.65 -42.08
C ASN S 45 1.53 7.77 -43.10
N ASN S 46 2.75 7.97 -43.56
CA ASN S 46 3.08 9.00 -44.54
C ASN S 46 3.24 8.45 -45.95
N PHE S 47 2.74 7.25 -46.21
CA PHE S 47 2.96 6.61 -47.50
C PHE S 47 1.72 5.84 -47.92
N TYR S 48 1.62 5.61 -49.22
CA TYR S 48 0.55 4.82 -49.81
C TYR S 48 1.03 3.39 -50.02
N GLU S 49 0.08 2.48 -50.17
CA GLU S 49 0.38 1.07 -50.35
C GLU S 49 -0.76 0.39 -51.10
N TYR S 50 -0.41 -0.64 -51.86
CA TYR S 50 -1.36 -1.44 -52.61
C TYR S 50 -1.60 -2.75 -51.85
N TYR S 51 -2.80 -3.29 -51.96
CA TYR S 51 -3.11 -4.54 -51.30
C TYR S 51 -4.09 -5.34 -52.14
N VAL S 52 -3.96 -6.65 -52.06
CA VAL S 52 -4.92 -7.59 -52.61
C VAL S 52 -5.47 -8.40 -51.45
N ASP S 53 -6.72 -8.83 -51.58
CA ASP S 53 -7.35 -9.58 -50.50
C ASP S 53 -7.16 -11.08 -50.64
N ASP S 54 -6.38 -11.51 -51.61
CA ASP S 54 -6.17 -12.93 -51.83
C ASP S 54 -5.14 -13.47 -50.84
N PRO S 55 -5.19 -14.77 -50.54
CA PRO S 55 -4.10 -15.40 -49.78
C PRO S 55 -2.81 -15.38 -50.58
N PRO S 56 -1.65 -15.40 -49.90
CA PRO S 56 -0.39 -15.16 -50.62
C PRO S 56 0.06 -16.31 -51.51
N ARG S 57 -0.56 -17.48 -51.43
CA ARG S 57 -0.21 -18.54 -52.37
C ARG S 57 -0.84 -18.26 -53.73
N ILE S 58 -2.02 -17.64 -53.74
CA ILE S 58 -2.72 -17.35 -54.99
C ILE S 58 -2.03 -16.22 -55.73
N VAL S 59 -1.44 -15.28 -55.00
CA VAL S 59 -0.72 -14.17 -55.62
C VAL S 59 0.57 -14.65 -56.25
N LEU S 60 1.22 -15.65 -55.65
CA LEU S 60 2.45 -16.20 -56.22
C LEU S 60 2.17 -17.02 -57.47
N ASP S 61 0.95 -17.53 -57.62
CA ASP S 61 0.59 -18.23 -58.85
C ASP S 61 0.20 -17.27 -59.95
N LYS S 62 -0.26 -16.08 -59.59
CA LYS S 62 -0.50 -15.04 -60.58
C LYS S 62 0.82 -14.48 -61.10
N LEU S 63 1.76 -14.21 -60.20
CA LEU S 63 2.98 -13.52 -60.56
C LEU S 63 3.96 -14.41 -61.32
N GLU S 64 3.75 -15.72 -61.31
CA GLU S 64 4.60 -16.59 -62.12
C GLU S 64 4.18 -16.53 -63.59
N ARG S 65 2.87 -16.40 -63.85
CA ARG S 65 2.40 -16.31 -65.22
C ARG S 65 2.81 -15.01 -65.91
N ARG S 66 3.17 -13.98 -65.14
CA ARG S 66 3.67 -12.73 -65.69
C ARG S 66 5.18 -12.77 -65.89
N GLY S 67 5.89 -13.63 -65.17
CA GLY S 67 7.30 -13.85 -65.43
C GLY S 67 8.23 -13.68 -64.25
N PHE S 68 7.71 -13.66 -63.03
CA PHE S 68 8.51 -13.46 -61.84
C PHE S 68 8.88 -14.79 -61.20
N ARG S 69 10.07 -14.85 -60.63
CA ARG S 69 10.52 -16.04 -59.92
C ARG S 69 10.92 -15.65 -58.51
N VAL S 70 10.57 -16.49 -57.54
CA VAL S 70 10.85 -16.22 -56.14
C VAL S 70 12.34 -16.39 -55.89
N LEU S 71 13.03 -15.29 -55.60
CA LEU S 71 14.41 -15.38 -55.14
C LEU S 71 14.50 -16.00 -53.75
N SER S 72 13.90 -15.35 -52.77
CA SER S 72 14.09 -15.71 -51.38
C SER S 72 12.83 -15.37 -50.60
N MET S 73 12.74 -15.89 -49.39
CA MET S 73 11.65 -15.60 -48.47
C MET S 73 12.28 -15.27 -47.13
N THR S 74 11.69 -14.33 -46.37
CA THR S 74 12.14 -14.04 -45.01
C THR S 74 10.95 -13.87 -44.08
N GLY S 75 11.21 -14.09 -42.81
CA GLY S 75 10.28 -13.70 -41.78
C GLY S 75 10.89 -12.66 -40.87
N VAL S 76 10.34 -11.46 -40.85
CA VAL S 76 10.80 -10.41 -39.98
C VAL S 76 9.61 -9.90 -39.17
N GLY S 77 9.75 -9.94 -37.85
CA GLY S 77 8.63 -9.58 -36.99
C GLY S 77 7.54 -10.63 -37.04
N GLN S 78 6.31 -10.18 -37.21
CA GLN S 78 5.16 -11.03 -37.47
C GLN S 78 4.76 -11.02 -38.93
N THR S 79 5.67 -10.65 -39.81
CA THR S 79 5.43 -10.51 -41.24
C THR S 79 6.31 -11.52 -41.97
N LEU S 80 5.78 -12.07 -43.06
CA LEU S 80 6.53 -12.99 -43.90
C LEU S 80 6.69 -12.33 -45.26
N VAL S 81 7.92 -12.13 -45.72
CA VAL S 81 8.21 -11.35 -46.92
C VAL S 81 8.79 -12.28 -48.00
N TRP S 82 8.24 -12.19 -49.21
CA TRP S 82 8.76 -12.86 -50.40
C TRP S 82 9.40 -11.83 -51.31
N CYS S 83 10.54 -12.17 -51.90
CA CYS S 83 11.21 -11.28 -52.85
C CYS S 83 11.24 -11.94 -54.22
N LEU S 84 10.60 -11.31 -55.20
CA LEU S 84 10.42 -11.88 -56.52
C LEU S 84 11.23 -11.11 -57.55
N HIS S 85 11.91 -11.84 -58.43
CA HIS S 85 12.71 -11.27 -59.50
C HIS S 85 12.24 -11.80 -60.84
N LYS S 86 12.17 -10.92 -61.83
CA LYS S 86 11.67 -11.30 -63.14
C LYS S 86 12.74 -11.97 -63.98
N MET T 4 -1.28 -25.42 -59.94
CA MET T 4 -0.73 -24.70 -58.79
C MET T 4 0.69 -25.16 -58.46
N PRO T 5 1.67 -24.38 -58.90
CA PRO T 5 3.07 -24.80 -58.68
C PRO T 5 3.57 -24.55 -57.27
N TYR T 6 3.15 -23.48 -56.60
CA TYR T 6 3.69 -23.17 -55.28
C TYR T 6 2.88 -23.85 -54.18
N LEU T 7 3.52 -24.06 -53.04
CA LEU T 7 2.99 -24.81 -51.92
C LEU T 7 3.73 -24.38 -50.67
N LEU T 8 3.01 -24.26 -49.55
CA LEU T 8 3.57 -23.72 -48.32
C LEU T 8 3.22 -24.64 -47.17
N ILE T 9 4.23 -25.14 -46.46
CA ILE T 9 4.00 -25.94 -45.26
C ILE T 9 4.68 -25.26 -44.08
N SER T 10 4.15 -25.48 -42.88
CA SER T 10 4.68 -24.87 -41.67
C SER T 10 4.51 -25.83 -40.51
N THR T 11 5.29 -25.61 -39.45
CA THR T 11 5.12 -26.33 -38.20
C THR T 11 5.57 -25.45 -37.05
N GLN T 12 4.98 -25.67 -35.90
CA GLN T 12 5.20 -24.93 -34.67
C GLN T 12 6.29 -25.58 -33.84
N ILE T 13 6.18 -25.40 -32.53
CA ILE T 13 7.18 -25.34 -31.47
C ILE T 13 8.42 -26.22 -31.67
N ARG T 14 8.25 -27.45 -32.14
CA ARG T 14 9.41 -28.27 -32.48
C ARG T 14 9.22 -28.88 -33.87
N MET T 15 10.35 -29.14 -34.52
CA MET T 15 10.34 -29.72 -35.85
C MET T 15 10.41 -31.24 -35.84
N GLU T 16 10.53 -31.88 -34.68
CA GLU T 16 10.55 -33.33 -34.60
C GLU T 16 9.18 -33.94 -34.35
N VAL T 17 8.11 -33.16 -34.45
CA VAL T 17 6.77 -33.63 -34.12
C VAL T 17 5.77 -32.77 -34.89
N GLY T 18 4.61 -33.35 -35.19
CA GLY T 18 3.57 -32.62 -35.88
C GLY T 18 2.75 -31.77 -34.94
N PRO T 19 1.58 -31.31 -35.43
CA PRO T 19 1.03 -31.46 -36.77
C PRO T 19 1.57 -30.41 -37.74
N THR T 20 1.44 -30.66 -39.04
CA THR T 20 2.03 -29.80 -40.06
C THR T 20 0.90 -29.20 -40.88
N MET T 21 0.93 -27.88 -41.07
CA MET T 21 -0.01 -27.26 -41.98
C MET T 21 0.42 -27.50 -43.41
N VAL T 22 -0.53 -27.77 -44.30
CA VAL T 22 -0.23 -28.11 -45.68
C VAL T 22 -1.06 -27.33 -46.69
N GLY T 23 -2.03 -26.52 -46.26
CA GLY T 23 -2.77 -25.80 -47.28
C GLY T 23 -3.93 -25.03 -46.72
N ASP T 24 -4.53 -24.25 -47.61
CA ASP T 24 -5.62 -23.35 -47.30
C ASP T 24 -6.86 -23.76 -48.07
N GLU T 25 -7.85 -22.87 -48.07
CA GLU T 25 -9.16 -23.08 -48.67
C GLU T 25 -9.15 -23.48 -50.14
N GLN T 26 -8.24 -22.90 -50.93
CA GLN T 26 -8.22 -23.12 -52.37
C GLN T 26 -7.13 -24.08 -52.82
N SER T 27 -6.75 -25.04 -51.98
CA SER T 27 -5.70 -25.98 -52.36
C SER T 27 -6.25 -27.12 -53.20
N ASP T 28 -5.33 -27.98 -53.63
CA ASP T 28 -5.66 -29.09 -54.52
C ASP T 28 -6.31 -30.21 -53.71
N PRO T 29 -7.54 -30.63 -54.04
CA PRO T 29 -8.19 -31.68 -53.24
C PRO T 29 -7.59 -33.06 -53.43
N GLU T 30 -6.97 -33.34 -54.58
CA GLU T 30 -6.34 -34.64 -54.77
C GLU T 30 -5.01 -34.72 -54.03
N LEU T 31 -4.30 -33.60 -53.97
CA LEU T 31 -2.98 -33.59 -53.34
C LEU T 31 -3.09 -33.70 -51.84
N MET T 32 -4.10 -33.06 -51.24
CA MET T 32 -4.31 -33.19 -49.81
C MET T 32 -4.83 -34.59 -49.46
N GLN T 33 -5.48 -35.24 -50.42
CA GLN T 33 -5.95 -36.60 -50.19
C GLN T 33 -4.80 -37.60 -50.24
N HIS T 34 -3.79 -37.34 -51.09
CA HIS T 34 -2.61 -38.20 -51.09
C HIS T 34 -1.76 -38.01 -49.84
N LEU T 35 -1.70 -36.78 -49.33
CA LEU T 35 -0.96 -36.54 -48.10
C LEU T 35 -1.71 -37.02 -46.87
N GLY T 36 -2.99 -37.32 -46.97
CA GLY T 36 -3.77 -37.75 -45.83
C GLY T 36 -4.23 -36.62 -44.95
N ALA T 37 -4.58 -35.47 -45.52
CA ALA T 37 -4.85 -34.29 -44.72
C ALA T 37 -6.28 -34.29 -44.22
N SER T 38 -6.48 -33.67 -43.06
CA SER T 38 -7.80 -33.41 -42.50
C SER T 38 -8.02 -31.90 -42.47
N LYS T 39 -9.28 -31.50 -42.41
CA LYS T 39 -9.63 -30.09 -42.51
C LYS T 39 -10.33 -29.63 -41.24
N ARG T 40 -9.99 -28.42 -40.79
CA ARG T 40 -10.55 -27.88 -39.56
C ARG T 40 -10.56 -26.37 -39.60
N ARG T 41 -11.34 -25.79 -38.69
CA ARG T 41 -11.33 -24.36 -38.41
C ARG T 41 -11.25 -24.17 -36.91
N ALA T 42 -10.16 -23.56 -36.44
CA ALA T 42 -10.06 -23.22 -35.03
C ALA T 42 -11.00 -22.08 -34.71
N LEU T 43 -11.48 -22.04 -33.47
CA LEU T 43 -12.47 -21.06 -33.04
C LEU T 43 -11.89 -19.66 -33.05
N GLY T 44 -12.66 -18.72 -33.57
CA GLY T 44 -12.20 -17.36 -33.73
C GLY T 44 -11.59 -17.05 -35.07
N ASN T 45 -11.13 -18.06 -35.80
CA ASN T 45 -10.57 -17.85 -37.12
C ASN T 45 -11.67 -17.82 -38.17
N ASN T 46 -11.44 -17.03 -39.22
CA ASN T 46 -12.36 -16.86 -40.33
C ASN T 46 -11.97 -17.68 -41.56
N PHE T 47 -11.10 -18.68 -41.40
CA PHE T 47 -10.60 -19.41 -42.55
C PHE T 47 -10.43 -20.88 -42.20
N TYR T 48 -10.42 -21.71 -43.23
CA TYR T 48 -10.19 -23.14 -43.11
C TYR T 48 -8.72 -23.44 -43.38
N GLU T 49 -8.28 -24.61 -42.93
CA GLU T 49 -6.91 -25.04 -43.10
C GLU T 49 -6.82 -26.55 -43.08
N TYR T 50 -5.83 -27.08 -43.81
CA TYR T 50 -5.58 -28.51 -43.88
C TYR T 50 -4.38 -28.82 -42.99
N TYR T 51 -4.37 -30.01 -42.40
CA TYR T 51 -3.27 -30.41 -41.54
C TYR T 51 -3.03 -31.90 -41.69
N VAL T 52 -1.77 -32.28 -41.55
CA VAL T 52 -1.37 -33.67 -41.43
C VAL T 52 -0.69 -33.83 -40.08
N ASP T 53 -0.81 -35.02 -39.50
CA ASP T 53 -0.24 -35.25 -38.19
C ASP T 53 1.18 -35.77 -38.25
N ASP T 54 1.77 -35.84 -39.44
CA ASP T 54 3.12 -36.36 -39.59
C ASP T 54 4.14 -35.28 -39.21
N PRO T 55 5.34 -35.68 -38.80
CA PRO T 55 6.44 -34.71 -38.65
C PRO T 55 6.83 -34.12 -39.98
N PRO T 56 7.37 -32.90 -40.00
CA PRO T 56 7.57 -32.20 -41.29
C PRO T 56 8.67 -32.76 -42.15
N ARG T 57 9.50 -33.67 -41.65
CA ARG T 57 10.49 -34.30 -42.52
C ARG T 57 9.83 -35.36 -43.39
N ILE T 58 8.80 -36.02 -42.86
CA ILE T 58 8.10 -37.07 -43.60
C ILE T 58 7.24 -36.47 -44.70
N VAL T 59 6.71 -35.27 -44.47
CA VAL T 59 5.90 -34.60 -45.47
C VAL T 59 6.77 -34.11 -46.64
N LEU T 60 8.01 -33.71 -46.35
CA LEU T 60 8.92 -33.29 -47.41
C LEU T 60 9.40 -34.46 -48.24
N ASP T 61 9.36 -35.67 -47.70
CA ASP T 61 9.72 -36.83 -48.49
C ASP T 61 8.54 -37.32 -49.34
N LYS T 62 7.32 -37.02 -48.91
CA LYS T 62 6.15 -37.29 -49.74
C LYS T 62 6.09 -36.32 -50.91
N LEU T 63 6.33 -35.04 -50.64
CA LEU T 63 6.14 -34.00 -51.66
C LEU T 63 7.23 -33.99 -52.71
N GLU T 64 8.35 -34.68 -52.46
CA GLU T 64 9.37 -34.78 -53.51
C GLU T 64 8.97 -35.82 -54.54
N ARG T 65 8.30 -36.89 -54.11
CA ARG T 65 7.86 -37.93 -55.05
C ARG T 65 6.76 -37.44 -55.98
N ARG T 66 6.05 -36.37 -55.60
CA ARG T 66 5.04 -35.77 -56.46
C ARG T 66 5.64 -34.73 -57.41
N GLY T 67 6.80 -34.16 -57.06
CA GLY T 67 7.51 -33.30 -57.99
C GLY T 67 7.86 -31.93 -57.47
N PHE T 68 7.79 -31.71 -56.16
CA PHE T 68 8.07 -30.40 -55.59
C PHE T 68 9.51 -30.33 -55.09
N ARG T 69 10.10 -29.15 -55.20
CA ARG T 69 11.45 -28.91 -54.71
C ARG T 69 11.42 -27.74 -53.75
N VAL T 70 12.18 -27.86 -52.66
CA VAL T 70 12.22 -26.82 -51.63
C VAL T 70 13.00 -25.62 -52.18
N LEU T 71 12.29 -24.51 -52.39
CA LEU T 71 12.97 -23.26 -52.69
C LEU T 71 13.74 -22.74 -51.49
N SER T 72 13.04 -22.43 -50.41
CA SER T 72 13.63 -21.73 -49.28
C SER T 72 12.91 -22.16 -48.01
N MET T 73 13.51 -21.83 -46.88
CA MET T 73 12.93 -22.08 -45.57
C MET T 73 13.05 -20.79 -44.78
N THR T 74 12.06 -20.48 -43.93
CA THR T 74 12.13 -19.34 -43.03
C THR T 74 11.63 -19.70 -41.65
N GLY T 75 12.09 -18.94 -40.66
CA GLY T 75 11.50 -18.99 -39.35
C GLY T 75 10.91 -17.65 -38.99
N VAL T 76 9.61 -17.58 -38.82
CA VAL T 76 8.93 -16.36 -38.41
C VAL T 76 8.11 -16.66 -37.17
N GLY T 77 8.35 -15.90 -36.11
CA GLY T 77 7.70 -16.18 -34.85
C GLY T 77 8.23 -17.45 -34.23
N GLN T 78 7.32 -18.31 -33.78
CA GLN T 78 7.62 -19.65 -33.33
C GLN T 78 7.26 -20.70 -34.37
N THR T 79 7.16 -20.31 -35.62
CA THR T 79 6.77 -21.15 -36.73
C THR T 79 7.93 -21.25 -37.70
N LEU T 80 8.10 -22.42 -38.31
CA LEU T 80 9.13 -22.65 -39.31
C LEU T 80 8.41 -22.95 -40.62
N VAL T 81 8.65 -22.16 -41.66
CA VAL T 81 7.92 -22.23 -42.92
C VAL T 81 8.84 -22.70 -44.05
N TRP T 82 8.40 -23.71 -44.80
CA TRP T 82 9.07 -24.17 -46.02
C TRP T 82 8.26 -23.75 -47.22
N CYS T 83 8.94 -23.31 -48.28
CA CYS T 83 8.27 -22.92 -49.51
C CYS T 83 8.71 -23.85 -50.63
N LEU T 84 7.76 -24.58 -51.20
CA LEU T 84 8.05 -25.62 -52.19
C LEU T 84 7.54 -25.22 -53.56
N HIS T 85 8.36 -25.43 -54.58
CA HIS T 85 8.01 -25.13 -55.96
C HIS T 85 8.15 -26.39 -56.80
N LYS T 86 7.20 -26.59 -57.71
CA LYS T 86 7.17 -27.79 -58.53
C LYS T 86 8.10 -27.66 -59.73
#